data_6IWJ
#
_entry.id   6IWJ
#
_entity_poly.entity_id   1
_entity_poly.type   'polypeptide(L)'
_entity_poly.pdbx_seq_one_letter_code
;MGSSHHHHHHSSGLVPRGSHMVPSRFEDVRVVQVVAGWRVSVKIAETEEGEVVTVKAEFDECREIGEETGIPPREVKAMV
EAAARVGGWVDLKEREIKVQEG
;
_entity_poly.pdbx_strand_id   A,B
#
# COMPACT_ATOMS: atom_id res chain seq x y z
N VAL A 22 -31.11 13.89 12.80
CA VAL A 22 -29.94 14.02 11.91
C VAL A 22 -29.01 12.82 12.03
N PRO A 23 -29.35 11.73 11.40
CA PRO A 23 -28.52 10.48 11.43
C PRO A 23 -27.06 10.76 11.06
N SER A 24 -26.20 10.79 12.08
CA SER A 24 -24.78 11.04 11.85
C SER A 24 -24.05 9.74 11.54
N ARG A 25 -23.22 9.76 10.50
CA ARG A 25 -22.46 8.58 10.12
C ARG A 25 -21.00 8.73 10.51
N PHE A 26 -20.37 7.60 10.86
CA PHE A 26 -18.96 7.61 11.27
C PHE A 26 -18.16 6.64 10.41
N GLU A 27 -16.88 6.96 10.20
CA GLU A 27 -16.00 6.12 9.41
C GLU A 27 -14.75 5.76 10.19
N ASP A 28 -14.40 4.48 10.19
CA ASP A 28 -13.22 4.02 10.90
C ASP A 28 -12.00 4.00 9.98
N VAL A 29 -11.32 5.14 9.89
CA VAL A 29 -10.14 5.23 9.03
C VAL A 29 -8.95 4.55 9.69
N ARG A 30 -7.90 4.31 8.90
CA ARG A 30 -6.70 3.65 9.42
C ARG A 30 -5.45 4.32 8.88
N VAL A 31 -4.50 4.59 9.77
CA VAL A 31 -3.24 5.24 9.39
C VAL A 31 -2.06 4.33 9.69
N VAL A 32 -1.44 3.80 8.64
CA VAL A 32 -0.30 2.91 8.81
C VAL A 32 1.01 3.64 8.51
N GLN A 33 1.93 3.60 9.46
CA GLN A 33 3.22 4.27 9.29
C GLN A 33 4.37 3.29 9.53
N VAL A 34 4.95 2.78 8.45
CA VAL A 34 6.04 1.83 8.56
C VAL A 34 7.03 2.03 7.42
N VAL A 35 8.28 1.62 7.64
CA VAL A 35 9.32 1.75 6.62
C VAL A 35 10.13 0.46 6.50
N ALA A 36 10.04 -0.18 5.35
CA ALA A 36 10.77 -1.42 5.12
C ALA A 36 10.36 -2.05 3.79
N GLY A 37 10.92 -3.22 3.50
CA GLY A 37 10.61 -3.91 2.25
C GLY A 37 11.80 -4.70 1.75
N TRP A 38 11.55 -5.94 1.33
CA TRP A 38 12.61 -6.80 0.82
C TRP A 38 12.73 -6.68 -0.70
N ARG A 39 13.94 -6.86 -1.20
CA ARG A 39 14.19 -6.77 -2.64
C ARG A 39 14.41 -8.16 -3.23
N VAL A 40 14.04 -8.33 -4.51
CA VAL A 40 14.22 -9.60 -5.18
C VAL A 40 15.04 -9.42 -6.46
N SER A 41 15.91 -10.40 -6.74
CA SER A 41 16.75 -10.34 -7.92
C SER A 41 16.21 -11.26 -9.00
N VAL A 42 16.19 -10.77 -10.24
CA VAL A 42 15.70 -11.56 -11.37
C VAL A 42 16.63 -11.42 -12.58
N LYS A 43 16.83 -12.52 -13.29
CA LYS A 43 17.69 -12.49 -14.47
C LYS A 43 16.86 -12.48 -15.75
N ILE A 44 17.12 -11.50 -16.61
CA ILE A 44 16.39 -11.37 -17.86
C ILE A 44 17.34 -11.12 -19.01
N ALA A 45 17.41 -12.08 -19.94
CA ALA A 45 18.28 -11.95 -21.10
C ALA A 45 17.57 -11.22 -22.24
N GLU A 46 18.30 -10.32 -22.90
CA GLU A 46 17.73 -9.57 -24.01
C GLU A 46 18.68 -9.56 -25.19
N THR A 47 18.14 -9.31 -26.39
CA THR A 47 18.95 -9.27 -27.60
C THR A 47 18.61 -8.04 -28.43
N GLU A 48 17.45 -8.08 -29.08
CA GLU A 48 17.02 -6.95 -29.92
C GLU A 48 16.50 -5.81 -29.05
N GLU A 49 16.82 -5.86 -27.76
CA GLU A 49 16.38 -4.83 -26.83
C GLU A 49 14.87 -4.64 -26.89
N GLY A 50 14.16 -5.73 -27.20
CA GLY A 50 12.71 -5.69 -27.29
C GLY A 50 12.11 -7.07 -27.07
N GLU A 51 12.82 -8.10 -27.52
CA GLU A 51 12.33 -9.47 -27.35
C GLU A 51 13.05 -10.15 -26.20
N VAL A 52 12.29 -10.82 -25.34
CA VAL A 52 12.85 -11.53 -24.19
C VAL A 52 12.80 -13.03 -24.43
N VAL A 53 13.97 -13.64 -24.64
CA VAL A 53 14.04 -15.07 -24.86
C VAL A 53 13.36 -15.84 -23.74
N THR A 54 13.84 -15.66 -22.52
CA THR A 54 13.27 -16.35 -21.37
C THR A 54 13.46 -15.51 -20.11
N VAL A 55 12.70 -15.85 -19.07
CA VAL A 55 12.79 -15.13 -17.80
C VAL A 55 12.74 -16.12 -16.63
N LYS A 56 13.82 -16.19 -15.87
CA LYS A 56 13.90 -17.09 -14.72
C LYS A 56 13.98 -16.30 -13.42
N ALA A 57 13.28 -16.79 -12.41
CA ALA A 57 13.27 -16.12 -11.11
C ALA A 57 14.03 -16.96 -10.07
N GLU A 58 14.70 -16.28 -9.15
CA GLU A 58 15.46 -16.98 -8.11
C GLU A 58 14.55 -17.87 -7.29
N PHE A 59 14.68 -19.18 -7.49
CA PHE A 59 13.86 -20.14 -6.76
C PHE A 59 14.26 -20.17 -5.28
N ASP A 60 15.44 -19.65 -4.99
CA ASP A 60 15.94 -19.63 -3.62
C ASP A 60 15.25 -18.53 -2.82
N GLU A 61 15.47 -17.28 -3.22
CA GLU A 61 14.88 -16.15 -2.53
C GLU A 61 13.35 -16.29 -2.48
N CYS A 62 12.81 -17.07 -3.40
CA CYS A 62 11.37 -17.28 -3.45
C CYS A 62 10.94 -18.28 -2.38
N ARG A 63 11.75 -19.31 -2.17
CA ARG A 63 11.44 -20.32 -1.18
C ARG A 63 11.54 -19.74 0.23
N GLU A 64 12.48 -18.82 0.41
CA GLU A 64 12.66 -18.18 1.72
C GLU A 64 11.58 -17.14 1.97
N ILE A 65 11.06 -16.55 0.89
CA ILE A 65 10.02 -15.55 1.01
C ILE A 65 8.69 -16.19 1.36
N GLY A 66 8.54 -17.46 1.01
CA GLY A 66 7.30 -18.18 1.29
C GLY A 66 7.03 -18.23 2.79
N GLU A 67 8.10 -18.17 3.58
CA GLU A 67 7.95 -18.21 5.03
C GLU A 67 7.33 -16.91 5.55
N GLU A 68 7.59 -15.82 4.84
CA GLU A 68 7.03 -14.52 5.23
C GLU A 68 5.60 -14.38 4.74
N THR A 69 5.31 -14.98 3.60
CA THR A 69 3.96 -14.91 3.03
C THR A 69 3.07 -16.00 3.63
N GLY A 70 3.57 -17.23 3.63
CA GLY A 70 2.80 -18.35 4.18
C GLY A 70 2.15 -19.15 3.07
N ILE A 71 2.02 -18.55 1.90
CA ILE A 71 1.40 -19.22 0.77
C ILE A 71 2.44 -20.06 0.01
N PRO A 72 2.01 -21.06 -0.72
CA PRO A 72 2.94 -21.93 -1.49
C PRO A 72 4.08 -21.13 -2.13
N PRO A 73 5.19 -21.77 -2.44
CA PRO A 73 6.35 -21.08 -3.07
C PRO A 73 6.07 -20.68 -4.51
N ARG A 74 5.54 -21.62 -5.29
CA ARG A 74 5.23 -21.35 -6.69
C ARG A 74 4.39 -20.09 -6.82
N GLU A 75 3.32 -20.01 -6.02
CA GLU A 75 2.43 -18.85 -6.07
C GLU A 75 3.24 -17.56 -6.03
N VAL A 76 4.33 -17.57 -5.28
CA VAL A 76 5.18 -16.38 -5.18
C VAL A 76 6.02 -16.21 -6.45
N LYS A 77 6.47 -17.32 -7.00
CA LYS A 77 7.28 -17.28 -8.22
C LYS A 77 6.49 -16.65 -9.36
N ALA A 78 5.31 -17.20 -9.63
CA ALA A 78 4.46 -16.68 -10.71
C ALA A 78 4.07 -15.24 -10.43
N MET A 79 4.05 -14.87 -9.15
CA MET A 79 3.68 -13.51 -8.76
C MET A 79 4.86 -12.56 -8.98
N VAL A 80 6.02 -12.93 -8.46
CA VAL A 80 7.21 -12.10 -8.59
C VAL A 80 7.76 -12.19 -10.01
N GLU A 81 7.27 -13.16 -10.77
CA GLU A 81 7.73 -13.34 -12.14
C GLU A 81 7.03 -12.36 -13.07
N ALA A 82 5.71 -12.47 -13.16
CA ALA A 82 4.93 -11.59 -14.02
C ALA A 82 5.27 -10.13 -13.72
N ALA A 83 5.54 -9.83 -12.46
CA ALA A 83 5.89 -8.47 -12.06
C ALA A 83 7.24 -8.07 -12.64
N ALA A 84 8.17 -9.01 -12.65
CA ALA A 84 9.50 -8.73 -13.19
C ALA A 84 9.42 -8.37 -14.67
N ARG A 85 8.34 -8.78 -15.32
CA ARG A 85 8.15 -8.50 -16.74
C ARG A 85 7.69 -7.06 -16.93
N VAL A 86 6.78 -6.61 -16.08
CA VAL A 86 6.26 -5.24 -16.17
C VAL A 86 6.94 -4.34 -15.15
N GLY A 87 7.85 -4.92 -14.36
CA GLY A 87 8.58 -4.16 -13.35
C GLY A 87 7.61 -3.34 -12.51
N GLY A 88 7.27 -3.86 -11.34
CA GLY A 88 6.36 -3.16 -10.43
C GLY A 88 6.49 -3.68 -9.02
N TRP A 89 5.71 -3.09 -8.10
CA TRP A 89 5.75 -3.51 -6.70
C TRP A 89 4.54 -4.38 -6.38
N VAL A 90 4.52 -4.92 -5.15
CA VAL A 90 3.42 -5.77 -4.73
C VAL A 90 3.09 -5.53 -3.25
N ASP A 91 1.80 -5.60 -2.93
CA ASP A 91 1.36 -5.40 -1.55
C ASP A 91 0.48 -6.56 -1.10
N LEU A 92 0.97 -7.33 -0.14
CA LEU A 92 0.22 -8.48 0.37
C LEU A 92 -0.88 -8.01 1.31
N LYS A 93 -0.78 -6.76 1.76
CA LYS A 93 -1.78 -6.21 2.67
C LYS A 93 -3.17 -6.34 2.08
N GLU A 94 -3.24 -6.45 0.75
CA GLU A 94 -4.52 -6.58 0.08
C GLU A 94 -4.35 -7.30 -1.26
N ARG A 95 -3.24 -8.02 -1.40
CA ARG A 95 -2.96 -8.74 -2.64
C ARG A 95 -3.23 -7.85 -3.85
N GLU A 96 -2.32 -6.92 -4.11
CA GLU A 96 -2.46 -6.01 -5.24
C GLU A 96 -1.16 -5.92 -6.02
N ILE A 97 -1.23 -5.37 -7.23
CA ILE A 97 -0.05 -5.24 -8.07
C ILE A 97 -0.12 -3.95 -8.88
N LYS A 98 0.96 -3.17 -8.85
CA LYS A 98 1.02 -1.92 -9.59
C LYS A 98 2.37 -1.76 -10.27
N VAL A 99 2.42 -0.90 -11.28
CA VAL A 99 3.66 -0.66 -12.02
C VAL A 99 4.60 0.21 -11.20
N GLN A 100 5.89 0.15 -11.53
CA GLN A 100 6.89 0.94 -10.81
C GLN A 100 6.89 2.39 -11.29
N VAL B 22 25.09 -9.26 -27.20
CA VAL B 22 23.97 -9.83 -26.47
C VAL B 22 24.04 -9.50 -24.98
N PRO B 23 23.68 -8.30 -24.60
CA PRO B 23 23.71 -7.86 -23.17
C PRO B 23 22.46 -8.28 -22.41
N SER B 24 22.55 -8.28 -21.08
CA SER B 24 21.43 -8.68 -20.24
C SER B 24 21.15 -7.60 -19.19
N ARG B 25 20.11 -7.81 -18.40
CA ARG B 25 19.73 -6.85 -17.36
C ARG B 25 18.85 -7.51 -16.31
N PHE B 26 19.05 -7.14 -15.05
CA PHE B 26 18.26 -7.70 -13.97
C PHE B 26 17.18 -6.72 -13.52
N GLU B 27 16.03 -7.25 -13.09
CA GLU B 27 14.93 -6.41 -12.64
C GLU B 27 14.68 -6.62 -11.16
N ASP B 28 14.58 -5.51 -10.42
CA ASP B 28 14.34 -5.58 -8.99
C ASP B 28 12.87 -5.38 -8.67
N VAL B 29 12.39 -6.02 -7.61
CA VAL B 29 10.99 -5.91 -7.21
C VAL B 29 10.87 -5.78 -5.70
N ARG B 30 10.14 -4.77 -5.24
CA ARG B 30 9.96 -4.55 -3.81
C ARG B 30 8.64 -5.16 -3.35
N VAL B 31 8.72 -6.06 -2.36
CA VAL B 31 7.53 -6.71 -1.82
C VAL B 31 7.26 -6.24 -0.40
N VAL B 32 6.22 -5.43 -0.24
CA VAL B 32 5.86 -4.91 1.08
C VAL B 32 4.64 -5.66 1.62
N GLN B 33 4.49 -5.63 2.95
CA GLN B 33 3.37 -6.30 3.60
C GLN B 33 3.11 -5.69 4.98
N VAL B 34 2.18 -4.75 5.03
CA VAL B 34 1.84 -4.09 6.29
C VAL B 34 0.33 -4.09 6.52
N VAL B 35 -0.10 -4.66 7.64
CA VAL B 35 -1.53 -4.71 7.96
C VAL B 35 -1.75 -4.33 9.41
N ALA B 36 -2.87 -3.65 9.67
CA ALA B 36 -3.20 -3.23 11.03
C ALA B 36 -2.40 -1.99 11.43
N GLY B 37 -2.93 -1.21 12.35
CA GLY B 37 -2.25 0.01 12.81
C GLY B 37 -3.16 0.82 13.72
N TRP B 38 -3.11 2.14 13.57
CA TRP B 38 -3.94 3.02 14.39
C TRP B 38 -5.34 3.14 13.79
N ARG B 39 -6.20 3.91 14.47
CA ARG B 39 -7.57 4.09 13.99
C ARG B 39 -8.06 5.50 14.33
N VAL B 40 -8.94 6.03 13.48
CA VAL B 40 -9.49 7.36 13.68
C VAL B 40 -10.98 7.38 13.39
N SER B 41 -11.75 7.96 14.30
CA SER B 41 -13.20 8.04 14.13
C SER B 41 -13.61 9.40 13.58
N VAL B 42 -14.29 9.39 12.44
CA VAL B 42 -14.74 10.63 11.82
C VAL B 42 -16.22 10.85 12.08
N LYS B 43 -16.67 12.10 11.94
CA LYS B 43 -18.06 12.45 12.17
C LYS B 43 -18.67 13.09 10.93
N ILE B 44 -19.81 12.57 10.49
CA ILE B 44 -20.47 13.10 9.30
C ILE B 44 -21.97 13.21 9.56
N ALA B 45 -22.50 14.43 9.46
CA ALA B 45 -23.92 14.66 9.67
C ALA B 45 -24.69 14.51 8.37
N GLU B 46 -25.35 13.37 8.21
CA GLU B 46 -26.13 13.10 7.00
C GLU B 46 -27.63 13.18 7.30
N THR B 47 -28.35 13.94 6.49
CA THR B 47 -29.78 14.09 6.68
C THR B 47 -30.53 12.97 5.98
N GLU B 48 -31.85 12.94 6.17
CA GLU B 48 -32.68 11.90 5.56
C GLU B 48 -32.59 11.98 4.03
N GLU B 49 -32.76 13.19 3.49
CA GLU B 49 -32.69 13.38 2.05
C GLU B 49 -31.45 12.71 1.48
N GLY B 50 -30.40 12.64 2.28
CA GLY B 50 -29.15 12.02 1.84
C GLY B 50 -28.12 13.09 1.46
N GLU B 51 -28.22 14.25 2.10
CA GLU B 51 -27.29 15.34 1.81
C GLU B 51 -26.20 15.40 2.89
N VAL B 52 -25.01 15.83 2.47
CA VAL B 52 -23.89 15.93 3.41
C VAL B 52 -23.58 17.40 3.71
N VAL B 53 -23.70 17.76 4.98
CA VAL B 53 -23.43 19.14 5.40
C VAL B 53 -21.93 19.40 5.46
N THR B 54 -21.35 19.24 6.65
CA THR B 54 -19.91 19.47 6.81
C THR B 54 -19.30 18.36 7.66
N VAL B 55 -18.12 17.91 7.25
CA VAL B 55 -17.43 16.84 7.98
C VAL B 55 -16.36 17.42 8.90
N LYS B 56 -16.36 16.99 10.16
CA LYS B 56 -15.39 17.47 11.13
C LYS B 56 -14.78 16.31 11.90
N ALA B 57 -13.52 16.01 11.60
CA ALA B 57 -12.82 14.91 12.26
C ALA B 57 -12.45 15.31 13.69
N GLU B 58 -12.68 14.39 14.63
CA GLU B 58 -12.37 14.66 16.03
C GLU B 58 -11.02 15.37 16.15
N PHE B 59 -11.05 16.59 16.70
CA PHE B 59 -9.82 17.36 16.87
C PHE B 59 -8.98 16.79 17.99
N ASP B 60 -9.61 16.06 18.91
CA ASP B 60 -8.91 15.47 20.04
C ASP B 60 -7.99 14.34 19.57
N GLU B 61 -8.57 13.31 18.97
CA GLU B 61 -7.80 12.18 18.49
C GLU B 61 -6.76 12.63 17.47
N CYS B 62 -7.04 13.74 16.79
CA CYS B 62 -6.13 14.26 15.79
C CYS B 62 -5.01 15.06 16.44
N ARG B 63 -5.22 15.44 17.70
CA ARG B 63 -4.22 16.21 18.43
C ARG B 63 -3.10 15.30 18.92
N GLU B 64 -3.47 14.24 19.63
CA GLU B 64 -2.48 13.30 20.15
C GLU B 64 -1.71 12.65 19.01
N ILE B 65 -2.43 12.29 17.95
CA ILE B 65 -1.80 11.65 16.80
C ILE B 65 -0.72 12.56 16.21
N GLY B 66 -0.88 13.87 16.41
CA GLY B 66 0.08 14.83 15.90
C GLY B 66 1.34 14.86 16.77
N GLU B 67 1.23 14.35 17.99
CA GLU B 67 2.36 14.31 18.90
C GLU B 67 3.23 13.09 18.64
N GLU B 68 2.60 12.00 18.23
CA GLU B 68 3.33 10.77 17.93
C GLU B 68 3.86 10.77 16.50
N THR B 69 3.25 11.60 15.66
CA THR B 69 3.67 11.70 14.27
C THR B 69 4.59 12.90 14.07
N GLY B 70 4.24 14.02 14.69
CA GLY B 70 5.04 15.23 14.58
C GLY B 70 4.52 16.14 13.47
N ILE B 71 3.21 16.06 13.23
CA ILE B 71 2.59 16.89 12.20
C ILE B 71 1.41 17.68 12.80
N PRO B 72 1.31 18.97 12.55
CA PRO B 72 0.19 19.79 13.11
C PRO B 72 -1.14 19.03 13.07
N PRO B 73 -2.08 19.41 13.91
CA PRO B 73 -3.42 18.74 13.95
C PRO B 73 -4.26 19.07 12.72
N ARG B 74 -4.44 20.35 12.45
CA ARG B 74 -5.23 20.79 11.30
C ARG B 74 -4.78 20.06 10.04
N GLU B 75 -3.46 19.96 9.86
CA GLU B 75 -2.92 19.27 8.69
C GLU B 75 -3.36 17.82 8.66
N VAL B 76 -3.44 17.20 9.84
CA VAL B 76 -3.84 15.81 9.94
C VAL B 76 -5.35 15.67 9.70
N LYS B 77 -6.10 16.68 10.13
CA LYS B 77 -7.54 16.65 9.96
C LYS B 77 -7.91 16.63 8.47
N ALA B 78 -7.29 17.52 7.71
CA ALA B 78 -7.56 17.60 6.28
C ALA B 78 -7.13 16.30 5.59
N MET B 79 -6.12 15.64 6.15
CA MET B 79 -5.61 14.40 5.58
C MET B 79 -6.59 13.26 5.83
N VAL B 80 -6.80 12.93 7.11
CA VAL B 80 -7.71 11.86 7.46
C VAL B 80 -9.13 12.17 6.95
N GLU B 81 -9.45 13.44 6.83
CA GLU B 81 -10.76 13.85 6.35
C GLU B 81 -10.97 13.38 4.91
N ALA B 82 -10.13 13.87 4.01
CA ALA B 82 -10.23 13.50 2.60
C ALA B 82 -10.33 11.98 2.46
N ALA B 83 -9.78 11.26 3.43
CA ALA B 83 -9.82 9.81 3.41
C ALA B 83 -11.26 9.31 3.58
N ALA B 84 -11.85 9.63 4.73
CA ALA B 84 -13.22 9.20 5.01
C ALA B 84 -14.10 9.43 3.79
N ARG B 85 -13.70 10.36 2.93
CA ARG B 85 -14.46 10.67 1.73
C ARG B 85 -14.30 9.56 0.69
N VAL B 86 -13.06 9.09 0.51
CA VAL B 86 -12.78 8.04 -0.45
C VAL B 86 -12.58 6.71 0.27
N GLY B 87 -12.73 6.71 1.59
CA GLY B 87 -12.56 5.50 2.37
C GLY B 87 -11.34 4.71 1.91
N GLY B 88 -10.20 4.97 2.54
CA GLY B 88 -8.97 4.29 2.19
C GLY B 88 -7.94 4.42 3.30
N TRP B 89 -6.73 3.90 3.04
CA TRP B 89 -5.66 3.97 4.03
C TRP B 89 -4.65 5.05 3.65
N VAL B 90 -3.89 5.51 4.64
CA VAL B 90 -2.88 6.54 4.41
C VAL B 90 -1.52 6.09 4.91
N ASP B 91 -0.47 6.44 4.16
CA ASP B 91 0.89 6.07 4.53
C ASP B 91 1.71 7.31 4.87
N LEU B 92 2.24 7.34 6.09
CA LEU B 92 3.03 8.48 6.52
C LEU B 92 4.50 8.30 6.15
N LYS B 93 5.10 7.22 6.63
CA LYS B 93 6.51 6.93 6.34
C LYS B 93 6.72 6.75 4.84
N GLU B 94 5.64 6.89 4.07
CA GLU B 94 5.73 6.74 2.61
C GLU B 94 5.01 7.88 1.92
N ARG B 95 4.13 8.57 2.65
CA ARG B 95 3.39 9.69 2.09
C ARG B 95 2.62 9.25 0.84
N GLU B 96 1.71 8.29 1.02
CA GLU B 96 0.91 7.79 -0.09
C GLU B 96 -0.53 7.58 0.33
N ILE B 97 -1.44 7.57 -0.64
CA ILE B 97 -2.85 7.37 -0.35
C ILE B 97 -3.49 6.48 -1.41
N LYS B 98 -4.17 5.42 -0.96
CA LYS B 98 -4.83 4.51 -1.88
C LYS B 98 -6.11 3.95 -1.28
N VAL B 99 -6.93 3.33 -2.11
CA VAL B 99 -8.19 2.76 -1.64
C VAL B 99 -8.42 1.39 -2.26
N GLN B 100 -9.29 0.60 -1.63
CA GLN B 100 -9.59 -0.74 -2.13
C GLN B 100 -10.26 -0.67 -3.50
N VAL A 22 -31.41 9.94 11.18
CA VAL A 22 -30.11 10.18 10.56
C VAL A 22 -29.05 9.29 11.18
N PRO A 23 -29.00 8.04 10.78
CA PRO A 23 -27.99 7.07 11.30
C PRO A 23 -26.56 7.61 11.21
N SER A 24 -25.92 7.74 12.37
CA SER A 24 -24.56 8.25 12.41
C SER A 24 -23.56 7.10 12.58
N ARG A 25 -22.36 7.26 12.05
CA ARG A 25 -21.33 6.23 12.16
C ARG A 25 -19.95 6.84 11.98
N PHE A 26 -19.03 6.46 12.86
CA PHE A 26 -17.66 6.97 12.79
C PHE A 26 -16.82 6.12 11.84
N GLU A 27 -15.88 6.77 11.14
CA GLU A 27 -15.01 6.07 10.21
C GLU A 27 -13.58 6.02 10.73
N ASP A 28 -13.00 4.82 10.72
CA ASP A 28 -11.63 4.65 11.20
C ASP A 28 -10.66 4.58 10.03
N VAL A 29 -9.94 5.68 9.80
CA VAL A 29 -8.97 5.72 8.71
C VAL A 29 -7.70 4.97 9.08
N ARG A 30 -7.27 4.06 8.20
CA ARG A 30 -6.08 3.29 8.44
C ARG A 30 -4.85 3.99 7.88
N VAL A 31 -3.86 4.23 8.74
CA VAL A 31 -2.63 4.90 8.32
C VAL A 31 -1.41 4.10 8.76
N VAL A 32 -0.53 3.80 7.81
CA VAL A 32 0.68 3.04 8.11
C VAL A 32 1.89 3.68 7.44
N GLN A 33 3.00 3.73 8.18
CA GLN A 33 4.23 4.31 7.66
C GLN A 33 5.40 3.34 7.81
N VAL A 34 5.70 2.62 6.74
CA VAL A 34 6.80 1.66 6.77
C VAL A 34 7.36 1.44 5.36
N VAL A 35 8.64 1.10 5.29
CA VAL A 35 9.30 0.88 4.01
C VAL A 35 10.25 -0.32 4.09
N ALA A 36 10.32 -1.09 3.02
CA ALA A 36 11.19 -2.26 2.98
C ALA A 36 10.58 -3.41 3.76
N GLY A 37 11.04 -4.62 3.46
CA GLY A 37 10.52 -5.81 4.13
C GLY A 37 11.20 -7.07 3.60
N TRP A 38 10.82 -7.48 2.40
CA TRP A 38 11.39 -8.67 1.79
C TRP A 38 11.67 -8.44 0.31
N ARG A 39 12.75 -9.04 -0.19
CA ARG A 39 13.12 -8.88 -1.59
C ARG A 39 13.60 -10.20 -2.17
N VAL A 40 13.04 -10.57 -3.32
CA VAL A 40 13.43 -11.82 -3.98
C VAL A 40 14.45 -11.57 -5.07
N SER A 41 15.20 -12.60 -5.43
CA SER A 41 16.21 -12.47 -6.46
C SER A 41 15.65 -12.88 -7.82
N VAL A 42 15.86 -12.04 -8.83
CA VAL A 42 15.38 -12.33 -10.17
C VAL A 42 16.37 -11.85 -11.22
N LYS A 43 16.64 -12.71 -12.19
CA LYS A 43 17.59 -12.37 -13.26
C LYS A 43 16.84 -11.89 -14.50
N ILE A 44 16.89 -10.58 -14.74
CA ILE A 44 16.22 -10.00 -15.90
C ILE A 44 17.23 -9.48 -16.91
N ALA A 45 17.19 -10.02 -18.12
CA ALA A 45 18.11 -9.59 -19.16
C ALA A 45 17.42 -8.65 -20.14
N GLU A 46 17.97 -7.46 -20.32
CA GLU A 46 17.39 -6.49 -21.24
C GLU A 46 18.00 -6.63 -22.62
N THR A 47 17.37 -6.00 -23.61
CA THR A 47 17.86 -6.05 -24.98
C THR A 47 17.55 -4.75 -25.73
N GLU A 48 16.29 -4.33 -25.65
CA GLU A 48 15.87 -3.10 -26.32
C GLU A 48 15.91 -1.93 -25.33
N GLU A 49 16.62 -2.11 -24.23
CA GLU A 49 16.73 -1.05 -23.23
C GLU A 49 15.35 -0.58 -22.79
N GLY A 50 14.33 -1.37 -23.10
CA GLY A 50 12.96 -1.02 -22.73
C GLY A 50 12.08 -2.26 -22.66
N GLU A 51 12.36 -3.23 -23.52
CA GLU A 51 11.58 -4.46 -23.53
C GLU A 51 12.33 -5.58 -22.81
N VAL A 52 11.59 -6.51 -22.22
CA VAL A 52 12.19 -7.63 -21.50
C VAL A 52 12.03 -8.92 -22.29
N VAL A 53 13.12 -9.41 -22.86
CA VAL A 53 13.10 -10.64 -23.64
C VAL A 53 12.46 -11.78 -22.83
N THR A 54 13.06 -12.10 -21.70
CA THR A 54 12.55 -13.17 -20.86
C THR A 54 12.85 -12.88 -19.38
N VAL A 55 12.16 -13.59 -18.50
CA VAL A 55 12.36 -13.41 -17.06
C VAL A 55 12.49 -14.76 -16.37
N LYS A 56 13.31 -14.80 -15.32
CA LYS A 56 13.53 -16.03 -14.57
C LYS A 56 13.42 -15.77 -13.07
N ALA A 57 12.40 -16.36 -12.45
CA ALA A 57 12.18 -16.18 -11.01
C ALA A 57 12.66 -17.42 -10.25
N GLU A 58 13.14 -17.20 -9.04
CA GLU A 58 13.63 -18.31 -8.21
C GLU A 58 12.47 -18.92 -7.43
N PHE A 59 12.29 -20.23 -7.58
CA PHE A 59 11.22 -20.93 -6.88
C PHE A 59 11.55 -21.08 -5.41
N ASP A 60 12.84 -21.15 -5.10
CA ASP A 60 13.29 -21.29 -3.72
C ASP A 60 12.69 -20.20 -2.85
N GLU A 61 13.06 -18.96 -3.11
CA GLU A 61 12.56 -17.83 -2.35
C GLU A 61 11.02 -17.83 -2.35
N CYS A 62 10.45 -17.82 -3.55
CA CYS A 62 8.99 -17.80 -3.67
C CYS A 62 8.36 -18.86 -2.77
N ARG A 63 8.97 -20.05 -2.73
CA ARG A 63 8.45 -21.14 -1.91
C ARG A 63 8.54 -20.77 -0.42
N GLU A 64 9.38 -19.79 -0.11
CA GLU A 64 9.55 -19.35 1.26
C GLU A 64 8.44 -18.37 1.66
N ILE A 65 8.32 -17.29 0.89
CA ILE A 65 7.31 -16.28 1.15
C ILE A 65 5.96 -16.95 1.41
N GLY A 66 5.69 -18.02 0.68
CA GLY A 66 4.43 -18.74 0.83
C GLY A 66 4.33 -19.38 2.22
N GLU A 67 5.48 -19.69 2.80
CA GLU A 67 5.52 -20.31 4.12
C GLU A 67 5.22 -19.27 5.20
N GLU A 68 5.64 -18.03 4.96
CA GLU A 68 5.41 -16.96 5.93
C GLU A 68 4.02 -16.37 5.76
N THR A 69 3.59 -16.21 4.51
CA THR A 69 2.29 -15.65 4.22
C THR A 69 1.22 -16.74 4.25
N GLY A 70 1.52 -17.87 3.61
CA GLY A 70 0.57 -18.98 3.57
C GLY A 70 -0.15 -19.04 2.23
N ILE A 71 0.51 -18.57 1.18
CA ILE A 71 -0.09 -18.57 -0.15
C ILE A 71 0.64 -19.58 -1.05
N PRO A 72 -0.06 -20.43 -1.76
CA PRO A 72 0.58 -21.44 -2.65
C PRO A 72 1.78 -20.84 -3.41
N PRO A 73 2.69 -21.66 -3.86
CA PRO A 73 3.90 -21.19 -4.61
C PRO A 73 3.54 -20.70 -6.01
N ARG A 74 2.94 -21.60 -6.79
CA ARG A 74 2.56 -21.26 -8.16
C ARG A 74 1.86 -19.90 -8.20
N GLU A 75 1.04 -19.62 -7.18
CA GLU A 75 0.32 -18.37 -7.10
C GLU A 75 1.29 -17.20 -6.86
N VAL A 76 2.28 -17.44 -6.00
CA VAL A 76 3.26 -16.41 -5.68
C VAL A 76 4.28 -16.28 -6.79
N LYS A 77 4.49 -17.36 -7.54
CA LYS A 77 5.44 -17.36 -8.64
C LYS A 77 4.97 -16.43 -9.75
N ALA A 78 3.68 -16.50 -10.07
CA ALA A 78 3.13 -15.65 -11.12
C ALA A 78 2.94 -14.23 -10.62
N MET A 79 2.82 -14.07 -9.30
CA MET A 79 2.65 -12.75 -8.72
C MET A 79 3.98 -12.00 -8.69
N VAL A 80 5.03 -12.70 -8.30
CA VAL A 80 6.36 -12.09 -8.22
C VAL A 80 6.95 -11.92 -9.63
N GLU A 81 6.62 -12.87 -10.51
CA GLU A 81 7.14 -12.82 -11.88
C GLU A 81 6.44 -11.72 -12.67
N ALA A 82 5.12 -11.61 -12.49
CA ALA A 82 4.35 -10.59 -13.20
C ALA A 82 4.91 -9.21 -12.92
N ALA A 83 5.19 -8.94 -11.65
CA ALA A 83 5.74 -7.64 -11.26
C ALA A 83 7.07 -7.39 -11.95
N ALA A 84 7.97 -8.37 -11.86
CA ALA A 84 9.29 -8.25 -12.49
C ALA A 84 9.14 -7.83 -13.94
N ARG A 85 7.99 -8.11 -14.53
CA ARG A 85 7.75 -7.76 -15.93
C ARG A 85 7.51 -6.27 -16.07
N VAL A 86 6.66 -5.72 -15.22
CA VAL A 86 6.35 -4.30 -15.27
C VAL A 86 7.20 -3.53 -14.24
N GLY A 87 8.05 -4.25 -13.54
CA GLY A 87 8.91 -3.63 -12.53
C GLY A 87 8.10 -2.79 -11.57
N GLY A 88 7.77 -3.35 -10.41
CA GLY A 88 6.99 -2.63 -9.41
C GLY A 88 7.08 -3.33 -8.05
N TRP A 89 6.07 -3.11 -7.22
CA TRP A 89 6.05 -3.71 -5.90
C TRP A 89 4.65 -4.25 -5.57
N VAL A 90 4.55 -5.01 -4.50
CA VAL A 90 3.27 -5.59 -4.10
C VAL A 90 3.04 -5.38 -2.60
N ASP A 91 1.77 -5.41 -2.19
CA ASP A 91 1.42 -5.23 -0.79
C ASP A 91 0.27 -6.15 -0.40
N LEU A 92 0.57 -7.12 0.48
CA LEU A 92 -0.44 -8.06 0.92
C LEU A 92 -1.38 -7.41 1.93
N LYS A 93 -0.91 -6.34 2.56
CA LYS A 93 -1.71 -5.62 3.54
C LYS A 93 -3.15 -5.45 3.05
N GLU A 94 -3.33 -5.57 1.74
CA GLU A 94 -4.65 -5.43 1.15
C GLU A 94 -4.63 -5.86 -0.31
N ARG A 95 -3.72 -6.79 -0.64
CA ARG A 95 -3.61 -7.27 -2.01
C ARG A 95 -3.73 -6.13 -3.01
N GLU A 96 -2.60 -5.50 -3.30
CA GLU A 96 -2.58 -4.38 -4.24
C GLU A 96 -1.35 -4.45 -5.13
N ILE A 97 -1.40 -3.74 -6.25
CA ILE A 97 -0.27 -3.71 -7.18
C ILE A 97 -0.01 -2.30 -7.68
N LYS A 98 1.22 -1.84 -7.54
CA LYS A 98 1.59 -0.51 -7.98
C LYS A 98 2.99 -0.51 -8.58
N VAL A 99 3.39 0.62 -9.15
CA VAL A 99 4.71 0.75 -9.76
C VAL A 99 5.30 2.13 -9.48
N GLN A 100 4.48 3.01 -8.93
CA GLN A 100 4.95 4.36 -8.62
C GLN A 100 6.06 4.32 -7.57
N VAL B 22 23.77 -5.19 -24.72
CA VAL B 22 22.84 -6.14 -24.08
C VAL B 22 22.90 -6.02 -22.55
N PRO B 23 22.24 -5.03 -22.00
CA PRO B 23 22.20 -4.80 -20.52
C PRO B 23 21.79 -6.06 -19.77
N SER B 24 22.16 -6.13 -18.49
CA SER B 24 21.83 -7.28 -17.67
C SER B 24 22.09 -6.97 -16.19
N ARG B 25 21.11 -7.29 -15.35
CA ARG B 25 21.25 -7.04 -13.91
C ARG B 25 20.10 -7.70 -13.15
N PHE B 26 20.38 -8.12 -11.92
CA PHE B 26 19.37 -8.76 -11.09
C PHE B 26 18.40 -7.73 -10.51
N GLU B 27 17.13 -8.10 -10.44
CA GLU B 27 16.10 -7.20 -9.92
C GLU B 27 15.60 -7.70 -8.58
N ASP B 28 15.03 -6.80 -7.78
CA ASP B 28 14.50 -7.15 -6.47
C ASP B 28 13.07 -6.66 -6.32
N VAL B 29 12.13 -7.59 -6.31
CA VAL B 29 10.72 -7.24 -6.16
C VAL B 29 10.36 -7.03 -4.70
N ARG B 30 9.91 -5.82 -4.37
CA ARG B 30 9.54 -5.50 -3.00
C ARG B 30 8.23 -6.19 -2.62
N VAL B 31 8.26 -6.94 -1.53
CA VAL B 31 7.08 -7.64 -1.05
C VAL B 31 6.85 -7.39 0.44
N VAL B 32 6.12 -6.33 0.74
CA VAL B 32 5.83 -5.98 2.13
C VAL B 32 4.43 -6.42 2.52
N GLN B 33 4.23 -6.68 3.80
CA GLN B 33 2.91 -7.11 4.29
C GLN B 33 2.61 -6.47 5.64
N VAL B 34 1.89 -5.35 5.61
CA VAL B 34 1.54 -4.64 6.83
C VAL B 34 0.14 -5.04 7.28
N VAL B 35 -0.11 -4.91 8.59
CA VAL B 35 -1.42 -5.26 9.14
C VAL B 35 -1.82 -4.25 10.22
N ALA B 36 -3.00 -3.66 10.04
CA ALA B 36 -3.49 -2.67 11.00
C ALA B 36 -2.46 -1.57 11.22
N GLY B 37 -2.83 -0.58 12.03
CA GLY B 37 -1.92 0.53 12.32
C GLY B 37 -2.61 1.57 13.20
N TRP B 38 -2.41 2.83 12.88
CA TRP B 38 -3.03 3.92 13.66
C TRP B 38 -4.43 4.21 13.16
N ARG B 39 -5.39 4.18 14.07
CA ARG B 39 -6.78 4.44 13.72
C ARG B 39 -7.18 5.86 14.11
N VAL B 40 -7.74 6.60 13.16
CA VAL B 40 -8.16 7.97 13.41
C VAL B 40 -9.67 8.04 13.58
N SER B 41 -10.12 8.74 14.63
CA SER B 41 -11.54 8.87 14.89
C SER B 41 -12.14 10.00 14.06
N VAL B 42 -13.19 9.69 13.30
CA VAL B 42 -13.83 10.70 12.46
C VAL B 42 -15.34 10.50 12.49
N LYS B 43 -16.05 11.51 13.00
CA LYS B 43 -17.51 11.44 13.08
C LYS B 43 -18.13 11.97 11.78
N ILE B 44 -19.07 11.19 11.24
CA ILE B 44 -19.74 11.57 10.00
C ILE B 44 -21.23 11.31 10.09
N ALA B 45 -22.03 12.29 9.70
CA ALA B 45 -23.48 12.15 9.74
C ALA B 45 -24.02 11.74 8.38
N GLU B 46 -24.28 10.45 8.20
CA GLU B 46 -24.80 9.95 6.94
C GLU B 46 -26.30 9.73 7.02
N THR B 47 -26.99 9.93 5.89
CA THR B 47 -28.44 9.75 5.86
C THR B 47 -28.79 8.39 5.26
N GLU B 48 -29.99 8.30 4.70
CA GLU B 48 -30.44 7.05 4.10
C GLU B 48 -30.16 7.04 2.60
N GLU B 49 -29.19 7.85 2.18
CA GLU B 49 -28.84 7.94 0.77
C GLU B 49 -27.32 8.00 0.61
N GLY B 50 -26.60 7.58 1.64
CA GLY B 50 -25.14 7.60 1.61
C GLY B 50 -24.62 9.01 1.32
N GLU B 51 -25.29 10.01 1.87
CA GLU B 51 -24.89 11.40 1.68
C GLU B 51 -24.19 11.94 2.92
N VAL B 52 -23.06 12.61 2.71
CA VAL B 52 -22.29 13.17 3.81
C VAL B 52 -22.43 14.69 3.84
N VAL B 53 -23.44 15.18 4.55
CA VAL B 53 -23.67 16.61 4.64
C VAL B 53 -22.38 17.34 5.01
N THR B 54 -21.78 16.94 6.12
CA THR B 54 -20.54 17.56 6.57
C THR B 54 -19.69 16.56 7.35
N VAL B 55 -18.41 16.88 7.52
CA VAL B 55 -17.50 16.01 8.26
C VAL B 55 -16.67 16.82 9.25
N LYS B 56 -16.29 16.18 10.35
CA LYS B 56 -15.49 16.84 11.38
C LYS B 56 -14.32 15.95 11.80
N ALA B 57 -13.22 16.04 11.05
CA ALA B 57 -12.04 15.24 11.35
C ALA B 57 -11.36 15.77 12.61
N GLU B 58 -11.35 14.95 13.66
CA GLU B 58 -10.73 15.34 14.91
C GLU B 58 -9.40 16.04 14.65
N PHE B 59 -9.34 17.32 15.02
CA PHE B 59 -8.12 18.10 14.83
C PHE B 59 -7.08 17.75 15.89
N ASP B 60 -7.51 17.00 16.90
CA ASP B 60 -6.61 16.62 17.98
C ASP B 60 -5.60 15.57 17.49
N GLU B 61 -6.11 14.41 17.12
CA GLU B 61 -5.25 13.34 16.63
C GLU B 61 -4.49 13.78 15.39
N CYS B 62 -5.18 14.47 14.48
CA CYS B 62 -4.56 14.95 13.26
C CYS B 62 -3.35 15.82 13.58
N ARG B 63 -3.48 16.63 14.62
CA ARG B 63 -2.38 17.52 15.02
C ARG B 63 -1.33 16.74 15.82
N GLU B 64 -1.77 16.10 16.90
CA GLU B 64 -0.86 15.33 17.74
C GLU B 64 0.03 14.43 16.87
N ILE B 65 -0.61 13.53 16.12
CA ILE B 65 0.13 12.62 15.26
C ILE B 65 0.97 13.39 14.25
N GLY B 66 0.60 14.65 14.03
CA GLY B 66 1.33 15.50 13.07
C GLY B 66 2.82 15.50 13.38
N GLU B 67 3.15 15.34 14.67
CA GLU B 67 4.55 15.34 15.09
C GLU B 67 5.27 14.12 14.53
N GLU B 68 4.57 12.99 14.47
CA GLU B 68 5.14 11.75 13.95
C GLU B 68 5.43 11.88 12.46
N THR B 69 4.68 12.76 11.80
CA THR B 69 4.85 12.95 10.36
C THR B 69 5.97 13.97 10.10
N GLY B 70 5.90 15.11 10.78
CA GLY B 70 6.91 16.15 10.60
C GLY B 70 6.39 17.27 9.71
N ILE B 71 5.40 16.96 8.88
CA ILE B 71 4.83 17.95 7.99
C ILE B 71 3.73 18.74 8.70
N PRO B 72 3.43 19.94 8.25
CA PRO B 72 2.39 20.80 8.88
C PRO B 72 1.17 19.96 9.31
N PRO B 73 0.39 20.46 10.24
CA PRO B 73 -0.83 19.74 10.73
C PRO B 73 -1.96 19.73 9.69
N ARG B 74 -2.36 20.92 9.27
CA ARG B 74 -3.42 21.05 8.29
C ARG B 74 -3.24 20.04 7.15
N GLU B 75 -2.03 20.01 6.60
CA GLU B 75 -1.74 19.08 5.51
C GLU B 75 -2.24 17.68 5.83
N VAL B 76 -2.12 17.30 7.10
CA VAL B 76 -2.57 15.98 7.54
C VAL B 76 -4.08 15.95 7.70
N LYS B 77 -4.64 17.05 8.21
CA LYS B 77 -6.08 17.13 8.42
C LYS B 77 -6.83 16.85 7.11
N ALA B 78 -6.39 17.48 6.03
CA ALA B 78 -7.03 17.28 4.73
C ALA B 78 -6.78 15.87 4.22
N MET B 79 -5.60 15.32 4.53
CA MET B 79 -5.25 13.99 4.09
C MET B 79 -6.07 12.94 4.85
N VAL B 80 -6.21 13.14 6.16
CA VAL B 80 -6.97 12.22 6.98
C VAL B 80 -8.47 12.42 6.79
N GLU B 81 -8.86 13.66 6.52
CA GLU B 81 -10.27 14.00 6.31
C GLU B 81 -10.75 13.46 4.97
N ALA B 82 -10.01 13.78 3.91
CA ALA B 82 -10.37 13.33 2.57
C ALA B 82 -10.52 11.81 2.55
N ALA B 83 -9.66 11.13 3.29
CA ALA B 83 -9.71 9.66 3.34
C ALA B 83 -11.07 9.19 3.82
N ALA B 84 -11.43 9.54 5.04
CA ALA B 84 -12.71 9.13 5.61
C ALA B 84 -13.84 9.40 4.61
N ARG B 85 -13.61 10.36 3.71
CA ARG B 85 -14.62 10.70 2.71
C ARG B 85 -14.83 9.54 1.74
N VAL B 86 -13.74 8.97 1.25
CA VAL B 86 -13.81 7.85 0.33
C VAL B 86 -13.49 6.54 1.03
N GLY B 87 -13.14 6.64 2.31
CA GLY B 87 -12.80 5.45 3.10
C GLY B 87 -11.77 4.61 2.38
N GLY B 88 -10.51 4.72 2.82
CA GLY B 88 -9.43 3.95 2.20
C GLY B 88 -8.22 3.88 3.13
N TRP B 89 -7.04 3.73 2.55
CA TRP B 89 -5.80 3.65 3.31
C TRP B 89 -4.79 4.66 2.80
N VAL B 90 -3.78 4.96 3.62
CA VAL B 90 -2.74 5.91 3.23
C VAL B 90 -1.37 5.41 3.65
N ASP B 91 -0.34 5.89 2.97
CA ASP B 91 1.03 5.50 3.29
C ASP B 91 1.95 6.71 3.30
N LEU B 92 2.46 7.04 4.49
CA LEU B 92 3.35 8.18 4.63
C LEU B 92 4.72 7.88 4.02
N LYS B 93 5.32 6.77 4.45
CA LYS B 93 6.63 6.38 3.92
C LYS B 93 6.51 5.88 2.49
N GLU B 94 5.73 6.60 1.68
CA GLU B 94 5.54 6.21 0.30
C GLU B 94 4.70 7.25 -0.44
N ARG B 95 3.91 8.01 0.32
CA ARG B 95 3.06 9.04 -0.26
C ARG B 95 2.10 8.42 -1.27
N GLU B 96 1.12 7.68 -0.77
CA GLU B 96 0.15 7.04 -1.65
C GLU B 96 -1.25 7.14 -1.04
N ILE B 97 -2.26 7.24 -1.90
CA ILE B 97 -3.64 7.34 -1.44
C ILE B 97 -4.57 6.53 -2.33
N LYS B 98 -5.24 5.54 -1.75
CA LYS B 98 -6.16 4.70 -2.50
C LYS B 98 -7.43 4.44 -1.70
N VAL B 99 -8.44 3.92 -2.39
CA VAL B 99 -9.71 3.62 -1.73
C VAL B 99 -9.69 2.23 -1.10
N GLN B 100 -10.82 1.82 -0.54
CA GLN B 100 -10.91 0.51 0.09
C GLN B 100 -11.23 -0.56 -0.95
N VAL A 22 -31.82 9.50 12.87
CA VAL A 22 -30.63 9.77 12.05
C VAL A 22 -29.45 8.92 12.51
N PRO A 23 -29.42 7.67 12.13
CA PRO A 23 -28.33 6.74 12.50
C PRO A 23 -26.94 7.31 12.17
N SER A 24 -26.17 7.60 13.20
CA SER A 24 -24.83 8.14 13.01
C SER A 24 -23.85 7.04 12.63
N ARG A 25 -22.94 7.35 11.71
CA ARG A 25 -21.95 6.38 11.25
C ARG A 25 -20.54 6.89 11.55
N PHE A 26 -19.70 6.01 12.07
CA PHE A 26 -18.33 6.37 12.40
C PHE A 26 -17.37 5.82 11.34
N GLU A 27 -16.22 6.49 11.18
CA GLU A 27 -15.22 6.06 10.21
C GLU A 27 -13.86 5.93 10.88
N ASP A 28 -13.26 4.75 10.74
CA ASP A 28 -11.94 4.50 11.33
C ASP A 28 -10.85 4.56 10.25
N VAL A 29 -10.03 5.60 10.31
CA VAL A 29 -8.95 5.76 9.34
C VAL A 29 -7.61 5.37 9.96
N ARG A 30 -7.05 4.26 9.50
CA ARG A 30 -5.77 3.79 10.01
C ARG A 30 -4.62 4.59 9.40
N VAL A 31 -3.81 5.19 10.27
CA VAL A 31 -2.66 5.98 9.81
C VAL A 31 -1.35 5.31 10.22
N VAL A 32 -0.49 5.08 9.24
CA VAL A 32 0.80 4.44 9.50
C VAL A 32 1.92 5.20 8.80
N GLN A 33 3.16 4.87 9.15
CA GLN A 33 4.31 5.53 8.54
C GLN A 33 5.54 4.63 8.63
N VAL A 34 5.80 3.88 7.56
CA VAL A 34 6.95 2.98 7.53
C VAL A 34 7.39 2.74 6.09
N VAL A 35 8.66 2.38 5.92
CA VAL A 35 9.20 2.12 4.60
C VAL A 35 10.12 0.89 4.62
N ALA A 36 9.64 -0.22 4.05
CA ALA A 36 10.43 -1.44 4.02
C ALA A 36 9.73 -2.50 3.18
N GLY A 37 10.44 -3.57 2.86
CA GLY A 37 9.88 -4.66 2.05
C GLY A 37 10.92 -5.75 1.82
N TRP A 38 10.46 -6.88 1.29
CA TRP A 38 11.36 -8.00 1.02
C TRP A 38 12.06 -7.81 -0.31
N ARG A 39 12.76 -8.85 -0.76
CA ARG A 39 13.49 -8.78 -2.02
C ARG A 39 13.59 -10.16 -2.66
N VAL A 40 13.64 -10.19 -3.99
CA VAL A 40 13.74 -11.46 -4.70
C VAL A 40 14.69 -11.33 -5.89
N SER A 41 15.44 -12.40 -6.15
CA SER A 41 16.38 -12.40 -7.26
C SER A 41 15.76 -13.04 -8.51
N VAL A 42 16.05 -12.46 -9.66
CA VAL A 42 15.50 -12.97 -10.91
C VAL A 42 16.58 -12.96 -12.00
N LYS A 43 16.60 -14.02 -12.81
CA LYS A 43 17.58 -14.13 -13.88
C LYS A 43 16.91 -13.91 -15.23
N ILE A 44 17.49 -13.01 -16.04
CA ILE A 44 16.93 -12.71 -17.34
C ILE A 44 18.05 -12.56 -18.37
N ALA A 45 17.99 -13.38 -19.42
CA ALA A 45 19.00 -13.35 -20.47
C ALA A 45 18.51 -12.56 -21.67
N GLU A 46 19.39 -11.75 -22.26
CA GLU A 46 19.03 -10.95 -23.42
C GLU A 46 20.10 -11.06 -24.50
N THR A 47 19.74 -10.66 -25.72
CA THR A 47 20.68 -10.73 -26.84
C THR A 47 20.66 -9.41 -27.62
N GLU A 48 19.61 -9.24 -28.43
CA GLU A 48 19.49 -8.03 -29.25
C GLU A 48 19.20 -6.82 -28.35
N GLU A 49 19.32 -7.01 -27.04
CA GLU A 49 19.06 -5.93 -26.10
C GLU A 49 17.63 -5.42 -26.24
N GLY A 50 16.80 -6.19 -26.93
CA GLY A 50 15.41 -5.80 -27.14
C GLY A 50 14.49 -7.02 -27.01
N GLU A 51 14.99 -8.17 -27.40
CA GLU A 51 14.20 -9.40 -27.33
C GLU A 51 14.63 -10.25 -26.13
N VAL A 52 13.65 -10.84 -25.45
CA VAL A 52 13.93 -11.67 -24.30
C VAL A 52 13.70 -13.15 -24.63
N VAL A 53 14.79 -13.88 -24.79
CA VAL A 53 14.70 -15.31 -25.11
C VAL A 53 13.79 -16.03 -24.13
N THR A 54 14.14 -15.97 -22.86
CA THR A 54 13.34 -16.63 -21.83
C THR A 54 13.47 -15.88 -20.49
N VAL A 55 12.55 -16.18 -19.58
CA VAL A 55 12.55 -15.54 -18.26
C VAL A 55 12.39 -16.58 -17.16
N LYS A 56 13.08 -16.38 -16.05
CA LYS A 56 12.99 -17.30 -14.92
C LYS A 56 12.67 -16.56 -13.64
N ALA A 57 12.31 -17.31 -12.59
CA ALA A 57 11.98 -16.71 -11.31
C ALA A 57 12.24 -17.70 -10.17
N GLU A 58 13.18 -17.35 -9.30
CA GLU A 58 13.51 -18.21 -8.17
C GLU A 58 12.25 -18.70 -7.46
N PHE A 59 11.90 -19.97 -7.69
CA PHE A 59 10.72 -20.54 -7.06
C PHE A 59 10.95 -20.79 -5.58
N ASP A 60 12.22 -20.71 -5.16
CA ASP A 60 12.57 -20.93 -3.77
C ASP A 60 12.01 -19.82 -2.88
N GLU A 61 12.50 -18.61 -3.10
CA GLU A 61 12.04 -17.46 -2.33
C GLU A 61 10.53 -17.28 -2.48
N CYS A 62 10.06 -17.35 -3.72
CA CYS A 62 8.63 -17.19 -4.00
C CYS A 62 7.81 -18.07 -3.06
N ARG A 63 8.31 -19.26 -2.80
CA ARG A 63 7.61 -20.20 -1.92
C ARG A 63 7.71 -19.75 -0.46
N GLU A 64 8.76 -19.01 -0.15
CA GLU A 64 8.96 -18.52 1.21
C GLU A 64 8.15 -17.25 1.45
N ILE A 65 7.95 -16.48 0.39
CA ILE A 65 7.19 -15.23 0.49
C ILE A 65 5.70 -15.53 0.59
N GLY A 66 5.30 -16.72 0.14
CA GLY A 66 3.89 -17.12 0.19
C GLY A 66 3.42 -17.27 1.63
N GLU A 67 4.36 -17.44 2.54
CA GLU A 67 4.03 -17.60 3.96
C GLU A 67 3.77 -16.24 4.60
N GLU A 68 4.26 -15.18 3.95
CA GLU A 68 4.08 -13.83 4.46
C GLU A 68 2.68 -13.31 4.13
N THR A 69 2.23 -13.60 2.92
CA THR A 69 0.91 -13.16 2.48
C THR A 69 -0.14 -14.22 2.78
N GLY A 70 0.21 -15.48 2.50
CA GLY A 70 -0.71 -16.59 2.74
C GLY A 70 -1.50 -16.94 1.48
N ILE A 71 -0.88 -16.79 0.33
CA ILE A 71 -1.54 -17.11 -0.95
C ILE A 71 -0.68 -18.10 -1.75
N PRO A 72 -1.29 -18.97 -2.52
CA PRO A 72 -0.54 -19.98 -3.33
C PRO A 72 0.75 -19.40 -3.91
N PRO A 73 1.71 -20.23 -4.24
CA PRO A 73 3.01 -19.77 -4.83
C PRO A 73 2.85 -19.30 -6.27
N ARG A 74 2.21 -20.13 -7.09
CA ARG A 74 2.01 -19.78 -8.50
C ARG A 74 1.57 -18.33 -8.63
N GLU A 75 0.62 -17.92 -7.80
CA GLU A 75 0.13 -16.55 -7.85
C GLU A 75 1.25 -15.55 -7.57
N VAL A 76 2.25 -16.00 -6.82
CA VAL A 76 3.39 -15.14 -6.49
C VAL A 76 4.41 -15.13 -7.63
N LYS A 77 4.59 -16.28 -8.26
CA LYS A 77 5.54 -16.40 -9.36
C LYS A 77 5.16 -15.43 -10.49
N ALA A 78 3.89 -15.46 -10.88
CA ALA A 78 3.41 -14.58 -11.94
C ALA A 78 3.59 -13.11 -11.54
N MET A 79 3.14 -12.79 -10.34
CA MET A 79 3.24 -11.41 -9.85
C MET A 79 4.70 -10.99 -9.76
N VAL A 80 5.53 -11.86 -9.19
CA VAL A 80 6.96 -11.57 -9.04
C VAL A 80 7.65 -11.57 -10.40
N GLU A 81 7.18 -12.42 -11.30
CA GLU A 81 7.76 -12.51 -12.63
C GLU A 81 7.39 -11.28 -13.45
N ALA A 82 6.09 -11.06 -13.63
CA ALA A 82 5.62 -9.91 -14.39
C ALA A 82 6.37 -8.65 -14.00
N ALA A 83 6.77 -8.58 -12.72
CA ALA A 83 7.51 -7.43 -12.23
C ALA A 83 8.85 -7.29 -12.94
N ALA A 84 9.72 -8.30 -12.77
CA ALA A 84 11.02 -8.28 -13.41
C ALA A 84 10.91 -7.81 -14.85
N ARG A 85 9.73 -7.97 -15.43
CA ARG A 85 9.51 -7.56 -16.82
C ARG A 85 9.37 -6.05 -16.91
N VAL A 86 8.58 -5.47 -16.01
CA VAL A 86 8.38 -4.02 -16.01
C VAL A 86 9.26 -3.36 -14.95
N GLY A 87 10.04 -4.16 -14.24
CA GLY A 87 10.92 -3.64 -13.20
C GLY A 87 10.22 -2.56 -12.39
N GLY A 88 9.63 -2.97 -11.27
CA GLY A 88 8.93 -2.02 -10.40
C GLY A 88 8.69 -2.62 -9.02
N TRP A 89 7.85 -1.96 -8.23
CA TRP A 89 7.53 -2.45 -6.89
C TRP A 89 6.14 -3.07 -6.85
N VAL A 90 5.83 -3.75 -5.76
CA VAL A 90 4.53 -4.39 -5.61
C VAL A 90 4.09 -4.38 -4.15
N ASP A 91 2.82 -4.07 -3.92
CA ASP A 91 2.28 -4.03 -2.57
C ASP A 91 1.45 -5.28 -2.29
N LEU A 92 1.92 -6.08 -1.33
CA LEU A 92 1.23 -7.31 -0.97
C LEU A 92 -0.15 -7.00 -0.40
N LYS A 93 -0.18 -6.17 0.65
CA LYS A 93 -1.44 -5.80 1.29
C LYS A 93 -2.23 -4.85 0.39
N GLU A 94 -2.28 -5.16 -0.90
CA GLU A 94 -2.99 -4.32 -1.85
C GLU A 94 -2.97 -4.97 -3.25
N ARG A 95 -2.04 -5.89 -3.44
CA ARG A 95 -1.92 -6.58 -4.73
C ARG A 95 -1.95 -5.57 -5.87
N GLU A 96 -0.92 -4.72 -5.92
CA GLU A 96 -0.84 -3.71 -6.97
C GLU A 96 0.58 -3.64 -7.53
N ILE A 97 0.70 -3.21 -8.79
CA ILE A 97 2.00 -3.10 -9.43
C ILE A 97 2.20 -1.70 -10.00
N LYS A 98 3.41 -1.15 -9.82
CA LYS A 98 3.72 0.18 -10.32
C LYS A 98 5.11 0.21 -10.95
N VAL A 99 5.29 1.08 -11.93
CA VAL A 99 6.57 1.20 -12.61
C VAL A 99 7.67 1.59 -11.62
N GLN A 100 8.50 2.56 -12.01
CA GLN A 100 9.57 3.02 -11.15
C GLN A 100 10.25 4.24 -11.76
N VAL B 22 25.96 -11.95 -25.21
CA VAL B 22 24.82 -12.29 -24.34
C VAL B 22 25.10 -11.83 -22.90
N PRO B 23 24.93 -10.56 -22.62
CA PRO B 23 25.17 -10.01 -21.26
C PRO B 23 23.95 -10.18 -20.36
N SER B 24 24.02 -11.15 -19.45
CA SER B 24 22.91 -11.41 -18.53
C SER B 24 23.11 -10.65 -17.23
N ARG B 25 22.01 -10.25 -16.60
CA ARG B 25 22.07 -9.52 -15.35
C ARG B 25 20.90 -9.89 -14.45
N PHE B 26 21.15 -9.98 -13.15
CA PHE B 26 20.10 -10.32 -12.20
C PHE B 26 19.33 -9.07 -11.76
N GLU B 27 18.04 -9.25 -11.51
CA GLU B 27 17.20 -8.14 -11.09
C GLU B 27 16.79 -8.30 -9.63
N ASP B 28 16.26 -7.23 -9.04
CA ASP B 28 15.84 -7.27 -7.65
C ASP B 28 14.54 -6.49 -7.45
N VAL B 29 13.46 -7.22 -7.19
CA VAL B 29 12.16 -6.60 -6.99
C VAL B 29 11.84 -6.49 -5.51
N ARG B 30 11.41 -5.30 -5.08
CA ARG B 30 11.08 -5.08 -3.68
C ARG B 30 9.57 -5.23 -3.46
N VAL B 31 9.21 -6.12 -2.54
CA VAL B 31 7.81 -6.36 -2.23
C VAL B 31 7.44 -5.73 -0.90
N VAL B 32 6.80 -4.55 -0.95
CA VAL B 32 6.40 -3.86 0.27
C VAL B 32 5.04 -4.34 0.75
N GLN B 33 4.77 -4.14 2.03
CA GLN B 33 3.49 -4.57 2.60
C GLN B 33 3.03 -3.56 3.65
N VAL B 34 1.73 -3.25 3.62
CA VAL B 34 1.17 -2.29 4.57
C VAL B 34 0.91 -2.96 5.92
N VAL B 35 0.99 -2.18 6.99
CA VAL B 35 0.77 -2.72 8.32
C VAL B 35 -0.02 -1.72 9.17
N ALA B 36 -1.00 -2.23 9.93
CA ALA B 36 -1.82 -1.38 10.77
C ALA B 36 -0.94 -0.54 11.70
N GLY B 37 -1.56 0.42 12.38
CA GLY B 37 -0.81 1.29 13.30
C GLY B 37 -1.77 2.03 14.22
N TRP B 38 -2.02 3.29 13.92
CA TRP B 38 -2.92 4.11 14.74
C TRP B 38 -4.33 4.05 14.20
N ARG B 39 -5.28 4.57 14.97
CA ARG B 39 -6.69 4.57 14.55
C ARG B 39 -7.36 5.87 14.97
N VAL B 40 -7.94 6.56 13.98
CA VAL B 40 -8.61 7.83 14.26
C VAL B 40 -10.12 7.63 14.28
N SER B 41 -10.79 8.28 15.24
CA SER B 41 -12.24 8.18 15.36
C SER B 41 -12.92 9.40 14.75
N VAL B 42 -13.94 9.15 13.93
CA VAL B 42 -14.67 10.24 13.28
C VAL B 42 -16.17 10.01 13.40
N LYS B 43 -16.93 11.10 13.51
CA LYS B 43 -18.37 11.02 13.63
C LYS B 43 -19.05 11.60 12.39
N ILE B 44 -19.97 10.83 11.81
CA ILE B 44 -20.69 11.29 10.62
C ILE B 44 -22.18 10.99 10.76
N ALA B 45 -23.01 11.99 10.45
CA ALA B 45 -24.45 11.82 10.55
C ALA B 45 -25.06 11.57 9.16
N GLU B 46 -25.85 10.51 9.06
CA GLU B 46 -26.49 10.18 7.79
C GLU B 46 -27.97 9.86 8.00
N THR B 47 -28.78 10.14 6.99
CA THR B 47 -30.21 9.90 7.07
C THR B 47 -30.56 8.55 6.43
N GLU B 48 -31.85 8.32 6.22
CA GLU B 48 -32.31 7.07 5.62
C GLU B 48 -32.57 7.27 4.13
N GLU B 49 -31.97 8.29 3.54
CA GLU B 49 -32.16 8.58 2.13
C GLU B 49 -30.81 8.82 1.45
N GLY B 50 -29.79 8.10 1.89
CA GLY B 50 -28.46 8.25 1.32
C GLY B 50 -28.05 9.72 1.26
N GLU B 51 -28.01 10.36 2.44
CA GLU B 51 -27.63 11.76 2.50
C GLU B 51 -26.70 12.01 3.68
N VAL B 52 -25.54 12.57 3.41
CA VAL B 52 -24.56 12.86 4.47
C VAL B 52 -24.48 14.36 4.72
N VAL B 53 -24.87 14.77 5.92
CA VAL B 53 -24.84 16.18 6.28
C VAL B 53 -23.43 16.72 6.20
N THR B 54 -22.75 16.80 7.35
CA THR B 54 -21.38 17.30 7.38
C THR B 54 -20.53 16.48 8.33
N VAL B 55 -19.29 16.21 7.94
CA VAL B 55 -18.38 15.43 8.76
C VAL B 55 -17.61 16.34 9.72
N LYS B 56 -17.40 15.86 10.94
CA LYS B 56 -16.68 16.63 11.95
C LYS B 56 -15.63 15.76 12.63
N ALA B 57 -14.37 15.93 12.22
CA ALA B 57 -13.28 15.16 12.80
C ALA B 57 -12.92 15.70 14.18
N GLU B 58 -12.26 14.87 14.98
CA GLU B 58 -11.85 15.27 16.33
C GLU B 58 -10.54 16.05 16.28
N PHE B 59 -10.58 17.29 16.76
CA PHE B 59 -9.39 18.12 16.76
C PHE B 59 -8.45 17.72 17.90
N ASP B 60 -8.98 16.95 18.84
CA ASP B 60 -8.18 16.49 19.98
C ASP B 60 -7.17 15.44 19.54
N GLU B 61 -7.67 14.38 18.91
CA GLU B 61 -6.80 13.30 18.44
C GLU B 61 -5.86 13.80 17.35
N CYS B 62 -6.32 14.77 16.57
CA CYS B 62 -5.52 15.31 15.49
C CYS B 62 -4.43 16.24 16.04
N ARG B 63 -4.61 16.68 17.28
CA ARG B 63 -3.65 17.56 17.92
C ARG B 63 -2.48 16.76 18.47
N GLU B 64 -2.77 15.55 18.94
CA GLU B 64 -1.73 14.68 19.49
C GLU B 64 -1.02 13.93 18.38
N ILE B 65 -1.75 13.58 17.34
CA ILE B 65 -1.16 12.87 16.21
C ILE B 65 -0.12 13.73 15.50
N GLY B 66 -0.28 15.03 15.60
CA GLY B 66 0.65 15.96 14.97
C GLY B 66 2.06 15.76 15.50
N GLU B 67 2.17 15.51 16.80
CA GLU B 67 3.47 15.30 17.42
C GLU B 67 4.13 14.05 16.86
N GLU B 68 3.32 13.09 16.43
CA GLU B 68 3.84 11.85 15.88
C GLU B 68 4.25 12.04 14.42
N THR B 69 3.56 12.94 13.74
CA THR B 69 3.86 13.22 12.33
C THR B 69 4.99 14.23 12.21
N GLY B 70 4.87 15.33 12.93
CA GLY B 70 5.89 16.36 12.90
C GLY B 70 5.47 17.51 11.98
N ILE B 71 4.20 17.54 11.61
CA ILE B 71 3.68 18.58 10.74
C ILE B 71 2.48 19.28 11.39
N PRO B 72 2.18 20.50 11.00
CA PRO B 72 1.04 21.27 11.56
C PRO B 72 -0.18 20.39 11.82
N PRO B 73 -1.07 20.78 12.69
CA PRO B 73 -2.29 20.00 13.01
C PRO B 73 -3.31 20.04 11.86
N ARG B 74 -3.72 21.25 11.48
CA ARG B 74 -4.69 21.41 10.39
C ARG B 74 -4.34 20.49 9.23
N GLU B 75 -3.11 20.59 8.75
CA GLU B 75 -2.67 19.76 7.63
C GLU B 75 -3.15 18.32 7.80
N VAL B 76 -3.12 17.84 9.04
CA VAL B 76 -3.55 16.48 9.33
C VAL B 76 -5.07 16.38 9.33
N LYS B 77 -5.72 17.36 9.95
CA LYS B 77 -7.18 17.37 10.01
C LYS B 77 -7.77 17.24 8.62
N ALA B 78 -7.26 18.02 7.68
CA ALA B 78 -7.77 17.97 6.30
C ALA B 78 -7.48 16.62 5.67
N MET B 79 -6.33 16.03 6.03
CA MET B 79 -5.96 14.74 5.49
C MET B 79 -6.84 13.63 6.07
N VAL B 80 -7.06 13.68 7.38
CA VAL B 80 -7.88 12.69 8.05
C VAL B 80 -9.36 12.92 7.75
N GLU B 81 -9.72 14.17 7.55
CA GLU B 81 -11.12 14.51 7.26
C GLU B 81 -11.52 13.94 5.90
N ALA B 82 -10.76 14.29 4.87
CA ALA B 82 -11.05 13.81 3.52
C ALA B 82 -11.14 12.28 3.51
N ALA B 83 -10.32 11.64 4.35
CA ALA B 83 -10.33 10.18 4.43
C ALA B 83 -11.71 9.67 4.82
N ALA B 84 -12.15 10.05 6.03
CA ALA B 84 -13.44 9.62 6.51
C ALA B 84 -14.50 9.72 5.41
N ARG B 85 -14.31 10.68 4.52
CA ARG B 85 -15.24 10.88 3.42
C ARG B 85 -15.24 9.68 2.48
N VAL B 86 -14.04 9.17 2.20
CA VAL B 86 -13.90 8.02 1.30
C VAL B 86 -13.64 6.74 2.11
N GLY B 87 -13.48 6.90 3.42
CA GLY B 87 -13.23 5.76 4.29
C GLY B 87 -12.10 4.90 3.75
N GLY B 88 -10.88 5.17 4.21
CA GLY B 88 -9.72 4.40 3.75
C GLY B 88 -8.52 4.65 4.67
N TRP B 89 -7.37 4.12 4.28
CA TRP B 89 -6.16 4.29 5.07
C TRP B 89 -5.24 5.34 4.44
N VAL B 90 -4.14 5.63 5.11
CA VAL B 90 -3.19 6.62 4.60
C VAL B 90 -1.76 6.22 4.94
N ASP B 91 -0.82 6.73 4.15
CA ASP B 91 0.60 6.43 4.38
C ASP B 91 1.42 7.72 4.32
N LEU B 92 1.99 8.10 5.45
CA LEU B 92 2.80 9.31 5.53
C LEU B 92 4.10 9.13 4.74
N LYS B 93 4.60 7.89 4.72
CA LYS B 93 5.84 7.61 4.01
C LYS B 93 5.82 8.23 2.61
N GLU B 94 4.62 8.45 2.09
CA GLU B 94 4.47 9.05 0.77
C GLU B 94 3.27 9.98 0.73
N ARG B 95 2.53 10.03 1.84
CA ARG B 95 1.36 10.89 1.92
C ARG B 95 0.40 10.59 0.78
N GLU B 96 -0.35 9.50 0.90
CA GLU B 96 -1.31 9.12 -0.12
C GLU B 96 -2.52 8.43 0.49
N ILE B 97 -3.69 8.65 -0.10
CA ILE B 97 -4.92 8.06 0.40
C ILE B 97 -5.44 7.00 -0.57
N LYS B 98 -5.88 5.86 -0.03
CA LYS B 98 -6.40 4.79 -0.85
C LYS B 98 -7.66 4.19 -0.23
N VAL B 99 -8.67 3.95 -1.05
CA VAL B 99 -9.92 3.38 -0.57
C VAL B 99 -9.66 2.16 0.29
N GLN B 100 -10.60 1.83 1.17
CA GLN B 100 -10.46 0.68 2.05
C GLN B 100 -10.47 -0.61 1.24
N VAL A 22 -31.91 10.06 12.18
CA VAL A 22 -30.72 10.90 12.38
C VAL A 22 -29.59 10.07 12.99
N PRO A 23 -28.91 9.29 12.20
CA PRO A 23 -27.78 8.46 12.67
C PRO A 23 -26.47 9.23 12.76
N SER A 24 -25.80 9.11 13.90
CA SER A 24 -24.53 9.82 14.10
C SER A 24 -23.52 8.91 14.81
N ARG A 25 -22.27 8.99 14.40
CA ARG A 25 -21.22 8.17 15.01
C ARG A 25 -19.85 8.58 14.48
N PHE A 26 -18.83 8.46 15.32
CA PHE A 26 -17.47 8.82 14.93
C PHE A 26 -16.80 7.66 14.22
N GLU A 27 -16.05 7.97 13.16
CA GLU A 27 -15.35 6.95 12.39
C GLU A 27 -13.84 7.07 12.60
N ASP A 28 -13.20 5.94 12.89
CA ASP A 28 -11.76 5.91 13.12
C ASP A 28 -11.03 5.43 11.87
N VAL A 29 -10.28 6.34 11.23
CA VAL A 29 -9.53 5.99 10.03
C VAL A 29 -8.20 5.35 10.40
N ARG A 30 -7.82 4.31 9.66
CA ARG A 30 -6.57 3.60 9.92
C ARG A 30 -5.52 3.98 8.88
N VAL A 31 -4.38 4.49 9.36
CA VAL A 31 -3.30 4.89 8.46
C VAL A 31 -2.06 4.02 8.71
N VAL A 32 -1.95 2.95 7.93
CA VAL A 32 -0.82 2.04 8.07
C VAL A 32 0.44 2.61 7.41
N GLN A 33 1.33 3.16 8.24
CA GLN A 33 2.57 3.74 7.74
C GLN A 33 3.76 2.88 8.14
N VAL A 34 4.20 2.03 7.22
CA VAL A 34 5.34 1.16 7.48
C VAL A 34 6.09 0.83 6.20
N VAL A 35 7.39 0.57 6.32
CA VAL A 35 8.21 0.24 5.16
C VAL A 35 9.20 -0.86 5.49
N ALA A 36 9.01 -2.02 4.88
CA ALA A 36 9.90 -3.15 5.12
C ALA A 36 9.31 -4.44 4.56
N GLY A 37 10.16 -5.30 4.03
CA GLY A 37 9.71 -6.57 3.46
C GLY A 37 10.88 -7.39 2.94
N TRP A 38 10.63 -8.65 2.64
CA TRP A 38 11.67 -9.54 2.14
C TRP A 38 12.21 -9.02 0.80
N ARG A 39 13.15 -9.77 0.22
CA ARG A 39 13.74 -9.38 -1.05
C ARG A 39 13.97 -10.59 -1.94
N VAL A 40 13.46 -10.52 -3.17
CA VAL A 40 13.62 -11.63 -4.10
C VAL A 40 14.83 -11.40 -5.01
N SER A 41 15.40 -12.50 -5.51
CA SER A 41 16.56 -12.41 -6.39
C SER A 41 16.18 -12.82 -7.81
N VAL A 42 16.14 -11.86 -8.71
CA VAL A 42 15.79 -12.12 -10.10
C VAL A 42 16.98 -11.81 -11.02
N LYS A 43 16.90 -12.30 -12.26
CA LYS A 43 17.96 -12.07 -13.23
C LYS A 43 17.38 -11.55 -14.54
N ILE A 44 17.42 -10.23 -14.72
CA ILE A 44 16.91 -9.61 -15.93
C ILE A 44 18.04 -9.29 -16.89
N ALA A 45 17.86 -9.66 -18.15
CA ALA A 45 18.88 -9.40 -19.17
C ALA A 45 18.48 -8.21 -20.04
N GLU A 46 19.22 -7.11 -19.90
CA GLU A 46 18.94 -5.91 -20.67
C GLU A 46 19.96 -5.74 -21.79
N THR A 47 19.57 -5.04 -22.85
CA THR A 47 20.47 -4.82 -23.98
C THR A 47 21.05 -3.40 -23.94
N GLU A 48 20.26 -2.44 -24.41
CA GLU A 48 20.71 -1.06 -24.42
C GLU A 48 20.55 -0.42 -23.04
N GLU A 49 19.30 -0.31 -22.59
CA GLU A 49 19.03 0.28 -21.28
C GLU A 49 17.53 0.18 -20.94
N GLY A 50 16.69 0.34 -21.95
CA GLY A 50 15.24 0.26 -21.75
C GLY A 50 14.63 -0.84 -22.61
N GLU A 51 15.30 -1.99 -22.64
CA GLU A 51 14.81 -3.12 -23.43
C GLU A 51 14.95 -4.42 -22.64
N VAL A 52 13.83 -5.10 -22.41
CA VAL A 52 13.84 -6.35 -21.67
C VAL A 52 13.57 -7.53 -22.60
N VAL A 53 14.46 -8.51 -22.57
CA VAL A 53 14.30 -9.70 -23.42
C VAL A 53 13.46 -10.76 -22.71
N THR A 54 14.11 -11.62 -21.94
CA THR A 54 13.41 -12.68 -21.22
C THR A 54 13.77 -12.64 -19.74
N VAL A 55 12.74 -12.67 -18.90
CA VAL A 55 12.95 -12.63 -17.45
C VAL A 55 12.82 -14.03 -16.86
N LYS A 56 13.67 -14.33 -15.87
CA LYS A 56 13.65 -15.64 -15.22
C LYS A 56 13.66 -15.47 -13.71
N ALA A 57 12.59 -15.92 -13.06
CA ALA A 57 12.49 -15.83 -11.60
C ALA A 57 12.77 -17.18 -10.96
N GLU A 58 13.65 -17.19 -9.97
CA GLU A 58 13.99 -18.42 -9.28
C GLU A 58 12.73 -19.11 -8.74
N PHE A 59 12.55 -20.37 -9.12
CA PHE A 59 11.38 -21.12 -8.68
C PHE A 59 11.58 -21.61 -7.25
N ASP A 60 12.81 -21.50 -6.75
CA ASP A 60 13.11 -21.94 -5.39
C ASP A 60 12.62 -20.91 -4.38
N GLU A 61 13.08 -19.67 -4.52
CA GLU A 61 12.68 -18.60 -3.61
C GLU A 61 11.17 -18.39 -3.66
N CYS A 62 10.60 -18.52 -4.85
CA CYS A 62 9.16 -18.34 -5.02
C CYS A 62 8.39 -19.43 -4.28
N ARG A 63 8.93 -20.65 -4.32
CA ARG A 63 8.30 -21.78 -3.65
C ARG A 63 8.55 -21.72 -2.14
N GLU A 64 9.78 -21.40 -1.77
CA GLU A 64 10.15 -21.31 -0.37
C GLU A 64 9.42 -20.14 0.31
N ILE A 65 9.03 -19.16 -0.50
CA ILE A 65 8.34 -17.99 0.03
C ILE A 65 6.85 -18.31 0.24
N GLY A 66 6.30 -19.13 -0.63
CA GLY A 66 4.90 -19.51 -0.53
C GLY A 66 4.61 -20.24 0.77
N GLU A 67 5.67 -20.76 1.39
CA GLU A 67 5.52 -21.48 2.66
C GLU A 67 5.35 -20.51 3.81
N GLU A 68 5.75 -19.25 3.60
CA GLU A 68 5.63 -18.23 4.63
C GLU A 68 4.27 -17.54 4.54
N THR A 69 3.77 -17.39 3.32
CA THR A 69 2.49 -16.74 3.11
C THR A 69 1.34 -17.75 3.19
N GLY A 70 1.48 -18.85 2.46
CA GLY A 70 0.46 -19.90 2.47
C GLY A 70 -0.53 -19.74 1.33
N ILE A 71 -0.04 -19.24 0.19
CA ILE A 71 -0.90 -19.05 -0.98
C ILE A 71 -0.31 -19.78 -2.20
N PRO A 72 -1.14 -20.12 -3.16
CA PRO A 72 -0.69 -20.84 -4.38
C PRO A 72 0.69 -20.37 -4.85
N PRO A 73 1.73 -21.11 -4.56
CA PRO A 73 3.12 -20.74 -4.98
C PRO A 73 3.20 -20.39 -6.46
N ARG A 74 2.26 -20.91 -7.24
CA ARG A 74 2.23 -20.65 -8.67
C ARG A 74 2.03 -19.16 -8.93
N GLU A 75 0.97 -18.61 -8.38
CA GLU A 75 0.68 -17.18 -8.56
C GLU A 75 1.87 -16.33 -8.11
N VAL A 76 2.41 -16.66 -6.95
CA VAL A 76 3.55 -15.92 -6.41
C VAL A 76 4.58 -15.66 -7.51
N LYS A 77 4.85 -16.69 -8.31
CA LYS A 77 5.81 -16.55 -9.41
C LYS A 77 5.34 -15.52 -10.42
N ALA A 78 4.09 -15.68 -10.87
CA ALA A 78 3.53 -14.76 -11.85
C ALA A 78 3.35 -13.37 -11.23
N MET A 79 3.31 -13.32 -9.91
CA MET A 79 3.13 -12.05 -9.20
C MET A 79 4.48 -11.35 -9.02
N VAL A 80 5.48 -12.11 -8.57
CA VAL A 80 6.80 -11.56 -8.37
C VAL A 80 7.50 -11.29 -9.70
N GLU A 81 7.08 -12.04 -10.73
CA GLU A 81 7.67 -11.87 -12.06
C GLU A 81 7.21 -10.56 -12.68
N ALA A 82 5.89 -10.40 -12.80
CA ALA A 82 5.33 -9.19 -13.38
C ALA A 82 5.95 -7.95 -12.74
N ALA A 83 6.19 -8.03 -11.43
CA ALA A 83 6.77 -6.91 -10.70
C ALA A 83 8.17 -6.59 -11.24
N ALA A 84 9.06 -7.58 -11.15
CA ALA A 84 10.42 -7.40 -11.64
C ALA A 84 10.42 -6.68 -12.98
N ARG A 85 9.31 -6.78 -13.71
CA ARG A 85 9.20 -6.14 -15.01
C ARG A 85 9.04 -4.63 -14.84
N VAL A 86 8.15 -4.23 -13.94
CA VAL A 86 7.91 -2.81 -13.70
C VAL A 86 8.66 -2.34 -12.46
N GLY A 87 9.36 -3.26 -11.82
CA GLY A 87 10.14 -2.93 -10.63
C GLY A 87 9.33 -2.00 -9.71
N GLY A 88 8.65 -2.60 -8.73
CA GLY A 88 7.85 -1.82 -7.80
C GLY A 88 7.74 -2.54 -6.45
N TRP A 89 6.59 -2.36 -5.79
CA TRP A 89 6.37 -2.99 -4.49
C TRP A 89 5.00 -3.68 -4.46
N VAL A 90 4.85 -4.64 -3.56
CA VAL A 90 3.59 -5.37 -3.45
C VAL A 90 3.20 -5.55 -1.99
N ASP A 91 1.91 -5.40 -1.70
CA ASP A 91 1.41 -5.55 -0.34
C ASP A 91 0.47 -6.75 -0.24
N LEU A 92 0.90 -7.77 0.49
CA LEU A 92 0.10 -8.96 0.66
C LEU A 92 -1.09 -8.69 1.58
N LYS A 93 -0.81 -8.08 2.72
CA LYS A 93 -1.87 -7.78 3.69
C LYS A 93 -2.70 -6.59 3.21
N GLU A 94 -2.76 -6.41 1.89
CA GLU A 94 -3.52 -5.32 1.32
C GLU A 94 -3.93 -5.64 -0.12
N ARG A 95 -3.27 -6.62 -0.70
CA ARG A 95 -3.56 -7.02 -2.07
C ARG A 95 -3.40 -5.84 -3.02
N GLU A 96 -2.18 -5.32 -3.13
CA GLU A 96 -1.91 -4.20 -4.01
C GLU A 96 -0.59 -4.39 -4.75
N ILE A 97 -0.51 -3.84 -5.96
CA ILE A 97 0.69 -3.96 -6.76
C ILE A 97 1.04 -2.63 -7.42
N LYS A 98 1.76 -1.78 -6.68
CA LYS A 98 2.15 -0.48 -7.20
C LYS A 98 3.30 -0.61 -8.18
N VAL A 99 3.15 -0.05 -9.37
CA VAL A 99 4.18 -0.11 -10.39
C VAL A 99 5.47 0.53 -9.89
N GLN A 100 6.19 1.19 -10.79
CA GLN A 100 7.44 1.85 -10.42
C GLN A 100 7.17 3.24 -9.84
N VAL B 22 25.90 -8.03 -23.68
CA VAL B 22 24.55 -7.82 -23.13
C VAL B 22 24.61 -7.61 -21.61
N PRO B 23 24.96 -6.43 -21.18
CA PRO B 23 25.05 -6.09 -19.73
C PRO B 23 23.78 -6.46 -18.97
N SER B 24 23.83 -7.56 -18.21
CA SER B 24 22.68 -8.00 -17.45
C SER B 24 22.48 -7.13 -16.21
N ARG B 25 21.56 -7.54 -15.34
CA ARG B 25 21.29 -6.78 -14.13
C ARG B 25 20.32 -7.55 -13.22
N PHE B 26 20.49 -7.38 -11.91
CA PHE B 26 19.62 -8.05 -10.96
C PHE B 26 18.57 -7.09 -10.41
N GLU B 27 17.36 -7.61 -10.21
CA GLU B 27 16.26 -6.79 -9.70
C GLU B 27 15.79 -7.33 -8.35
N ASP B 28 15.72 -6.43 -7.35
CA ASP B 28 15.28 -6.83 -6.02
C ASP B 28 13.84 -6.38 -5.78
N VAL B 29 12.94 -7.36 -5.66
CA VAL B 29 11.53 -7.07 -5.42
C VAL B 29 11.23 -7.02 -3.93
N ARG B 30 10.63 -5.92 -3.49
CA ARG B 30 10.29 -5.76 -2.08
C ARG B 30 8.83 -6.10 -1.83
N VAL B 31 8.59 -7.06 -0.93
CA VAL B 31 7.22 -7.47 -0.61
C VAL B 31 6.95 -7.26 0.88
N VAL B 32 6.16 -6.23 1.19
CA VAL B 32 5.83 -5.93 2.57
C VAL B 32 4.47 -6.53 2.93
N GLN B 33 4.44 -7.25 4.06
CA GLN B 33 3.21 -7.87 4.52
C GLN B 33 2.94 -7.53 5.98
N VAL B 34 2.12 -6.51 6.21
CA VAL B 34 1.80 -6.09 7.58
C VAL B 34 0.45 -5.40 7.62
N VAL B 35 -0.19 -5.42 8.79
CA VAL B 35 -1.49 -4.78 8.95
C VAL B 35 -1.58 -4.07 10.30
N ALA B 36 -1.61 -2.75 10.26
CA ALA B 36 -1.71 -1.97 11.49
C ALA B 36 -1.37 -0.50 11.23
N GLY B 37 -1.90 0.38 12.05
CA GLY B 37 -1.65 1.82 11.88
C GLY B 37 -2.29 2.61 13.01
N TRP B 38 -2.22 3.94 12.91
CA TRP B 38 -2.80 4.80 13.93
C TRP B 38 -4.31 4.88 13.78
N ARG B 39 -4.95 5.69 14.62
CA ARG B 39 -6.40 5.85 14.56
C ARG B 39 -6.79 7.31 14.75
N VAL B 40 -7.38 7.89 13.71
CA VAL B 40 -7.79 9.29 13.77
C VAL B 40 -9.30 9.40 13.97
N SER B 41 -9.70 9.96 15.10
CA SER B 41 -11.13 10.11 15.41
C SER B 41 -11.75 11.18 14.51
N VAL B 42 -12.83 10.81 13.84
CA VAL B 42 -13.52 11.74 12.95
C VAL B 42 -15.03 11.71 13.20
N LYS B 43 -15.61 12.89 13.35
CA LYS B 43 -17.05 12.98 13.60
C LYS B 43 -17.78 13.41 12.33
N ILE B 44 -18.77 12.61 11.92
CA ILE B 44 -19.54 12.92 10.73
C ILE B 44 -21.03 12.70 10.98
N ALA B 45 -21.81 13.76 10.81
CA ALA B 45 -23.25 13.68 11.03
C ALA B 45 -23.98 13.46 9.71
N GLU B 46 -24.37 12.22 9.45
CA GLU B 46 -25.08 11.90 8.21
C GLU B 46 -26.58 11.76 8.48
N THR B 47 -27.39 12.10 7.48
CA THR B 47 -28.84 12.00 7.61
C THR B 47 -29.36 10.75 6.91
N GLU B 48 -29.56 10.85 5.60
CA GLU B 48 -30.06 9.71 4.84
C GLU B 48 -28.95 8.68 4.62
N GLU B 49 -27.98 8.66 5.55
CA GLU B 49 -26.87 7.72 5.45
C GLU B 49 -26.27 7.75 4.05
N GLY B 50 -26.17 8.94 3.48
CA GLY B 50 -25.60 9.09 2.14
C GLY B 50 -25.02 10.49 1.96
N GLU B 51 -25.69 11.49 2.51
CA GLU B 51 -25.23 12.87 2.39
C GLU B 51 -24.56 13.31 3.69
N VAL B 52 -23.43 14.00 3.55
CA VAL B 52 -22.69 14.48 4.72
C VAL B 52 -22.83 16.00 4.85
N VAL B 53 -23.86 16.42 5.57
CA VAL B 53 -24.10 17.85 5.78
C VAL B 53 -22.80 18.57 6.05
N THR B 54 -22.03 18.04 6.99
CA THR B 54 -20.74 18.64 7.35
C THR B 54 -19.77 17.58 7.84
N VAL B 55 -18.49 17.93 7.87
CA VAL B 55 -17.45 17.01 8.32
C VAL B 55 -16.27 17.78 8.91
N LYS B 56 -15.85 17.39 10.10
CA LYS B 56 -14.73 18.05 10.77
C LYS B 56 -13.75 17.02 11.31
N ALA B 57 -12.65 16.83 10.60
CA ALA B 57 -11.62 15.87 11.03
C ALA B 57 -10.78 16.47 12.15
N GLU B 58 -10.64 15.70 13.23
CA GLU B 58 -9.85 16.15 14.38
C GLU B 58 -8.58 16.83 13.91
N PHE B 59 -8.60 18.16 13.85
CA PHE B 59 -7.43 18.92 13.41
C PHE B 59 -6.23 18.63 14.30
N ASP B 60 -6.44 18.70 15.61
CA ASP B 60 -5.36 18.44 16.55
C ASP B 60 -4.56 17.22 16.14
N GLU B 61 -5.21 16.06 16.13
CA GLU B 61 -4.54 14.82 15.75
C GLU B 61 -3.90 14.97 14.37
N CYS B 62 -4.73 15.29 13.37
CA CYS B 62 -4.23 15.45 12.01
C CYS B 62 -2.94 16.25 11.99
N ARG B 63 -2.90 17.32 12.78
CA ARG B 63 -1.71 18.16 12.85
C ARG B 63 -0.60 17.47 13.63
N GLU B 64 -0.90 17.08 14.86
CA GLU B 64 0.09 16.41 15.70
C GLU B 64 0.74 15.26 14.94
N ILE B 65 0.01 14.72 13.97
CA ILE B 65 0.52 13.61 13.17
C ILE B 65 1.39 14.14 12.04
N GLY B 66 0.97 15.27 11.45
CA GLY B 66 1.72 15.86 10.35
C GLY B 66 3.21 15.93 10.67
N GLU B 67 3.53 16.09 11.95
CA GLU B 67 4.92 16.16 12.38
C GLU B 67 5.62 14.82 12.16
N GLU B 68 4.89 13.74 12.41
CA GLU B 68 5.45 12.39 12.25
C GLU B 68 5.53 12.03 10.76
N THR B 69 4.77 12.74 9.95
CA THR B 69 4.76 12.48 8.52
C THR B 69 5.79 13.37 7.80
N GLY B 70 5.74 14.67 8.09
CA GLY B 70 6.69 15.60 7.49
C GLY B 70 6.13 16.17 6.18
N ILE B 71 4.82 16.08 6.01
CA ILE B 71 4.18 16.58 4.79
C ILE B 71 3.06 17.56 5.16
N PRO B 72 2.70 18.45 4.26
CA PRO B 72 1.63 19.45 4.50
C PRO B 72 0.48 18.89 5.35
N PRO B 73 0.45 19.20 6.63
CA PRO B 73 -0.62 18.70 7.54
C PRO B 73 -2.02 18.91 6.94
N ARG B 74 -2.12 19.84 6.00
CA ARG B 74 -3.40 20.13 5.36
C ARG B 74 -3.84 18.94 4.50
N GLU B 75 -2.95 18.47 3.64
CA GLU B 75 -3.26 17.35 2.77
C GLU B 75 -3.69 16.14 3.60
N VAL B 76 -3.15 16.04 4.81
CA VAL B 76 -3.49 14.92 5.69
C VAL B 76 -4.95 15.00 6.12
N LYS B 77 -5.43 16.22 6.32
CA LYS B 77 -6.81 16.42 6.73
C LYS B 77 -7.77 16.02 5.61
N ALA B 78 -7.55 16.59 4.42
CA ALA B 78 -8.40 16.29 3.29
C ALA B 78 -8.26 14.82 2.89
N MET B 79 -7.16 14.21 3.29
CA MET B 79 -6.91 12.81 2.97
C MET B 79 -7.73 11.91 3.88
N VAL B 80 -7.54 12.06 5.19
CA VAL B 80 -8.27 11.26 6.17
C VAL B 80 -9.75 11.65 6.20
N GLU B 81 -10.09 12.71 5.46
CA GLU B 81 -11.47 13.17 5.42
C GLU B 81 -12.27 12.38 4.40
N ALA B 82 -11.84 12.43 3.14
CA ALA B 82 -12.53 11.70 2.08
C ALA B 82 -12.69 10.23 2.45
N ALA B 83 -11.67 9.68 3.11
CA ALA B 83 -11.71 8.28 3.51
C ALA B 83 -12.82 8.06 4.55
N ALA B 84 -12.76 8.81 5.64
CA ALA B 84 -13.76 8.68 6.70
C ALA B 84 -15.16 8.60 6.09
N ARG B 85 -15.31 9.16 4.90
CA ARG B 85 -16.61 9.13 4.23
C ARG B 85 -16.89 7.75 3.65
N VAL B 86 -15.89 7.17 3.00
CA VAL B 86 -16.04 5.84 2.42
C VAL B 86 -15.48 4.77 3.35
N GLY B 87 -15.01 5.20 4.51
CA GLY B 87 -14.45 4.27 5.48
C GLY B 87 -13.48 3.28 4.82
N GLY B 88 -12.19 3.59 4.88
CA GLY B 88 -11.18 2.74 4.27
C GLY B 88 -9.84 2.90 4.97
N TRP B 89 -8.77 2.48 4.30
CA TRP B 89 -7.43 2.60 4.86
C TRP B 89 -6.50 3.30 3.88
N VAL B 90 -5.47 3.95 4.41
CA VAL B 90 -4.50 4.67 3.57
C VAL B 90 -3.08 4.25 3.91
N ASP B 91 -2.20 4.35 2.91
CA ASP B 91 -0.80 3.99 3.09
C ASP B 91 0.10 5.19 2.81
N LEU B 92 0.75 5.69 3.85
CA LEU B 92 1.64 6.85 3.70
C LEU B 92 2.97 6.44 3.07
N LYS B 93 3.67 5.50 3.71
CA LYS B 93 4.95 5.04 3.21
C LYS B 93 4.78 4.29 1.90
N GLU B 94 3.57 4.31 1.35
CA GLU B 94 3.29 3.63 0.09
C GLU B 94 2.33 4.44 -0.76
N ARG B 95 1.84 5.55 -0.21
CA ARG B 95 0.91 6.41 -0.93
C ARG B 95 -0.13 5.56 -1.66
N GLU B 96 -1.17 5.16 -0.95
CA GLU B 96 -2.23 4.35 -1.55
C GLU B 96 -3.55 4.60 -0.84
N ILE B 97 -4.65 4.45 -1.58
CA ILE B 97 -5.98 4.66 -1.01
C ILE B 97 -6.94 3.58 -1.49
N LYS B 98 -7.18 2.58 -0.65
CA LYS B 98 -8.08 1.49 -0.99
C LYS B 98 -9.40 1.62 -0.22
N VAL B 99 -10.50 1.32 -0.90
CA VAL B 99 -11.82 1.40 -0.27
C VAL B 99 -12.14 0.11 0.46
N GLN B 100 -13.27 0.09 1.15
CA GLN B 100 -13.69 -1.09 1.89
C GLN B 100 -15.18 -1.35 1.68
N VAL A 22 -31.85 11.49 11.71
CA VAL A 22 -30.60 11.85 11.04
C VAL A 22 -29.41 11.10 11.66
N PRO A 23 -29.22 9.85 11.32
CA PRO A 23 -28.11 9.03 11.84
C PRO A 23 -26.81 9.25 11.06
N SER A 24 -25.88 9.96 11.66
CA SER A 24 -24.60 10.23 11.01
C SER A 24 -23.84 8.93 10.77
N ARG A 25 -22.65 9.05 10.18
CA ARG A 25 -21.83 7.88 9.90
C ARG A 25 -20.36 8.17 10.19
N PHE A 26 -19.69 7.23 10.85
CA PHE A 26 -18.29 7.40 11.18
C PHE A 26 -17.41 6.56 10.24
N GLU A 27 -16.19 7.00 10.03
CA GLU A 27 -15.26 6.29 9.16
C GLU A 27 -13.87 6.19 9.80
N ASP A 28 -13.16 5.12 9.45
CA ASP A 28 -11.82 4.90 10.00
C ASP A 28 -10.77 4.98 8.90
N VAL A 29 -9.78 5.83 9.10
CA VAL A 29 -8.71 6.00 8.12
C VAL A 29 -7.44 5.28 8.56
N ARG A 30 -7.09 4.21 7.86
CA ARG A 30 -5.91 3.44 8.20
C ARG A 30 -4.65 4.28 8.00
N VAL A 31 -3.82 4.34 9.04
CA VAL A 31 -2.58 5.11 8.99
C VAL A 31 -1.39 4.24 9.37
N VAL A 32 -0.56 3.91 8.38
CA VAL A 32 0.63 3.09 8.63
C VAL A 32 1.85 3.67 7.93
N GLN A 33 2.94 3.79 8.67
CA GLN A 33 4.18 4.33 8.11
C GLN A 33 5.33 3.35 8.32
N VAL A 34 5.60 2.54 7.30
CA VAL A 34 6.67 1.56 7.37
C VAL A 34 7.19 1.22 5.98
N VAL A 35 8.52 1.21 5.84
CA VAL A 35 9.14 0.90 4.57
C VAL A 35 10.32 -0.05 4.76
N ALA A 36 10.18 -1.27 4.22
CA ALA A 36 11.24 -2.26 4.34
C ALA A 36 10.71 -3.65 3.98
N GLY A 37 11.57 -4.66 4.09
CA GLY A 37 11.18 -6.02 3.78
C GLY A 37 12.34 -6.79 3.16
N TRP A 38 12.13 -8.08 2.94
CA TRP A 38 13.18 -8.92 2.36
C TRP A 38 13.45 -8.51 0.91
N ARG A 39 14.34 -9.24 0.25
CA ARG A 39 14.68 -8.94 -1.13
C ARG A 39 14.81 -10.22 -1.94
N VAL A 40 14.18 -10.24 -3.12
CA VAL A 40 14.22 -11.40 -3.99
C VAL A 40 15.22 -11.18 -5.13
N SER A 41 15.76 -12.27 -5.65
CA SER A 41 16.71 -12.19 -6.74
C SER A 41 16.04 -12.48 -8.08
N VAL A 42 16.03 -11.49 -8.96
CA VAL A 42 15.40 -11.66 -10.28
C VAL A 42 16.30 -11.08 -11.37
N LYS A 43 16.12 -11.57 -12.60
CA LYS A 43 16.91 -11.10 -13.72
C LYS A 43 16.03 -10.88 -14.95
N ILE A 44 16.12 -9.70 -15.55
CA ILE A 44 15.33 -9.38 -16.73
C ILE A 44 16.20 -8.67 -17.78
N ALA A 45 15.88 -8.90 -19.05
CA ALA A 45 16.62 -8.28 -20.14
C ALA A 45 15.70 -7.44 -21.01
N GLU A 46 15.98 -6.14 -21.08
CA GLU A 46 15.18 -5.22 -21.88
C GLU A 46 15.89 -4.88 -23.18
N THR A 47 15.11 -4.70 -24.25
CA THR A 47 15.68 -4.37 -25.55
C THR A 47 15.46 -2.89 -25.87
N GLU A 48 15.89 -2.47 -27.05
CA GLU A 48 15.73 -1.08 -27.46
C GLU A 48 14.32 -0.83 -27.95
N GLU A 49 13.37 -1.62 -27.45
CA GLU A 49 11.97 -1.48 -27.83
C GLU A 49 11.08 -1.48 -26.60
N GLY A 50 11.67 -1.25 -25.44
CA GLY A 50 10.91 -1.22 -24.19
C GLY A 50 10.15 -2.53 -23.98
N GLU A 51 10.62 -3.60 -24.63
CA GLU A 51 9.97 -4.89 -24.50
C GLU A 51 10.78 -5.81 -23.61
N VAL A 52 10.09 -6.75 -22.95
CA VAL A 52 10.76 -7.69 -22.06
C VAL A 52 10.80 -9.08 -22.69
N VAL A 53 12.01 -9.58 -22.91
CA VAL A 53 12.19 -10.90 -23.50
C VAL A 53 11.73 -11.98 -22.51
N THR A 54 12.69 -12.60 -21.83
CA THR A 54 12.37 -13.66 -20.87
C THR A 54 12.84 -13.27 -19.47
N VAL A 55 11.99 -13.49 -18.47
CA VAL A 55 12.33 -13.16 -17.10
C VAL A 55 12.72 -14.42 -16.33
N LYS A 56 13.92 -14.41 -15.75
CA LYS A 56 14.40 -15.56 -14.99
C LYS A 56 14.31 -15.27 -13.49
N ALA A 57 13.89 -16.28 -12.73
CA ALA A 57 13.77 -16.13 -11.28
C ALA A 57 14.24 -17.40 -10.57
N GLU A 58 14.80 -17.22 -9.38
CA GLU A 58 15.30 -18.35 -8.61
C GLU A 58 14.13 -19.13 -7.99
N PHE A 59 13.94 -20.36 -8.44
CA PHE A 59 12.87 -21.19 -7.92
C PHE A 59 13.12 -21.56 -6.46
N ASP A 60 14.37 -21.39 -6.02
CA ASP A 60 14.73 -21.70 -4.65
C ASP A 60 14.12 -20.70 -3.68
N GLU A 61 14.56 -19.44 -3.79
CA GLU A 61 14.05 -18.39 -2.92
C GLU A 61 12.52 -18.30 -3.02
N CYS A 62 11.99 -18.72 -4.15
CA CYS A 62 10.54 -18.67 -4.36
C CYS A 62 9.85 -19.75 -3.54
N ARG A 63 10.41 -20.96 -3.56
CA ARG A 63 9.84 -22.08 -2.81
C ARG A 63 10.10 -21.90 -1.32
N GLU A 64 11.36 -21.69 -0.96
CA GLU A 64 11.73 -21.52 0.43
C GLU A 64 10.76 -20.57 1.13
N ILE A 65 10.67 -19.35 0.63
CA ILE A 65 9.77 -18.35 1.22
C ILE A 65 8.33 -18.83 1.15
N GLY A 66 8.01 -19.61 0.12
CA GLY A 66 6.67 -20.13 -0.05
C GLY A 66 6.18 -20.82 1.23
N GLU A 67 7.13 -21.22 2.07
CA GLU A 67 6.79 -21.89 3.32
C GLU A 67 6.48 -20.87 4.41
N GLU A 68 7.05 -19.68 4.28
CA GLU A 68 6.82 -18.62 5.26
C GLU A 68 5.40 -18.10 5.18
N THR A 69 4.82 -18.16 3.98
CA THR A 69 3.45 -17.69 3.78
C THR A 69 2.46 -18.82 4.02
N GLY A 70 2.70 -19.97 3.38
CA GLY A 70 1.81 -21.11 3.54
C GLY A 70 0.80 -21.22 2.41
N ILE A 71 1.17 -20.73 1.22
CA ILE A 71 0.28 -20.78 0.07
C ILE A 71 0.98 -21.45 -1.11
N PRO A 72 0.22 -22.01 -2.04
CA PRO A 72 0.79 -22.70 -3.23
C PRO A 72 2.07 -22.03 -3.74
N PRO A 73 3.22 -22.55 -3.42
CA PRO A 73 4.52 -21.97 -3.87
C PRO A 73 4.55 -21.72 -5.38
N ARG A 74 3.57 -22.29 -6.07
CA ARG A 74 3.48 -22.13 -7.53
C ARG A 74 3.06 -20.71 -7.89
N GLU A 75 2.06 -20.19 -7.19
CA GLU A 75 1.57 -18.84 -7.44
C GLU A 75 2.64 -17.81 -7.08
N VAL A 76 3.24 -17.97 -5.91
CA VAL A 76 4.29 -17.05 -5.46
C VAL A 76 5.29 -16.80 -6.58
N LYS A 77 5.80 -17.88 -7.17
CA LYS A 77 6.77 -17.76 -8.25
C LYS A 77 6.25 -16.84 -9.35
N ALA A 78 5.06 -17.15 -9.86
CA ALA A 78 4.46 -16.35 -10.92
C ALA A 78 4.13 -14.94 -10.40
N MET A 79 4.02 -14.81 -9.09
CA MET A 79 3.72 -13.53 -8.48
C MET A 79 4.92 -12.59 -8.56
N VAL A 80 6.10 -13.12 -8.27
CA VAL A 80 7.32 -12.33 -8.32
C VAL A 80 7.59 -11.82 -9.74
N GLU A 81 7.65 -12.75 -10.68
CA GLU A 81 7.90 -12.38 -12.08
C GLU A 81 7.06 -11.17 -12.46
N ALA A 82 5.75 -11.27 -12.27
CA ALA A 82 4.85 -10.16 -12.60
C ALA A 82 5.41 -8.85 -12.07
N ALA A 83 5.91 -8.87 -10.85
CA ALA A 83 6.48 -7.67 -10.23
C ALA A 83 7.70 -7.20 -11.02
N ALA A 84 8.69 -8.08 -11.14
CA ALA A 84 9.91 -7.74 -11.88
C ALA A 84 9.57 -7.08 -13.21
N ARG A 85 8.37 -7.35 -13.70
CA ARG A 85 7.94 -6.77 -14.98
C ARG A 85 7.64 -5.29 -14.80
N VAL A 86 6.89 -4.96 -13.75
CA VAL A 86 6.54 -3.57 -13.49
C VAL A 86 7.41 -2.99 -12.38
N GLY A 87 8.39 -3.77 -11.95
CA GLY A 87 9.30 -3.34 -10.88
C GLY A 87 8.53 -2.64 -9.77
N GLY A 88 7.97 -3.43 -8.87
CA GLY A 88 7.20 -2.86 -7.75
C GLY A 88 7.33 -3.75 -6.51
N TRP A 89 6.43 -3.53 -5.54
CA TRP A 89 6.44 -4.30 -4.31
C TRP A 89 5.16 -5.11 -4.17
N VAL A 90 5.15 -6.03 -3.21
CA VAL A 90 3.98 -6.87 -2.98
C VAL A 90 3.63 -6.90 -1.49
N ASP A 91 2.34 -6.98 -1.19
CA ASP A 91 1.88 -7.00 0.18
C ASP A 91 0.81 -8.08 0.37
N LEU A 92 1.14 -9.12 1.14
CA LEU A 92 0.22 -10.20 1.39
C LEU A 92 -0.91 -9.76 2.32
N LYS A 93 -0.62 -8.74 3.12
CA LYS A 93 -1.62 -8.22 4.07
C LYS A 93 -2.92 -7.91 3.35
N GLU A 94 -2.90 -7.97 2.03
CA GLU A 94 -4.08 -7.69 1.23
C GLU A 94 -3.82 -7.94 -0.25
N ARG A 95 -2.76 -8.69 -0.53
CA ARG A 95 -2.41 -9.00 -1.92
C ARG A 95 -2.52 -7.75 -2.79
N GLU A 96 -1.46 -6.95 -2.80
CA GLU A 96 -1.46 -5.72 -3.60
C GLU A 96 -0.09 -5.53 -4.26
N ILE A 97 -0.12 -5.25 -5.57
CA ILE A 97 1.11 -5.04 -6.31
C ILE A 97 1.08 -3.69 -7.03
N LYS A 98 2.17 -2.94 -6.90
CA LYS A 98 2.26 -1.62 -7.54
C LYS A 98 3.71 -1.15 -7.59
N VAL A 99 4.01 -0.30 -8.57
CA VAL A 99 5.36 0.22 -8.73
C VAL A 99 5.85 0.85 -7.42
N GLN A 100 7.14 0.75 -7.18
CA GLN A 100 7.73 1.32 -5.96
C GLN A 100 9.25 1.27 -6.03
N VAL B 22 21.71 -3.98 -25.12
CA VAL B 22 20.73 -4.82 -24.45
C VAL B 22 20.70 -4.53 -22.95
N PRO B 23 20.07 -3.45 -22.55
CA PRO B 23 19.97 -3.06 -21.12
C PRO B 23 19.49 -4.22 -20.24
N SER B 24 20.40 -4.74 -19.41
CA SER B 24 20.07 -5.85 -18.52
C SER B 24 20.54 -5.56 -17.11
N ARG B 25 19.70 -5.88 -16.12
CA ARG B 25 20.05 -5.64 -14.73
C ARG B 25 19.14 -6.44 -13.80
N PHE B 26 19.68 -6.87 -12.67
CA PHE B 26 18.91 -7.65 -11.71
C PHE B 26 18.01 -6.73 -10.88
N GLU B 27 16.85 -7.24 -10.50
CA GLU B 27 15.91 -6.46 -9.69
C GLU B 27 15.81 -7.02 -8.27
N ASP B 28 15.19 -6.25 -7.38
CA ASP B 28 15.04 -6.68 -6.00
C ASP B 28 13.64 -6.38 -5.49
N VAL B 29 12.72 -7.31 -5.68
CA VAL B 29 11.35 -7.13 -5.24
C VAL B 29 11.26 -7.27 -3.72
N ARG B 30 10.61 -6.31 -3.06
CA ARG B 30 10.46 -6.35 -1.62
C ARG B 30 9.13 -6.97 -1.23
N VAL B 31 9.18 -8.03 -0.43
CA VAL B 31 7.97 -8.72 0.01
C VAL B 31 7.69 -8.42 1.48
N VAL B 32 6.46 -8.03 1.77
CA VAL B 32 6.06 -7.72 3.15
C VAL B 32 4.73 -8.36 3.48
N GLN B 33 4.45 -8.50 4.78
CA GLN B 33 3.20 -9.09 5.23
C GLN B 33 2.86 -8.64 6.65
N VAL B 34 2.06 -7.60 6.76
CA VAL B 34 1.67 -7.08 8.07
C VAL B 34 0.33 -6.36 8.00
N VAL B 35 -0.52 -6.60 8.99
CA VAL B 35 -1.84 -5.97 9.02
C VAL B 35 -2.09 -5.34 10.38
N ALA B 36 -2.23 -4.01 10.40
CA ALA B 36 -2.46 -3.30 11.64
C ALA B 36 -2.22 -1.80 11.46
N GLY B 37 -2.45 -1.04 12.52
CA GLY B 37 -2.24 0.41 12.46
C GLY B 37 -3.37 1.15 13.17
N TRP B 38 -3.13 2.40 13.54
CA TRP B 38 -4.13 3.21 14.22
C TRP B 38 -5.26 3.57 13.25
N ARG B 39 -6.26 4.28 13.77
CA ARG B 39 -7.40 4.68 12.95
C ARG B 39 -7.99 6.00 13.46
N VAL B 40 -8.21 6.93 12.55
CA VAL B 40 -8.77 8.23 12.92
C VAL B 40 -10.30 8.16 12.93
N SER B 41 -10.92 8.99 13.76
CA SER B 41 -12.37 9.01 13.86
C SER B 41 -12.94 10.20 13.09
N VAL B 42 -13.67 9.91 12.01
CA VAL B 42 -14.26 10.97 11.20
C VAL B 42 -15.76 11.08 11.48
N LYS B 43 -16.32 12.25 11.20
CA LYS B 43 -17.75 12.49 11.42
C LYS B 43 -18.42 12.96 10.13
N ILE B 44 -19.42 12.22 9.69
CA ILE B 44 -20.14 12.57 8.47
C ILE B 44 -21.65 12.56 8.72
N ALA B 45 -22.29 13.69 8.49
CA ALA B 45 -23.73 13.80 8.70
C ALA B 45 -24.49 13.43 7.42
N GLU B 46 -25.47 12.55 7.56
CA GLU B 46 -26.27 12.12 6.42
C GLU B 46 -27.76 12.16 6.76
N THR B 47 -28.57 12.57 5.79
CA THR B 47 -30.01 12.65 6.01
C THR B 47 -30.71 11.42 5.43
N GLU B 48 -32.03 11.40 5.52
CA GLU B 48 -32.81 10.27 5.02
C GLU B 48 -33.02 10.41 3.51
N GLU B 49 -32.17 11.20 2.87
CA GLU B 49 -32.26 11.42 1.43
C GLU B 49 -30.99 10.95 0.74
N GLY B 50 -30.07 10.40 1.51
CA GLY B 50 -28.80 9.92 0.96
C GLY B 50 -27.89 11.07 0.58
N GLU B 51 -28.17 12.25 1.14
CA GLU B 51 -27.36 13.44 0.85
C GLU B 51 -26.36 13.68 1.97
N VAL B 52 -25.12 13.97 1.59
CA VAL B 52 -24.07 14.22 2.57
C VAL B 52 -23.71 15.71 2.59
N VAL B 53 -23.76 16.29 3.79
CA VAL B 53 -23.45 17.71 3.95
C VAL B 53 -21.94 17.94 3.81
N THR B 54 -21.25 18.02 4.94
CA THR B 54 -19.80 18.24 4.92
C THR B 54 -19.11 17.37 5.97
N VAL B 55 -17.89 16.94 5.67
CA VAL B 55 -17.14 16.11 6.60
C VAL B 55 -16.23 16.96 7.47
N LYS B 56 -16.11 16.58 8.73
CA LYS B 56 -15.26 17.31 9.67
C LYS B 56 -14.37 16.34 10.46
N ALA B 57 -13.16 16.14 9.96
CA ALA B 57 -12.21 15.24 10.62
C ALA B 57 -11.77 15.82 11.96
N GLU B 58 -11.95 15.04 13.02
CA GLU B 58 -11.56 15.48 14.35
C GLU B 58 -10.15 16.08 14.34
N PHE B 59 -10.08 17.40 14.27
CA PHE B 59 -8.79 18.09 14.25
C PHE B 59 -7.95 17.69 15.46
N ASP B 60 -8.61 17.15 16.48
CA ASP B 60 -7.92 16.73 17.70
C ASP B 60 -6.87 15.68 17.37
N GLU B 61 -7.33 14.51 16.90
CA GLU B 61 -6.42 13.43 16.56
C GLU B 61 -5.41 13.88 15.52
N CYS B 62 -5.87 14.70 14.57
CA CYS B 62 -4.99 15.20 13.52
C CYS B 62 -3.80 15.93 14.12
N ARG B 63 -4.06 16.76 15.12
CA ARG B 63 -3.00 17.51 15.77
C ARG B 63 -2.05 16.58 16.50
N GLU B 64 -2.60 15.56 17.16
CA GLU B 64 -1.79 14.60 17.90
C GLU B 64 -1.01 13.72 16.93
N ILE B 65 -1.54 13.55 15.73
CA ILE B 65 -0.89 12.72 14.72
C ILE B 65 0.28 13.48 14.09
N GLY B 66 0.18 14.80 14.05
CA GLY B 66 1.23 15.62 13.48
C GLY B 66 2.57 15.33 14.15
N GLU B 67 2.53 14.80 15.36
CA GLU B 67 3.74 14.48 16.10
C GLU B 67 4.35 13.20 15.58
N GLU B 68 3.52 12.33 15.00
CA GLU B 68 3.99 11.06 14.47
C GLU B 68 4.51 11.24 13.04
N THR B 69 3.95 12.20 12.34
CA THR B 69 4.36 12.47 10.96
C THR B 69 5.49 13.49 10.93
N GLY B 70 5.31 14.59 11.64
CA GLY B 70 6.32 15.64 11.69
C GLY B 70 5.93 16.81 10.80
N ILE B 71 5.14 16.53 9.78
CA ILE B 71 4.70 17.58 8.86
C ILE B 71 3.62 18.44 9.51
N PRO B 72 3.46 19.66 9.06
CA PRO B 72 2.43 20.58 9.62
C PRO B 72 1.13 19.85 9.96
N PRO B 73 0.32 20.39 10.83
CA PRO B 73 -0.97 19.76 11.23
C PRO B 73 -2.02 19.84 10.11
N ARG B 74 -2.33 21.07 9.69
CA ARG B 74 -3.31 21.27 8.63
C ARG B 74 -3.07 20.29 7.49
N GLU B 75 -1.83 20.18 7.05
CA GLU B 75 -1.48 19.27 5.96
C GLU B 75 -2.10 17.89 6.20
N VAL B 76 -2.28 17.54 7.47
CA VAL B 76 -2.86 16.26 7.82
C VAL B 76 -4.38 16.30 7.71
N LYS B 77 -4.97 17.39 8.20
CA LYS B 77 -6.43 17.54 8.15
C LYS B 77 -6.96 17.18 6.77
N ALA B 78 -6.42 17.81 5.74
CA ALA B 78 -6.85 17.54 4.38
C ALA B 78 -6.55 16.10 4.00
N MET B 79 -5.27 15.73 4.07
CA MET B 79 -4.85 14.37 3.74
C MET B 79 -5.81 13.35 4.35
N VAL B 80 -6.24 13.61 5.58
CA VAL B 80 -7.15 12.72 6.27
C VAL B 80 -8.56 12.82 5.70
N GLU B 81 -9.02 14.06 5.50
CA GLU B 81 -10.35 14.28 4.95
C GLU B 81 -10.47 13.66 3.56
N ALA B 82 -9.46 13.85 2.73
CA ALA B 82 -9.46 13.31 1.38
C ALA B 82 -9.74 11.81 1.41
N ALA B 83 -9.04 11.10 2.30
CA ALA B 83 -9.22 9.67 2.43
C ALA B 83 -10.68 9.33 2.70
N ALA B 84 -11.18 9.80 3.84
CA ALA B 84 -12.57 9.53 4.22
C ALA B 84 -13.50 9.76 3.02
N ARG B 85 -13.03 10.50 2.03
CA ARG B 85 -13.83 10.79 0.86
C ARG B 85 -13.84 9.60 -0.10
N VAL B 86 -12.68 8.99 -0.31
CA VAL B 86 -12.58 7.84 -1.21
C VAL B 86 -12.56 6.53 -0.42
N GLY B 87 -12.46 6.64 0.90
CA GLY B 87 -12.43 5.45 1.75
C GLY B 87 -11.80 5.78 3.11
N GLY B 88 -10.50 5.55 3.23
CA GLY B 88 -9.80 5.83 4.49
C GLY B 88 -8.49 5.06 4.61
N TRP B 89 -7.48 5.47 3.84
CA TRP B 89 -6.18 4.81 3.90
C TRP B 89 -5.06 5.84 3.77
N VAL B 90 -4.03 5.70 4.59
CA VAL B 90 -2.91 6.63 4.56
C VAL B 90 -1.59 5.88 4.67
N ASP B 91 -0.65 6.24 3.80
CA ASP B 91 0.67 5.60 3.81
C ASP B 91 1.76 6.65 3.68
N LEU B 92 2.55 6.81 4.74
CA LEU B 92 3.63 7.79 4.73
C LEU B 92 4.91 7.17 4.20
N LYS B 93 4.96 5.84 4.20
CA LYS B 93 6.14 5.13 3.71
C LYS B 93 6.55 5.68 2.34
N GLU B 94 5.63 6.37 1.69
CA GLU B 94 5.91 6.94 0.38
C GLU B 94 4.86 7.97 0.00
N ARG B 95 4.07 8.39 0.99
CA ARG B 95 3.01 9.37 0.76
C ARG B 95 2.05 8.87 -0.30
N GLU B 96 1.04 8.12 0.12
CA GLU B 96 0.04 7.60 -0.80
C GLU B 96 -1.34 7.58 -0.15
N ILE B 97 -2.37 7.36 -0.96
CA ILE B 97 -3.74 7.32 -0.47
C ILE B 97 -4.50 6.14 -1.08
N LYS B 98 -5.22 5.41 -0.23
CA LYS B 98 -5.99 4.25 -0.71
C LYS B 98 -7.34 4.18 -0.02
N VAL B 99 -8.16 3.23 -0.46
CA VAL B 99 -9.50 3.05 0.12
C VAL B 99 -9.55 1.75 0.94
N GLN B 100 -10.30 1.79 2.03
CA GLN B 100 -10.43 0.62 2.89
C GLN B 100 -11.77 -0.06 2.66
N VAL A 22 -31.44 9.31 14.78
CA VAL A 22 -30.41 10.27 14.43
C VAL A 22 -29.03 9.72 14.83
N PRO A 23 -28.48 8.84 14.04
CA PRO A 23 -27.14 8.23 14.32
C PRO A 23 -26.07 9.30 14.55
N SER A 24 -25.13 9.00 15.45
CA SER A 24 -24.06 9.93 15.77
C SER A 24 -22.95 9.22 16.53
N ARG A 25 -21.78 9.13 15.93
CA ARG A 25 -20.65 8.47 16.56
C ARG A 25 -19.36 8.75 15.78
N PHE A 26 -18.23 8.65 16.47
CA PHE A 26 -16.94 8.90 15.83
C PHE A 26 -16.52 7.70 14.97
N GLU A 27 -15.98 7.99 13.80
CA GLU A 27 -15.55 6.93 12.88
C GLU A 27 -14.03 6.90 12.79
N ASP A 28 -13.45 5.73 12.98
CA ASP A 28 -11.99 5.57 12.92
C ASP A 28 -11.55 5.30 11.49
N VAL A 29 -10.77 6.22 10.93
CA VAL A 29 -10.28 6.08 9.57
C VAL A 29 -9.01 5.21 9.55
N ARG A 30 -8.90 4.36 8.53
CA ARG A 30 -7.74 3.49 8.41
C ARG A 30 -6.63 4.19 7.63
N VAL A 31 -5.46 4.29 8.25
CA VAL A 31 -4.31 4.93 7.62
C VAL A 31 -3.05 4.13 7.90
N VAL A 32 -2.32 3.79 6.83
CA VAL A 32 -1.08 3.02 6.99
C VAL A 32 0.06 3.69 6.22
N GLN A 33 1.28 3.22 6.47
CA GLN A 33 2.46 3.77 5.80
C GLN A 33 3.23 2.66 5.09
N VAL A 34 3.56 2.89 3.83
CA VAL A 34 4.30 1.90 3.05
C VAL A 34 5.79 1.97 3.38
N VAL A 35 6.32 0.86 3.89
CA VAL A 35 7.74 0.80 4.25
C VAL A 35 8.35 -0.52 3.78
N ALA A 36 9.60 -0.46 3.34
CA ALA A 36 10.30 -1.64 2.87
C ALA A 36 10.05 -2.82 3.80
N GLY A 37 10.31 -4.03 3.31
CA GLY A 37 10.11 -5.23 4.11
C GLY A 37 10.91 -6.39 3.54
N TRP A 38 10.22 -7.32 2.89
CA TRP A 38 10.89 -8.48 2.29
C TRP A 38 11.51 -8.12 0.95
N ARG A 39 12.47 -8.93 0.52
CA ARG A 39 13.13 -8.69 -0.76
C ARG A 39 13.37 -9.99 -1.51
N VAL A 40 12.87 -10.07 -2.73
CA VAL A 40 13.02 -11.26 -3.55
C VAL A 40 14.14 -11.07 -4.57
N SER A 41 14.83 -12.16 -4.89
CA SER A 41 15.93 -12.10 -5.85
C SER A 41 15.44 -12.50 -7.24
N VAL A 42 15.82 -11.70 -8.24
CA VAL A 42 15.42 -11.98 -9.61
C VAL A 42 16.58 -11.75 -10.57
N LYS A 43 16.84 -12.72 -11.43
CA LYS A 43 17.93 -12.61 -12.40
C LYS A 43 17.39 -12.30 -13.78
N ILE A 44 17.91 -11.24 -14.40
CA ILE A 44 17.48 -10.82 -15.72
C ILE A 44 18.66 -10.79 -16.69
N ALA A 45 18.45 -11.27 -17.91
CA ALA A 45 19.51 -11.29 -18.91
C ALA A 45 19.36 -10.11 -19.87
N GLU A 46 20.17 -9.07 -19.65
CA GLU A 46 20.12 -7.90 -20.50
C GLU A 46 21.30 -7.89 -21.48
N THR A 47 21.02 -7.58 -22.74
CA THR A 47 22.06 -7.55 -23.75
C THR A 47 22.67 -6.16 -23.85
N GLU A 48 23.64 -6.00 -24.75
CA GLU A 48 24.29 -4.71 -24.94
C GLU A 48 23.40 -3.75 -25.72
N GLU A 49 22.14 -4.15 -25.89
CA GLU A 49 21.18 -3.34 -26.63
C GLU A 49 20.10 -2.80 -25.68
N GLY A 50 20.04 -3.37 -24.48
CA GLY A 50 19.05 -2.94 -23.50
C GLY A 50 17.76 -3.75 -23.63
N GLU A 51 17.87 -4.94 -24.20
CA GLU A 51 16.71 -5.80 -24.39
C GLU A 51 16.72 -6.94 -23.36
N VAL A 52 15.53 -7.47 -23.08
CA VAL A 52 15.41 -8.56 -22.11
C VAL A 52 14.82 -9.80 -22.78
N VAL A 53 15.68 -10.70 -23.23
CA VAL A 53 15.23 -11.92 -23.89
C VAL A 53 14.19 -12.63 -23.05
N THR A 54 14.55 -12.96 -21.82
CA THR A 54 13.62 -13.65 -20.91
C THR A 54 13.92 -13.30 -19.46
N VAL A 55 12.98 -13.58 -18.59
CA VAL A 55 13.14 -13.30 -17.16
C VAL A 55 12.83 -14.53 -16.33
N LYS A 56 13.64 -14.78 -15.31
CA LYS A 56 13.45 -15.93 -14.44
C LYS A 56 13.54 -15.53 -12.97
N ALA A 57 12.52 -15.87 -12.20
CA ALA A 57 12.49 -15.54 -10.78
C ALA A 57 12.74 -16.79 -9.94
N GLU A 58 13.73 -16.71 -9.06
CA GLU A 58 14.07 -17.84 -8.19
C GLU A 58 12.80 -18.47 -7.62
N PHE A 59 12.50 -19.69 -8.07
CA PHE A 59 11.32 -20.39 -7.59
C PHE A 59 11.52 -20.88 -6.17
N ASP A 60 12.79 -20.95 -5.75
CA ASP A 60 13.12 -21.41 -4.41
C ASP A 60 12.57 -20.45 -3.36
N GLU A 61 13.08 -19.22 -3.36
CA GLU A 61 12.64 -18.22 -2.41
C GLU A 61 11.13 -17.98 -2.53
N CYS A 62 10.62 -18.13 -3.75
CA CYS A 62 9.20 -17.94 -4.00
C CYS A 62 8.39 -19.14 -3.52
N ARG A 63 9.08 -20.27 -3.36
CA ARG A 63 8.42 -21.49 -2.91
C ARG A 63 8.26 -21.48 -1.39
N GLU A 64 9.22 -20.88 -0.70
CA GLU A 64 9.18 -20.81 0.76
C GLU A 64 8.28 -19.66 1.21
N ILE A 65 8.15 -18.64 0.36
CA ILE A 65 7.32 -17.49 0.69
C ILE A 65 5.86 -17.78 0.39
N GLY A 66 5.63 -18.76 -0.49
CA GLY A 66 4.27 -19.12 -0.87
C GLY A 66 3.42 -19.42 0.36
N GLU A 67 4.04 -20.01 1.37
CA GLU A 67 3.33 -20.34 2.60
C GLU A 67 3.04 -19.09 3.42
N GLU A 68 4.07 -18.29 3.67
CA GLU A 68 3.92 -17.07 4.45
C GLU A 68 2.98 -16.10 3.74
N THR A 69 2.62 -16.43 2.50
CA THR A 69 1.72 -15.58 1.71
C THR A 69 0.31 -16.15 1.72
N GLY A 70 0.21 -17.48 1.66
CA GLY A 70 -1.09 -18.14 1.66
C GLY A 70 -1.47 -18.60 0.26
N ILE A 71 -0.94 -17.91 -0.75
CA ILE A 71 -1.25 -18.26 -2.13
C ILE A 71 -0.13 -19.14 -2.72
N PRO A 72 -0.44 -19.95 -3.70
CA PRO A 72 0.57 -20.85 -4.34
C PRO A 72 1.74 -20.06 -4.92
N PRO A 73 2.83 -20.74 -5.21
CA PRO A 73 4.04 -20.09 -5.80
C PRO A 73 3.82 -19.59 -7.22
N ARG A 74 3.22 -20.44 -8.05
CA ARG A 74 2.94 -20.07 -9.43
C ARG A 74 2.29 -18.70 -9.51
N GLU A 75 1.46 -18.38 -8.51
CA GLU A 75 0.78 -17.10 -8.49
C GLU A 75 1.76 -15.98 -8.11
N VAL A 76 2.49 -16.18 -7.02
CA VAL A 76 3.45 -15.19 -6.56
C VAL A 76 4.52 -14.95 -7.62
N LYS A 77 4.94 -16.03 -8.28
CA LYS A 77 5.96 -15.93 -9.31
C LYS A 77 5.52 -14.97 -10.41
N ALA A 78 4.27 -15.10 -10.85
CA ALA A 78 3.73 -14.23 -11.88
C ALA A 78 3.60 -12.80 -11.38
N MET A 79 3.47 -12.65 -10.06
CA MET A 79 3.33 -11.33 -9.46
C MET A 79 4.67 -10.63 -9.38
N VAL A 80 5.65 -11.29 -8.77
CA VAL A 80 6.99 -10.72 -8.64
C VAL A 80 7.68 -10.65 -9.99
N GLU A 81 7.23 -11.48 -10.92
CA GLU A 81 7.82 -11.50 -12.26
C GLU A 81 7.55 -10.19 -12.99
N ALA A 82 6.28 -9.90 -13.21
CA ALA A 82 5.90 -8.67 -13.90
C ALA A 82 6.52 -7.46 -13.20
N ALA A 83 6.70 -7.56 -11.89
CA ALA A 83 7.28 -6.46 -11.13
C ALA A 83 8.70 -6.18 -11.59
N ALA A 84 9.59 -7.16 -11.41
CA ALA A 84 10.97 -7.00 -11.82
C ALA A 84 11.07 -6.34 -13.19
N ARG A 85 10.05 -6.56 -14.01
CA ARG A 85 10.03 -5.99 -15.35
C ARG A 85 9.86 -4.47 -15.28
N VAL A 86 8.97 -4.02 -14.41
CA VAL A 86 8.71 -2.59 -14.26
C VAL A 86 9.41 -2.04 -13.02
N GLY A 87 10.07 -2.93 -12.29
CA GLY A 87 10.78 -2.53 -11.07
C GLY A 87 9.94 -1.54 -10.26
N GLY A 88 9.20 -2.06 -9.29
CA GLY A 88 8.36 -1.22 -8.45
C GLY A 88 8.05 -1.91 -7.12
N TRP A 89 6.87 -1.63 -6.58
CA TRP A 89 6.46 -2.22 -5.32
C TRP A 89 5.12 -2.96 -5.48
N VAL A 90 4.82 -3.83 -4.53
CA VAL A 90 3.57 -4.59 -4.58
C VAL A 90 3.01 -4.80 -3.18
N ASP A 91 1.71 -4.56 -3.03
CA ASP A 91 1.06 -4.73 -1.73
C ASP A 91 0.24 -6.02 -1.72
N LEU A 92 0.68 -6.98 -0.90
CA LEU A 92 -0.01 -8.26 -0.82
C LEU A 92 -1.36 -8.08 -0.14
N LYS A 93 -1.45 -7.10 0.75
CA LYS A 93 -2.70 -6.82 1.45
C LYS A 93 -3.74 -6.24 0.50
N GLU A 94 -3.45 -6.29 -0.79
CA GLU A 94 -4.37 -5.77 -1.80
C GLU A 94 -3.97 -6.25 -3.18
N ARG A 95 -2.92 -7.06 -3.25
CA ARG A 95 -2.44 -7.58 -4.53
C ARG A 95 -2.47 -6.48 -5.60
N GLU A 96 -1.82 -5.37 -5.31
CA GLU A 96 -1.77 -4.25 -6.25
C GLU A 96 -0.35 -4.04 -6.76
N ILE A 97 -0.24 -3.58 -8.01
CA ILE A 97 1.07 -3.33 -8.61
C ILE A 97 1.18 -1.88 -9.06
N LYS A 98 2.10 -1.14 -8.45
CA LYS A 98 2.30 0.27 -8.79
C LYS A 98 3.78 0.62 -8.73
N VAL A 99 4.21 1.48 -9.66
CA VAL A 99 5.60 1.90 -9.71
C VAL A 99 5.79 3.21 -8.95
N GLN A 100 7.01 3.44 -8.48
CA GLN A 100 7.31 4.66 -7.74
C GLN A 100 6.76 5.89 -8.48
N VAL B 22 26.79 -11.52 -22.34
CA VAL B 22 25.48 -10.94 -22.02
C VAL B 22 25.41 -10.57 -20.54
N PRO B 23 25.99 -9.44 -20.18
CA PRO B 23 25.98 -8.96 -18.77
C PRO B 23 24.58 -8.93 -18.18
N SER B 24 24.27 -9.90 -17.35
CA SER B 24 22.95 -9.98 -16.72
C SER B 24 22.76 -8.84 -15.73
N ARG B 25 21.73 -8.94 -14.89
CA ARG B 25 21.46 -7.91 -13.90
C ARG B 25 20.47 -8.42 -12.86
N PHE B 26 20.85 -8.34 -11.59
CA PHE B 26 19.98 -8.79 -10.51
C PHE B 26 19.05 -7.66 -10.06
N GLU B 27 17.89 -8.04 -9.55
CA GLU B 27 16.91 -7.05 -9.10
C GLU B 27 16.31 -7.47 -7.76
N ASP B 28 16.10 -6.50 -6.88
CA ASP B 28 15.53 -6.77 -5.56
C ASP B 28 14.12 -6.21 -5.46
N VAL B 29 13.14 -7.00 -5.92
CA VAL B 29 11.75 -6.57 -5.88
C VAL B 29 11.29 -6.35 -4.45
N ARG B 30 10.62 -5.23 -4.20
CA ARG B 30 10.14 -4.91 -2.87
C ARG B 30 8.68 -5.33 -2.71
N VAL B 31 8.42 -6.14 -1.70
CA VAL B 31 7.06 -6.62 -1.44
C VAL B 31 6.63 -6.23 -0.02
N VAL B 32 5.76 -5.23 0.06
CA VAL B 32 5.27 -4.77 1.36
C VAL B 32 3.95 -5.44 1.71
N GLN B 33 3.84 -5.92 2.95
CA GLN B 33 2.62 -6.59 3.40
C GLN B 33 2.31 -6.21 4.84
N VAL B 34 1.46 -5.20 5.01
CA VAL B 34 1.11 -4.74 6.36
C VAL B 34 -0.39 -4.47 6.44
N VAL B 35 -0.95 -4.66 7.63
CA VAL B 35 -2.38 -4.42 7.85
C VAL B 35 -2.60 -3.35 8.92
N ALA B 36 -3.42 -2.36 8.60
CA ALA B 36 -3.70 -1.29 9.54
C ALA B 36 -2.40 -0.68 10.07
N GLY B 37 -2.54 0.28 10.99
CA GLY B 37 -1.38 0.94 11.56
C GLY B 37 -1.82 2.08 12.49
N TRP B 38 -2.10 3.23 11.89
CA TRP B 38 -2.52 4.39 12.66
C TRP B 38 -4.04 4.41 12.82
N ARG B 39 -4.54 5.24 13.73
CA ARG B 39 -5.98 5.33 13.96
C ARG B 39 -6.36 6.73 14.41
N VAL B 40 -7.09 7.45 13.54
CA VAL B 40 -7.52 8.80 13.86
C VAL B 40 -9.01 8.83 14.17
N SER B 41 -9.43 9.83 14.93
CA SER B 41 -10.84 9.96 15.31
C SER B 41 -11.51 11.04 14.46
N VAL B 42 -12.75 10.78 14.05
CA VAL B 42 -13.49 11.74 13.25
C VAL B 42 -14.97 11.75 13.65
N LYS B 43 -15.44 12.89 14.11
CA LYS B 43 -16.84 13.02 14.52
C LYS B 43 -17.72 13.31 13.31
N ILE B 44 -18.76 12.50 13.14
CA ILE B 44 -19.68 12.68 12.02
C ILE B 44 -21.13 12.49 12.48
N ALA B 45 -21.98 13.45 12.15
CA ALA B 45 -23.39 13.38 12.52
C ALA B 45 -24.24 12.93 11.34
N GLU B 46 -25.22 12.07 11.60
CA GLU B 46 -26.10 11.57 10.55
C GLU B 46 -27.55 11.64 10.99
N THR B 47 -28.46 11.74 10.03
CA THR B 47 -29.89 11.80 10.32
C THR B 47 -30.66 10.76 9.52
N GLU B 48 -30.79 11.00 8.21
CA GLU B 48 -31.50 10.07 7.34
C GLU B 48 -30.62 8.87 7.01
N GLU B 49 -29.60 8.64 7.83
CA GLU B 49 -28.69 7.53 7.61
C GLU B 49 -28.15 7.55 6.18
N GLY B 50 -28.36 8.68 5.49
CA GLY B 50 -27.89 8.81 4.12
C GLY B 50 -27.29 10.19 3.89
N GLU B 51 -27.85 11.20 4.55
CA GLU B 51 -27.37 12.56 4.41
C GLU B 51 -26.50 12.95 5.61
N VAL B 52 -25.32 13.49 5.34
CA VAL B 52 -24.40 13.90 6.40
C VAL B 52 -24.34 15.42 6.50
N VAL B 53 -24.53 15.93 7.71
CA VAL B 53 -24.48 17.37 7.94
C VAL B 53 -23.08 17.93 7.66
N THR B 54 -22.27 18.04 8.69
CA THR B 54 -20.91 18.55 8.54
C THR B 54 -19.93 17.70 9.34
N VAL B 55 -18.78 17.42 8.73
CA VAL B 55 -17.77 16.61 9.40
C VAL B 55 -16.64 17.49 9.93
N LYS B 56 -16.10 17.13 11.09
CA LYS B 56 -15.02 17.89 11.69
C LYS B 56 -13.89 16.96 12.14
N ALA B 57 -12.82 16.91 11.36
CA ALA B 57 -11.69 16.06 11.69
C ALA B 57 -10.87 16.68 12.81
N GLU B 58 -10.22 15.83 13.60
CA GLU B 58 -9.40 16.29 14.71
C GLU B 58 -8.12 16.92 14.19
N PHE B 59 -7.91 18.19 14.51
CA PHE B 59 -6.72 18.91 14.06
C PHE B 59 -5.53 18.54 14.94
N ASP B 60 -5.80 17.91 16.07
CA ASP B 60 -4.74 17.50 16.99
C ASP B 60 -4.03 16.26 16.47
N GLU B 61 -4.75 15.15 16.39
CA GLU B 61 -4.18 13.90 15.92
C GLU B 61 -3.59 14.08 14.52
N CYS B 62 -4.22 14.93 13.72
CA CYS B 62 -3.76 15.18 12.37
C CYS B 62 -2.43 15.95 12.39
N ARG B 63 -2.33 16.89 13.32
CA ARG B 63 -1.12 17.69 13.44
C ARG B 63 0.05 16.84 13.94
N GLU B 64 -0.20 16.09 15.01
CA GLU B 64 0.83 15.23 15.58
C GLU B 64 1.32 14.22 14.55
N ILE B 65 0.40 13.36 14.10
CA ILE B 65 0.75 12.35 13.11
C ILE B 65 1.41 12.99 11.89
N GLY B 66 1.19 14.28 11.71
CA GLY B 66 1.76 15.00 10.57
C GLY B 66 3.26 15.21 10.76
N GLU B 67 3.71 15.09 12.01
CA GLU B 67 5.14 15.26 12.31
C GLU B 67 5.89 13.95 12.12
N GLU B 68 5.43 12.90 12.79
CA GLU B 68 6.08 11.60 12.69
C GLU B 68 6.18 11.16 11.23
N THR B 69 5.50 11.88 10.35
CA THR B 69 5.52 11.57 8.92
C THR B 69 6.29 12.63 8.15
N GLY B 70 6.04 13.90 8.47
CA GLY B 70 6.71 15.01 7.80
C GLY B 70 5.82 15.66 6.75
N ILE B 71 4.51 15.64 7.00
CA ILE B 71 3.55 16.24 6.07
C ILE B 71 2.66 17.24 6.81
N PRO B 72 2.09 18.20 6.11
CA PRO B 72 1.20 19.22 6.74
C PRO B 72 -0.11 18.61 7.23
N PRO B 73 -0.80 19.29 8.11
CA PRO B 73 -2.11 18.81 8.66
C PRO B 73 -3.23 18.88 7.63
N ARG B 74 -3.35 20.02 6.96
CA ARG B 74 -4.39 20.21 5.96
C ARG B 74 -4.49 18.97 5.05
N GLU B 75 -3.35 18.53 4.53
CA GLU B 75 -3.33 17.36 3.66
C GLU B 75 -4.05 16.19 4.31
N VAL B 76 -3.91 16.08 5.63
CA VAL B 76 -4.55 14.99 6.35
C VAL B 76 -6.00 15.33 6.67
N LYS B 77 -6.24 16.54 7.18
CA LYS B 77 -7.59 16.97 7.51
C LYS B 77 -8.56 16.63 6.40
N ALA B 78 -8.16 16.88 5.15
CA ALA B 78 -9.01 16.60 4.01
C ALA B 78 -8.96 15.13 3.64
N MET B 79 -7.78 14.66 3.26
CA MET B 79 -7.61 13.27 2.86
C MET B 79 -8.29 12.33 3.87
N VAL B 80 -8.11 12.62 5.15
CA VAL B 80 -8.71 11.80 6.20
C VAL B 80 -10.21 12.02 6.28
N GLU B 81 -10.66 13.21 5.91
CA GLU B 81 -12.08 13.53 5.96
C GLU B 81 -12.84 12.75 4.89
N ALA B 82 -12.50 13.00 3.63
CA ALA B 82 -13.15 12.31 2.52
C ALA B 82 -13.16 10.81 2.77
N ALA B 83 -12.14 10.32 3.46
CA ALA B 83 -12.04 8.90 3.77
C ALA B 83 -13.10 8.50 4.79
N ALA B 84 -13.46 9.43 5.67
CA ALA B 84 -14.47 9.15 6.68
C ALA B 84 -15.85 9.04 6.05
N ARG B 85 -16.00 9.60 4.85
CA ARG B 85 -17.27 9.56 4.15
C ARG B 85 -17.46 8.23 3.43
N VAL B 86 -16.39 7.73 2.84
CA VAL B 86 -16.44 6.46 2.12
C VAL B 86 -15.90 5.32 2.98
N GLY B 87 -15.13 5.68 4.01
CA GLY B 87 -14.55 4.67 4.90
C GLY B 87 -13.81 3.60 4.10
N GLY B 88 -12.52 3.82 3.89
CA GLY B 88 -11.70 2.87 3.15
C GLY B 88 -10.32 2.72 3.76
N TRP B 89 -9.29 2.97 2.96
CA TRP B 89 -7.92 2.86 3.44
C TRP B 89 -6.99 3.77 2.62
N VAL B 90 -6.05 4.41 3.31
CA VAL B 90 -5.12 5.32 2.64
C VAL B 90 -3.67 5.00 3.03
N ASP B 91 -2.75 5.42 2.18
CA ASP B 91 -1.33 5.19 2.43
C ASP B 91 -0.63 6.53 2.69
N LEU B 92 0.11 6.61 3.80
CA LEU B 92 0.81 7.84 4.15
C LEU B 92 2.16 7.93 3.42
N LYS B 93 2.95 6.87 3.53
CA LYS B 93 4.25 6.83 2.88
C LYS B 93 4.09 6.59 1.38
N GLU B 94 2.89 6.79 0.87
CA GLU B 94 2.62 6.58 -0.54
C GLU B 94 1.54 7.54 -1.03
N ARG B 95 0.88 8.21 -0.09
CA ARG B 95 -0.18 9.15 -0.43
C ARG B 95 -1.06 8.59 -1.54
N GLU B 96 -1.68 7.45 -1.28
CA GLU B 96 -2.53 6.80 -2.27
C GLU B 96 -3.86 6.38 -1.63
N ILE B 97 -4.95 6.58 -2.37
CA ILE B 97 -6.27 6.21 -1.86
C ILE B 97 -6.75 4.92 -2.52
N LYS B 98 -7.14 3.96 -1.69
CA LYS B 98 -7.62 2.68 -2.20
C LYS B 98 -8.82 2.20 -1.40
N VAL B 99 -9.36 1.04 -1.78
CA VAL B 99 -10.51 0.46 -1.10
C VAL B 99 -10.24 -0.98 -0.70
N GLN B 100 -10.73 -1.37 0.47
CA GLN B 100 -10.52 -2.73 0.96
C GLN B 100 -11.50 -3.70 0.28
N VAL A 22 -31.28 12.57 10.30
CA VAL A 22 -29.91 13.01 10.49
C VAL A 22 -29.09 11.92 11.19
N PRO A 23 -28.68 10.91 10.47
CA PRO A 23 -27.88 9.79 11.04
C PRO A 23 -26.39 10.13 11.13
N SER A 24 -25.94 10.51 12.31
CA SER A 24 -24.53 10.86 12.51
C SER A 24 -23.80 9.72 13.22
N ARG A 25 -22.61 9.40 12.72
CA ARG A 25 -21.81 8.33 13.30
C ARG A 25 -20.32 8.58 13.07
N PHE A 26 -19.50 8.16 14.02
CA PHE A 26 -18.05 8.35 13.90
C PHE A 26 -17.44 7.25 13.04
N GLU A 27 -16.53 7.65 12.15
CA GLU A 27 -15.87 6.70 11.27
C GLU A 27 -14.40 6.55 11.65
N ASP A 28 -13.96 5.31 11.77
CA ASP A 28 -12.57 5.04 12.14
C ASP A 28 -11.75 4.69 10.90
N VAL A 29 -10.92 5.62 10.45
CA VAL A 29 -10.09 5.39 9.27
C VAL A 29 -8.79 4.68 9.67
N ARG A 30 -8.49 3.59 8.96
CA ARG A 30 -7.28 2.83 9.25
C ARG A 30 -6.08 3.46 8.55
N VAL A 31 -4.98 3.62 9.30
CA VAL A 31 -3.77 4.21 8.75
C VAL A 31 -2.59 3.26 8.96
N VAL A 32 -2.22 2.54 7.92
CA VAL A 32 -1.11 1.60 7.99
C VAL A 32 0.16 2.21 7.40
N GLN A 33 1.00 2.78 8.26
CA GLN A 33 2.23 3.40 7.82
C GLN A 33 3.41 2.47 8.06
N VAL A 34 3.79 1.70 7.05
CA VAL A 34 4.90 0.76 7.17
C VAL A 34 5.52 0.49 5.80
N VAL A 35 6.85 0.63 5.72
CA VAL A 35 7.55 0.39 4.47
C VAL A 35 8.84 -0.40 4.72
N ALA A 36 8.83 -1.67 4.33
CA ALA A 36 10.00 -2.52 4.52
C ALA A 36 9.62 -3.99 4.37
N GLY A 37 10.57 -4.80 3.93
CA GLY A 37 10.32 -6.23 3.75
C GLY A 37 11.57 -6.94 3.25
N TRP A 38 11.39 -8.16 2.73
CA TRP A 38 12.51 -8.93 2.22
C TRP A 38 13.01 -8.34 0.91
N ARG A 39 14.00 -9.00 0.30
CA ARG A 39 14.56 -8.52 -0.96
C ARG A 39 14.79 -9.69 -1.90
N VAL A 40 14.15 -9.65 -3.07
CA VAL A 40 14.30 -10.71 -4.06
C VAL A 40 15.19 -10.25 -5.20
N SER A 41 16.05 -11.15 -5.67
CA SER A 41 16.96 -10.83 -6.77
C SER A 41 16.44 -11.41 -8.08
N VAL A 42 15.98 -10.53 -8.97
CA VAL A 42 15.45 -10.98 -10.25
C VAL A 42 16.45 -10.69 -11.36
N LYS A 43 16.30 -11.38 -12.48
CA LYS A 43 17.20 -11.20 -13.62
C LYS A 43 16.42 -11.19 -14.92
N ILE A 44 16.43 -10.04 -15.60
CA ILE A 44 15.72 -9.90 -16.86
C ILE A 44 16.62 -9.28 -17.93
N ALA A 45 16.53 -9.81 -19.15
CA ALA A 45 17.34 -9.30 -20.25
C ALA A 45 16.51 -8.41 -21.17
N GLU A 46 17.09 -7.30 -21.59
CA GLU A 46 16.40 -6.36 -22.48
C GLU A 46 17.30 -5.95 -23.63
N THR A 47 16.69 -5.71 -24.79
CA THR A 47 17.45 -5.30 -25.97
C THR A 47 17.25 -3.82 -26.25
N GLU A 48 16.00 -3.42 -26.48
CA GLU A 48 15.69 -2.02 -26.76
C GLU A 48 15.17 -1.32 -25.51
N GLU A 49 15.39 -1.95 -24.36
CA GLU A 49 14.94 -1.37 -23.09
C GLU A 49 13.43 -1.19 -23.09
N GLY A 50 12.79 -1.62 -24.17
CA GLY A 50 11.34 -1.52 -24.30
C GLY A 50 10.67 -2.88 -24.23
N GLU A 51 11.23 -3.83 -24.98
CA GLU A 51 10.68 -5.18 -25.00
C GLU A 51 11.48 -6.11 -24.08
N VAL A 52 10.87 -7.23 -23.72
CA VAL A 52 11.52 -8.20 -22.84
C VAL A 52 11.51 -9.59 -23.48
N VAL A 53 12.65 -10.03 -23.98
CA VAL A 53 12.76 -11.34 -24.61
C VAL A 53 12.22 -12.43 -23.69
N THR A 54 12.82 -12.55 -22.50
CA THR A 54 12.40 -13.55 -21.54
C THR A 54 12.60 -13.06 -20.12
N VAL A 55 11.95 -13.73 -19.16
CA VAL A 55 12.08 -13.35 -17.76
C VAL A 55 12.44 -14.56 -16.91
N LYS A 56 13.34 -14.37 -15.96
CA LYS A 56 13.76 -15.46 -15.08
C LYS A 56 13.76 -15.00 -13.63
N ALA A 57 13.80 -15.97 -12.71
CA ALA A 57 13.79 -15.66 -11.29
C ALA A 57 14.50 -16.75 -10.49
N GLU A 58 15.00 -16.38 -9.32
CA GLU A 58 15.70 -17.35 -8.47
C GLU A 58 14.71 -18.32 -7.83
N PHE A 59 14.81 -19.59 -8.20
CA PHE A 59 13.92 -20.61 -7.66
C PHE A 59 14.31 -20.95 -6.22
N ASP A 60 15.49 -20.53 -5.81
CA ASP A 60 15.97 -20.79 -4.47
C ASP A 60 15.30 -19.85 -3.47
N GLU A 61 15.55 -18.56 -3.61
CA GLU A 61 14.96 -17.57 -2.71
C GLU A 61 13.44 -17.71 -2.69
N CYS A 62 12.86 -18.10 -3.82
CA CYS A 62 11.42 -18.27 -3.92
C CYS A 62 10.96 -19.41 -3.02
N ARG A 63 11.65 -20.54 -3.10
CA ARG A 63 11.29 -21.70 -2.30
C ARG A 63 11.63 -21.45 -0.82
N GLU A 64 12.77 -20.83 -0.57
CA GLU A 64 13.19 -20.54 0.79
C GLU A 64 12.15 -19.68 1.49
N ILE A 65 11.63 -18.68 0.78
CA ILE A 65 10.63 -17.80 1.36
C ILE A 65 9.24 -18.42 1.24
N GLY A 66 9.10 -19.38 0.34
CA GLY A 66 7.82 -20.05 0.13
C GLY A 66 7.28 -20.60 1.45
N GLU A 67 8.16 -20.74 2.44
CA GLU A 67 7.74 -21.27 3.73
C GLU A 67 7.16 -20.15 4.60
N GLU A 68 7.67 -18.94 4.42
CA GLU A 68 7.20 -17.80 5.19
C GLU A 68 5.79 -17.40 4.74
N THR A 69 5.48 -17.66 3.48
CA THR A 69 4.17 -17.32 2.94
C THR A 69 3.16 -18.44 3.23
N GLY A 70 3.54 -19.66 2.93
CA GLY A 70 2.66 -20.81 3.16
C GLY A 70 2.01 -21.26 1.86
N ILE A 71 1.99 -20.38 0.87
CA ILE A 71 1.38 -20.70 -0.41
C ILE A 71 2.39 -21.40 -1.32
N PRO A 72 1.93 -22.16 -2.28
CA PRO A 72 2.83 -22.89 -3.22
C PRO A 72 4.05 -22.05 -3.59
N PRO A 73 5.12 -22.68 -4.03
CA PRO A 73 6.37 -21.97 -4.42
C PRO A 73 6.20 -21.19 -5.72
N ARG A 74 5.87 -21.91 -6.79
CA ARG A 74 5.67 -21.27 -8.09
C ARG A 74 4.76 -20.06 -7.97
N GLU A 75 3.70 -20.20 -7.19
CA GLU A 75 2.75 -19.10 -6.99
C GLU A 75 3.49 -17.80 -6.66
N VAL A 76 4.61 -17.93 -5.95
CA VAL A 76 5.39 -16.77 -5.57
C VAL A 76 6.25 -16.30 -6.74
N LYS A 77 6.76 -17.26 -7.51
CA LYS A 77 7.61 -16.93 -8.66
C LYS A 77 6.85 -16.03 -9.63
N ALA A 78 5.68 -16.49 -10.06
CA ALA A 78 4.88 -15.71 -11.00
C ALA A 78 4.52 -14.35 -10.40
N MET A 79 4.22 -14.33 -9.10
CA MET A 79 3.88 -13.09 -8.43
C MET A 79 5.06 -12.13 -8.43
N VAL A 80 6.27 -12.68 -8.28
CA VAL A 80 7.47 -11.85 -8.27
C VAL A 80 7.71 -11.23 -9.64
N GLU A 81 7.96 -12.08 -10.62
CA GLU A 81 8.21 -11.61 -11.99
C GLU A 81 7.22 -10.50 -12.35
N ALA A 82 5.98 -10.66 -11.93
CA ALA A 82 4.95 -9.68 -12.21
C ALA A 82 5.36 -8.30 -11.70
N ALA A 83 5.83 -8.26 -10.46
CA ALA A 83 6.27 -7.01 -9.86
C ALA A 83 7.34 -6.35 -10.72
N ALA A 84 8.38 -7.10 -11.05
CA ALA A 84 9.47 -6.58 -11.87
C ALA A 84 8.93 -5.86 -13.09
N ARG A 85 7.76 -6.29 -13.57
CA ARG A 85 7.14 -5.66 -14.72
C ARG A 85 6.69 -4.25 -14.39
N VAL A 86 6.00 -4.09 -13.26
CA VAL A 86 5.52 -2.79 -12.84
C VAL A 86 6.46 -2.16 -11.82
N GLY A 87 7.59 -2.83 -11.59
CA GLY A 87 8.57 -2.32 -10.64
C GLY A 87 7.90 -1.77 -9.38
N GLY A 88 7.42 -2.66 -8.52
CA GLY A 88 6.75 -2.26 -7.30
C GLY A 88 6.93 -3.29 -6.20
N TRP A 89 5.99 -3.33 -5.26
CA TRP A 89 6.06 -4.27 -4.15
C TRP A 89 4.78 -5.09 -4.08
N VAL A 90 4.75 -6.05 -3.15
CA VAL A 90 3.58 -6.90 -2.98
C VAL A 90 3.22 -7.04 -1.51
N ASP A 91 1.93 -6.88 -1.20
CA ASP A 91 1.47 -7.00 0.17
C ASP A 91 0.66 -8.28 0.36
N LEU A 92 1.20 -9.20 1.15
CA LEU A 92 0.52 -10.48 1.39
C LEU A 92 -0.63 -10.28 2.37
N LYS A 93 -0.45 -9.37 3.32
CA LYS A 93 -1.48 -9.10 4.32
C LYS A 93 -2.86 -9.05 3.67
N GLU A 94 -2.88 -8.81 2.36
CA GLU A 94 -4.14 -8.74 1.62
C GLU A 94 -3.91 -9.00 0.14
N ARG A 95 -2.79 -9.63 -0.17
CA ARG A 95 -2.46 -9.94 -1.56
C ARG A 95 -2.78 -8.76 -2.47
N GLU A 96 -1.80 -7.86 -2.64
CA GLU A 96 -2.01 -6.69 -3.48
C GLU A 96 -0.71 -6.33 -4.21
N ILE A 97 -0.82 -5.49 -5.23
CA ILE A 97 0.35 -5.07 -5.99
C ILE A 97 0.27 -3.57 -6.31
N LYS A 98 1.29 -2.83 -5.90
CA LYS A 98 1.33 -1.39 -6.15
C LYS A 98 2.72 -0.96 -6.61
N VAL A 99 2.78 0.18 -7.28
CA VAL A 99 4.06 0.69 -7.77
C VAL A 99 4.84 1.34 -6.62
N GLN A 100 6.16 1.10 -6.61
CA GLN A 100 7.01 1.66 -5.57
C GLN A 100 7.79 2.85 -6.11
N VAL B 22 23.01 -7.04 -25.69
CA VAL B 22 21.92 -7.14 -24.71
C VAL B 22 22.46 -6.99 -23.28
N PRO B 23 22.36 -5.80 -22.69
CA PRO B 23 22.85 -5.56 -21.31
C PRO B 23 21.82 -5.96 -20.26
N SER B 24 21.96 -7.17 -19.73
CA SER B 24 21.04 -7.66 -18.71
C SER B 24 21.25 -6.93 -17.39
N ARG B 25 20.17 -6.74 -16.64
CA ARG B 25 20.25 -6.05 -15.36
C ARG B 25 19.41 -6.76 -14.31
N PHE B 26 19.82 -6.66 -13.05
CA PHE B 26 19.10 -7.29 -11.96
C PHE B 26 18.22 -6.28 -11.24
N GLU B 27 17.10 -6.75 -10.71
CA GLU B 27 16.17 -5.89 -9.99
C GLU B 27 16.18 -6.21 -8.49
N ASP B 28 15.37 -5.48 -7.72
CA ASP B 28 15.30 -5.70 -6.28
C ASP B 28 13.91 -5.38 -5.77
N VAL B 29 13.02 -6.36 -5.81
CA VAL B 29 11.65 -6.18 -5.33
C VAL B 29 11.58 -6.36 -3.82
N ARG B 30 10.50 -5.85 -3.22
CA ARG B 30 10.31 -5.96 -1.78
C ARG B 30 8.94 -6.55 -1.45
N VAL B 31 8.94 -7.65 -0.71
CA VAL B 31 7.68 -8.30 -0.34
C VAL B 31 7.37 -8.04 1.13
N VAL B 32 6.45 -7.11 1.38
CA VAL B 32 6.06 -6.78 2.74
C VAL B 32 4.85 -7.60 3.18
N GLN B 33 4.87 -8.06 4.42
CA GLN B 33 3.77 -8.86 4.95
C GLN B 33 3.57 -8.57 6.43
N VAL B 34 2.65 -7.66 6.73
CA VAL B 34 2.36 -7.31 8.12
C VAL B 34 0.93 -6.78 8.25
N VAL B 35 0.37 -6.89 9.46
CA VAL B 35 -0.98 -6.43 9.70
C VAL B 35 -1.03 -5.56 10.97
N ALA B 36 -1.52 -4.33 10.82
CA ALA B 36 -1.61 -3.42 11.94
C ALA B 36 -1.87 -1.99 11.46
N GLY B 37 -2.37 -1.15 12.36
CA GLY B 37 -2.66 0.23 12.01
C GLY B 37 -3.49 0.91 13.11
N TRP B 38 -3.56 2.24 13.04
CA TRP B 38 -4.32 3.00 14.03
C TRP B 38 -5.74 3.25 13.54
N ARG B 39 -6.44 4.14 14.23
CA ARG B 39 -7.82 4.47 13.86
C ARG B 39 -8.12 5.93 14.16
N VAL B 40 -8.55 6.66 13.14
CA VAL B 40 -8.88 8.08 13.30
C VAL B 40 -10.39 8.28 13.24
N SER B 41 -10.95 8.81 14.33
CA SER B 41 -12.39 9.06 14.38
C SER B 41 -12.75 10.32 13.63
N VAL B 42 -13.85 10.26 12.89
CA VAL B 42 -14.31 11.41 12.11
C VAL B 42 -15.80 11.64 12.31
N LYS B 43 -16.16 12.83 12.78
CA LYS B 43 -17.56 13.15 13.02
C LYS B 43 -18.25 13.57 11.72
N ILE B 44 -19.05 12.68 11.17
CA ILE B 44 -19.76 12.97 9.92
C ILE B 44 -21.24 13.19 10.20
N ALA B 45 -21.88 14.04 9.39
CA ALA B 45 -23.29 14.34 9.55
C ALA B 45 -24.01 14.32 8.21
N GLU B 46 -24.99 13.44 8.08
CA GLU B 46 -25.75 13.32 6.83
C GLU B 46 -27.11 13.99 6.98
N THR B 47 -27.66 14.45 5.85
CA THR B 47 -28.96 15.11 5.87
C THR B 47 -29.85 14.57 4.74
N GLU B 48 -29.27 14.44 3.56
CA GLU B 48 -30.01 13.94 2.41
C GLU B 48 -29.68 12.47 2.16
N GLU B 49 -28.95 11.87 3.09
CA GLU B 49 -28.57 10.46 2.95
C GLU B 49 -27.89 10.22 1.61
N GLY B 50 -26.76 10.90 1.39
CA GLY B 50 -26.02 10.75 0.14
C GLY B 50 -24.94 11.82 0.03
N GLU B 51 -25.00 12.83 0.90
CA GLU B 51 -24.01 13.89 0.89
C GLU B 51 -23.64 14.29 2.31
N VAL B 52 -22.43 14.85 2.47
CA VAL B 52 -21.97 15.27 3.78
C VAL B 52 -21.97 16.78 3.90
N VAL B 53 -23.04 17.34 4.43
CA VAL B 53 -23.16 18.78 4.59
C VAL B 53 -21.85 19.38 5.10
N THR B 54 -21.35 18.79 6.19
CA THR B 54 -20.10 19.26 6.78
C THR B 54 -19.38 18.11 7.49
N VAL B 55 -18.10 18.31 7.78
CA VAL B 55 -17.32 17.29 8.45
C VAL B 55 -16.20 17.92 9.27
N LYS B 56 -15.92 17.34 10.44
CA LYS B 56 -14.87 17.86 11.32
C LYS B 56 -13.97 16.73 11.80
N ALA B 57 -12.81 16.59 11.15
CA ALA B 57 -11.87 15.54 11.53
C ALA B 57 -11.11 15.93 12.78
N GLU B 58 -10.92 14.97 13.68
CA GLU B 58 -10.19 15.22 14.92
C GLU B 58 -8.88 15.95 14.64
N PHE B 59 -8.75 17.16 15.17
CA PHE B 59 -7.54 17.95 14.97
C PHE B 59 -6.40 17.40 15.83
N ASP B 60 -6.74 16.82 16.97
CA ASP B 60 -5.74 16.27 17.87
C ASP B 60 -5.06 15.06 17.22
N GLU B 61 -5.84 14.01 16.98
CA GLU B 61 -5.30 12.80 16.38
C GLU B 61 -4.53 13.14 15.10
N CYS B 62 -4.97 14.19 14.41
CA CYS B 62 -4.31 14.61 13.18
C CYS B 62 -2.98 15.30 13.49
N ARG B 63 -2.97 16.09 14.56
CA ARG B 63 -1.75 16.81 14.95
C ARG B 63 -0.79 15.87 15.67
N GLU B 64 -1.28 15.25 16.75
CA GLU B 64 -0.44 14.32 17.51
C GLU B 64 0.37 13.43 16.59
N ILE B 65 -0.32 12.78 15.65
CA ILE B 65 0.35 11.90 14.70
C ILE B 65 1.11 12.71 13.66
N GLY B 66 0.55 13.85 13.27
CA GLY B 66 1.17 14.71 12.28
C GLY B 66 2.61 15.00 12.65
N GLU B 67 2.93 14.88 13.94
CA GLU B 67 4.29 15.14 14.42
C GLU B 67 5.20 13.96 14.09
N GLU B 68 4.79 12.77 14.52
CA GLU B 68 5.58 11.57 14.27
C GLU B 68 5.71 11.31 12.77
N THR B 69 4.79 11.88 12.00
CA THR B 69 4.80 11.70 10.55
C THR B 69 5.74 12.72 9.90
N GLY B 70 5.72 13.95 10.41
CA GLY B 70 6.56 15.01 9.88
C GLY B 70 5.95 15.62 8.63
N ILE B 71 4.61 15.67 8.60
CA ILE B 71 3.90 16.22 7.45
C ILE B 71 2.94 17.33 7.91
N PRO B 72 2.92 18.48 7.27
CA PRO B 72 2.02 19.60 7.66
C PRO B 72 0.64 19.10 8.11
N PRO B 73 0.38 19.05 9.40
CA PRO B 73 -0.94 18.57 9.92
C PRO B 73 -2.12 19.19 9.17
N ARG B 74 -1.83 20.20 8.35
CA ARG B 74 -2.87 20.88 7.59
C ARG B 74 -3.41 19.94 6.50
N GLU B 75 -2.52 19.43 5.67
CA GLU B 75 -2.91 18.52 4.60
C GLU B 75 -3.44 17.22 5.17
N VAL B 76 -2.80 16.73 6.23
CA VAL B 76 -3.22 15.50 6.87
C VAL B 76 -4.71 15.52 7.16
N LYS B 77 -5.20 16.66 7.63
CA LYS B 77 -6.62 16.81 7.95
C LYS B 77 -7.46 16.67 6.68
N ALA B 78 -7.03 17.36 5.62
CA ALA B 78 -7.75 17.31 4.36
C ALA B 78 -7.63 15.93 3.73
N MET B 79 -6.61 15.19 4.13
CA MET B 79 -6.39 13.85 3.60
C MET B 79 -7.36 12.85 4.22
N VAL B 80 -7.32 12.74 5.54
CA VAL B 80 -8.20 11.83 6.26
C VAL B 80 -9.66 12.28 6.12
N GLU B 81 -9.85 13.49 5.63
CA GLU B 81 -11.20 14.03 5.45
C GLU B 81 -11.81 13.51 4.15
N ALA B 82 -11.12 13.76 3.04
CA ALA B 82 -11.61 13.31 1.75
C ALA B 82 -12.02 11.84 1.80
N ALA B 83 -11.25 11.05 2.55
CA ALA B 83 -11.53 9.63 2.69
C ALA B 83 -12.88 9.42 3.36
N ALA B 84 -13.04 9.96 4.57
CA ALA B 84 -14.28 9.82 5.31
C ALA B 84 -15.48 10.05 4.39
N ARG B 85 -15.24 10.79 3.30
CA ARG B 85 -16.31 11.09 2.35
C ARG B 85 -16.60 9.86 1.49
N VAL B 86 -15.54 9.22 0.99
CA VAL B 86 -15.71 8.04 0.16
C VAL B 86 -15.45 6.77 0.96
N GLY B 87 -15.28 6.93 2.26
CA GLY B 87 -15.03 5.79 3.13
C GLY B 87 -13.92 4.90 2.56
N GLY B 88 -12.71 5.05 3.10
CA GLY B 88 -11.58 4.26 2.63
C GLY B 88 -10.43 4.32 3.63
N TRP B 89 -9.37 3.56 3.34
CA TRP B 89 -8.21 3.54 4.22
C TRP B 89 -7.10 4.42 3.65
N VAL B 90 -6.03 4.58 4.44
CA VAL B 90 -4.89 5.39 4.00
C VAL B 90 -3.57 4.68 4.31
N ASP B 91 -2.51 5.14 3.65
CA ASP B 91 -1.19 4.54 3.86
C ASP B 91 -0.10 5.58 3.63
N LEU B 92 0.60 5.95 4.70
CA LEU B 92 1.67 6.93 4.60
C LEU B 92 2.94 6.29 4.04
N LYS B 93 3.03 4.97 4.14
CA LYS B 93 4.20 4.25 3.64
C LYS B 93 4.64 4.82 2.30
N GLU B 94 3.67 5.30 1.52
CA GLU B 94 3.98 5.87 0.21
C GLU B 94 2.86 6.82 -0.22
N ARG B 95 2.22 7.45 0.75
CA ARG B 95 1.14 8.39 0.46
C ARG B 95 0.16 7.78 -0.53
N GLU B 96 -0.78 6.99 -0.01
CA GLU B 96 -1.78 6.35 -0.85
C GLU B 96 -3.15 6.37 -0.19
N ILE B 97 -4.20 6.21 -0.99
CA ILE B 97 -5.56 6.22 -0.45
C ILE B 97 -6.43 5.22 -1.21
N LYS B 98 -6.76 4.12 -0.57
CA LYS B 98 -7.59 3.10 -1.19
C LYS B 98 -9.08 3.43 -1.03
N VAL B 99 -9.75 3.64 -2.15
CA VAL B 99 -11.17 3.97 -2.13
C VAL B 99 -11.99 2.76 -1.68
N GLN B 100 -13.14 2.57 -2.32
CA GLN B 100 -14.01 1.45 -1.99
C GLN B 100 -13.44 0.15 -2.50
N VAL A 22 -31.48 9.33 8.65
CA VAL A 22 -30.23 10.07 8.81
C VAL A 22 -29.10 9.14 9.24
N PRO A 23 -28.54 8.41 8.30
CA PRO A 23 -27.43 7.46 8.59
C PRO A 23 -26.28 8.14 9.35
N SER A 24 -25.74 7.42 10.33
CA SER A 24 -24.63 7.96 11.14
C SER A 24 -23.92 6.84 11.88
N ARG A 25 -22.60 6.93 11.93
CA ARG A 25 -21.80 5.92 12.61
C ARG A 25 -20.34 6.37 12.75
N PHE A 26 -19.70 5.95 13.84
CA PHE A 26 -18.31 6.33 14.07
C PHE A 26 -17.37 5.50 13.19
N GLU A 27 -16.38 6.17 12.61
CA GLU A 27 -15.42 5.49 11.75
C GLU A 27 -14.05 5.43 12.43
N ASP A 28 -13.25 4.44 12.05
CA ASP A 28 -11.91 4.29 12.63
C ASP A 28 -10.85 4.21 11.53
N VAL A 29 -10.37 5.37 11.10
CA VAL A 29 -9.35 5.41 10.06
C VAL A 29 -7.97 5.07 10.62
N ARG A 30 -7.45 3.91 10.24
CA ARG A 30 -6.15 3.46 10.70
C ARG A 30 -5.05 3.93 9.77
N VAL A 31 -4.08 4.66 10.30
CA VAL A 31 -2.96 5.15 9.51
C VAL A 31 -1.71 4.33 9.78
N VAL A 32 -1.29 3.55 8.78
CA VAL A 32 -0.10 2.72 8.93
C VAL A 32 1.10 3.38 8.27
N GLN A 33 2.08 3.77 9.09
CA GLN A 33 3.29 4.41 8.58
C GLN A 33 4.52 3.56 8.89
N VAL A 34 4.96 2.79 7.90
CA VAL A 34 6.12 1.92 8.08
C VAL A 34 6.80 1.65 6.74
N VAL A 35 8.10 1.40 6.78
CA VAL A 35 8.85 1.13 5.55
C VAL A 35 9.88 0.01 5.80
N ALA A 36 9.74 -1.08 5.05
CA ALA A 36 10.66 -2.21 5.19
C ALA A 36 10.07 -3.46 4.55
N GLY A 37 10.94 -4.38 4.14
CA GLY A 37 10.49 -5.61 3.51
C GLY A 37 11.68 -6.52 3.18
N TRP A 38 11.39 -7.63 2.49
CA TRP A 38 12.44 -8.56 2.12
C TRP A 38 13.10 -8.13 0.81
N ARG A 39 13.89 -9.02 0.23
CA ARG A 39 14.58 -8.73 -1.02
C ARG A 39 14.56 -9.94 -1.94
N VAL A 40 13.95 -9.78 -3.11
CA VAL A 40 13.87 -10.86 -4.09
C VAL A 40 14.90 -10.68 -5.19
N SER A 41 15.30 -11.79 -5.80
CA SER A 41 16.29 -11.75 -6.89
C SER A 41 15.65 -12.16 -8.21
N VAL A 42 15.98 -11.43 -9.27
CA VAL A 42 15.44 -11.73 -10.59
C VAL A 42 16.52 -11.59 -11.66
N LYS A 43 16.36 -12.33 -12.76
CA LYS A 43 17.32 -12.27 -13.85
C LYS A 43 16.62 -11.97 -15.17
N ILE A 44 16.75 -10.73 -15.63
CA ILE A 44 16.13 -10.32 -16.88
C ILE A 44 17.17 -10.29 -18.01
N ALA A 45 16.90 -11.03 -19.07
CA ALA A 45 17.82 -11.07 -20.21
C ALA A 45 17.34 -10.14 -21.31
N GLU A 46 18.18 -9.15 -21.64
CA GLU A 46 17.84 -8.20 -22.69
C GLU A 46 18.67 -8.46 -23.94
N THR A 47 18.10 -8.11 -25.10
CA THR A 47 18.79 -8.31 -26.38
C THR A 47 19.11 -6.97 -27.04
N GLU A 48 18.31 -6.61 -28.03
CA GLU A 48 18.52 -5.35 -28.74
C GLU A 48 18.06 -4.18 -27.88
N GLU A 49 17.95 -4.42 -26.58
CA GLU A 49 17.52 -3.37 -25.66
C GLU A 49 16.12 -2.88 -26.02
N GLY A 50 15.24 -3.82 -26.31
CA GLY A 50 13.86 -3.46 -26.66
C GLY A 50 12.87 -4.41 -25.99
N GLU A 51 13.15 -5.71 -26.06
CA GLU A 51 12.27 -6.70 -25.46
C GLU A 51 13.09 -7.80 -24.78
N VAL A 52 12.49 -8.45 -23.79
CA VAL A 52 13.17 -9.51 -23.07
C VAL A 52 12.60 -10.88 -23.45
N VAL A 53 13.41 -11.71 -24.09
CA VAL A 53 12.97 -13.03 -24.51
C VAL A 53 12.21 -13.74 -23.40
N THR A 54 12.72 -13.66 -22.18
CA THR A 54 12.06 -14.31 -21.05
C THR A 54 12.35 -13.56 -19.74
N VAL A 55 11.40 -13.63 -18.82
CA VAL A 55 11.55 -12.96 -17.53
C VAL A 55 11.49 -13.98 -16.39
N LYS A 56 12.63 -14.19 -15.74
CA LYS A 56 12.69 -15.14 -14.64
C LYS A 56 12.23 -14.49 -13.33
N ALA A 57 12.06 -15.30 -12.30
CA ALA A 57 11.62 -14.80 -11.01
C ALA A 57 12.04 -15.74 -9.88
N GLU A 58 13.05 -16.56 -10.17
CA GLU A 58 13.54 -17.52 -9.17
C GLU A 58 12.38 -18.27 -8.52
N PHE A 59 12.08 -19.45 -9.04
CA PHE A 59 10.99 -20.25 -8.50
C PHE A 59 11.34 -20.76 -7.10
N ASP A 60 12.63 -20.68 -6.75
CA ASP A 60 13.07 -21.14 -5.45
C ASP A 60 12.71 -20.13 -4.36
N GLU A 61 13.27 -18.93 -4.46
CA GLU A 61 13.00 -17.88 -3.49
C GLU A 61 11.50 -17.62 -3.41
N CYS A 62 10.78 -17.91 -4.50
CA CYS A 62 9.35 -17.69 -4.54
C CYS A 62 8.62 -18.76 -3.73
N ARG A 63 9.13 -19.99 -3.77
CA ARG A 63 8.51 -21.08 -3.04
C ARG A 63 8.84 -20.97 -1.55
N GLU A 64 9.99 -20.39 -1.24
CA GLU A 64 10.41 -20.22 0.15
C GLU A 64 9.64 -19.09 0.80
N ILE A 65 9.43 -18.02 0.05
CA ILE A 65 8.70 -16.86 0.57
C ILE A 65 7.23 -17.20 0.77
N GLY A 66 6.72 -18.11 -0.06
CA GLY A 66 5.33 -18.51 0.04
C GLY A 66 4.96 -18.87 1.48
N GLU A 67 5.96 -19.25 2.26
CA GLU A 67 5.73 -19.60 3.65
C GLU A 67 5.32 -18.38 4.47
N GLU A 68 5.79 -17.21 4.04
CA GLU A 68 5.47 -15.97 4.73
C GLU A 68 4.09 -15.46 4.32
N THR A 69 3.72 -15.73 3.07
CA THR A 69 2.42 -15.30 2.57
C THR A 69 1.35 -16.32 2.90
N GLY A 70 1.62 -17.59 2.60
CA GLY A 70 0.66 -18.65 2.89
C GLY A 70 -0.10 -19.06 1.64
N ILE A 71 -0.23 -18.13 0.69
CA ILE A 71 -0.94 -18.41 -0.54
C ILE A 71 -0.05 -19.19 -1.52
N PRO A 72 -0.63 -19.92 -2.44
CA PRO A 72 0.15 -20.72 -3.43
C PRO A 72 1.38 -19.97 -3.93
N PRO A 73 2.37 -20.67 -4.45
CA PRO A 73 3.60 -20.03 -4.97
C PRO A 73 3.38 -19.33 -6.31
N ARG A 74 2.79 -20.05 -7.26
CA ARG A 74 2.52 -19.48 -8.57
C ARG A 74 1.93 -18.08 -8.44
N GLU A 75 1.08 -17.88 -7.44
CA GLU A 75 0.46 -16.58 -7.23
C GLU A 75 1.52 -15.49 -7.09
N VAL A 76 2.47 -15.71 -6.19
CA VAL A 76 3.53 -14.75 -5.97
C VAL A 76 4.41 -14.61 -7.20
N LYS A 77 4.83 -15.74 -7.76
CA LYS A 77 5.68 -15.73 -8.94
C LYS A 77 5.16 -14.75 -9.98
N ALA A 78 3.89 -14.92 -10.36
CA ALA A 78 3.27 -14.04 -11.34
C ALA A 78 3.16 -12.61 -10.80
N MET A 79 3.22 -12.49 -9.48
CA MET A 79 3.13 -11.18 -8.85
C MET A 79 4.47 -10.46 -8.89
N VAL A 80 5.48 -11.07 -8.29
CA VAL A 80 6.81 -10.49 -8.27
C VAL A 80 7.41 -10.42 -9.68
N GLU A 81 6.80 -11.16 -10.59
CA GLU A 81 7.27 -11.19 -11.97
C GLU A 81 6.88 -9.89 -12.69
N ALA A 82 5.58 -9.68 -12.82
CA ALA A 82 5.08 -8.48 -13.50
C ALA A 82 5.84 -7.24 -13.03
N ALA A 83 6.01 -7.12 -11.72
CA ALA A 83 6.71 -5.97 -11.16
C ALA A 83 8.11 -5.85 -11.77
N ALA A 84 8.92 -6.88 -11.61
CA ALA A 84 10.27 -6.87 -12.15
C ALA A 84 10.28 -6.31 -13.57
N ARG A 85 9.14 -6.40 -14.24
CA ARG A 85 9.03 -5.89 -15.60
C ARG A 85 8.96 -4.36 -15.60
N VAL A 86 8.19 -3.81 -14.67
CA VAL A 86 8.04 -2.36 -14.57
C VAL A 86 8.73 -1.84 -13.31
N GLY A 87 9.52 -2.69 -12.67
CA GLY A 87 10.23 -2.30 -11.45
C GLY A 87 9.34 -1.46 -10.55
N GLY A 88 8.68 -2.11 -9.60
CA GLY A 88 7.79 -1.41 -8.68
C GLY A 88 7.86 -2.01 -7.28
N TRP A 89 6.91 -1.62 -6.43
CA TRP A 89 6.87 -2.12 -5.06
C TRP A 89 5.69 -3.07 -4.88
N VAL A 90 5.88 -4.09 -4.05
CA VAL A 90 4.82 -5.07 -3.80
C VAL A 90 4.26 -4.89 -2.39
N ASP A 91 2.95 -5.08 -2.27
CA ASP A 91 2.28 -4.95 -0.97
C ASP A 91 1.35 -6.14 -0.75
N LEU A 92 1.63 -6.91 0.29
CA LEU A 92 0.81 -8.09 0.60
C LEU A 92 -0.41 -7.70 1.43
N LYS A 93 -0.15 -7.09 2.59
CA LYS A 93 -1.23 -6.67 3.47
C LYS A 93 -2.06 -5.57 2.83
N GLU A 94 -1.78 -5.27 1.57
CA GLU A 94 -2.50 -4.23 0.85
C GLU A 94 -2.81 -4.67 -0.58
N ARG A 95 -2.20 -5.77 -0.99
CA ARG A 95 -2.41 -6.30 -2.34
C ARG A 95 -2.43 -5.16 -3.35
N GLU A 96 -1.35 -4.38 -3.37
CA GLU A 96 -1.26 -3.25 -4.31
C GLU A 96 0.16 -3.14 -4.85
N ILE A 97 0.27 -2.68 -6.10
CA ILE A 97 1.58 -2.52 -6.73
C ILE A 97 1.83 -1.06 -7.09
N LYS A 98 2.65 -0.40 -6.28
CA LYS A 98 2.96 1.01 -6.52
C LYS A 98 3.80 1.16 -7.78
N VAL A 99 3.31 1.99 -8.71
CA VAL A 99 4.03 2.22 -9.96
C VAL A 99 5.23 3.12 -9.73
N GLN A 100 6.23 3.00 -10.60
CA GLN A 100 7.44 3.80 -10.48
C GLN A 100 7.92 4.25 -11.86
N VAL B 22 24.46 -10.43 -25.50
CA VAL B 22 23.26 -10.48 -24.67
C VAL B 22 23.60 -10.25 -23.21
N PRO B 23 23.81 -9.01 -22.82
CA PRO B 23 24.16 -8.65 -21.42
C PRO B 23 22.92 -8.55 -20.53
N SER B 24 22.70 -9.57 -19.72
CA SER B 24 21.53 -9.58 -18.83
C SER B 24 21.81 -8.74 -17.59
N ARG B 25 20.77 -8.47 -16.82
CA ARG B 25 20.91 -7.66 -15.62
C ARG B 25 20.02 -8.22 -14.50
N PHE B 26 20.49 -8.09 -13.26
CA PHE B 26 19.73 -8.57 -12.12
C PHE B 26 18.89 -7.45 -11.50
N GLU B 27 17.68 -7.78 -11.08
CA GLU B 27 16.79 -6.80 -10.48
C GLU B 27 16.62 -7.07 -8.99
N ASP B 28 15.81 -6.24 -8.33
CA ASP B 28 15.57 -6.40 -6.90
C ASP B 28 14.24 -5.77 -6.51
N VAL B 29 13.29 -6.63 -6.12
CA VAL B 29 11.97 -6.14 -5.72
C VAL B 29 11.85 -6.12 -4.20
N ARG B 30 11.04 -5.20 -3.70
CA ARG B 30 10.83 -5.07 -2.26
C ARG B 30 9.45 -5.56 -1.87
N VAL B 31 9.40 -6.53 -0.96
CA VAL B 31 8.13 -7.08 -0.51
C VAL B 31 7.81 -6.60 0.90
N VAL B 32 6.96 -5.58 1.00
CA VAL B 32 6.58 -5.02 2.30
C VAL B 32 5.18 -5.50 2.69
N GLN B 33 5.05 -5.92 3.95
CA GLN B 33 3.76 -6.38 4.46
C GLN B 33 3.47 -5.76 5.82
N VAL B 34 2.72 -4.66 5.80
CA VAL B 34 2.38 -3.96 7.05
C VAL B 34 1.05 -4.45 7.58
N VAL B 35 0.97 -4.60 8.91
CA VAL B 35 -0.26 -5.05 9.55
C VAL B 35 -0.60 -4.18 10.75
N ALA B 36 -1.86 -3.81 10.87
CA ALA B 36 -2.30 -2.97 11.98
C ALA B 36 -1.53 -1.66 12.00
N GLY B 37 -1.98 -0.72 12.81
CA GLY B 37 -1.33 0.57 12.92
C GLY B 37 -1.99 1.44 13.99
N TRP B 38 -2.10 2.74 13.70
CA TRP B 38 -2.72 3.67 14.63
C TRP B 38 -4.24 3.66 14.48
N ARG B 39 -4.91 4.59 15.16
CA ARG B 39 -6.36 4.68 15.09
C ARG B 39 -6.80 6.14 15.25
N VAL B 40 -7.81 6.53 14.47
CA VAL B 40 -8.34 7.89 14.54
C VAL B 40 -9.85 7.88 14.68
N SER B 41 -10.39 8.89 15.36
CA SER B 41 -11.83 8.98 15.57
C SER B 41 -12.43 10.03 14.63
N VAL B 42 -13.45 9.62 13.88
CA VAL B 42 -14.12 10.53 12.95
C VAL B 42 -15.63 10.39 13.04
N LYS B 43 -16.33 11.50 12.83
CA LYS B 43 -17.80 11.49 12.88
C LYS B 43 -18.38 11.99 11.57
N ILE B 44 -19.11 11.10 10.88
CA ILE B 44 -19.72 11.46 9.61
C ILE B 44 -21.15 10.92 9.53
N ALA B 45 -22.04 11.74 8.98
CA ALA B 45 -23.45 11.33 8.86
C ALA B 45 -24.07 11.92 7.59
N GLU B 46 -25.07 11.23 7.06
CA GLU B 46 -25.74 11.69 5.85
C GLU B 46 -27.10 12.28 6.20
N THR B 47 -27.69 13.02 5.25
CA THR B 47 -28.99 13.63 5.47
C THR B 47 -30.00 13.17 4.41
N GLU B 48 -29.85 13.69 3.19
CA GLU B 48 -30.75 13.33 2.11
C GLU B 48 -30.45 11.92 1.61
N GLU B 49 -29.80 11.13 2.44
CA GLU B 49 -29.46 9.75 2.08
C GLU B 49 -28.78 9.72 0.71
N GLY B 50 -28.25 10.87 0.29
CA GLY B 50 -27.58 10.96 -0.99
C GLY B 50 -26.28 11.76 -0.88
N GLU B 51 -26.38 12.96 -0.32
CA GLU B 51 -25.21 13.81 -0.15
C GLU B 51 -24.86 13.95 1.34
N VAL B 52 -23.58 13.79 1.66
CA VAL B 52 -23.13 13.89 3.04
C VAL B 52 -22.30 15.15 3.24
N VAL B 53 -22.91 16.15 3.89
CA VAL B 53 -22.22 17.41 4.15
C VAL B 53 -22.19 17.70 5.64
N THR B 54 -21.74 16.73 6.43
CA THR B 54 -21.66 16.89 7.87
C THR B 54 -20.52 16.04 8.44
N VAL B 55 -19.34 16.63 8.53
CA VAL B 55 -18.18 15.92 9.06
C VAL B 55 -17.36 16.83 9.98
N LYS B 56 -17.05 16.33 11.17
CA LYS B 56 -16.28 17.10 12.14
C LYS B 56 -15.16 16.25 12.72
N ALA B 57 -13.98 16.33 12.09
CA ALA B 57 -12.83 15.56 12.56
C ALA B 57 -12.21 16.23 13.79
N GLU B 58 -11.54 15.42 14.61
CA GLU B 58 -10.89 15.95 15.81
C GLU B 58 -9.59 16.65 15.46
N PHE B 59 -9.54 17.95 15.73
CA PHE B 59 -8.34 18.73 15.43
C PHE B 59 -7.23 18.39 16.42
N ASP B 60 -7.58 17.69 17.48
CA ASP B 60 -6.61 17.30 18.50
C ASP B 60 -5.76 16.12 18.01
N GLU B 61 -6.41 14.98 17.82
CA GLU B 61 -5.71 13.79 17.37
C GLU B 61 -4.90 14.07 16.12
N CYS B 62 -5.43 14.93 15.25
CA CYS B 62 -4.73 15.28 14.01
C CYS B 62 -3.42 15.98 14.32
N ARG B 63 -3.47 17.00 15.17
CA ARG B 63 -2.27 17.74 15.54
C ARG B 63 -1.36 16.89 16.40
N GLU B 64 -1.92 16.34 17.48
CA GLU B 64 -1.13 15.51 18.39
C GLU B 64 -0.23 14.57 17.59
N ILE B 65 -0.79 13.95 16.55
CA ILE B 65 -0.02 13.03 15.72
C ILE B 65 0.77 13.79 14.66
N GLY B 66 0.27 14.97 14.29
CA GLY B 66 0.93 15.79 13.28
C GLY B 66 2.41 15.96 13.61
N GLU B 67 2.73 15.91 14.90
CA GLU B 67 4.12 16.06 15.33
C GLU B 67 4.93 14.81 15.01
N GLU B 68 4.28 13.65 15.14
CA GLU B 68 4.96 12.39 14.86
C GLU B 68 5.19 12.22 13.36
N THR B 69 4.56 13.09 12.58
CA THR B 69 4.70 13.05 11.13
C THR B 69 5.78 14.03 10.66
N GLY B 70 5.67 15.27 11.11
CA GLY B 70 6.65 16.29 10.74
C GLY B 70 6.20 17.04 9.47
N ILE B 71 4.92 16.92 9.14
CA ILE B 71 4.38 17.59 7.97
C ILE B 71 3.18 18.46 8.35
N PRO B 72 2.87 19.47 7.57
CA PRO B 72 1.73 20.39 7.83
C PRO B 72 0.54 19.68 8.48
N PRO B 73 0.39 19.76 9.78
CA PRO B 73 -0.75 19.10 10.50
C PRO B 73 -2.09 19.35 9.82
N ARG B 74 -2.12 20.36 8.94
CA ARG B 74 -3.34 20.70 8.23
C ARG B 74 -3.66 19.65 7.17
N GLU B 75 -2.66 19.33 6.35
CA GLU B 75 -2.84 18.34 5.30
C GLU B 75 -3.24 16.99 5.90
N VAL B 76 -2.94 16.81 7.17
CA VAL B 76 -3.28 15.56 7.85
C VAL B 76 -4.76 15.53 8.22
N LYS B 77 -5.30 16.69 8.59
CA LYS B 77 -6.70 16.79 8.96
C LYS B 77 -7.59 16.41 7.77
N ALA B 78 -7.39 17.09 6.65
CA ALA B 78 -8.18 16.82 5.45
C ALA B 78 -7.98 15.37 5.00
N MET B 79 -6.76 14.87 5.14
CA MET B 79 -6.46 13.50 4.74
C MET B 79 -7.39 12.52 5.43
N VAL B 80 -7.66 12.76 6.72
CA VAL B 80 -8.54 11.89 7.49
C VAL B 80 -9.98 11.98 6.96
N GLU B 81 -10.52 13.19 6.97
CA GLU B 81 -11.90 13.39 6.50
C GLU B 81 -12.14 12.61 5.22
N ALA B 82 -11.33 12.90 4.20
CA ALA B 82 -11.46 12.22 2.92
C ALA B 82 -11.66 10.73 3.14
N ALA B 83 -10.87 10.14 4.03
CA ALA B 83 -10.97 8.73 4.33
C ALA B 83 -12.36 8.39 4.87
N ALA B 84 -12.70 8.99 6.00
CA ALA B 84 -14.01 8.74 6.62
C ALA B 84 -15.11 8.77 5.56
N ARG B 85 -14.82 9.40 4.43
CA ARG B 85 -15.80 9.49 3.35
C ARG B 85 -15.92 8.15 2.62
N VAL B 86 -14.78 7.57 2.27
CA VAL B 86 -14.76 6.29 1.56
C VAL B 86 -14.29 5.16 2.48
N GLY B 87 -14.11 5.49 3.77
CA GLY B 87 -13.65 4.50 4.74
C GLY B 87 -12.58 3.60 4.14
N GLY B 88 -11.32 3.97 4.35
CA GLY B 88 -10.21 3.18 3.83
C GLY B 88 -8.97 3.34 4.70
N TRP B 89 -7.84 2.86 4.20
CA TRP B 89 -6.57 2.94 4.92
C TRP B 89 -5.65 3.95 4.26
N VAL B 90 -4.80 4.59 5.06
CA VAL B 90 -3.86 5.57 4.55
C VAL B 90 -2.44 5.25 5.01
N ASP B 91 -1.49 5.34 4.07
CA ASP B 91 -0.09 5.07 4.38
C ASP B 91 0.74 6.34 4.22
N LEU B 92 1.54 6.66 5.24
CA LEU B 92 2.38 7.85 5.19
C LEU B 92 3.77 7.52 4.65
N LYS B 93 4.47 6.63 5.33
CA LYS B 93 5.81 6.23 4.91
C LYS B 93 5.75 5.42 3.62
N GLU B 94 4.58 5.35 3.01
CA GLU B 94 4.41 4.60 1.77
C GLU B 94 3.51 5.36 0.80
N ARG B 95 2.86 6.40 1.29
CA ARG B 95 1.98 7.20 0.46
C ARG B 95 1.09 6.29 -0.40
N GLU B 96 0.20 5.56 0.26
CA GLU B 96 -0.70 4.66 -0.45
C GLU B 96 -2.04 4.57 0.26
N ILE B 97 -3.09 4.32 -0.51
CA ILE B 97 -4.44 4.20 0.06
C ILE B 97 -5.21 3.07 -0.61
N LYS B 98 -5.87 2.25 0.20
CA LYS B 98 -6.65 1.13 -0.32
C LYS B 98 -8.05 1.13 0.25
N VAL B 99 -8.98 0.48 -0.45
CA VAL B 99 -10.36 0.42 0.00
C VAL B 99 -10.56 -0.73 0.98
N GLN B 100 -11.50 -0.56 1.91
CA GLN B 100 -11.78 -1.59 2.91
C GLN B 100 -12.91 -2.49 2.44
N VAL A 22 -31.57 10.76 14.56
CA VAL A 22 -30.38 11.01 13.76
C VAL A 22 -29.10 10.75 14.56
N PRO A 23 -28.73 9.51 14.71
CA PRO A 23 -27.51 9.13 15.48
C PRO A 23 -26.25 9.22 14.63
N SER A 24 -25.54 10.34 14.74
CA SER A 24 -24.32 10.53 13.97
C SER A 24 -23.46 9.27 13.98
N ARG A 25 -22.47 9.22 13.10
CA ARG A 25 -21.59 8.08 13.02
C ARG A 25 -20.16 8.51 12.72
N PHE A 26 -19.20 8.00 13.48
CA PHE A 26 -17.81 8.35 13.28
C PHE A 26 -17.08 7.24 12.52
N GLU A 27 -16.15 7.65 11.65
CA GLU A 27 -15.39 6.69 10.86
C GLU A 27 -13.93 6.68 11.30
N ASP A 28 -13.43 5.50 11.65
CA ASP A 28 -12.04 5.37 12.08
C ASP A 28 -11.13 5.06 10.90
N VAL A 29 -10.52 6.11 10.35
CA VAL A 29 -9.62 5.95 9.21
C VAL A 29 -8.35 5.21 9.64
N ARG A 30 -7.84 4.37 8.74
CA ARG A 30 -6.62 3.61 9.02
C ARG A 30 -5.45 4.16 8.23
N VAL A 31 -4.32 4.34 8.92
CA VAL A 31 -3.11 4.86 8.28
C VAL A 31 -1.92 3.96 8.58
N VAL A 32 -1.55 3.12 7.64
CA VAL A 32 -0.43 2.20 7.82
C VAL A 32 0.82 2.73 7.10
N GLN A 33 1.85 3.06 7.87
CA GLN A 33 3.09 3.56 7.31
C GLN A 33 4.26 2.68 7.73
N VAL A 34 4.64 1.74 6.86
CA VAL A 34 5.73 0.84 7.15
C VAL A 34 6.40 0.37 5.87
N VAL A 35 7.71 0.11 5.94
CA VAL A 35 8.44 -0.35 4.77
C VAL A 35 9.46 -1.42 5.16
N ALA A 36 9.16 -2.66 4.80
CA ALA A 36 10.04 -3.78 5.11
C ALA A 36 9.35 -5.10 4.80
N GLY A 37 10.15 -6.17 4.75
CA GLY A 37 9.60 -7.50 4.46
C GLY A 37 10.69 -8.46 4.01
N TRP A 38 10.32 -9.41 3.16
CA TRP A 38 11.28 -10.39 2.66
C TRP A 38 11.98 -9.87 1.40
N ARG A 39 12.79 -10.71 0.79
CA ARG A 39 13.51 -10.32 -0.43
C ARG A 39 13.65 -11.51 -1.36
N VAL A 40 13.71 -11.23 -2.67
CA VAL A 40 13.86 -12.28 -3.66
C VAL A 40 14.90 -11.90 -4.71
N SER A 41 15.61 -12.89 -5.24
CA SER A 41 16.63 -12.63 -6.25
C SER A 41 16.10 -12.95 -7.65
N VAL A 42 16.36 -12.07 -8.59
CA VAL A 42 15.91 -12.26 -9.96
C VAL A 42 16.95 -11.76 -10.95
N LYS A 43 17.15 -12.51 -12.03
CA LYS A 43 18.12 -12.13 -13.06
C LYS A 43 17.40 -11.62 -14.30
N ILE A 44 17.74 -10.40 -14.72
CA ILE A 44 17.12 -9.81 -15.90
C ILE A 44 18.19 -9.31 -16.87
N ALA A 45 18.10 -9.75 -18.12
CA ALA A 45 19.07 -9.33 -19.13
C ALA A 45 18.41 -8.41 -20.16
N GLU A 46 18.90 -7.18 -20.23
CA GLU A 46 18.35 -6.21 -21.18
C GLU A 46 19.20 -6.16 -22.45
N THR A 47 18.64 -5.57 -23.49
CA THR A 47 19.35 -5.46 -24.77
C THR A 47 18.85 -4.26 -25.57
N GLU A 48 17.57 -4.29 -25.93
CA GLU A 48 16.98 -3.20 -26.69
C GLU A 48 16.68 -2.01 -25.79
N GLU A 49 17.19 -2.06 -24.57
CA GLU A 49 16.98 -0.97 -23.62
C GLU A 49 15.51 -0.59 -23.56
N GLY A 50 14.66 -1.43 -24.13
CA GLY A 50 13.23 -1.17 -24.14
C GLY A 50 12.44 -2.47 -23.96
N GLU A 51 13.10 -3.60 -24.20
CA GLU A 51 12.46 -4.90 -24.06
C GLU A 51 13.40 -5.90 -23.41
N VAL A 52 12.84 -6.86 -22.69
CA VAL A 52 13.63 -7.88 -22.03
C VAL A 52 13.50 -9.22 -22.74
N VAL A 53 14.62 -9.71 -23.27
CA VAL A 53 14.62 -10.99 -23.98
C VAL A 53 13.93 -12.07 -23.16
N THR A 54 14.40 -12.26 -21.93
CA THR A 54 13.83 -13.27 -21.06
C THR A 54 13.99 -12.88 -19.59
N VAL A 55 13.06 -13.31 -18.76
CA VAL A 55 13.11 -13.01 -17.33
C VAL A 55 13.08 -14.30 -16.51
N LYS A 56 14.08 -14.45 -15.63
CA LYS A 56 14.15 -15.64 -14.80
C LYS A 56 13.66 -15.34 -13.39
N ALA A 57 13.54 -16.39 -12.58
CA ALA A 57 13.08 -16.22 -11.20
C ALA A 57 13.37 -17.48 -10.39
N GLU A 58 13.96 -17.28 -9.20
CA GLU A 58 14.29 -18.40 -8.34
C GLU A 58 13.03 -19.14 -7.91
N PHE A 59 12.80 -20.31 -8.51
CA PHE A 59 11.62 -21.11 -8.20
C PHE A 59 11.62 -21.47 -6.71
N ASP A 60 12.80 -21.51 -6.11
CA ASP A 60 12.92 -21.85 -4.70
C ASP A 60 12.39 -20.72 -3.82
N GLU A 61 13.04 -19.57 -3.90
CA GLU A 61 12.63 -18.42 -3.10
C GLU A 61 11.11 -18.26 -3.15
N CYS A 62 10.53 -18.56 -4.31
CA CYS A 62 9.08 -18.44 -4.48
C CYS A 62 8.36 -19.60 -3.80
N ARG A 63 8.89 -20.81 -3.99
CA ARG A 63 8.28 -22.00 -3.40
C ARG A 63 8.30 -21.90 -1.87
N GLU A 64 9.50 -21.73 -1.32
CA GLU A 64 9.64 -21.63 0.14
C GLU A 64 8.72 -20.54 0.68
N ILE A 65 8.52 -19.49 -0.09
CA ILE A 65 7.66 -18.39 0.34
C ILE A 65 6.20 -18.81 0.29
N GLY A 66 5.88 -19.72 -0.63
CA GLY A 66 4.50 -20.21 -0.77
C GLY A 66 3.95 -20.66 0.58
N GLU A 67 4.84 -21.05 1.48
CA GLU A 67 4.43 -21.49 2.81
C GLU A 67 4.04 -20.30 3.68
N GLU A 68 4.63 -19.14 3.40
CA GLU A 68 4.33 -17.94 4.17
C GLU A 68 3.04 -17.30 3.66
N THR A 69 2.77 -17.46 2.38
CA THR A 69 1.56 -16.89 1.79
C THR A 69 0.38 -17.84 1.95
N GLY A 70 0.59 -19.10 1.59
CA GLY A 70 -0.46 -20.11 1.70
C GLY A 70 -1.13 -20.36 0.35
N ILE A 71 -0.95 -19.43 -0.57
CA ILE A 71 -1.54 -19.56 -1.90
C ILE A 71 -0.61 -20.34 -2.82
N PRO A 72 -1.13 -20.96 -3.85
CA PRO A 72 -0.31 -21.75 -4.81
C PRO A 72 1.04 -21.09 -5.08
N PRO A 73 2.02 -21.85 -5.52
CA PRO A 73 3.39 -21.30 -5.82
C PRO A 73 3.39 -20.44 -7.08
N ARG A 74 2.94 -21.02 -8.19
CA ARG A 74 2.90 -20.30 -9.46
C ARG A 74 2.36 -18.88 -9.25
N GLU A 75 1.21 -18.78 -8.60
CA GLU A 75 0.60 -17.48 -8.35
C GLU A 75 1.63 -16.51 -7.77
N VAL A 76 2.56 -17.04 -6.98
CA VAL A 76 3.59 -16.23 -6.36
C VAL A 76 4.71 -15.94 -7.35
N LYS A 77 4.95 -16.87 -8.26
CA LYS A 77 6.01 -16.71 -9.26
C LYS A 77 5.65 -15.61 -10.23
N ALA A 78 4.48 -15.71 -10.85
CA ALA A 78 4.03 -14.71 -11.82
C ALA A 78 3.91 -13.34 -11.14
N MET A 79 3.52 -13.35 -9.86
CA MET A 79 3.36 -12.11 -9.12
C MET A 79 4.71 -11.44 -8.90
N VAL A 80 5.68 -12.19 -8.40
CA VAL A 80 7.01 -11.65 -8.16
C VAL A 80 7.74 -11.40 -9.47
N GLU A 81 7.57 -12.31 -10.42
CA GLU A 81 8.24 -12.17 -11.71
C GLU A 81 7.78 -10.89 -12.42
N ALA A 82 6.47 -10.78 -12.65
CA ALA A 82 5.92 -9.61 -13.31
C ALA A 82 6.53 -8.34 -12.73
N ALA A 83 6.61 -8.29 -11.40
CA ALA A 83 7.17 -7.12 -10.72
C ALA A 83 8.62 -6.91 -11.14
N ALA A 84 9.45 -7.92 -10.88
CA ALA A 84 10.86 -7.82 -11.23
C ALA A 84 11.04 -7.22 -12.62
N ARG A 85 9.98 -7.29 -13.43
CA ARG A 85 10.02 -6.74 -14.78
C ARG A 85 9.90 -5.22 -14.76
N VAL A 86 8.92 -4.72 -14.00
CA VAL A 86 8.70 -3.29 -13.90
C VAL A 86 9.25 -2.75 -12.58
N GLY A 87 9.87 -3.62 -11.80
CA GLY A 87 10.42 -3.22 -10.51
C GLY A 87 9.38 -2.51 -9.66
N GLY A 88 8.88 -3.20 -8.64
CA GLY A 88 7.88 -2.62 -7.75
C GLY A 88 7.69 -3.47 -6.50
N TRP A 89 6.98 -2.93 -5.52
CA TRP A 89 6.73 -3.65 -4.28
C TRP A 89 5.33 -4.26 -4.29
N VAL A 90 5.17 -5.38 -3.57
CA VAL A 90 3.89 -6.06 -3.50
C VAL A 90 3.39 -6.11 -2.05
N ASP A 91 2.07 -6.12 -1.88
CA ASP A 91 1.47 -6.17 -0.55
C ASP A 91 0.48 -7.33 -0.47
N LEU A 92 0.77 -8.29 0.40
CA LEU A 92 -0.09 -9.45 0.57
C LEU A 92 -1.25 -9.13 1.50
N LYS A 93 -0.94 -8.68 2.71
CA LYS A 93 -1.96 -8.35 3.69
C LYS A 93 -2.74 -7.11 3.27
N GLU A 94 -2.54 -6.68 2.02
CA GLU A 94 -3.23 -5.49 1.52
C GLU A 94 -3.58 -5.68 0.04
N ARG A 95 -3.14 -6.79 -0.54
CA ARG A 95 -3.41 -7.07 -1.94
C ARG A 95 -3.26 -5.81 -2.78
N GLU A 96 -2.02 -5.38 -2.97
CA GLU A 96 -1.75 -4.18 -3.75
C GLU A 96 -0.33 -4.22 -4.31
N ILE A 97 -0.18 -3.85 -5.58
CA ILE A 97 1.12 -3.85 -6.23
C ILE A 97 1.40 -2.48 -6.86
N LYS A 98 2.24 -1.70 -6.19
CA LYS A 98 2.58 -0.37 -6.69
C LYS A 98 3.90 -0.40 -7.44
N VAL A 99 4.02 0.44 -8.47
CA VAL A 99 5.23 0.50 -9.26
C VAL A 99 6.08 1.70 -8.86
N GLN A 100 6.93 2.16 -9.78
CA GLN A 100 7.79 3.31 -9.51
C GLN A 100 8.67 3.04 -8.31
N VAL B 22 24.84 -3.94 -23.42
CA VAL B 22 23.95 -4.85 -22.70
C VAL B 22 23.98 -4.59 -21.19
N PRO B 23 23.05 -3.85 -20.66
CA PRO B 23 23.01 -3.55 -19.20
C PRO B 23 22.29 -4.64 -18.41
N SER B 24 23.06 -5.61 -17.91
CA SER B 24 22.49 -6.70 -17.14
C SER B 24 22.69 -6.46 -15.64
N ARG B 25 21.74 -6.93 -14.84
CA ARG B 25 21.82 -6.76 -13.40
C ARG B 25 20.64 -7.44 -12.72
N PHE B 26 20.88 -7.96 -11.51
CA PHE B 26 19.84 -8.65 -10.76
C PHE B 26 19.01 -7.64 -9.97
N GLU B 27 17.72 -7.92 -9.83
CA GLU B 27 16.83 -7.03 -9.09
C GLU B 27 16.38 -7.69 -7.78
N ASP B 28 16.43 -6.92 -6.69
CA ASP B 28 16.03 -7.43 -5.39
C ASP B 28 14.63 -6.95 -5.01
N VAL B 29 13.63 -7.73 -5.40
CA VAL B 29 12.24 -7.38 -5.10
C VAL B 29 12.02 -7.33 -3.59
N ARG B 30 10.89 -6.77 -3.19
CA ARG B 30 10.56 -6.67 -1.77
C ARG B 30 9.11 -7.03 -1.52
N VAL B 31 8.88 -8.01 -0.66
CA VAL B 31 7.52 -8.45 -0.34
C VAL B 31 7.16 -8.09 1.10
N VAL B 32 6.32 -7.08 1.26
CA VAL B 32 5.90 -6.64 2.59
C VAL B 32 4.48 -7.12 2.88
N GLN B 33 4.33 -7.86 3.96
CA GLN B 33 3.02 -8.38 4.37
C GLN B 33 2.74 -8.05 5.83
N VAL B 34 2.05 -6.95 6.06
CA VAL B 34 1.72 -6.53 7.43
C VAL B 34 0.46 -5.67 7.44
N VAL B 35 -0.23 -5.65 8.58
CA VAL B 35 -1.45 -4.86 8.71
C VAL B 35 -1.49 -4.21 10.09
N ALA B 36 -1.42 -2.88 10.12
CA ALA B 36 -1.46 -2.14 11.37
C ALA B 36 -1.26 -0.65 11.13
N GLY B 37 -1.80 0.17 12.02
CA GLY B 37 -1.67 1.62 11.89
C GLY B 37 -2.53 2.34 12.92
N TRP B 38 -2.30 3.63 13.08
CA TRP B 38 -3.06 4.43 14.04
C TRP B 38 -4.53 4.51 13.62
N ARG B 39 -5.29 5.33 14.32
CA ARG B 39 -6.70 5.50 14.03
C ARG B 39 -7.14 6.94 14.27
N VAL B 40 -7.67 7.57 13.22
CA VAL B 40 -8.13 8.96 13.33
C VAL B 40 -9.63 9.00 13.60
N SER B 41 -10.08 10.07 14.26
CA SER B 41 -11.49 10.23 14.57
C SER B 41 -12.13 11.30 13.67
N VAL B 42 -13.22 10.93 13.02
CA VAL B 42 -13.93 11.86 12.14
C VAL B 42 -15.41 11.89 12.47
N LYS B 43 -16.00 13.08 12.42
CA LYS B 43 -17.42 13.24 12.71
C LYS B 43 -18.22 13.36 11.42
N ILE B 44 -19.30 12.59 11.33
CA ILE B 44 -20.15 12.62 10.15
C ILE B 44 -21.63 12.56 10.54
N ALA B 45 -22.39 13.54 10.09
CA ALA B 45 -23.82 13.58 10.40
C ALA B 45 -24.63 12.96 9.27
N GLU B 46 -25.37 11.91 9.59
CA GLU B 46 -26.20 11.23 8.59
C GLU B 46 -27.59 10.96 9.15
N THR B 47 -28.60 11.41 8.42
CA THR B 47 -29.99 11.21 8.85
C THR B 47 -30.54 9.90 8.29
N GLU B 48 -31.84 9.86 8.08
CA GLU B 48 -32.48 8.65 7.54
C GLU B 48 -32.65 8.77 6.04
N GLU B 49 -32.84 10.00 5.56
CA GLU B 49 -33.02 10.22 4.13
C GLU B 49 -32.03 9.38 3.32
N GLY B 50 -30.87 9.15 3.89
CA GLY B 50 -29.85 8.36 3.22
C GLY B 50 -28.83 9.26 2.51
N GLU B 51 -28.50 10.38 3.14
CA GLU B 51 -27.54 11.32 2.56
C GLU B 51 -26.62 11.87 3.64
N VAL B 52 -25.43 12.30 3.23
CA VAL B 52 -24.46 12.86 4.16
C VAL B 52 -24.34 14.37 3.98
N VAL B 53 -24.42 15.09 5.09
CA VAL B 53 -24.31 16.55 5.05
C VAL B 53 -22.88 16.98 4.78
N THR B 54 -22.16 17.33 5.84
CA THR B 54 -20.76 17.75 5.69
C THR B 54 -19.89 17.08 6.75
N VAL B 55 -18.66 16.75 6.38
CA VAL B 55 -17.73 16.10 7.29
C VAL B 55 -16.78 17.12 7.91
N LYS B 56 -16.49 16.96 9.19
CA LYS B 56 -15.58 17.86 9.89
C LYS B 56 -14.55 17.08 10.70
N ALA B 57 -13.33 17.03 10.19
CA ALA B 57 -12.26 16.32 10.89
C ALA B 57 -11.74 17.12 12.06
N GLU B 58 -10.93 16.49 12.90
CA GLU B 58 -10.37 17.15 14.07
C GLU B 58 -9.02 17.78 13.73
N PHE B 59 -8.90 19.09 13.95
CA PHE B 59 -7.66 19.79 13.66
C PHE B 59 -6.61 19.49 14.73
N ASP B 60 -7.06 18.93 15.85
CA ASP B 60 -6.16 18.60 16.94
C ASP B 60 -5.36 17.33 16.62
N GLU B 61 -6.06 16.27 16.25
CA GLU B 61 -5.41 15.01 15.92
C GLU B 61 -4.58 15.16 14.65
N CYS B 62 -4.97 16.10 13.79
CA CYS B 62 -4.25 16.32 12.55
C CYS B 62 -2.94 17.04 12.81
N ARG B 63 -2.92 17.89 13.82
CA ARG B 63 -1.71 18.63 14.17
C ARG B 63 -0.68 17.72 14.82
N GLU B 64 -1.16 16.83 15.69
CA GLU B 64 -0.26 15.90 16.38
C GLU B 64 0.21 14.81 15.43
N ILE B 65 -0.61 14.50 14.43
CA ILE B 65 -0.25 13.48 13.46
C ILE B 65 0.80 14.00 12.49
N GLY B 66 0.78 15.32 12.25
CA GLY B 66 1.73 15.92 11.35
C GLY B 66 3.17 15.64 11.79
N GLU B 67 3.34 15.35 13.08
CA GLU B 67 4.67 15.05 13.60
C GLU B 67 5.14 13.67 13.14
N GLU B 68 4.18 12.78 12.92
CA GLU B 68 4.51 11.43 12.47
C GLU B 68 4.73 11.40 10.96
N THR B 69 4.05 12.31 10.25
CA THR B 69 4.17 12.39 8.81
C THR B 69 5.38 13.23 8.41
N GLY B 70 5.46 14.42 8.99
CA GLY B 70 6.57 15.32 8.69
C GLY B 70 6.20 16.32 7.59
N ILE B 71 4.89 16.43 7.33
CA ILE B 71 4.41 17.34 6.31
C ILE B 71 3.36 18.29 6.90
N PRO B 72 3.15 19.44 6.29
CA PRO B 72 2.16 20.44 6.77
C PRO B 72 0.89 19.75 7.31
N PRO B 73 0.14 20.42 8.15
CA PRO B 73 -1.12 19.86 8.72
C PRO B 73 -2.24 19.77 7.67
N ARG B 74 -2.56 20.91 7.07
CA ARG B 74 -3.60 20.95 6.05
C ARG B 74 -3.46 19.76 5.09
N GLU B 75 -2.27 19.59 4.55
CA GLU B 75 -2.01 18.48 3.63
C GLU B 75 -2.54 17.17 4.19
N VAL B 76 -2.52 17.05 5.51
CA VAL B 76 -2.99 15.83 6.16
C VAL B 76 -4.51 15.87 6.31
N LYS B 77 -5.02 16.98 6.84
CA LYS B 77 -6.46 17.13 7.03
C LYS B 77 -7.21 16.76 5.76
N ALA B 78 -6.68 17.16 4.61
CA ALA B 78 -7.30 16.86 3.33
C ALA B 78 -7.21 15.37 3.02
N MET B 79 -6.00 14.83 3.13
CA MET B 79 -5.78 13.42 2.87
C MET B 79 -6.65 12.55 3.78
N VAL B 80 -6.77 12.98 5.03
CA VAL B 80 -7.57 12.23 6.00
C VAL B 80 -9.06 12.52 5.82
N GLU B 81 -9.38 13.78 5.59
CA GLU B 81 -10.77 14.19 5.40
C GLU B 81 -11.41 13.37 4.26
N ALA B 82 -10.73 13.35 3.11
CA ALA B 82 -11.23 12.60 1.96
C ALA B 82 -11.38 11.12 2.32
N ALA B 83 -10.42 10.60 3.05
CA ALA B 83 -10.46 9.20 3.46
C ALA B 83 -11.86 8.82 3.94
N ALA B 84 -12.30 9.45 5.02
CA ALA B 84 -13.62 9.17 5.57
C ALA B 84 -14.69 9.28 4.49
N ARG B 85 -14.47 10.18 3.54
CA ARG B 85 -15.44 10.38 2.46
C ARG B 85 -15.63 9.09 1.66
N VAL B 86 -14.62 8.23 1.68
CA VAL B 86 -14.69 6.96 0.97
C VAL B 86 -14.41 5.80 1.91
N GLY B 87 -14.05 6.10 3.15
CA GLY B 87 -13.77 5.07 4.13
C GLY B 87 -12.99 3.92 3.51
N GLY B 88 -11.66 4.01 3.56
CA GLY B 88 -10.82 2.97 2.99
C GLY B 88 -9.52 2.83 3.79
N TRP B 89 -8.39 3.09 3.14
CA TRP B 89 -7.10 2.99 3.79
C TRP B 89 -6.05 3.81 3.04
N VAL B 90 -5.01 4.23 3.75
CA VAL B 90 -3.95 5.03 3.15
C VAL B 90 -2.58 4.54 3.59
N ASP B 91 -1.66 4.47 2.64
CA ASP B 91 -0.30 4.02 2.94
C ASP B 91 0.68 5.15 2.67
N LEU B 92 1.31 5.66 3.73
CA LEU B 92 2.27 6.74 3.61
C LEU B 92 3.60 6.22 3.09
N LYS B 93 3.71 4.90 2.98
CA LYS B 93 4.93 4.28 2.49
C LYS B 93 5.48 5.07 1.30
N GLU B 94 4.59 5.77 0.62
CA GLU B 94 4.99 6.57 -0.54
C GLU B 94 3.84 7.50 -0.97
N ARG B 95 2.90 7.70 -0.06
CA ARG B 95 1.75 8.56 -0.33
C ARG B 95 0.87 7.95 -1.42
N GLU B 96 -0.17 7.23 -1.00
CA GLU B 96 -1.08 6.59 -1.94
C GLU B 96 -2.41 6.26 -1.26
N ILE B 97 -3.50 6.62 -1.93
CA ILE B 97 -4.84 6.38 -1.40
C ILE B 97 -5.54 5.28 -2.20
N LYS B 98 -6.06 4.28 -1.50
CA LYS B 98 -6.76 3.19 -2.17
C LYS B 98 -8.01 2.80 -1.39
N VAL B 99 -8.89 2.04 -2.04
CA VAL B 99 -10.14 1.61 -1.41
C VAL B 99 -10.03 0.16 -0.96
N GLN B 100 -10.02 -0.05 0.35
CA GLN B 100 -9.92 -1.40 0.91
C GLN B 100 -10.45 -1.42 2.35
N VAL A 22 -32.43 12.10 13.01
CA VAL A 22 -31.12 12.50 12.50
C VAL A 22 -30.11 11.37 12.68
N PRO A 23 -30.13 10.37 11.82
CA PRO A 23 -29.19 9.22 11.89
C PRO A 23 -27.74 9.67 11.97
N SER A 24 -27.18 9.63 13.17
CA SER A 24 -25.79 10.04 13.38
C SER A 24 -24.95 8.85 13.83
N ARG A 25 -23.64 8.94 13.59
CA ARG A 25 -22.73 7.85 13.98
C ARG A 25 -21.28 8.27 13.77
N PHE A 26 -20.40 7.77 14.62
CA PHE A 26 -18.98 8.10 14.53
C PHE A 26 -18.29 7.19 13.52
N GLU A 27 -17.28 7.73 12.84
CA GLU A 27 -16.53 6.95 11.85
C GLU A 27 -15.13 6.65 12.35
N ASP A 28 -14.36 5.93 11.54
CA ASP A 28 -12.99 5.58 11.91
C ASP A 28 -12.08 5.60 10.69
N VAL A 29 -11.13 6.53 10.67
CA VAL A 29 -10.20 6.65 9.56
C VAL A 29 -8.86 6.00 9.91
N ARG A 30 -8.53 4.92 9.22
CA ARG A 30 -7.27 4.22 9.47
C ARG A 30 -6.19 4.73 8.53
N VAL A 31 -5.08 5.20 9.13
CA VAL A 31 -3.97 5.71 8.34
C VAL A 31 -2.76 4.77 8.44
N VAL A 32 -2.41 4.14 7.32
CA VAL A 32 -1.29 3.22 7.29
C VAL A 32 -0.09 3.85 6.58
N GLN A 33 1.08 3.27 6.81
CA GLN A 33 2.31 3.78 6.19
C GLN A 33 3.06 2.64 5.49
N VAL A 34 3.76 2.97 4.41
CA VAL A 34 4.52 1.98 3.67
C VAL A 34 5.85 1.69 4.36
N VAL A 35 6.25 0.43 4.34
CA VAL A 35 7.51 0.03 4.98
C VAL A 35 8.22 -1.01 4.12
N ALA A 36 9.56 -0.93 4.09
CA ALA A 36 10.36 -1.86 3.31
C ALA A 36 10.08 -3.30 3.74
N GLY A 37 10.58 -4.25 2.96
CA GLY A 37 10.39 -5.66 3.29
C GLY A 37 11.51 -6.51 2.71
N TRP A 38 11.15 -7.66 2.16
CA TRP A 38 12.15 -8.56 1.58
C TRP A 38 12.43 -8.19 0.12
N ARG A 39 13.45 -8.82 -0.46
CA ARG A 39 13.82 -8.55 -1.84
C ARG A 39 14.27 -9.82 -2.54
N VAL A 40 13.69 -10.10 -3.70
CA VAL A 40 14.05 -11.29 -4.45
C VAL A 40 14.99 -10.95 -5.60
N SER A 41 16.00 -11.79 -5.80
CA SER A 41 16.96 -11.57 -6.87
C SER A 41 16.52 -12.26 -8.15
N VAL A 42 16.11 -11.47 -9.14
CA VAL A 42 15.66 -12.02 -10.42
C VAL A 42 16.71 -11.78 -11.50
N LYS A 43 16.85 -12.73 -12.40
CA LYS A 43 17.82 -12.62 -13.49
C LYS A 43 17.15 -12.12 -14.77
N ILE A 44 17.79 -11.16 -15.43
CA ILE A 44 17.24 -10.61 -16.67
C ILE A 44 18.36 -10.26 -17.64
N ALA A 45 18.33 -10.89 -18.81
CA ALA A 45 19.35 -10.63 -19.82
C ALA A 45 18.80 -9.74 -20.92
N GLU A 46 19.31 -8.51 -21.00
CA GLU A 46 18.87 -7.56 -22.01
C GLU A 46 19.93 -7.41 -23.10
N THR A 47 19.47 -7.29 -24.34
CA THR A 47 20.40 -7.14 -25.47
C THR A 47 20.52 -5.67 -25.86
N GLU A 48 20.92 -5.43 -27.11
CA GLU A 48 21.09 -4.07 -27.59
C GLU A 48 19.85 -3.63 -28.36
N GLU A 49 19.35 -4.50 -29.23
CA GLU A 49 18.16 -4.20 -30.02
C GLU A 49 17.12 -3.47 -29.16
N GLY A 50 17.22 -3.65 -27.85
CA GLY A 50 16.28 -3.02 -26.93
C GLY A 50 15.25 -4.04 -26.43
N GLU A 51 15.35 -5.26 -26.93
CA GLU A 51 14.42 -6.31 -26.53
C GLU A 51 15.06 -7.21 -25.47
N VAL A 52 14.22 -7.85 -24.67
CA VAL A 52 14.70 -8.75 -23.62
C VAL A 52 14.44 -10.20 -23.99
N VAL A 53 15.47 -11.03 -23.88
CA VAL A 53 15.34 -12.45 -24.19
C VAL A 53 14.27 -13.11 -23.31
N THR A 54 14.70 -13.71 -22.21
CA THR A 54 13.77 -14.37 -21.30
C THR A 54 14.13 -14.07 -19.86
N VAL A 55 13.12 -14.02 -18.99
CA VAL A 55 13.34 -13.74 -17.58
C VAL A 55 13.31 -15.04 -16.78
N LYS A 56 14.14 -15.10 -15.73
CA LYS A 56 14.21 -16.28 -14.89
C LYS A 56 14.18 -15.89 -13.42
N ALA A 57 13.15 -16.34 -12.71
CA ALA A 57 13.00 -16.03 -11.29
C ALA A 57 13.57 -17.14 -10.43
N GLU A 58 14.20 -16.77 -9.33
CA GLU A 58 14.80 -17.75 -8.42
C GLU A 58 13.70 -18.51 -7.67
N PHE A 59 13.65 -19.82 -7.88
CA PHE A 59 12.65 -20.65 -7.22
C PHE A 59 13.02 -20.88 -5.76
N ASP A 60 14.32 -20.90 -5.48
CA ASP A 60 14.79 -21.12 -4.12
C ASP A 60 14.12 -20.15 -3.16
N GLU A 61 14.40 -18.85 -3.33
CA GLU A 61 13.82 -17.84 -2.47
C GLU A 61 12.29 -17.90 -2.52
N CYS A 62 11.75 -17.93 -3.73
CA CYS A 62 10.30 -17.99 -3.90
C CYS A 62 9.71 -19.15 -3.10
N ARG A 63 10.42 -20.28 -3.09
CA ARG A 63 9.96 -21.45 -2.37
C ARG A 63 10.00 -21.20 -0.88
N GLU A 64 11.11 -20.66 -0.39
CA GLU A 64 11.26 -20.37 1.04
C GLU A 64 10.31 -19.25 1.45
N ILE A 65 10.00 -18.37 0.51
CA ILE A 65 9.10 -17.25 0.79
C ILE A 65 7.66 -17.74 0.89
N GLY A 66 7.33 -18.76 0.09
CA GLY A 66 5.98 -19.32 0.10
C GLY A 66 5.48 -19.53 1.53
N GLU A 67 6.42 -19.80 2.43
CA GLU A 67 6.06 -20.03 3.83
C GLU A 67 5.60 -18.73 4.48
N GLU A 68 6.23 -17.63 4.11
CA GLU A 68 5.86 -16.33 4.67
C GLU A 68 4.49 -15.89 4.15
N THR A 69 4.17 -16.29 2.93
CA THR A 69 2.89 -15.95 2.34
C THR A 69 1.81 -16.93 2.77
N GLY A 70 2.10 -18.21 2.65
CA GLY A 70 1.14 -19.25 3.04
C GLY A 70 0.47 -19.85 1.81
N ILE A 71 0.64 -19.21 0.67
CA ILE A 71 0.03 -19.69 -0.57
C ILE A 71 1.06 -20.44 -1.42
N PRO A 72 0.63 -21.32 -2.29
CA PRO A 72 1.55 -22.09 -3.17
C PRO A 72 2.72 -21.24 -3.66
N PRO A 73 3.81 -21.86 -4.05
CA PRO A 73 5.01 -21.11 -4.55
C PRO A 73 4.77 -20.49 -5.93
N ARG A 74 4.27 -21.29 -6.86
CA ARG A 74 3.99 -20.80 -8.21
C ARG A 74 3.31 -19.45 -8.15
N GLU A 75 2.21 -19.37 -7.42
CA GLU A 75 1.46 -18.12 -7.29
C GLU A 75 2.42 -16.96 -7.04
N VAL A 76 3.49 -17.22 -6.31
CA VAL A 76 4.47 -16.18 -6.01
C VAL A 76 5.45 -16.02 -7.16
N LYS A 77 5.98 -17.14 -7.64
CA LYS A 77 6.94 -17.10 -8.75
C LYS A 77 6.43 -16.20 -9.87
N ALA A 78 5.16 -16.35 -10.23
CA ALA A 78 4.57 -15.55 -11.29
C ALA A 78 4.41 -14.10 -10.84
N MET A 79 3.55 -13.88 -9.85
CA MET A 79 3.31 -12.54 -9.32
C MET A 79 4.63 -11.78 -9.16
N VAL A 80 5.63 -12.47 -8.63
CA VAL A 80 6.93 -11.84 -8.43
C VAL A 80 7.64 -11.60 -9.77
N GLU A 81 7.43 -12.51 -10.71
CA GLU A 81 8.05 -12.39 -12.03
C GLU A 81 7.47 -11.21 -12.79
N ALA A 82 6.15 -11.24 -13.00
CA ALA A 82 5.47 -10.17 -13.72
C ALA A 82 5.98 -8.82 -13.26
N ALA A 83 6.15 -8.67 -11.95
CA ALA A 83 6.63 -7.41 -11.39
C ALA A 83 7.93 -6.98 -12.05
N ALA A 84 8.96 -7.81 -11.89
CA ALA A 84 10.27 -7.51 -12.48
C ALA A 84 10.11 -7.07 -13.94
N ARG A 85 8.98 -7.41 -14.53
CA ARG A 85 8.73 -7.05 -15.92
C ARG A 85 8.24 -5.61 -16.02
N VAL A 86 7.53 -5.15 -14.99
CA VAL A 86 7.01 -3.79 -14.96
C VAL A 86 7.68 -2.97 -13.88
N GLY A 87 8.57 -3.60 -13.13
CA GLY A 87 9.26 -2.90 -12.05
C GLY A 87 9.72 -3.88 -10.97
N GLY A 88 8.93 -3.99 -9.90
CA GLY A 88 9.28 -4.89 -8.81
C GLY A 88 8.76 -4.39 -7.46
N TRP A 89 7.46 -4.53 -7.24
CA TRP A 89 6.86 -4.09 -5.98
C TRP A 89 5.51 -4.77 -5.79
N VAL A 90 5.26 -5.25 -4.56
CA VAL A 90 3.99 -5.91 -4.27
C VAL A 90 3.57 -5.65 -2.82
N ASP A 91 2.29 -5.89 -2.54
CA ASP A 91 1.76 -5.70 -1.20
C ASP A 91 0.73 -6.78 -0.89
N LEU A 92 1.07 -7.65 0.06
CA LEU A 92 0.18 -8.74 0.44
C LEU A 92 -0.91 -8.23 1.39
N LYS A 93 -0.59 -7.17 2.12
CA LYS A 93 -1.54 -6.60 3.07
C LYS A 93 -2.83 -6.20 2.35
N GLU A 94 -2.73 -6.01 1.04
CA GLU A 94 -3.89 -5.62 0.24
C GLU A 94 -3.85 -6.32 -1.13
N ARG A 95 -2.88 -7.22 -1.30
CA ARG A 95 -2.74 -7.94 -2.55
C ARG A 95 -2.79 -6.97 -3.73
N GLU A 96 -1.63 -6.43 -4.09
CA GLU A 96 -1.56 -5.48 -5.20
C GLU A 96 -0.14 -5.43 -5.76
N ILE A 97 -0.04 -5.45 -7.09
CA ILE A 97 1.27 -5.40 -7.74
C ILE A 97 1.56 -3.99 -8.25
N LYS A 98 2.77 -3.50 -7.98
CA LYS A 98 3.14 -2.16 -8.40
C LYS A 98 4.58 -2.15 -8.95
N VAL A 99 5.00 -0.99 -9.45
CA VAL A 99 6.34 -0.86 -9.99
C VAL A 99 7.27 -0.27 -8.92
N GLN A 100 8.53 -0.73 -8.93
CA GLN A 100 9.50 -0.25 -7.97
C GLN A 100 9.71 1.26 -8.11
N VAL B 22 26.15 -8.49 -24.12
CA VAL B 22 24.87 -8.75 -23.46
C VAL B 22 25.04 -8.77 -21.94
N PRO B 23 25.13 -7.63 -21.33
CA PRO B 23 25.30 -7.51 -19.85
C PRO B 23 23.97 -7.62 -19.12
N SER B 24 23.79 -8.72 -18.38
CA SER B 24 22.56 -8.93 -17.62
C SER B 24 22.49 -7.97 -16.43
N ARG B 25 21.53 -8.21 -15.55
CA ARG B 25 21.36 -7.36 -14.37
C ARG B 25 20.36 -7.98 -13.41
N PHE B 26 20.67 -7.93 -12.12
CA PHE B 26 19.77 -8.48 -11.10
C PHE B 26 18.74 -7.45 -10.68
N GLU B 27 17.49 -7.88 -10.54
CA GLU B 27 16.41 -6.99 -10.13
C GLU B 27 15.93 -7.32 -8.73
N ASP B 28 15.80 -6.30 -7.89
CA ASP B 28 15.36 -6.50 -6.52
C ASP B 28 13.86 -6.22 -6.39
N VAL B 29 13.07 -7.27 -6.49
CA VAL B 29 11.62 -7.12 -6.38
C VAL B 29 11.20 -6.98 -4.93
N ARG B 30 10.72 -5.79 -4.57
CA ARG B 30 10.30 -5.53 -3.20
C ARG B 30 8.96 -6.22 -2.92
N VAL B 31 8.86 -6.84 -1.75
CA VAL B 31 7.64 -7.53 -1.36
C VAL B 31 7.28 -7.22 0.09
N VAL B 32 6.56 -6.12 0.28
CA VAL B 32 6.16 -5.71 1.62
C VAL B 32 4.87 -6.41 2.04
N GLN B 33 4.81 -6.82 3.30
CA GLN B 33 3.63 -7.51 3.82
C GLN B 33 3.40 -7.14 5.28
N VAL B 34 2.56 -6.14 5.51
CA VAL B 34 2.27 -5.70 6.88
C VAL B 34 0.87 -5.10 6.97
N VAL B 35 0.12 -5.52 7.99
CA VAL B 35 -1.23 -5.02 8.20
C VAL B 35 -1.34 -4.32 9.55
N ALA B 36 -1.37 -2.99 9.54
CA ALA B 36 -1.47 -2.23 10.77
C ALA B 36 -1.83 -0.77 10.48
N GLY B 37 -2.08 -0.01 11.54
CA GLY B 37 -2.44 1.40 11.38
C GLY B 37 -3.18 1.91 12.61
N TRP B 38 -3.37 3.22 12.68
CA TRP B 38 -4.06 3.83 13.81
C TRP B 38 -5.54 3.99 13.49
N ARG B 39 -6.26 4.68 14.38
CA ARG B 39 -7.69 4.91 14.19
C ARG B 39 -8.10 6.28 14.73
N VAL B 40 -8.54 7.15 13.84
CA VAL B 40 -8.95 8.49 14.24
C VAL B 40 -10.48 8.57 14.33
N SER B 41 -10.98 9.05 15.46
CA SER B 41 -12.42 9.17 15.65
C SER B 41 -12.95 10.41 14.93
N VAL B 42 -14.12 10.27 14.31
CA VAL B 42 -14.72 11.38 13.58
C VAL B 42 -16.24 11.37 13.77
N LYS B 43 -16.82 12.55 13.98
CA LYS B 43 -18.26 12.66 14.17
C LYS B 43 -18.92 13.14 12.89
N ILE B 44 -19.91 12.39 12.41
CA ILE B 44 -20.61 12.75 11.18
C ILE B 44 -22.11 12.58 11.37
N ALA B 45 -22.85 13.67 11.14
CA ALA B 45 -24.30 13.64 11.28
C ALA B 45 -24.97 13.48 9.92
N GLU B 46 -26.03 12.68 9.87
CA GLU B 46 -26.75 12.45 8.62
C GLU B 46 -28.25 12.57 8.85
N THR B 47 -28.94 13.14 7.86
CA THR B 47 -30.39 13.32 7.94
C THR B 47 -31.11 12.32 7.04
N GLU B 48 -30.93 12.47 5.74
CA GLU B 48 -31.56 11.58 4.77
C GLU B 48 -30.61 10.46 4.36
N GLU B 49 -29.43 10.45 4.98
CA GLU B 49 -28.42 9.44 4.66
C GLU B 49 -27.87 9.65 3.26
N GLY B 50 -28.48 10.57 2.52
CA GLY B 50 -28.05 10.86 1.16
C GLY B 50 -27.14 12.08 1.14
N GLU B 51 -27.14 12.84 2.23
CA GLU B 51 -26.32 14.04 2.32
C GLU B 51 -25.66 14.13 3.70
N VAL B 52 -24.61 14.92 3.79
CA VAL B 52 -23.90 15.10 5.05
C VAL B 52 -23.87 16.58 5.46
N VAL B 53 -24.27 16.85 6.68
CA VAL B 53 -24.29 18.23 7.17
C VAL B 53 -22.87 18.79 7.25
N THR B 54 -22.27 18.73 8.42
CA THR B 54 -20.91 19.24 8.59
C THR B 54 -20.08 18.28 9.45
N VAL B 55 -18.95 17.84 8.90
CA VAL B 55 -18.08 16.92 9.62
C VAL B 55 -17.09 17.68 10.49
N LYS B 56 -16.74 17.09 11.64
CA LYS B 56 -15.79 17.73 12.56
C LYS B 56 -14.74 16.72 13.00
N ALA B 57 -13.65 16.64 12.24
CA ALA B 57 -12.57 15.73 12.55
C ALA B 57 -11.80 16.21 13.78
N GLU B 58 -11.29 15.27 14.57
CA GLU B 58 -10.53 15.62 15.76
C GLU B 58 -9.20 16.24 15.38
N PHE B 59 -9.04 17.53 15.70
CA PHE B 59 -7.81 18.24 15.39
C PHE B 59 -6.69 17.82 16.34
N ASP B 60 -7.03 17.02 17.34
CA ASP B 60 -6.04 16.55 18.31
C ASP B 60 -5.21 15.43 17.72
N GLU B 61 -5.86 14.30 17.43
CA GLU B 61 -5.16 13.16 16.87
C GLU B 61 -4.49 13.53 15.55
N CYS B 62 -5.16 14.35 14.76
CA CYS B 62 -4.63 14.79 13.47
C CYS B 62 -3.28 15.45 13.66
N ARG B 63 -3.19 16.33 14.65
CA ARG B 63 -1.94 17.05 14.92
C ARG B 63 -0.87 16.08 15.42
N GLU B 64 -1.18 15.36 16.50
CA GLU B 64 -0.23 14.42 17.07
C GLU B 64 0.21 13.41 16.02
N ILE B 65 -0.63 13.21 15.01
CA ILE B 65 -0.32 12.26 13.94
C ILE B 65 0.73 12.84 13.00
N GLY B 66 0.74 14.17 12.87
CA GLY B 66 1.69 14.84 12.00
C GLY B 66 3.12 14.69 12.52
N GLU B 67 3.24 14.36 13.80
CA GLU B 67 4.56 14.18 14.42
C GLU B 67 5.13 12.81 14.07
N GLU B 68 4.26 11.89 13.69
CA GLU B 68 4.69 10.54 13.34
C GLU B 68 5.46 10.54 12.02
N THR B 69 4.85 11.11 10.98
CA THR B 69 5.49 11.17 9.68
C THR B 69 6.34 12.43 9.54
N GLY B 70 5.88 13.52 10.15
CA GLY B 70 6.60 14.78 10.09
C GLY B 70 6.21 15.59 8.86
N ILE B 71 4.94 15.48 8.47
CA ILE B 71 4.44 16.21 7.32
C ILE B 71 3.45 17.29 7.75
N PRO B 72 3.37 18.41 7.04
CA PRO B 72 2.44 19.51 7.39
C PRO B 72 1.13 19.01 8.00
N PRO B 73 1.00 19.04 9.32
CA PRO B 73 -0.24 18.56 10.01
C PRO B 73 -1.50 19.16 9.40
N ARG B 74 -1.33 20.10 8.48
CA ARG B 74 -2.47 20.75 7.84
C ARG B 74 -3.11 19.80 6.83
N GLU B 75 -2.31 19.33 5.88
CA GLU B 75 -2.82 18.42 4.86
C GLU B 75 -3.47 17.20 5.50
N VAL B 76 -3.13 16.96 6.76
CA VAL B 76 -3.69 15.82 7.49
C VAL B 76 -5.15 16.08 7.85
N LYS B 77 -5.39 17.21 8.54
CA LYS B 77 -6.74 17.56 8.95
C LYS B 77 -7.71 17.40 7.78
N ALA B 78 -7.27 17.77 6.59
CA ALA B 78 -8.10 17.65 5.40
C ALA B 78 -8.16 16.21 4.92
N MET B 79 -6.99 15.67 4.56
CA MET B 79 -6.92 14.30 4.08
C MET B 79 -7.70 13.37 4.99
N VAL B 80 -7.43 13.45 6.29
CA VAL B 80 -8.11 12.61 7.26
C VAL B 80 -9.62 12.83 7.19
N GLU B 81 -10.03 14.09 7.03
CA GLU B 81 -11.45 14.42 6.95
C GLU B 81 -12.05 13.85 5.67
N ALA B 82 -11.43 14.18 4.54
CA ALA B 82 -11.92 13.69 3.25
C ALA B 82 -12.17 12.19 3.31
N ALA B 83 -11.41 11.51 4.17
CA ALA B 83 -11.56 10.06 4.32
C ALA B 83 -12.92 9.72 4.89
N ALA B 84 -13.17 10.16 6.11
CA ALA B 84 -14.46 9.89 6.76
C ALA B 84 -15.61 10.12 5.78
N ARG B 85 -15.36 10.94 4.77
CA ARG B 85 -16.39 11.23 3.76
C ARG B 85 -16.59 10.02 2.84
N VAL B 86 -15.49 9.42 2.42
CA VAL B 86 -15.55 8.26 1.53
C VAL B 86 -15.29 6.98 2.31
N GLY B 87 -15.04 7.12 3.61
CA GLY B 87 -14.78 5.96 4.45
C GLY B 87 -13.85 4.97 3.75
N GLY B 88 -12.56 5.06 4.03
CA GLY B 88 -11.59 4.16 3.42
C GLY B 88 -10.24 4.26 4.11
N TRP B 89 -9.19 3.77 3.44
CA TRP B 89 -7.85 3.81 4.01
C TRP B 89 -7.01 4.88 3.31
N VAL B 90 -5.88 5.22 3.92
CA VAL B 90 -4.99 6.23 3.34
C VAL B 90 -3.53 5.91 3.67
N ASP B 91 -2.68 5.98 2.66
CA ASP B 91 -1.26 5.71 2.86
C ASP B 91 -0.50 6.99 3.17
N LEU B 92 0.25 6.97 4.27
CA LEU B 92 1.01 8.15 4.68
C LEU B 92 2.24 8.33 3.80
N LYS B 93 3.03 7.26 3.68
CA LYS B 93 4.24 7.32 2.88
C LYS B 93 3.91 7.11 1.40
N GLU B 94 2.70 7.46 1.01
CA GLU B 94 2.26 7.31 -0.37
C GLU B 94 1.08 8.22 -0.68
N ARG B 95 0.65 8.97 0.34
CA ARG B 95 -0.47 9.89 0.20
C ARG B 95 -1.53 9.35 -0.77
N GLU B 96 -1.88 8.09 -0.59
CA GLU B 96 -2.88 7.46 -1.46
C GLU B 96 -4.24 7.40 -0.75
N ILE B 97 -5.27 7.03 -1.48
CA ILE B 97 -6.61 6.95 -0.91
C ILE B 97 -7.36 5.74 -1.47
N LYS B 98 -7.69 4.80 -0.60
CA LYS B 98 -8.41 3.60 -1.01
C LYS B 98 -9.87 3.67 -0.57
N VAL B 99 -10.74 2.98 -1.29
CA VAL B 99 -12.16 2.97 -0.96
C VAL B 99 -12.56 1.62 -0.34
N GLN B 100 -13.54 1.66 0.56
CA GLN B 100 -14.00 0.45 1.22
C GLN B 100 -14.19 -0.68 0.20
N VAL A 22 -31.62 10.85 10.83
CA VAL A 22 -30.33 11.50 10.60
C VAL A 22 -29.19 10.52 10.86
N PRO A 23 -28.92 9.64 9.94
CA PRO A 23 -27.83 8.63 10.06
C PRO A 23 -26.51 9.26 10.48
N SER A 24 -26.02 8.91 11.66
CA SER A 24 -24.76 9.45 12.14
C SER A 24 -23.95 8.37 12.87
N ARG A 25 -22.77 8.07 12.35
CA ARG A 25 -21.92 7.05 12.95
C ARG A 25 -20.45 7.42 12.82
N PHE A 26 -19.64 6.98 13.77
CA PHE A 26 -18.20 7.28 13.74
C PHE A 26 -17.49 6.35 12.75
N GLU A 27 -16.45 6.88 12.12
CA GLU A 27 -15.67 6.11 11.16
C GLU A 27 -14.28 5.80 11.71
N ASP A 28 -13.48 5.11 10.91
CA ASP A 28 -12.13 4.76 11.34
C ASP A 28 -11.18 4.70 10.15
N VAL A 29 -10.17 5.57 10.16
CA VAL A 29 -9.20 5.60 9.06
C VAL A 29 -7.91 4.90 9.48
N ARG A 30 -7.52 3.90 8.71
CA ARG A 30 -6.31 3.14 9.01
C ARG A 30 -5.08 3.83 8.40
N VAL A 31 -4.11 4.14 9.26
CA VAL A 31 -2.87 4.79 8.81
C VAL A 31 -1.69 3.87 9.01
N VAL A 32 -1.20 3.29 7.92
CA VAL A 32 -0.07 2.37 8.00
C VAL A 32 1.21 3.04 7.49
N GLN A 33 2.00 3.57 8.42
CA GLN A 33 3.25 4.23 8.05
C GLN A 33 4.43 3.32 8.37
N VAL A 34 4.87 2.56 7.38
CA VAL A 34 5.99 1.65 7.55
C VAL A 34 6.69 1.38 6.23
N VAL A 35 8.01 1.21 6.27
CA VAL A 35 8.79 0.94 5.07
C VAL A 35 9.74 -0.22 5.30
N ALA A 36 9.43 -1.37 4.71
CA ALA A 36 10.26 -2.55 4.86
C ALA A 36 9.74 -3.69 3.99
N GLY A 37 10.54 -4.75 3.86
CA GLY A 37 10.14 -5.90 3.07
C GLY A 37 11.37 -6.68 2.61
N TRP A 38 11.14 -7.89 2.10
CA TRP A 38 12.24 -8.73 1.64
C TRP A 38 12.39 -8.62 0.12
N ARG A 39 13.63 -8.56 -0.34
CA ARG A 39 13.90 -8.44 -1.76
C ARG A 39 14.20 -9.81 -2.37
N VAL A 40 13.83 -9.98 -3.64
CA VAL A 40 14.06 -11.24 -4.34
C VAL A 40 15.13 -11.05 -5.42
N SER A 41 15.77 -12.15 -5.81
CA SER A 41 16.82 -12.09 -6.83
C SER A 41 16.28 -12.53 -8.18
N VAL A 42 16.50 -11.69 -9.19
CA VAL A 42 16.04 -12.00 -10.54
C VAL A 42 17.14 -11.70 -11.56
N LYS A 43 17.11 -12.40 -12.68
CA LYS A 43 18.11 -12.20 -13.73
C LYS A 43 17.45 -12.15 -15.10
N ILE A 44 17.22 -10.93 -15.60
CA ILE A 44 16.60 -10.75 -16.90
C ILE A 44 17.65 -10.35 -17.94
N ALA A 45 17.36 -10.67 -19.21
CA ALA A 45 18.29 -10.34 -20.28
C ALA A 45 17.54 -9.69 -21.45
N GLU A 46 17.71 -8.39 -21.61
CA GLU A 46 17.05 -7.67 -22.69
C GLU A 46 17.98 -7.53 -23.89
N THR A 47 17.40 -7.57 -25.08
CA THR A 47 18.18 -7.45 -26.31
C THR A 47 18.00 -6.07 -26.93
N GLU A 48 16.80 -5.81 -27.43
CA GLU A 48 16.50 -4.52 -28.04
C GLU A 48 15.88 -3.57 -27.03
N GLU A 49 16.01 -3.90 -25.76
CA GLU A 49 15.45 -3.07 -24.69
C GLU A 49 13.96 -2.84 -24.91
N GLY A 50 13.31 -3.79 -25.58
CA GLY A 50 11.87 -3.68 -25.85
C GLY A 50 11.19 -5.03 -25.66
N GLU A 51 11.98 -6.09 -25.65
CA GLU A 51 11.43 -7.43 -25.47
C GLU A 51 12.32 -8.26 -24.55
N VAL A 52 11.70 -9.15 -23.78
CA VAL A 52 12.44 -10.00 -22.85
C VAL A 52 12.48 -11.44 -23.36
N VAL A 53 13.50 -11.75 -24.15
CA VAL A 53 13.66 -13.09 -24.70
C VAL A 53 13.31 -14.14 -23.66
N THR A 54 13.83 -13.95 -22.46
CA THR A 54 13.58 -14.89 -21.37
C THR A 54 13.56 -14.17 -20.03
N VAL A 55 12.88 -14.76 -19.05
CA VAL A 55 12.79 -14.18 -17.72
C VAL A 55 12.78 -15.26 -16.65
N LYS A 56 13.93 -15.44 -15.99
CA LYS A 56 14.04 -16.46 -14.94
C LYS A 56 13.92 -15.82 -13.57
N ALA A 57 13.59 -16.63 -12.57
CA ALA A 57 13.45 -16.13 -11.20
C ALA A 57 13.83 -17.21 -10.19
N GLU A 58 14.41 -16.79 -9.07
CA GLU A 58 14.83 -17.74 -8.05
C GLU A 58 13.63 -18.49 -7.49
N PHE A 59 13.35 -19.66 -8.07
CA PHE A 59 12.22 -20.46 -7.62
C PHE A 59 12.40 -20.88 -6.16
N ASP A 60 13.62 -20.72 -5.66
CA ASP A 60 13.91 -21.09 -4.27
C ASP A 60 13.39 -20.02 -3.31
N GLU A 61 13.95 -18.82 -3.40
CA GLU A 61 13.51 -17.73 -2.53
C GLU A 61 11.98 -17.62 -2.54
N CYS A 62 11.37 -18.09 -3.61
CA CYS A 62 9.92 -18.03 -3.74
C CYS A 62 9.27 -19.08 -2.84
N ARG A 63 9.87 -20.27 -2.80
CA ARG A 63 9.34 -21.35 -1.98
C ARG A 63 9.49 -21.04 -0.50
N GLU A 64 10.73 -20.79 -0.07
CA GLU A 64 11.00 -20.48 1.32
C GLU A 64 10.16 -19.29 1.78
N ILE A 65 9.76 -18.44 0.84
CA ILE A 65 8.96 -17.27 1.16
C ILE A 65 7.49 -17.66 1.31
N GLY A 66 7.03 -18.55 0.44
CA GLY A 66 5.64 -18.99 0.48
C GLY A 66 5.23 -19.38 1.90
N GLU A 67 6.22 -19.65 2.74
CA GLU A 67 5.95 -20.04 4.12
C GLU A 67 5.63 -18.81 4.97
N GLU A 68 6.59 -17.89 5.05
CA GLU A 68 6.40 -16.68 5.84
C GLU A 68 5.15 -15.92 5.39
N THR A 69 4.62 -16.31 4.23
CA THR A 69 3.42 -15.67 3.69
C THR A 69 2.20 -16.54 3.92
N GLY A 70 2.35 -17.84 3.70
CA GLY A 70 1.24 -18.77 3.90
C GLY A 70 0.62 -19.17 2.56
N ILE A 71 0.82 -18.33 1.55
CA ILE A 71 0.28 -18.61 0.22
C ILE A 71 1.25 -19.49 -0.57
N PRO A 72 0.77 -20.21 -1.55
CA PRO A 72 1.62 -21.11 -2.38
C PRO A 72 2.65 -20.32 -3.19
N PRO A 73 3.68 -20.99 -3.68
CA PRO A 73 4.75 -20.33 -4.50
C PRO A 73 4.25 -19.91 -5.87
N ARG A 74 3.49 -20.80 -6.52
CA ARG A 74 2.95 -20.51 -7.85
C ARG A 74 2.39 -19.09 -7.90
N GLU A 75 1.67 -18.70 -6.86
CA GLU A 75 1.08 -17.36 -6.81
C GLU A 75 2.18 -16.30 -6.68
N VAL A 76 3.31 -16.70 -6.11
CA VAL A 76 4.43 -15.78 -5.94
C VAL A 76 5.24 -15.68 -7.22
N LYS A 77 5.65 -16.84 -7.74
CA LYS A 77 6.45 -16.87 -8.97
C LYS A 77 5.85 -15.95 -10.03
N ALA A 78 4.57 -16.17 -10.34
CA ALA A 78 3.88 -15.35 -11.33
C ALA A 78 3.81 -13.89 -10.88
N MET A 79 3.33 -13.67 -9.67
CA MET A 79 3.22 -12.31 -9.13
C MET A 79 4.56 -11.59 -9.20
N VAL A 80 5.64 -12.34 -8.99
CA VAL A 80 6.98 -11.75 -9.03
C VAL A 80 7.41 -11.45 -10.46
N GLU A 81 7.56 -12.50 -11.27
CA GLU A 81 7.96 -12.32 -12.66
C GLU A 81 7.21 -11.15 -13.29
N ALA A 82 5.89 -11.14 -13.12
CA ALA A 82 5.08 -10.07 -13.69
C ALA A 82 5.65 -8.70 -13.30
N ALA A 83 5.86 -8.50 -12.01
CA ALA A 83 6.41 -7.25 -11.52
C ALA A 83 7.79 -6.99 -12.12
N ALA A 84 8.68 -7.97 -11.96
CA ALA A 84 10.03 -7.84 -12.50
C ALA A 84 9.99 -7.25 -13.90
N ARG A 85 8.89 -7.49 -14.61
CA ARG A 85 8.74 -6.97 -15.96
C ARG A 85 8.48 -5.47 -15.93
N VAL A 86 7.59 -5.05 -15.04
CA VAL A 86 7.26 -3.62 -14.92
C VAL A 86 8.06 -3.00 -13.78
N GLY A 87 8.99 -3.76 -13.22
CA GLY A 87 9.81 -3.26 -12.13
C GLY A 87 8.98 -2.46 -11.13
N GLY A 88 8.53 -3.13 -10.07
CA GLY A 88 7.71 -2.47 -9.05
C GLY A 88 7.69 -3.30 -7.77
N TRP A 89 6.96 -2.80 -6.78
CA TRP A 89 6.85 -3.49 -5.50
C TRP A 89 5.53 -4.25 -5.41
N VAL A 90 5.39 -5.09 -4.39
CA VAL A 90 4.17 -5.88 -4.21
C VAL A 90 3.68 -5.78 -2.77
N ASP A 91 2.36 -5.76 -2.61
CA ASP A 91 1.76 -5.68 -1.28
C ASP A 91 0.92 -6.93 -0.99
N LEU A 92 1.37 -7.74 -0.04
CA LEU A 92 0.66 -8.95 0.31
C LEU A 92 -0.64 -8.63 1.04
N LYS A 93 -0.52 -7.98 2.20
CA LYS A 93 -1.70 -7.62 2.99
C LYS A 93 -2.46 -6.48 2.32
N GLU A 94 -2.55 -6.55 0.99
CA GLU A 94 -3.26 -5.52 0.24
C GLU A 94 -3.39 -5.92 -1.23
N ARG A 95 -2.55 -6.86 -1.66
CA ARG A 95 -2.58 -7.33 -3.03
C ARG A 95 -2.62 -6.15 -4.00
N GLU A 96 -1.52 -5.42 -4.10
CA GLU A 96 -1.45 -4.27 -4.99
C GLU A 96 -0.11 -4.22 -5.71
N ILE A 97 -0.15 -3.97 -7.01
CA ILE A 97 1.07 -3.91 -7.82
C ILE A 97 1.30 -2.48 -8.31
N LYS A 98 2.47 -1.94 -7.99
CA LYS A 98 2.82 -0.59 -8.39
C LYS A 98 4.28 -0.51 -8.85
N VAL A 99 4.50 0.17 -9.96
CA VAL A 99 5.85 0.31 -10.51
C VAL A 99 6.83 0.71 -9.40
N GLN A 100 8.11 0.76 -9.74
CA GLN A 100 9.14 1.12 -8.78
C GLN A 100 9.32 2.64 -8.72
N VAL B 22 24.21 -6.81 -25.22
CA VAL B 22 23.07 -7.48 -24.60
C VAL B 22 22.83 -6.93 -23.19
N PRO B 23 22.22 -5.78 -23.08
CA PRO B 23 21.95 -5.14 -21.76
C PRO B 23 21.24 -6.10 -20.80
N SER B 24 21.90 -6.42 -19.70
CA SER B 24 21.34 -7.33 -18.71
C SER B 24 21.66 -6.86 -17.30
N ARG B 25 20.67 -6.94 -16.41
CA ARG B 25 20.87 -6.52 -15.03
C ARG B 25 19.89 -7.23 -14.11
N PHE B 26 20.30 -7.43 -12.86
CA PHE B 26 19.45 -8.11 -11.89
C PHE B 26 18.37 -7.16 -11.37
N GLU B 27 17.18 -7.68 -11.16
CA GLU B 27 16.07 -6.86 -10.67
C GLU B 27 15.66 -7.31 -9.27
N ASP B 28 15.58 -6.35 -8.34
CA ASP B 28 15.20 -6.66 -6.97
C ASP B 28 13.74 -6.28 -6.72
N VAL B 29 12.94 -7.25 -6.32
CA VAL B 29 11.52 -7.01 -6.05
C VAL B 29 11.26 -7.04 -4.55
N ARG B 30 10.92 -5.88 -3.99
CA ARG B 30 10.64 -5.78 -2.57
C ARG B 30 9.20 -6.20 -2.27
N VAL B 31 9.02 -7.09 -1.30
CA VAL B 31 7.70 -7.55 -0.92
C VAL B 31 7.32 -7.05 0.47
N VAL B 32 6.41 -6.09 0.52
CA VAL B 32 5.97 -5.53 1.79
C VAL B 32 4.62 -6.09 2.19
N GLN B 33 4.32 -6.05 3.49
CA GLN B 33 3.06 -6.56 4.00
C GLN B 33 2.53 -5.67 5.12
N VAL B 34 1.38 -5.04 4.89
CA VAL B 34 0.79 -4.15 5.88
C VAL B 34 0.04 -4.97 6.93
N VAL B 35 0.27 -4.64 8.20
CA VAL B 35 -0.39 -5.35 9.30
C VAL B 35 -0.80 -4.37 10.39
N ALA B 36 -2.06 -4.46 10.82
CA ALA B 36 -2.56 -3.59 11.87
C ALA B 36 -2.15 -2.14 11.60
N GLY B 37 -2.45 -1.26 12.56
CA GLY B 37 -2.10 0.15 12.41
C GLY B 37 -2.94 1.01 13.36
N TRP B 38 -2.69 2.31 13.35
CA TRP B 38 -3.42 3.24 14.20
C TRP B 38 -4.85 3.41 13.70
N ARG B 39 -5.65 4.18 14.45
CA ARG B 39 -7.03 4.40 14.06
C ARG B 39 -7.46 5.81 14.46
N VAL B 40 -7.96 6.56 13.47
CA VAL B 40 -8.42 7.92 13.72
C VAL B 40 -9.94 7.99 13.80
N SER B 41 -10.46 8.77 14.74
CA SER B 41 -11.90 8.90 14.90
C SER B 41 -12.43 10.04 14.05
N VAL B 42 -13.51 9.77 13.31
CA VAL B 42 -14.12 10.79 12.45
C VAL B 42 -15.63 10.73 12.56
N LYS B 43 -16.26 11.91 12.66
CA LYS B 43 -17.71 11.99 12.76
C LYS B 43 -18.31 12.54 11.47
N ILE B 44 -19.36 11.89 10.99
CA ILE B 44 -20.01 12.32 9.76
C ILE B 44 -21.53 12.18 9.88
N ALA B 45 -22.25 13.27 9.60
CA ALA B 45 -23.71 13.26 9.69
C ALA B 45 -24.33 13.21 8.29
N GLU B 46 -25.12 12.19 8.04
CA GLU B 46 -25.78 12.03 6.73
C GLU B 46 -27.26 12.35 6.84
N THR B 47 -27.84 12.82 5.76
CA THR B 47 -29.27 13.15 5.74
C THR B 47 -30.05 12.10 4.95
N GLU B 48 -30.36 12.41 3.70
CA GLU B 48 -31.12 11.50 2.86
C GLU B 48 -30.19 10.43 2.27
N GLU B 49 -29.08 10.18 2.96
CA GLU B 49 -28.12 9.18 2.50
C GLU B 49 -27.69 9.48 1.07
N GLY B 50 -27.42 10.75 0.78
CA GLY B 50 -27.00 11.17 -0.55
C GLY B 50 -26.05 12.36 -0.48
N GLU B 51 -26.13 13.10 0.62
CA GLU B 51 -25.28 14.26 0.81
C GLU B 51 -24.78 14.35 2.25
N VAL B 52 -23.58 14.91 2.42
CA VAL B 52 -23.00 15.05 3.76
C VAL B 52 -23.04 16.50 4.22
N VAL B 53 -23.62 16.73 5.39
CA VAL B 53 -23.72 18.08 5.93
C VAL B 53 -22.33 18.69 6.11
N THR B 54 -21.76 18.56 7.30
CA THR B 54 -20.43 19.10 7.58
C THR B 54 -19.59 18.11 8.36
N VAL B 55 -18.51 17.65 7.74
CA VAL B 55 -17.63 16.69 8.39
C VAL B 55 -16.57 17.40 9.23
N LYS B 56 -16.40 16.96 10.47
CA LYS B 56 -15.42 17.57 11.37
C LYS B 56 -14.58 16.50 12.05
N ALA B 57 -13.35 16.32 11.57
CA ALA B 57 -12.46 15.32 12.14
C ALA B 57 -11.87 15.82 13.46
N GLU B 58 -11.50 14.88 14.33
CA GLU B 58 -10.93 15.24 15.62
C GLU B 58 -9.59 15.95 15.44
N PHE B 59 -9.60 17.27 15.59
CA PHE B 59 -8.38 18.06 15.45
C PHE B 59 -7.40 17.74 16.56
N ASP B 60 -7.86 17.00 17.56
CA ASP B 60 -7.01 16.62 18.68
C ASP B 60 -6.08 15.48 18.29
N GLU B 61 -6.67 14.32 17.99
CA GLU B 61 -5.88 13.16 17.59
C GLU B 61 -5.01 13.48 16.39
N CYS B 62 -5.42 14.48 15.61
CA CYS B 62 -4.68 14.88 14.43
C CYS B 62 -3.47 15.71 14.83
N ARG B 63 -3.64 16.56 15.85
CA ARG B 63 -2.56 17.41 16.31
C ARG B 63 -1.41 16.58 16.83
N GLU B 64 -1.71 15.65 17.75
CA GLU B 64 -0.68 14.79 18.33
C GLU B 64 0.00 13.97 17.23
N ILE B 65 -0.81 13.45 16.30
CA ILE B 65 -0.28 12.65 15.21
C ILE B 65 0.59 13.49 14.30
N GLY B 66 0.33 14.80 14.28
CA GLY B 66 1.10 15.70 13.44
C GLY B 66 2.58 15.69 13.83
N GLU B 67 2.86 15.21 15.04
CA GLU B 67 4.24 15.14 15.52
C GLU B 67 4.92 13.88 15.01
N GLU B 68 4.28 12.73 15.24
CA GLU B 68 4.85 11.46 14.79
C GLU B 68 5.04 11.46 13.28
N THR B 69 4.20 12.21 12.58
CA THR B 69 4.29 12.29 11.12
C THR B 69 5.30 13.35 10.70
N GLY B 70 5.25 14.50 11.37
CA GLY B 70 6.16 15.59 11.06
C GLY B 70 5.45 16.67 10.24
N ILE B 71 4.36 16.29 9.59
CA ILE B 71 3.60 17.23 8.79
C ILE B 71 2.55 17.96 9.65
N PRO B 72 2.13 19.13 9.25
CA PRO B 72 1.12 19.91 10.02
C PRO B 72 -0.22 19.19 10.12
N PRO B 73 -1.06 19.60 11.03
CA PRO B 73 -2.40 18.97 11.24
C PRO B 73 -3.35 19.24 10.07
N ARG B 74 -3.38 20.50 9.63
CA ARG B 74 -4.26 20.88 8.53
C ARG B 74 -4.19 19.84 7.40
N GLU B 75 -3.02 19.23 7.24
CA GLU B 75 -2.84 18.22 6.20
C GLU B 75 -3.45 16.90 6.63
N VAL B 76 -3.35 16.58 7.91
CA VAL B 76 -3.89 15.34 8.44
C VAL B 76 -5.42 15.40 8.50
N LYS B 77 -5.96 16.61 8.56
CA LYS B 77 -7.40 16.80 8.62
C LYS B 77 -8.03 16.56 7.24
N ALA B 78 -7.54 17.28 6.23
CA ALA B 78 -8.08 17.13 4.88
C ALA B 78 -7.76 15.76 4.33
N MET B 79 -6.69 15.14 4.83
CA MET B 79 -6.29 13.81 4.38
C MET B 79 -7.20 12.74 4.96
N VAL B 80 -7.34 12.76 6.29
CA VAL B 80 -8.18 11.78 6.97
C VAL B 80 -9.66 12.06 6.71
N GLU B 81 -9.96 13.27 6.24
CA GLU B 81 -11.34 13.65 5.96
C GLU B 81 -11.82 12.98 4.68
N ALA B 82 -11.19 13.33 3.56
CA ALA B 82 -11.57 12.75 2.28
C ALA B 82 -11.73 11.24 2.40
N ALA B 83 -10.74 10.60 3.01
CA ALA B 83 -10.78 9.15 3.19
C ALA B 83 -12.14 8.71 3.70
N ALA B 84 -12.50 9.17 4.91
CA ALA B 84 -13.78 8.82 5.50
C ALA B 84 -14.91 9.01 4.48
N ARG B 85 -14.65 9.83 3.46
CA ARG B 85 -15.66 10.10 2.45
C ARG B 85 -15.66 8.99 1.39
N VAL B 86 -14.51 8.35 1.20
CA VAL B 86 -14.39 7.27 0.22
C VAL B 86 -14.03 5.96 0.89
N GLY B 87 -13.96 5.97 2.22
CA GLY B 87 -13.61 4.77 2.96
C GLY B 87 -12.83 5.11 4.22
N GLY B 88 -11.51 4.94 4.17
CA GLY B 88 -10.67 5.25 5.32
C GLY B 88 -9.38 4.42 5.33
N TRP B 89 -8.44 4.76 4.45
CA TRP B 89 -7.18 4.05 4.38
C TRP B 89 -6.10 5.00 3.88
N VAL B 90 -4.93 4.96 4.50
CA VAL B 90 -3.84 5.83 4.09
C VAL B 90 -2.48 5.19 4.36
N ASP B 91 -1.50 5.56 3.55
CA ASP B 91 -0.15 5.04 3.70
C ASP B 91 0.87 6.17 3.51
N LEU B 92 1.56 6.52 4.57
CA LEU B 92 2.55 7.59 4.51
C LEU B 92 3.83 7.10 3.82
N LYS B 93 4.02 5.79 3.81
CA LYS B 93 5.20 5.20 3.19
C LYS B 93 5.26 5.56 1.71
N GLU B 94 4.21 6.21 1.22
CA GLU B 94 4.17 6.61 -0.19
C GLU B 94 3.01 7.57 -0.42
N ARG B 95 2.48 8.15 0.67
CA ARG B 95 1.38 9.09 0.56
C ARG B 95 0.35 8.61 -0.46
N GLU B 96 -0.60 7.80 -0.01
CA GLU B 96 -1.63 7.28 -0.88
C GLU B 96 -2.97 7.17 -0.15
N ILE B 97 -3.99 7.79 -0.71
CA ILE B 97 -5.31 7.76 -0.09
C ILE B 97 -6.17 6.66 -0.71
N LYS B 98 -6.23 5.51 -0.04
CA LYS B 98 -7.01 4.39 -0.53
C LYS B 98 -8.32 4.27 0.22
N VAL B 99 -9.18 3.38 -0.26
CA VAL B 99 -10.48 3.16 0.37
C VAL B 99 -10.39 2.01 1.38
N GLN B 100 -11.12 2.12 2.48
CA GLN B 100 -11.11 1.09 3.50
C GLN B 100 -11.31 -0.28 2.88
N VAL A 22 -31.53 13.90 10.18
CA VAL A 22 -30.09 14.04 9.96
C VAL A 22 -29.31 13.07 10.86
N PRO A 23 -29.24 11.82 10.47
CA PRO A 23 -28.51 10.77 11.25
C PRO A 23 -27.02 10.77 10.93
N SER A 24 -26.19 10.96 11.96
CA SER A 24 -24.75 10.97 11.78
C SER A 24 -24.15 9.63 12.18
N ARG A 25 -23.05 9.26 11.53
CA ARG A 25 -22.39 8.00 11.83
C ARG A 25 -20.88 8.19 11.89
N PHE A 26 -20.27 7.74 12.99
CA PHE A 26 -18.82 7.87 13.17
C PHE A 26 -18.10 6.77 12.40
N GLU A 27 -17.00 7.15 11.74
CA GLU A 27 -16.22 6.18 10.97
C GLU A 27 -14.88 5.93 11.64
N ASP A 28 -14.22 4.84 11.25
CA ASP A 28 -12.92 4.49 11.82
C ASP A 28 -11.92 4.17 10.71
N VAL A 29 -11.25 5.19 10.20
CA VAL A 29 -10.26 5.00 9.14
C VAL A 29 -9.03 4.30 9.68
N ARG A 30 -8.20 3.79 8.78
CA ARG A 30 -6.98 3.09 9.17
C ARG A 30 -5.79 3.62 8.38
N VAL A 31 -4.77 4.08 9.10
CA VAL A 31 -3.57 4.60 8.47
C VAL A 31 -2.39 3.67 8.71
N VAL A 32 -1.89 3.08 7.64
CA VAL A 32 -0.76 2.17 7.72
C VAL A 32 0.50 2.80 7.11
N GLN A 33 1.66 2.42 7.64
CA GLN A 33 2.92 2.97 7.14
C GLN A 33 3.99 1.88 7.13
N VAL A 34 4.22 1.28 5.97
CA VAL A 34 5.21 0.22 5.84
C VAL A 34 6.60 0.82 5.64
N VAL A 35 7.62 0.12 6.11
CA VAL A 35 9.00 0.60 5.98
C VAL A 35 9.93 -0.57 5.66
N ALA A 36 10.92 -0.31 4.80
CA ALA A 36 11.88 -1.34 4.43
C ALA A 36 11.15 -2.61 3.97
N GLY A 37 11.89 -3.70 3.84
CA GLY A 37 11.31 -4.96 3.42
C GLY A 37 12.38 -5.91 2.88
N TRP A 38 11.95 -7.05 2.35
CA TRP A 38 12.88 -8.03 1.80
C TRP A 38 13.25 -7.68 0.37
N ARG A 39 14.24 -8.37 -0.17
CA ARG A 39 14.68 -8.13 -1.54
C ARG A 39 15.00 -9.44 -2.24
N VAL A 40 14.32 -9.70 -3.36
CA VAL A 40 14.53 -10.92 -4.12
C VAL A 40 15.33 -10.63 -5.39
N SER A 41 16.35 -11.44 -5.66
CA SER A 41 17.17 -11.26 -6.84
C SER A 41 16.46 -11.80 -8.08
N VAL A 42 16.58 -11.09 -9.19
CA VAL A 42 15.95 -11.51 -10.44
C VAL A 42 16.89 -11.29 -11.61
N LYS A 43 16.59 -11.95 -12.74
CA LYS A 43 17.40 -11.82 -13.94
C LYS A 43 16.52 -11.56 -15.15
N ILE A 44 16.39 -10.30 -15.53
CA ILE A 44 15.58 -9.93 -16.69
C ILE A 44 16.46 -9.62 -17.88
N ALA A 45 16.05 -10.11 -19.05
CA ALA A 45 16.81 -9.88 -20.28
C ALA A 45 16.13 -8.81 -21.14
N GLU A 46 16.71 -7.62 -21.14
CA GLU A 46 16.15 -6.51 -21.93
C GLU A 46 16.94 -6.34 -23.22
N THR A 47 16.21 -6.16 -24.32
CA THR A 47 16.85 -5.97 -25.62
C THR A 47 16.89 -4.49 -25.99
N GLU A 48 17.15 -4.22 -27.26
CA GLU A 48 17.21 -2.84 -27.73
C GLU A 48 15.93 -2.46 -28.48
N GLU A 49 14.87 -3.22 -28.23
CA GLU A 49 13.58 -2.97 -28.88
C GLU A 49 12.57 -2.43 -27.87
N GLY A 50 12.77 -2.77 -26.60
CA GLY A 50 11.86 -2.33 -25.55
C GLY A 50 10.92 -3.44 -25.13
N GLU A 51 11.44 -4.66 -25.09
CA GLU A 51 10.63 -5.82 -24.70
C GLU A 51 11.40 -6.71 -23.74
N VAL A 52 10.67 -7.41 -22.88
CA VAL A 52 11.29 -8.30 -21.89
C VAL A 52 11.05 -9.76 -22.27
N VAL A 53 12.02 -10.34 -22.97
CA VAL A 53 11.90 -11.73 -23.40
C VAL A 53 11.45 -12.62 -22.22
N THR A 54 12.41 -13.27 -21.57
CA THR A 54 12.09 -14.14 -20.43
C THR A 54 12.90 -13.73 -19.21
N VAL A 55 12.48 -14.19 -18.04
CA VAL A 55 13.17 -13.87 -16.80
C VAL A 55 13.31 -15.11 -15.92
N LYS A 56 14.53 -15.35 -15.45
CA LYS A 56 14.80 -16.52 -14.60
C LYS A 56 14.95 -16.10 -13.14
N ALA A 57 13.88 -16.26 -12.38
CA ALA A 57 13.90 -15.90 -10.96
C ALA A 57 14.44 -17.05 -10.13
N GLU A 58 14.72 -16.79 -8.86
CA GLU A 58 15.24 -17.81 -7.97
C GLU A 58 14.14 -18.35 -7.06
N PHE A 59 13.80 -19.62 -7.24
CA PHE A 59 12.76 -20.25 -6.42
C PHE A 59 13.21 -20.35 -4.98
N ASP A 60 14.53 -20.42 -4.77
CA ASP A 60 15.06 -20.53 -3.42
C ASP A 60 14.44 -19.48 -2.50
N GLU A 61 14.68 -18.21 -2.81
CA GLU A 61 14.13 -17.12 -2.02
C GLU A 61 12.61 -17.19 -1.98
N CYS A 62 12.00 -17.42 -3.14
CA CYS A 62 10.55 -17.52 -3.23
C CYS A 62 10.04 -18.68 -2.39
N ARG A 63 10.86 -19.71 -2.23
CA ARG A 63 10.46 -20.87 -1.45
C ARG A 63 10.53 -20.56 0.04
N GLU A 64 11.61 -19.93 0.46
CA GLU A 64 11.78 -19.57 1.87
C GLU A 64 10.82 -18.46 2.26
N ILE A 65 10.48 -17.61 1.29
CA ILE A 65 9.57 -16.50 1.55
C ILE A 65 8.12 -16.99 1.52
N GLY A 66 7.90 -18.14 0.89
CA GLY A 66 6.56 -18.70 0.81
C GLY A 66 6.14 -19.32 2.14
N GLU A 67 7.12 -19.60 2.99
CA GLU A 67 6.84 -20.19 4.29
C GLU A 67 6.45 -19.11 5.30
N GLU A 68 7.32 -18.11 5.47
CA GLU A 68 7.05 -17.03 6.41
C GLU A 68 5.78 -16.28 6.02
N THR A 69 5.26 -16.59 4.83
CA THR A 69 4.04 -15.95 4.36
C THR A 69 2.84 -16.87 4.54
N GLY A 70 3.06 -18.17 4.33
CA GLY A 70 1.99 -19.14 4.46
C GLY A 70 1.46 -19.55 3.09
N ILE A 71 1.63 -18.68 2.11
CA ILE A 71 1.16 -18.95 0.76
C ILE A 71 2.23 -19.70 -0.03
N PRO A 72 1.85 -20.43 -1.05
CA PRO A 72 2.81 -21.20 -1.88
C PRO A 72 3.76 -20.30 -2.68
N PRO A 73 4.85 -20.83 -3.15
CA PRO A 73 5.85 -20.05 -3.94
C PRO A 73 5.31 -19.66 -5.32
N ARG A 74 4.29 -20.37 -5.78
CA ARG A 74 3.70 -20.09 -7.08
C ARG A 74 3.18 -18.66 -7.14
N GLU A 75 2.32 -18.30 -6.18
CA GLU A 75 1.76 -16.96 -6.14
C GLU A 75 2.86 -15.92 -5.97
N VAL A 76 3.98 -16.33 -5.39
CA VAL A 76 5.10 -15.41 -5.18
C VAL A 76 5.93 -15.29 -6.44
N LYS A 77 6.16 -16.42 -7.11
CA LYS A 77 6.95 -16.43 -8.33
C LYS A 77 6.26 -15.60 -9.42
N ALA A 78 5.01 -15.93 -9.72
CA ALA A 78 4.26 -15.22 -10.73
C ALA A 78 4.10 -13.75 -10.35
N MET A 79 4.00 -13.50 -9.05
CA MET A 79 3.83 -12.13 -8.55
C MET A 79 5.16 -11.39 -8.61
N VAL A 80 6.24 -12.07 -8.24
CA VAL A 80 7.56 -11.46 -8.25
C VAL A 80 7.98 -11.09 -9.67
N GLU A 81 8.14 -12.11 -10.51
CA GLU A 81 8.55 -11.87 -11.90
C GLU A 81 7.77 -10.70 -12.49
N ALA A 82 6.44 -10.79 -12.44
CA ALA A 82 5.59 -9.74 -12.97
C ALA A 82 6.10 -8.37 -12.52
N ALA A 83 6.59 -8.30 -11.28
CA ALA A 83 7.10 -7.06 -10.75
C ALA A 83 8.26 -6.55 -11.59
N ALA A 84 9.34 -7.32 -11.63
CA ALA A 84 10.52 -6.93 -12.40
C ALA A 84 10.11 -6.41 -13.76
N ARG A 85 8.90 -6.75 -14.20
CA ARG A 85 8.40 -6.30 -15.49
C ARG A 85 7.98 -4.84 -15.43
N VAL A 86 7.23 -4.49 -14.38
CA VAL A 86 6.76 -3.12 -14.21
C VAL A 86 7.58 -2.41 -13.13
N GLY A 87 8.57 -3.11 -12.58
CA GLY A 87 9.41 -2.54 -11.53
C GLY A 87 8.58 -1.75 -10.53
N GLY A 88 8.20 -2.41 -9.43
CA GLY A 88 7.40 -1.76 -8.40
C GLY A 88 7.37 -2.59 -7.13
N TRP A 89 6.56 -2.17 -6.17
CA TRP A 89 6.45 -2.89 -4.90
C TRP A 89 5.16 -3.72 -4.88
N VAL A 90 5.06 -4.63 -3.92
CA VAL A 90 3.89 -5.48 -3.80
C VAL A 90 3.50 -5.65 -2.34
N ASP A 91 2.21 -5.52 -2.05
CA ASP A 91 1.72 -5.67 -0.68
C ASP A 91 0.99 -7.00 -0.51
N LEU A 92 1.58 -7.89 0.29
CA LEU A 92 0.98 -9.19 0.53
C LEU A 92 -0.37 -9.05 1.21
N LYS A 93 -0.39 -8.37 2.34
CA LYS A 93 -1.64 -8.18 3.08
C LYS A 93 -2.55 -7.19 2.35
N GLU A 94 -2.61 -7.32 1.02
CA GLU A 94 -3.44 -6.44 0.21
C GLU A 94 -3.42 -6.87 -1.25
N ARG A 95 -2.49 -7.78 -1.57
CA ARG A 95 -2.37 -8.27 -2.94
C ARG A 95 -2.53 -7.13 -3.94
N GLU A 96 -1.57 -6.21 -3.93
CA GLU A 96 -1.62 -5.07 -4.85
C GLU A 96 -0.23 -4.77 -5.40
N ILE A 97 -0.13 -4.72 -6.73
CA ILE A 97 1.14 -4.45 -7.39
C ILE A 97 1.13 -3.06 -8.02
N LYS A 98 1.78 -2.11 -7.35
CA LYS A 98 1.83 -0.74 -7.86
C LYS A 98 3.21 -0.44 -8.45
N VAL A 99 3.24 -0.14 -9.74
CA VAL A 99 4.50 0.16 -10.42
C VAL A 99 5.29 1.20 -9.63
N GLN A 100 6.45 1.57 -10.17
CA GLN A 100 7.30 2.55 -9.49
C GLN A 100 6.61 3.91 -9.46
N VAL B 22 22.30 -7.89 -26.35
CA VAL B 22 21.32 -7.95 -25.27
C VAL B 22 21.98 -7.86 -23.89
N PRO B 23 22.04 -6.68 -23.30
CA PRO B 23 22.68 -6.50 -21.96
C PRO B 23 21.71 -6.81 -20.82
N SER B 24 21.86 -8.00 -20.23
CA SER B 24 21.00 -8.40 -19.12
C SER B 24 21.42 -7.71 -17.83
N ARG B 25 20.46 -7.46 -16.96
CA ARG B 25 20.75 -6.80 -15.68
C ARG B 25 19.92 -7.41 -14.56
N PHE B 26 20.43 -7.31 -13.34
CA PHE B 26 19.73 -7.85 -12.18
C PHE B 26 18.89 -6.78 -11.51
N GLU B 27 17.81 -7.20 -10.84
CA GLU B 27 16.93 -6.27 -10.16
C GLU B 27 16.53 -6.81 -8.80
N ASP B 28 16.11 -5.90 -7.91
CA ASP B 28 15.69 -6.30 -6.56
C ASP B 28 14.28 -5.81 -6.28
N VAL B 29 13.33 -6.75 -6.22
CA VAL B 29 11.94 -6.40 -5.96
C VAL B 29 11.66 -6.44 -4.46
N ARG B 30 10.94 -5.42 -3.98
CA ARG B 30 10.61 -5.35 -2.57
C ARG B 30 9.23 -5.96 -2.30
N VAL B 31 9.15 -6.79 -1.27
CA VAL B 31 7.90 -7.44 -0.91
C VAL B 31 7.55 -7.18 0.55
N VAL B 32 6.69 -6.21 0.80
CA VAL B 32 6.30 -5.88 2.16
C VAL B 32 4.90 -6.42 2.46
N GLN B 33 4.51 -6.38 3.73
CA GLN B 33 3.21 -6.88 4.15
C GLN B 33 2.58 -5.94 5.17
N VAL B 34 1.36 -5.51 4.90
CA VAL B 34 0.67 -4.60 5.82
C VAL B 34 0.05 -5.38 6.98
N VAL B 35 0.42 -5.00 8.20
CA VAL B 35 -0.10 -5.67 9.39
C VAL B 35 -0.40 -4.66 10.48
N ALA B 36 -1.56 -4.81 11.13
CA ALA B 36 -1.95 -3.91 12.19
C ALA B 36 -1.91 -2.46 11.71
N GLY B 37 -2.21 -1.52 12.61
CA GLY B 37 -2.20 -0.11 12.26
C GLY B 37 -2.96 0.71 13.30
N TRP B 38 -2.97 2.03 13.11
CA TRP B 38 -3.66 2.92 14.05
C TRP B 38 -5.08 3.20 13.56
N ARG B 39 -5.88 3.81 14.43
CA ARG B 39 -7.26 4.13 14.09
C ARG B 39 -7.51 5.63 14.27
N VAL B 40 -8.46 6.16 13.52
CA VAL B 40 -8.80 7.58 13.59
C VAL B 40 -10.32 7.78 13.60
N SER B 41 -10.78 8.65 14.49
CA SER B 41 -12.21 8.93 14.60
C SER B 41 -12.60 10.07 13.67
N VAL B 42 -13.71 9.88 12.95
CA VAL B 42 -14.18 10.92 12.02
C VAL B 42 -15.70 11.03 12.09
N LYS B 43 -16.18 12.25 12.37
CA LYS B 43 -17.62 12.49 12.45
C LYS B 43 -18.13 13.10 11.15
N ILE B 44 -19.25 12.58 10.66
CA ILE B 44 -19.84 13.08 9.42
C ILE B 44 -21.36 13.12 9.54
N ALA B 45 -21.93 14.28 9.19
CA ALA B 45 -23.39 14.44 9.26
C ALA B 45 -24.00 14.33 7.87
N GLU B 46 -24.75 13.26 7.65
CA GLU B 46 -25.39 13.04 6.35
C GLU B 46 -26.84 13.49 6.39
N THR B 47 -27.27 14.22 5.36
CA THR B 47 -28.64 14.70 5.29
C THR B 47 -29.47 13.82 4.36
N GLU B 48 -29.11 13.83 3.07
CA GLU B 48 -29.83 13.02 2.09
C GLU B 48 -29.27 11.61 2.05
N GLU B 49 -28.59 11.20 3.12
CA GLU B 49 -28.02 9.87 3.19
C GLU B 49 -27.13 9.60 1.98
N GLY B 50 -26.08 10.40 1.83
CA GLY B 50 -25.16 10.24 0.72
C GLY B 50 -24.03 11.26 0.78
N GLU B 51 -24.40 12.54 0.80
CA GLU B 51 -23.41 13.61 0.87
C GLU B 51 -23.34 14.20 2.27
N VAL B 52 -22.15 14.67 2.65
CA VAL B 52 -21.96 15.25 3.97
C VAL B 52 -21.81 16.77 3.87
N VAL B 53 -22.82 17.49 4.33
CA VAL B 53 -22.78 18.95 4.28
C VAL B 53 -21.41 19.47 4.69
N THR B 54 -20.92 18.99 5.82
CA THR B 54 -19.61 19.41 6.32
C THR B 54 -18.97 18.31 7.15
N VAL B 55 -17.65 18.27 7.15
CA VAL B 55 -16.92 17.26 7.92
C VAL B 55 -16.32 17.87 9.17
N LYS B 56 -16.34 17.13 10.27
CA LYS B 56 -15.80 17.61 11.53
C LYS B 56 -14.92 16.55 12.17
N ALA B 57 -13.67 16.48 11.72
CA ALA B 57 -12.73 15.49 12.26
C ALA B 57 -12.19 15.96 13.61
N GLU B 58 -11.65 15.02 14.38
CA GLU B 58 -11.12 15.35 15.70
C GLU B 58 -9.71 15.93 15.57
N PHE B 59 -9.56 17.18 15.98
CA PHE B 59 -8.25 17.84 15.91
C PHE B 59 -7.29 17.27 16.95
N ASP B 60 -7.83 16.48 17.87
CA ASP B 60 -7.01 15.88 18.91
C ASP B 60 -6.06 14.84 18.33
N GLU B 61 -6.64 13.77 17.78
CA GLU B 61 -5.83 12.70 17.20
C GLU B 61 -5.00 13.23 16.03
N CYS B 62 -5.66 14.00 15.16
CA CYS B 62 -4.97 14.56 13.99
C CYS B 62 -3.71 15.30 14.42
N ARG B 63 -3.72 15.83 15.64
CA ARG B 63 -2.56 16.57 16.14
C ARG B 63 -1.44 15.60 16.52
N GLU B 64 -1.76 14.65 17.39
CA GLU B 64 -0.78 13.66 17.83
C GLU B 64 -0.26 12.86 16.64
N ILE B 65 -1.19 12.32 15.85
CA ILE B 65 -0.82 11.52 14.68
C ILE B 65 0.26 12.24 13.87
N GLY B 66 0.24 13.57 13.91
CA GLY B 66 1.21 14.36 13.18
C GLY B 66 2.59 14.26 13.81
N GLU B 67 2.61 14.03 15.13
CA GLU B 67 3.88 13.92 15.85
C GLU B 67 4.51 12.55 15.62
N GLU B 68 3.68 11.51 15.66
CA GLU B 68 4.17 10.15 15.45
C GLU B 68 4.65 9.96 14.01
N THR B 69 3.96 10.62 13.08
CA THR B 69 4.34 10.52 11.67
C THR B 69 5.39 11.56 11.32
N GLY B 70 5.20 12.79 11.79
CA GLY B 70 6.14 13.86 11.53
C GLY B 70 5.65 14.74 10.39
N ILE B 71 4.33 14.82 10.22
CA ILE B 71 3.74 15.63 9.16
C ILE B 71 2.72 16.61 9.76
N PRO B 72 2.76 17.88 9.41
CA PRO B 72 1.79 18.87 9.96
C PRO B 72 0.38 18.29 10.08
N PRO B 73 -0.44 18.85 10.94
CA PRO B 73 -1.84 18.36 11.13
C PRO B 73 -2.73 18.67 9.93
N ARG B 74 -2.64 19.90 9.43
CA ARG B 74 -3.44 20.30 8.29
C ARG B 74 -3.39 19.24 7.20
N GLU B 75 -2.19 18.81 6.85
CA GLU B 75 -2.02 17.80 5.81
C GLU B 75 -2.80 16.54 6.15
N VAL B 76 -2.47 15.95 7.30
CA VAL B 76 -3.14 14.73 7.74
C VAL B 76 -4.64 14.94 7.83
N LYS B 77 -5.05 15.90 8.65
CA LYS B 77 -6.47 16.20 8.82
C LYS B 77 -7.16 16.29 7.46
N ALA B 78 -6.45 16.79 6.47
CA ALA B 78 -7.01 16.92 5.12
C ALA B 78 -7.11 15.55 4.45
N MET B 79 -6.15 14.68 4.76
CA MET B 79 -6.14 13.34 4.18
C MET B 79 -7.21 12.47 4.82
N VAL B 80 -7.26 12.49 6.15
CA VAL B 80 -8.23 11.69 6.87
C VAL B 80 -9.64 11.94 6.32
N GLU B 81 -10.13 13.16 6.50
CA GLU B 81 -11.46 13.52 6.01
C GLU B 81 -11.70 12.95 4.63
N ALA B 82 -10.77 13.23 3.71
CA ALA B 82 -10.89 12.75 2.34
C ALA B 82 -11.22 11.26 2.34
N ALA B 83 -10.74 10.54 3.36
CA ALA B 83 -10.99 9.11 3.46
C ALA B 83 -12.48 8.85 3.68
N ALA B 84 -13.01 9.35 4.78
CA ALA B 84 -14.42 9.16 5.10
C ALA B 84 -15.28 9.39 3.86
N ARG B 85 -14.75 10.14 2.91
CA ARG B 85 -15.48 10.43 1.68
C ARG B 85 -15.47 9.21 0.76
N VAL B 86 -14.31 8.57 0.64
CA VAL B 86 -14.18 7.39 -0.21
C VAL B 86 -14.18 6.12 0.63
N GLY B 87 -14.29 6.28 1.95
CA GLY B 87 -14.31 5.15 2.86
C GLY B 87 -13.28 4.11 2.44
N GLY B 88 -12.09 4.19 3.04
CA GLY B 88 -11.02 3.25 2.72
C GLY B 88 -9.81 3.49 3.60
N TRP B 89 -8.71 2.80 3.29
CA TRP B 89 -7.49 2.94 4.07
C TRP B 89 -6.48 3.82 3.32
N VAL B 90 -5.51 4.36 4.06
CA VAL B 90 -4.49 5.22 3.48
C VAL B 90 -3.10 4.69 3.81
N ASP B 91 -2.14 4.96 2.91
CA ASP B 91 -0.77 4.51 3.11
C ASP B 91 0.19 5.71 3.11
N LEU B 92 0.83 5.93 4.25
CA LEU B 92 1.76 7.05 4.37
C LEU B 92 3.06 6.73 3.63
N LYS B 93 3.72 5.65 4.02
CA LYS B 93 4.97 5.25 3.39
C LYS B 93 4.71 4.66 2.01
N GLU B 94 3.67 5.13 1.35
CA GLU B 94 3.32 4.64 0.02
C GLU B 94 2.39 5.62 -0.69
N ARG B 95 1.85 6.57 0.07
CA ARG B 95 0.95 7.56 -0.50
C ARG B 95 -0.03 6.91 -1.48
N GLU B 96 -0.96 6.13 -0.94
CA GLU B 96 -1.95 5.44 -1.77
C GLU B 96 -3.33 5.52 -1.13
N ILE B 97 -4.36 5.37 -1.95
CA ILE B 97 -5.73 5.41 -1.45
C ILE B 97 -6.58 4.32 -2.11
N LYS B 98 -7.10 3.41 -1.30
CA LYS B 98 -7.93 2.33 -1.80
C LYS B 98 -9.21 2.19 -0.98
N VAL B 99 -10.31 1.92 -1.65
CA VAL B 99 -11.59 1.76 -0.96
C VAL B 99 -11.59 0.50 -0.10
N GLN B 100 -12.67 0.30 0.64
CA GLN B 100 -12.78 -0.87 1.51
C GLN B 100 -13.16 -2.10 0.71
N VAL A 22 -30.73 17.58 10.40
CA VAL A 22 -29.37 17.35 9.98
C VAL A 22 -28.72 16.27 10.85
N PRO A 23 -29.01 15.02 10.58
CA PRO A 23 -28.44 13.88 11.35
C PRO A 23 -27.05 13.49 10.87
N SER A 24 -26.12 13.36 11.79
CA SER A 24 -24.75 12.99 11.45
C SER A 24 -24.49 11.52 11.80
N ARG A 25 -23.39 10.99 11.28
CA ARG A 25 -23.04 9.60 11.53
C ARG A 25 -21.53 9.46 11.73
N PHE A 26 -21.14 8.64 12.72
CA PHE A 26 -19.73 8.43 13.01
C PHE A 26 -19.13 7.41 12.04
N GLU A 27 -17.87 7.62 11.68
CA GLU A 27 -17.19 6.71 10.76
C GLU A 27 -15.78 6.42 11.25
N ASP A 28 -15.32 5.19 11.02
CA ASP A 28 -13.99 4.78 11.45
C ASP A 28 -13.08 4.59 10.23
N VAL A 29 -11.95 5.29 10.23
CA VAL A 29 -10.99 5.19 9.13
C VAL A 29 -9.79 4.36 9.55
N ARG A 30 -8.98 3.96 8.57
CA ARG A 30 -7.80 3.15 8.85
C ARG A 30 -6.61 3.65 8.03
N VAL A 31 -5.52 3.97 8.73
CA VAL A 31 -4.31 4.46 8.07
C VAL A 31 -3.18 3.43 8.18
N VAL A 32 -2.76 2.89 7.04
CA VAL A 32 -1.69 1.90 7.02
C VAL A 32 -0.37 2.54 6.58
N GLN A 33 0.44 2.92 7.55
CA GLN A 33 1.74 3.54 7.25
C GLN A 33 2.88 2.61 7.63
N VAL A 34 3.40 1.89 6.65
CA VAL A 34 4.49 0.95 6.89
C VAL A 34 5.52 1.02 5.76
N VAL A 35 6.80 1.09 6.14
CA VAL A 35 7.87 1.15 5.16
C VAL A 35 9.05 0.28 5.58
N ALA A 36 9.21 -0.86 4.91
CA ALA A 36 10.31 -1.77 5.23
C ALA A 36 10.06 -3.13 4.58
N GLY A 37 11.15 -3.87 4.35
CA GLY A 37 11.04 -5.19 3.74
C GLY A 37 12.37 -5.62 3.13
N TRP A 38 12.41 -6.83 2.59
CA TRP A 38 13.62 -7.36 1.98
C TRP A 38 13.67 -7.02 0.50
N ARG A 39 14.71 -7.48 -0.18
CA ARG A 39 14.87 -7.22 -1.61
C ARG A 39 15.32 -8.47 -2.34
N VAL A 40 14.63 -8.79 -3.44
CA VAL A 40 14.98 -9.96 -4.23
C VAL A 40 15.81 -9.57 -5.44
N SER A 41 16.55 -10.54 -5.99
CA SER A 41 17.40 -10.29 -7.14
C SER A 41 16.84 -10.99 -8.38
N VAL A 42 16.34 -10.19 -9.32
CA VAL A 42 15.78 -10.73 -10.56
C VAL A 42 16.57 -10.24 -11.76
N LYS A 43 16.68 -11.09 -12.78
CA LYS A 43 17.41 -10.75 -13.99
C LYS A 43 16.48 -10.74 -15.19
N ILE A 44 16.48 -9.63 -15.94
CA ILE A 44 15.63 -9.50 -17.11
C ILE A 44 16.44 -8.99 -18.30
N ALA A 45 16.38 -9.71 -19.41
CA ALA A 45 17.11 -9.32 -20.60
C ALA A 45 16.18 -8.67 -21.62
N GLU A 46 16.33 -7.36 -21.80
CA GLU A 46 15.50 -6.62 -22.74
C GLU A 46 16.26 -6.36 -24.04
N THR A 47 15.54 -6.34 -25.16
CA THR A 47 16.15 -6.10 -26.45
C THR A 47 16.09 -4.62 -26.80
N GLU A 48 16.33 -4.31 -28.07
CA GLU A 48 16.31 -2.93 -28.54
C GLU A 48 14.88 -2.48 -28.81
N GLU A 49 14.01 -3.44 -29.07
CA GLU A 49 12.61 -3.15 -29.35
C GLU A 49 11.84 -2.86 -28.06
N GLY A 50 12.44 -3.24 -26.94
CA GLY A 50 11.81 -3.03 -25.64
C GLY A 50 10.99 -4.24 -25.23
N GLU A 51 11.36 -5.41 -25.77
CA GLU A 51 10.65 -6.64 -25.44
C GLU A 51 11.48 -7.49 -24.48
N VAL A 52 10.80 -8.38 -23.75
CA VAL A 52 11.47 -9.26 -22.80
C VAL A 52 11.52 -10.68 -23.33
N VAL A 53 12.57 -11.01 -24.08
CA VAL A 53 12.72 -12.35 -24.64
C VAL A 53 12.35 -13.40 -23.60
N THR A 54 13.06 -13.38 -22.48
CA THR A 54 12.82 -14.34 -21.41
C THR A 54 13.16 -13.74 -20.06
N VAL A 55 12.37 -14.09 -19.04
CA VAL A 55 12.61 -13.58 -17.70
C VAL A 55 12.99 -14.72 -16.75
N LYS A 56 14.01 -14.48 -15.92
CA LYS A 56 14.47 -15.49 -14.98
C LYS A 56 14.56 -14.90 -13.57
N ALA A 57 14.36 -15.76 -12.57
CA ALA A 57 14.42 -15.32 -11.18
C ALA A 57 15.23 -16.30 -10.33
N GLU A 58 16.02 -15.77 -9.40
CA GLU A 58 16.84 -16.61 -8.54
C GLU A 58 15.99 -17.70 -7.89
N PHE A 59 16.29 -18.95 -8.21
CA PHE A 59 15.56 -20.08 -7.65
C PHE A 59 15.92 -20.27 -6.19
N ASP A 60 17.13 -19.86 -5.83
CA ASP A 60 17.60 -20.01 -4.45
C ASP A 60 16.80 -19.11 -3.51
N GLU A 61 16.92 -17.80 -3.71
CA GLU A 61 16.21 -16.84 -2.87
C GLU A 61 14.72 -17.15 -2.86
N CYS A 62 14.24 -17.75 -3.94
CA CYS A 62 12.82 -18.09 -4.03
C CYS A 62 12.50 -19.32 -3.18
N ARG A 63 13.44 -20.25 -3.12
CA ARG A 63 13.25 -21.47 -2.34
C ARG A 63 13.35 -21.16 -0.84
N GLU A 64 14.38 -20.42 -0.47
CA GLU A 64 14.58 -20.06 0.93
C GLU A 64 13.42 -19.22 1.44
N ILE A 65 12.97 -18.27 0.61
CA ILE A 65 11.87 -17.39 0.99
C ILE A 65 10.60 -18.21 1.20
N GLY A 66 10.50 -19.32 0.49
CA GLY A 66 9.32 -20.18 0.62
C GLY A 66 9.23 -20.79 2.02
N GLU A 67 10.37 -20.99 2.65
CA GLU A 67 10.40 -21.56 3.99
C GLU A 67 9.92 -20.55 5.02
N GLU A 68 10.29 -19.28 4.81
CA GLU A 68 9.88 -18.22 5.73
C GLU A 68 8.42 -17.84 5.51
N THR A 69 7.97 -17.94 4.26
CA THR A 69 6.59 -17.60 3.93
C THR A 69 5.69 -18.83 4.06
N GLY A 70 6.11 -19.93 3.46
CA GLY A 70 5.34 -21.16 3.52
C GLY A 70 4.55 -21.38 2.24
N ILE A 71 5.11 -20.91 1.12
CA ILE A 71 4.45 -21.06 -0.18
C ILE A 71 5.40 -21.75 -1.17
N PRO A 72 4.96 -22.75 -1.90
CA PRO A 72 5.83 -23.45 -2.89
C PRO A 72 6.76 -22.48 -3.62
N PRO A 73 7.86 -22.96 -4.16
CA PRO A 73 8.83 -22.10 -4.89
C PRO A 73 8.28 -21.62 -6.24
N ARG A 74 7.72 -22.55 -7.01
CA ARG A 74 7.16 -22.21 -8.30
C ARG A 74 6.18 -21.05 -8.18
N GLU A 75 5.28 -21.16 -7.20
CA GLU A 75 4.29 -20.11 -6.97
C GLU A 75 4.96 -18.80 -6.61
N VAL A 76 6.00 -18.88 -5.77
CA VAL A 76 6.72 -17.68 -5.35
C VAL A 76 7.54 -17.12 -6.50
N LYS A 77 7.90 -17.98 -7.45
CA LYS A 77 8.68 -17.56 -8.60
C LYS A 77 7.81 -16.83 -9.61
N ALA A 78 6.54 -17.22 -9.68
CA ALA A 78 5.60 -16.58 -10.61
C ALA A 78 5.05 -15.29 -10.01
N MET A 79 5.11 -15.18 -8.69
CA MET A 79 4.61 -14.00 -8.00
C MET A 79 5.61 -12.85 -8.12
N VAL A 80 6.87 -13.15 -7.83
CA VAL A 80 7.91 -12.14 -7.88
C VAL A 80 8.29 -11.83 -9.33
N GLU A 81 8.12 -12.83 -10.20
CA GLU A 81 8.45 -12.65 -11.62
C GLU A 81 7.57 -11.56 -12.23
N ALA A 82 6.26 -11.82 -12.27
CA ALA A 82 5.33 -10.85 -12.83
C ALA A 82 5.58 -9.46 -12.25
N ALA A 83 5.81 -9.41 -10.94
CA ALA A 83 6.08 -8.13 -10.28
C ALA A 83 7.25 -7.41 -10.94
N ALA A 84 8.32 -8.15 -11.20
CA ALA A 84 9.49 -7.56 -11.83
C ALA A 84 9.15 -7.01 -13.21
N ARG A 85 8.04 -7.48 -13.77
CA ARG A 85 7.61 -7.02 -15.09
C ARG A 85 6.90 -5.67 -14.99
N VAL A 86 6.12 -5.49 -13.92
CA VAL A 86 5.39 -4.23 -13.73
C VAL A 86 6.07 -3.36 -12.69
N GLY A 87 7.07 -3.94 -12.00
CA GLY A 87 7.79 -3.19 -10.96
C GLY A 87 8.48 -4.14 -10.00
N GLY A 88 7.83 -4.42 -8.87
CA GLY A 88 8.41 -5.32 -7.88
C GLY A 88 7.99 -4.93 -6.46
N TRP A 89 6.76 -5.25 -6.09
CA TRP A 89 6.27 -4.94 -4.75
C TRP A 89 5.18 -5.94 -4.36
N VAL A 90 5.24 -6.45 -3.13
CA VAL A 90 4.25 -7.41 -2.67
C VAL A 90 4.13 -7.42 -1.16
N ASP A 91 2.93 -7.73 -0.68
CA ASP A 91 2.67 -7.78 0.76
C ASP A 91 1.66 -8.88 1.04
N LEU A 92 2.12 -9.93 1.71
CA LEU A 92 1.23 -11.05 2.03
C LEU A 92 0.18 -10.60 3.03
N LYS A 93 0.32 -9.38 3.53
CA LYS A 93 -0.62 -8.84 4.49
C LYS A 93 -2.06 -9.22 4.10
N GLU A 94 -2.27 -9.42 2.80
CA GLU A 94 -3.58 -9.80 2.29
C GLU A 94 -3.50 -10.10 0.80
N ARG A 95 -2.36 -10.65 0.38
CA ARG A 95 -2.16 -11.00 -1.02
C ARG A 95 -2.33 -9.76 -1.91
N GLU A 96 -1.26 -9.00 -2.07
CA GLU A 96 -1.31 -7.79 -2.89
C GLU A 96 -0.08 -7.71 -3.80
N ILE A 97 -0.27 -7.15 -4.98
CA ILE A 97 0.83 -7.02 -5.93
C ILE A 97 0.81 -5.64 -6.59
N LYS A 98 1.88 -4.88 -6.42
CA LYS A 98 1.97 -3.55 -7.00
C LYS A 98 3.39 -3.26 -7.50
N VAL A 99 3.63 -2.02 -7.90
CA VAL A 99 4.93 -1.61 -8.39
C VAL A 99 5.67 -0.79 -7.33
N GLN A 100 6.99 -0.97 -7.27
CA GLN A 100 7.80 -0.25 -6.29
C GLN A 100 8.19 1.12 -6.85
N VAL B 22 22.10 -6.72 -26.42
CA VAL B 22 21.00 -7.23 -25.61
C VAL B 22 21.04 -6.61 -24.22
N PRO B 23 20.57 -5.40 -24.08
CA PRO B 23 20.55 -4.69 -22.76
C PRO B 23 19.90 -5.54 -21.67
N SER B 24 20.48 -5.49 -20.47
CA SER B 24 19.95 -6.26 -19.34
C SER B 24 19.98 -5.42 -18.07
N ARG B 25 18.92 -5.52 -17.28
CA ARG B 25 18.84 -4.76 -16.03
C ARG B 25 18.14 -5.58 -14.96
N PHE B 26 18.61 -5.46 -13.72
CA PHE B 26 18.03 -6.19 -12.61
C PHE B 26 16.97 -5.35 -11.89
N GLU B 27 16.02 -6.00 -11.26
CA GLU B 27 14.95 -5.30 -10.54
C GLU B 27 14.80 -5.87 -9.13
N ASP B 28 14.66 -4.97 -8.16
CA ASP B 28 14.51 -5.39 -6.77
C ASP B 28 13.04 -5.40 -6.37
N VAL B 29 12.55 -6.57 -5.96
CA VAL B 29 11.16 -6.69 -5.55
C VAL B 29 11.03 -6.71 -4.03
N ARG B 30 10.30 -5.74 -3.49
CA ARG B 30 10.12 -5.65 -2.04
C ARG B 30 8.98 -6.56 -1.60
N VAL B 31 9.25 -7.40 -0.60
CA VAL B 31 8.24 -8.31 -0.08
C VAL B 31 8.11 -8.17 1.44
N VAL B 32 6.88 -7.95 1.90
CA VAL B 32 6.63 -7.80 3.33
C VAL B 32 5.42 -8.61 3.76
N GLN B 33 5.14 -8.61 5.05
CA GLN B 33 3.99 -9.35 5.59
C GLN B 33 3.75 -8.94 7.03
N VAL B 34 2.86 -7.97 7.22
CA VAL B 34 2.56 -7.50 8.57
C VAL B 34 1.16 -6.86 8.62
N VAL B 35 0.26 -7.49 9.37
CA VAL B 35 -1.10 -6.98 9.48
C VAL B 35 -1.22 -6.04 10.68
N ALA B 36 -1.58 -4.79 10.41
CA ALA B 36 -1.73 -3.81 11.47
C ALA B 36 -2.19 -2.46 10.89
N GLY B 37 -2.48 -1.51 11.77
CA GLY B 37 -2.92 -0.20 11.35
C GLY B 37 -3.64 0.53 12.47
N TRP B 38 -3.69 1.86 12.38
CA TRP B 38 -4.34 2.67 13.41
C TRP B 38 -5.81 2.90 13.04
N ARG B 39 -6.50 3.69 13.85
CA ARG B 39 -7.91 3.98 13.60
C ARG B 39 -8.24 5.40 14.03
N VAL B 40 -9.15 6.05 13.29
CA VAL B 40 -9.55 7.41 13.60
C VAL B 40 -11.05 7.58 13.41
N SER B 41 -11.67 8.38 14.26
CA SER B 41 -13.10 8.63 14.18
C SER B 41 -13.38 9.95 13.48
N VAL B 42 -14.51 10.03 12.78
CA VAL B 42 -14.88 11.25 12.07
C VAL B 42 -16.38 11.48 12.15
N LYS B 43 -16.77 12.74 12.32
CA LYS B 43 -18.18 13.10 12.41
C LYS B 43 -18.59 13.99 11.24
N ILE B 44 -19.17 13.38 10.21
CA ILE B 44 -19.60 14.13 9.04
C ILE B 44 -21.11 14.25 9.01
N ALA B 45 -21.60 15.48 8.85
CA ALA B 45 -23.03 15.73 8.80
C ALA B 45 -23.51 15.90 7.37
N GLU B 46 -24.65 15.31 7.05
CA GLU B 46 -25.21 15.41 5.69
C GLU B 46 -26.69 15.76 5.75
N THR B 47 -27.12 16.61 4.84
CA THR B 47 -28.52 17.03 4.79
C THR B 47 -29.33 16.07 3.93
N GLU B 48 -30.50 16.52 3.50
CA GLU B 48 -31.37 15.70 2.66
C GLU B 48 -31.26 16.11 1.20
N GLU B 49 -30.15 16.75 0.86
CA GLU B 49 -29.92 17.19 -0.51
C GLU B 49 -28.80 16.40 -1.16
N GLY B 50 -27.95 15.79 -0.34
CA GLY B 50 -26.84 14.99 -0.85
C GLY B 50 -25.53 15.76 -0.75
N GLU B 51 -25.58 16.93 -0.11
CA GLU B 51 -24.39 17.75 0.06
C GLU B 51 -23.79 17.56 1.45
N VAL B 52 -22.52 17.93 1.59
CA VAL B 52 -21.85 17.80 2.88
C VAL B 52 -21.63 19.18 3.51
N VAL B 53 -22.33 19.42 4.61
CA VAL B 53 -22.22 20.69 5.31
C VAL B 53 -20.76 20.96 5.70
N THR B 54 -20.41 20.65 6.94
CA THR B 54 -19.04 20.87 7.41
C THR B 54 -18.62 19.75 8.36
N VAL B 55 -17.58 19.02 7.97
CA VAL B 55 -17.07 17.93 8.80
C VAL B 55 -15.92 18.40 9.66
N LYS B 56 -15.84 17.89 10.88
CA LYS B 56 -14.78 18.27 11.80
C LYS B 56 -14.16 17.03 12.45
N ALA B 57 -13.07 16.54 11.85
CA ALA B 57 -12.39 15.36 12.37
C ALA B 57 -11.81 15.63 13.76
N GLU B 58 -11.88 14.64 14.63
CA GLU B 58 -11.37 14.79 15.99
C GLU B 58 -9.99 15.43 15.96
N PHE B 59 -9.87 16.59 16.61
CA PHE B 59 -8.59 17.30 16.65
C PHE B 59 -7.61 16.59 17.57
N ASP B 60 -8.14 15.75 18.46
CA ASP B 60 -7.29 15.02 19.39
C ASP B 60 -6.51 13.93 18.66
N GLU B 61 -7.23 12.95 18.11
CA GLU B 61 -6.61 11.86 17.39
C GLU B 61 -5.71 12.39 16.27
N CYS B 62 -6.22 13.37 15.54
CA CYS B 62 -5.45 13.97 14.45
C CYS B 62 -4.18 14.61 14.98
N ARG B 63 -4.27 15.24 16.14
CA ARG B 63 -3.11 15.89 16.74
C ARG B 63 -2.09 14.84 17.19
N GLU B 64 -2.55 13.86 17.94
CA GLU B 64 -1.66 12.81 18.44
C GLU B 64 -1.04 12.04 17.27
N ILE B 65 -1.80 11.93 16.18
CA ILE B 65 -1.31 11.22 14.99
C ILE B 65 -0.30 12.07 14.24
N GLY B 66 -0.52 13.39 14.26
CA GLY B 66 0.39 14.31 13.57
C GLY B 66 1.85 13.97 13.88
N GLU B 67 2.07 13.32 15.01
CA GLU B 67 3.42 12.96 15.41
C GLU B 67 3.90 11.73 14.62
N GLU B 68 2.97 10.83 14.32
CA GLU B 68 3.31 9.63 13.57
C GLU B 68 3.59 9.97 12.11
N THR B 69 2.99 11.06 11.63
CA THR B 69 3.18 11.49 10.25
C THR B 69 4.40 12.40 10.13
N GLY B 70 4.46 13.41 11.00
CA GLY B 70 5.58 14.34 10.98
C GLY B 70 5.17 15.66 10.33
N ILE B 71 4.02 15.65 9.67
CA ILE B 71 3.53 16.85 8.99
C ILE B 71 2.47 17.54 9.86
N PRO B 72 2.27 18.83 9.66
CA PRO B 72 1.26 19.60 10.45
C PRO B 72 0.00 18.78 10.69
N PRO B 73 -0.77 19.12 11.71
CA PRO B 73 -2.03 18.40 12.04
C PRO B 73 -3.13 18.66 11.01
N ARG B 74 -3.41 19.95 10.76
CA ARG B 74 -4.44 20.33 9.81
C ARG B 74 -4.34 19.48 8.54
N GLU B 75 -3.11 19.30 8.05
CA GLU B 75 -2.89 18.52 6.84
C GLU B 75 -3.61 17.18 6.93
N VAL B 76 -3.29 16.41 7.97
CA VAL B 76 -3.91 15.10 8.16
C VAL B 76 -5.42 15.25 8.32
N LYS B 77 -5.84 16.17 9.19
CA LYS B 77 -7.25 16.40 9.42
C LYS B 77 -8.02 16.50 8.10
N ALA B 78 -7.43 17.19 7.14
CA ALA B 78 -8.06 17.34 5.83
C ALA B 78 -7.96 16.05 5.02
N MET B 79 -6.96 15.23 5.36
CA MET B 79 -6.76 13.96 4.66
C MET B 79 -7.77 12.92 5.14
N VAL B 80 -7.69 12.57 6.43
CA VAL B 80 -8.59 11.60 7.00
C VAL B 80 -10.04 11.96 6.71
N GLU B 81 -10.30 13.25 6.54
CA GLU B 81 -11.65 13.72 6.25
C GLU B 81 -12.07 13.29 4.84
N ALA B 82 -11.20 13.54 3.87
CA ALA B 82 -11.49 13.18 2.49
C ALA B 82 -11.87 11.70 2.40
N ALA B 83 -11.29 10.90 3.29
CA ALA B 83 -11.58 9.47 3.30
C ALA B 83 -13.06 9.23 3.60
N ALA B 84 -13.51 9.66 4.78
CA ALA B 84 -14.89 9.49 5.18
C ALA B 84 -15.83 9.83 4.02
N ARG B 85 -15.37 10.72 3.15
CA ARG B 85 -16.16 11.13 2.00
C ARG B 85 -16.32 9.98 1.01
N VAL B 86 -15.21 9.28 0.74
CA VAL B 86 -15.24 8.15 -0.18
C VAL B 86 -15.24 6.82 0.57
N GLY B 87 -15.20 6.91 1.90
CA GLY B 87 -15.20 5.71 2.73
C GLY B 87 -14.13 4.72 2.25
N GLY B 88 -12.98 4.73 2.92
CA GLY B 88 -11.89 3.83 2.56
C GLY B 88 -10.74 3.94 3.55
N TRP B 89 -9.52 3.74 3.06
CA TRP B 89 -8.34 3.81 3.91
C TRP B 89 -7.25 4.62 3.23
N VAL B 90 -6.19 4.92 3.97
CA VAL B 90 -5.07 5.69 3.43
C VAL B 90 -3.74 5.02 3.77
N ASP B 91 -2.73 5.30 2.95
CA ASP B 91 -1.41 4.72 3.17
C ASP B 91 -0.32 5.78 2.97
N LEU B 92 0.35 6.14 4.06
CA LEU B 92 1.42 7.15 4.00
C LEU B 92 2.71 6.52 3.47
N LYS B 93 2.80 5.20 3.59
CA LYS B 93 3.99 4.50 3.13
C LYS B 93 4.37 4.94 1.72
N GLU B 94 3.38 5.32 0.93
CA GLU B 94 3.62 5.77 -0.44
C GLU B 94 2.47 6.66 -0.92
N ARG B 95 1.86 7.38 0.01
CA ARG B 95 0.75 8.27 -0.32
C ARG B 95 -0.20 7.58 -1.30
N GLU B 96 -1.16 6.83 -0.76
CA GLU B 96 -2.13 6.14 -1.59
C GLU B 96 -3.53 6.24 -1.00
N ILE B 97 -4.54 6.15 -1.85
CA ILE B 97 -5.92 6.24 -1.39
C ILE B 97 -6.80 5.25 -2.14
N LYS B 98 -7.61 4.51 -1.40
CA LYS B 98 -8.50 3.52 -2.00
C LYS B 98 -9.85 3.50 -1.29
N VAL B 99 -10.81 2.81 -1.87
CA VAL B 99 -12.14 2.71 -1.29
C VAL B 99 -12.22 1.52 -0.32
N GLN B 100 -13.44 1.11 0.00
CA GLN B 100 -13.64 -0.01 0.91
C GLN B 100 -13.91 -1.29 0.13
N VAL A 22 -30.90 10.89 14.79
CA VAL A 22 -29.58 11.41 14.45
C VAL A 22 -28.48 10.63 15.19
N PRO A 23 -28.14 9.47 14.69
CA PRO A 23 -27.08 8.62 15.30
C PRO A 23 -25.68 9.01 14.84
N SER A 24 -25.05 9.91 15.59
CA SER A 24 -23.71 10.38 15.26
C SER A 24 -22.67 9.53 15.97
N ARG A 25 -21.50 9.40 15.35
CA ARG A 25 -20.41 8.62 15.94
C ARG A 25 -19.08 8.99 15.30
N PHE A 26 -18.01 8.89 16.08
CA PHE A 26 -16.68 9.23 15.58
C PHE A 26 -16.14 8.08 14.72
N GLU A 27 -15.36 8.44 13.70
CA GLU A 27 -14.78 7.45 12.80
C GLU A 27 -13.27 7.37 13.00
N ASP A 28 -12.74 6.15 13.00
CA ASP A 28 -11.30 5.94 13.18
C ASP A 28 -10.66 5.47 11.88
N VAL A 29 -10.05 6.39 11.15
CA VAL A 29 -9.40 6.06 9.90
C VAL A 29 -8.03 5.43 10.14
N ARG A 30 -7.91 4.15 9.82
CA ARG A 30 -6.65 3.43 10.03
C ARG A 30 -5.64 3.81 8.94
N VAL A 31 -4.48 4.29 9.36
CA VAL A 31 -3.43 4.68 8.43
C VAL A 31 -2.20 3.79 8.63
N VAL A 32 -1.96 2.91 7.66
CA VAL A 32 -0.82 2.00 7.73
C VAL A 32 0.33 2.50 6.85
N GLN A 33 1.27 3.20 7.46
CA GLN A 33 2.42 3.73 6.74
C GLN A 33 3.70 3.00 7.17
N VAL A 34 4.08 1.98 6.43
CA VAL A 34 5.27 1.20 6.75
C VAL A 34 5.87 0.60 5.48
N VAL A 35 7.19 0.42 5.50
CA VAL A 35 7.88 -0.16 4.35
C VAL A 35 8.88 -1.22 4.81
N ALA A 36 8.53 -2.48 4.58
CA ALA A 36 9.42 -3.58 4.98
C ALA A 36 8.74 -4.92 4.69
N GLY A 37 9.55 -5.94 4.40
CA GLY A 37 9.03 -7.27 4.12
C GLY A 37 10.13 -8.22 3.72
N TRP A 38 9.78 -9.27 2.99
CA TRP A 38 10.76 -10.26 2.55
C TRP A 38 11.47 -9.78 1.28
N ARG A 39 12.32 -10.64 0.74
CA ARG A 39 13.06 -10.29 -0.47
C ARG A 39 13.31 -11.54 -1.32
N VAL A 40 13.26 -11.36 -2.64
CA VAL A 40 13.48 -12.47 -3.57
C VAL A 40 14.52 -12.09 -4.61
N SER A 41 15.35 -13.06 -5.00
CA SER A 41 16.39 -12.82 -5.99
C SER A 41 15.86 -13.09 -7.40
N VAL A 42 16.12 -12.17 -8.31
CA VAL A 42 15.68 -12.33 -9.70
C VAL A 42 16.72 -11.78 -10.66
N LYS A 43 17.08 -12.59 -11.66
CA LYS A 43 18.07 -12.18 -12.65
C LYS A 43 17.40 -11.56 -13.87
N ILE A 44 18.01 -10.52 -14.41
CA ILE A 44 17.47 -9.84 -15.58
C ILE A 44 18.59 -9.35 -16.48
N ALA A 45 18.49 -9.67 -17.77
CA ALA A 45 19.52 -9.25 -18.73
C ALA A 45 19.05 -8.03 -19.51
N GLU A 46 19.56 -6.86 -19.13
CA GLU A 46 19.19 -5.61 -19.80
C GLU A 46 20.38 -5.07 -20.58
N THR A 47 20.09 -4.47 -21.73
CA THR A 47 21.13 -3.91 -22.58
C THR A 47 21.21 -2.39 -22.41
N GLU A 48 21.37 -1.68 -23.52
CA GLU A 48 21.46 -0.23 -23.48
C GLU A 48 20.12 0.39 -23.87
N GLU A 49 19.35 -0.32 -24.68
CA GLU A 49 18.06 0.18 -25.14
C GLU A 49 17.01 -0.01 -24.04
N GLY A 50 17.47 -0.23 -22.81
CA GLY A 50 16.57 -0.43 -21.69
C GLY A 50 15.54 -1.51 -22.00
N GLU A 51 15.96 -2.52 -22.75
CA GLU A 51 15.06 -3.61 -23.12
C GLU A 51 15.32 -4.82 -22.24
N VAL A 52 14.26 -5.52 -21.85
CA VAL A 52 14.38 -6.71 -21.02
C VAL A 52 14.11 -7.97 -21.83
N VAL A 53 15.16 -8.71 -22.15
CA VAL A 53 15.01 -9.94 -22.92
C VAL A 53 14.14 -10.94 -22.18
N THR A 54 14.77 -11.86 -21.44
CA THR A 54 14.03 -12.87 -20.69
C THR A 54 14.36 -12.77 -19.20
N VAL A 55 13.33 -12.79 -18.37
CA VAL A 55 13.52 -12.70 -16.92
C VAL A 55 13.38 -14.07 -16.28
N LYS A 56 14.24 -14.36 -15.31
CA LYS A 56 14.22 -15.64 -14.62
C LYS A 56 14.24 -15.44 -13.11
N ALA A 57 13.51 -16.29 -12.39
CA ALA A 57 13.45 -16.18 -10.94
C ALA A 57 13.54 -17.57 -10.31
N GLU A 58 14.24 -17.66 -9.18
CA GLU A 58 14.39 -18.93 -8.48
C GLU A 58 13.04 -19.47 -8.05
N PHE A 59 12.66 -20.63 -8.60
CA PHE A 59 11.37 -21.24 -8.26
C PHE A 59 11.37 -21.71 -6.81
N ASP A 60 12.54 -21.67 -6.18
CA ASP A 60 12.66 -22.10 -4.79
C ASP A 60 12.05 -21.05 -3.85
N GLU A 61 12.65 -19.87 -3.82
CA GLU A 61 12.16 -18.79 -2.98
C GLU A 61 10.70 -18.51 -3.28
N CYS A 62 10.29 -18.74 -4.52
CA CYS A 62 8.91 -18.49 -4.92
C CYS A 62 7.98 -19.54 -4.31
N ARG A 63 8.45 -20.78 -4.24
CA ARG A 63 7.65 -21.86 -3.68
C ARG A 63 7.58 -21.75 -2.15
N GLU A 64 8.74 -21.74 -1.52
CA GLU A 64 8.81 -21.65 -0.06
C GLU A 64 7.97 -20.46 0.42
N ILE A 65 7.80 -19.47 -0.44
CA ILE A 65 7.03 -18.28 -0.08
C ILE A 65 5.54 -18.60 -0.11
N GLY A 66 5.13 -19.43 -1.06
CA GLY A 66 3.72 -19.81 -1.18
C GLY A 66 3.21 -20.45 0.10
N GLU A 67 4.13 -20.92 0.94
CA GLU A 67 3.77 -21.54 2.20
C GLU A 67 3.40 -20.49 3.24
N GLU A 68 4.06 -19.34 3.16
CA GLU A 68 3.79 -18.25 4.11
C GLU A 68 2.49 -17.53 3.74
N THR A 69 2.19 -17.49 2.45
CA THR A 69 0.98 -16.83 1.99
C THR A 69 -0.17 -17.83 1.86
N GLY A 70 0.09 -18.95 1.18
CA GLY A 70 -0.93 -19.98 1.02
C GLY A 70 -1.73 -19.79 -0.27
N ILE A 71 -1.07 -19.28 -1.30
CA ILE A 71 -1.74 -19.05 -2.58
C ILE A 71 -0.98 -19.76 -3.72
N PRO A 72 -1.66 -20.09 -4.79
CA PRO A 72 -1.02 -20.78 -5.95
C PRO A 72 0.41 -20.31 -6.20
N PRO A 73 1.39 -21.07 -5.76
CA PRO A 73 2.83 -20.69 -5.95
C PRO A 73 3.14 -20.31 -7.40
N ARG A 74 2.29 -20.76 -8.31
CA ARG A 74 2.47 -20.45 -9.73
C ARG A 74 2.32 -18.95 -9.97
N GLU A 75 1.21 -18.40 -9.49
CA GLU A 75 0.94 -16.97 -9.67
C GLU A 75 2.05 -16.14 -9.04
N VAL A 76 2.51 -16.57 -7.87
CA VAL A 76 3.57 -15.87 -7.16
C VAL A 76 4.74 -15.58 -8.10
N LYS A 77 5.14 -16.58 -8.87
CA LYS A 77 6.25 -16.44 -9.81
C LYS A 77 5.93 -15.36 -10.83
N ALA A 78 4.70 -15.36 -11.32
CA ALA A 78 4.28 -14.37 -12.30
C ALA A 78 4.11 -13.00 -11.65
N MET A 79 3.94 -13.00 -10.34
CA MET A 79 3.76 -11.75 -9.60
C MET A 79 5.12 -11.10 -9.32
N VAL A 80 6.00 -11.85 -8.67
CA VAL A 80 7.33 -11.33 -8.34
C VAL A 80 8.13 -11.06 -9.61
N GLU A 81 7.65 -11.59 -10.73
CA GLU A 81 8.32 -11.40 -12.00
C GLU A 81 7.97 -10.04 -12.61
N ALA A 82 6.67 -9.74 -12.66
CA ALA A 82 6.20 -8.47 -13.21
C ALA A 82 6.95 -7.31 -12.57
N ALA A 83 7.03 -7.33 -11.24
CA ALA A 83 7.72 -6.27 -10.51
C ALA A 83 9.19 -6.20 -10.94
N ALA A 84 9.92 -7.27 -10.68
CA ALA A 84 11.34 -7.31 -11.04
C ALA A 84 11.56 -6.75 -12.43
N ARG A 85 10.51 -6.80 -13.26
CA ARG A 85 10.59 -6.29 -14.62
C ARG A 85 10.70 -4.77 -14.61
N VAL A 86 9.85 -4.13 -13.83
CA VAL A 86 9.85 -2.66 -13.73
C VAL A 86 10.34 -2.22 -12.35
N GLY A 87 10.93 -3.15 -11.62
CA GLY A 87 11.43 -2.84 -10.28
C GLY A 87 10.34 -2.20 -9.43
N GLY A 88 9.73 -2.99 -8.56
CA GLY A 88 8.67 -2.49 -7.69
C GLY A 88 8.35 -3.48 -6.58
N TRP A 89 7.60 -3.03 -5.58
CA TRP A 89 7.23 -3.89 -4.47
C TRP A 89 5.80 -4.39 -4.63
N VAL A 90 5.38 -5.29 -3.74
CA VAL A 90 4.03 -5.83 -3.80
C VAL A 90 3.43 -5.97 -2.41
N ASP A 91 2.19 -5.53 -2.26
CA ASP A 91 1.50 -5.62 -0.97
C ASP A 91 0.42 -6.70 -1.01
N LEU A 92 0.63 -7.76 -0.24
CA LEU A 92 -0.33 -8.86 -0.20
C LEU A 92 -1.61 -8.43 0.51
N LYS A 93 -1.46 -7.71 1.61
CA LYS A 93 -2.60 -7.23 2.37
C LYS A 93 -3.31 -6.10 1.64
N GLU A 94 -2.98 -5.95 0.35
CA GLU A 94 -3.59 -4.89 -0.45
C GLU A 94 -3.63 -5.31 -1.92
N ARG A 95 -2.93 -6.38 -2.24
CA ARG A 95 -2.89 -6.87 -3.63
C ARG A 95 -2.73 -5.70 -4.59
N GLU A 96 -1.69 -4.89 -4.37
CA GLU A 96 -1.43 -3.75 -5.24
C GLU A 96 0.06 -3.64 -5.55
N ILE A 97 0.37 -3.35 -6.80
CA ILE A 97 1.77 -3.22 -7.22
C ILE A 97 2.14 -1.74 -7.39
N LYS A 98 3.39 -1.41 -7.08
CA LYS A 98 3.85 -0.04 -7.21
C LYS A 98 5.30 -0.01 -7.72
N VAL A 99 5.63 1.04 -8.47
CA VAL A 99 6.98 1.17 -9.00
C VAL A 99 7.83 2.06 -8.10
N GLN A 100 9.10 1.69 -7.95
CA GLN A 100 10.01 2.46 -7.10
C GLN A 100 10.81 3.45 -7.94
N VAL B 22 26.62 -5.21 -22.43
CA VAL B 22 25.53 -6.03 -21.88
C VAL B 22 25.75 -6.31 -20.39
N PRO B 23 25.46 -5.35 -19.55
CA PRO B 23 25.62 -5.50 -18.08
C PRO B 23 24.43 -6.19 -17.43
N SER B 24 24.71 -7.28 -16.72
CA SER B 24 23.65 -8.03 -16.05
C SER B 24 23.51 -7.58 -14.59
N ARG B 25 22.27 -7.56 -14.11
CA ARG B 25 22.01 -7.14 -12.73
C ARG B 25 20.77 -7.85 -12.18
N PHE B 26 20.82 -8.21 -10.91
CA PHE B 26 19.70 -8.89 -10.27
C PHE B 26 18.84 -7.88 -9.50
N GLU B 27 17.56 -8.20 -9.36
CA GLU B 27 16.64 -7.33 -8.64
C GLU B 27 16.21 -7.97 -7.33
N ASP B 28 15.72 -7.15 -6.40
CA ASP B 28 15.28 -7.63 -5.10
C ASP B 28 13.84 -7.23 -4.84
N VAL B 29 12.90 -8.04 -5.34
CA VAL B 29 11.48 -7.76 -5.15
C VAL B 29 11.12 -7.85 -3.67
N ARG B 30 10.61 -6.75 -3.12
CA ARG B 30 10.22 -6.73 -1.71
C ARG B 30 8.73 -6.93 -1.56
N VAL B 31 8.34 -7.94 -0.80
CA VAL B 31 6.93 -8.24 -0.56
C VAL B 31 6.52 -7.82 0.84
N VAL B 32 5.85 -6.69 0.94
CA VAL B 32 5.41 -6.18 2.25
C VAL B 32 4.00 -6.66 2.56
N GLN B 33 3.90 -7.61 3.50
CA GLN B 33 2.61 -8.16 3.89
C GLN B 33 2.36 -7.88 5.38
N VAL B 34 1.65 -6.80 5.66
CA VAL B 34 1.35 -6.43 7.04
C VAL B 34 0.07 -5.60 7.12
N VAL B 35 -0.58 -5.64 8.27
CA VAL B 35 -1.82 -4.90 8.47
C VAL B 35 -1.86 -4.28 9.86
N ALA B 36 -1.63 -2.96 9.93
CA ALA B 36 -1.64 -2.26 11.21
C ALA B 36 -1.19 -0.82 11.04
N GLY B 37 -1.63 0.05 11.94
CA GLY B 37 -1.27 1.46 11.88
C GLY B 37 -1.84 2.22 13.07
N TRP B 38 -1.87 3.55 12.96
CA TRP B 38 -2.40 4.38 14.04
C TRP B 38 -3.89 4.60 13.87
N ARG B 39 -4.44 5.54 14.64
CA ARG B 39 -5.86 5.84 14.56
C ARG B 39 -6.09 7.35 14.60
N VAL B 40 -6.97 7.84 13.74
CA VAL B 40 -7.29 9.26 13.68
C VAL B 40 -8.66 9.53 14.28
N SER B 41 -8.85 10.75 14.79
CA SER B 41 -10.12 11.13 15.39
C SER B 41 -10.93 12.00 14.43
N VAL B 42 -12.09 11.50 14.01
CA VAL B 42 -12.95 12.23 13.09
C VAL B 42 -14.40 12.19 13.57
N LYS B 43 -15.18 13.19 13.16
CA LYS B 43 -16.59 13.26 13.55
C LYS B 43 -17.49 13.31 12.32
N ILE B 44 -18.47 12.42 12.27
CA ILE B 44 -19.39 12.39 11.14
C ILE B 44 -20.83 12.21 11.64
N ALA B 45 -21.71 13.11 11.21
CA ALA B 45 -23.11 13.03 11.63
C ALA B 45 -23.96 12.42 10.53
N GLU B 46 -25.06 11.77 10.93
CA GLU B 46 -25.97 11.15 9.96
C GLU B 46 -27.41 11.50 10.27
N THR B 47 -28.28 11.34 9.28
CA THR B 47 -29.70 11.64 9.46
C THR B 47 -30.57 10.56 8.83
N GLU B 48 -31.70 10.27 9.46
CA GLU B 48 -32.61 9.25 8.93
C GLU B 48 -33.62 9.88 7.98
N GLU B 49 -33.23 10.99 7.36
CA GLU B 49 -34.11 11.67 6.42
C GLU B 49 -33.60 11.51 4.99
N GLY B 50 -32.67 10.58 4.81
CA GLY B 50 -32.11 10.33 3.48
C GLY B 50 -31.04 11.35 3.14
N GLU B 51 -30.41 11.91 4.17
CA GLU B 51 -29.36 12.90 3.97
C GLU B 51 -28.22 12.68 4.95
N VAL B 52 -26.99 12.79 4.45
CA VAL B 52 -25.80 12.60 5.27
C VAL B 52 -25.11 13.93 5.55
N VAL B 53 -24.87 14.22 6.83
CA VAL B 53 -24.21 15.47 7.20
C VAL B 53 -22.79 15.50 6.63
N THR B 54 -21.96 16.40 7.15
CA THR B 54 -20.58 16.52 6.66
C THR B 54 -19.58 16.10 7.73
N VAL B 55 -18.34 15.84 7.30
CA VAL B 55 -17.30 15.42 8.22
C VAL B 55 -16.38 16.59 8.54
N LYS B 56 -15.90 16.64 9.79
CA LYS B 56 -15.02 17.71 10.22
C LYS B 56 -13.80 17.14 10.95
N ALA B 57 -12.75 16.85 10.18
CA ALA B 57 -11.53 16.29 10.77
C ALA B 57 -10.83 17.33 11.64
N GLU B 58 -9.97 16.85 12.53
CA GLU B 58 -9.23 17.75 13.42
C GLU B 58 -7.99 18.29 12.73
N PHE B 59 -7.89 19.62 12.67
CA PHE B 59 -6.75 20.27 12.03
C PHE B 59 -5.47 20.02 12.83
N ASP B 60 -5.64 19.59 14.07
CA ASP B 60 -4.48 19.32 14.93
C ASP B 60 -3.83 17.99 14.56
N GLU B 61 -4.58 16.90 14.73
CA GLU B 61 -4.07 15.58 14.42
C GLU B 61 -3.58 15.53 12.96
N CYS B 62 -4.15 16.39 12.13
CA CYS B 62 -3.77 16.44 10.72
C CYS B 62 -2.42 17.13 10.55
N ARG B 63 -2.12 18.07 11.44
CA ARG B 63 -0.86 18.79 11.39
C ARG B 63 0.25 17.97 12.04
N GLU B 64 -0.07 17.32 13.14
CA GLU B 64 0.90 16.50 13.86
C GLU B 64 1.24 15.25 13.05
N ILE B 65 0.22 14.67 12.42
CA ILE B 65 0.43 13.47 11.62
C ILE B 65 1.31 13.76 10.41
N GLY B 66 1.33 15.02 10.00
CA GLY B 66 2.14 15.43 8.86
C GLY B 66 3.62 15.48 9.23
N GLU B 67 3.92 16.17 10.33
CA GLU B 67 5.30 16.28 10.80
C GLU B 67 5.98 14.92 10.80
N GLU B 68 5.18 13.86 10.87
CA GLU B 68 5.71 12.50 10.87
C GLU B 68 6.10 12.07 9.47
N THR B 69 5.25 12.40 8.50
CA THR B 69 5.51 12.04 7.11
C THR B 69 6.39 13.09 6.43
N GLY B 70 6.01 14.35 6.56
CA GLY B 70 6.79 15.43 5.96
C GLY B 70 6.20 15.87 4.63
N ILE B 71 4.87 15.82 4.52
CA ILE B 71 4.19 16.22 3.29
C ILE B 71 3.16 17.31 3.58
N PRO B 72 2.81 18.11 2.60
CA PRO B 72 1.82 19.21 2.76
C PRO B 72 0.69 18.83 3.73
N PRO B 73 0.75 19.28 4.97
CA PRO B 73 -0.31 18.96 5.98
C PRO B 73 -1.71 19.24 5.46
N ARG B 74 -1.79 20.07 4.42
CA ARG B 74 -3.08 20.41 3.83
C ARG B 74 -3.67 19.21 3.11
N GLU B 75 -2.91 18.64 2.19
CA GLU B 75 -3.37 17.49 1.43
C GLU B 75 -3.72 16.34 2.37
N VAL B 76 -3.11 16.33 3.55
CA VAL B 76 -3.37 15.28 4.53
C VAL B 76 -4.78 15.40 5.07
N LYS B 77 -5.22 16.63 5.30
CA LYS B 77 -6.57 16.87 5.83
C LYS B 77 -7.63 16.41 4.83
N ALA B 78 -7.34 16.60 3.55
CA ALA B 78 -8.28 16.21 2.50
C ALA B 78 -8.17 14.71 2.21
N MET B 79 -7.12 14.09 2.75
CA MET B 79 -6.91 12.66 2.54
C MET B 79 -7.75 11.84 3.53
N VAL B 80 -7.69 12.23 4.80
CA VAL B 80 -8.44 11.52 5.84
C VAL B 80 -9.92 11.89 5.77
N GLU B 81 -10.21 13.08 5.25
CA GLU B 81 -11.59 13.54 5.14
C GLU B 81 -12.35 12.72 4.09
N ALA B 82 -11.77 12.61 2.90
CA ALA B 82 -12.41 11.86 1.82
C ALA B 82 -12.72 10.44 2.27
N ALA B 83 -11.71 9.75 2.79
CA ALA B 83 -11.88 8.38 3.25
C ALA B 83 -13.03 8.30 4.26
N ALA B 84 -12.90 9.02 5.36
CA ALA B 84 -13.92 9.02 6.39
C ALA B 84 -15.30 9.12 5.77
N ARG B 85 -15.39 9.76 4.61
CA ARG B 85 -16.66 9.92 3.92
C ARG B 85 -17.17 8.57 3.45
N VAL B 86 -16.26 7.76 2.90
CA VAL B 86 -16.63 6.43 2.41
C VAL B 86 -16.19 5.35 3.39
N GLY B 87 -15.55 5.77 4.48
CA GLY B 87 -15.08 4.85 5.50
C GLY B 87 -14.10 3.84 4.90
N GLY B 88 -12.81 4.12 5.04
CA GLY B 88 -11.78 3.23 4.51
C GLY B 88 -10.44 3.50 5.18
N TRP B 89 -9.44 2.69 4.80
CA TRP B 89 -8.10 2.85 5.37
C TRP B 89 -7.19 3.59 4.41
N VAL B 90 -5.98 3.90 4.86
CA VAL B 90 -5.02 4.61 4.02
C VAL B 90 -3.62 4.03 4.16
N ASP B 91 -2.89 4.00 3.06
CA ASP B 91 -1.52 3.47 3.07
C ASP B 91 -0.58 4.43 2.34
N LEU B 92 0.32 5.04 3.09
CA LEU B 92 1.27 5.98 2.50
C LEU B 92 2.40 5.24 1.79
N LYS B 93 2.74 4.07 2.30
CA LYS B 93 3.81 3.26 1.70
C LYS B 93 3.42 2.86 0.28
N GLU B 94 2.20 3.18 -0.11
CA GLU B 94 1.72 2.84 -1.45
C GLU B 94 0.74 3.89 -1.95
N ARG B 95 0.42 4.84 -1.09
CA ARG B 95 -0.52 5.91 -1.46
C ARG B 95 -1.81 5.31 -2.02
N GLU B 96 -2.51 4.54 -1.19
CA GLU B 96 -3.77 3.92 -1.60
C GLU B 96 -4.87 4.23 -0.60
N ILE B 97 -6.10 3.91 -0.98
CA ILE B 97 -7.25 4.16 -0.11
C ILE B 97 -8.12 2.91 0.00
N LYS B 98 -7.76 2.03 0.93
CA LYS B 98 -8.51 0.80 1.13
C LYS B 98 -9.93 1.11 1.62
N VAL B 99 -10.91 0.47 1.00
CA VAL B 99 -12.31 0.69 1.39
C VAL B 99 -12.81 -0.47 2.24
N GLN B 100 -13.64 -0.14 3.23
CA GLN B 100 -14.19 -1.16 4.12
C GLN B 100 -15.39 -1.84 3.48
N VAL A 22 -31.75 13.00 12.45
CA VAL A 22 -30.41 13.19 11.91
C VAL A 22 -29.36 12.62 12.86
N PRO A 23 -29.17 11.34 12.83
CA PRO A 23 -28.17 10.65 13.71
C PRO A 23 -26.77 10.68 13.11
N SER A 24 -25.94 11.60 13.62
CA SER A 24 -24.57 11.73 13.12
C SER A 24 -23.87 10.39 13.15
N ARG A 25 -22.59 10.39 12.75
CA ARG A 25 -21.82 9.15 12.72
C ARG A 25 -20.33 9.46 12.55
N PHE A 26 -19.50 8.83 13.37
CA PHE A 26 -18.06 9.04 13.30
C PHE A 26 -17.40 7.97 12.44
N GLU A 27 -16.31 8.34 11.77
CA GLU A 27 -15.58 7.40 10.92
C GLU A 27 -14.23 7.06 11.55
N ASP A 28 -13.62 5.98 11.09
CA ASP A 28 -12.33 5.55 11.60
C ASP A 28 -11.41 5.11 10.48
N VAL A 29 -10.56 6.01 10.02
CA VAL A 29 -9.62 5.69 8.94
C VAL A 29 -8.34 5.10 9.50
N ARG A 30 -8.01 3.88 9.07
CA ARG A 30 -6.81 3.20 9.55
C ARG A 30 -5.62 3.54 8.65
N VAL A 31 -4.56 4.08 9.26
CA VAL A 31 -3.36 4.44 8.52
C VAL A 31 -2.25 3.43 8.80
N VAL A 32 -1.85 2.70 7.78
CA VAL A 32 -0.79 1.70 7.93
C VAL A 32 0.55 2.24 7.46
N GLN A 33 1.59 2.01 8.27
CA GLN A 33 2.93 2.48 7.93
C GLN A 33 3.94 1.39 8.23
N VAL A 34 4.29 0.61 7.20
CA VAL A 34 5.25 -0.47 7.35
C VAL A 34 6.54 -0.18 6.59
N VAL A 35 7.64 -0.73 7.08
CA VAL A 35 8.93 -0.53 6.44
C VAL A 35 9.36 -1.79 5.69
N ALA A 36 10.03 -1.61 4.56
CA ALA A 36 10.49 -2.75 3.76
C ALA A 36 10.99 -3.88 4.64
N GLY A 37 10.70 -5.11 4.23
CA GLY A 37 11.11 -6.29 5.01
C GLY A 37 12.03 -7.18 4.17
N TRP A 38 11.43 -8.15 3.48
CA TRP A 38 12.20 -9.06 2.66
C TRP A 38 12.21 -8.61 1.21
N ARG A 39 13.15 -9.14 0.43
CA ARG A 39 13.26 -8.77 -0.98
C ARG A 39 13.83 -9.94 -1.79
N VAL A 40 13.24 -10.20 -2.94
CA VAL A 40 13.70 -11.28 -3.80
C VAL A 40 14.66 -10.75 -4.87
N SER A 41 15.49 -11.63 -5.40
CA SER A 41 16.45 -11.24 -6.43
C SER A 41 16.00 -11.72 -7.81
N VAL A 42 16.04 -10.83 -8.79
CA VAL A 42 15.65 -11.18 -10.15
C VAL A 42 16.53 -10.48 -11.16
N LYS A 43 16.91 -11.21 -12.22
CA LYS A 43 17.75 -10.65 -13.27
C LYS A 43 16.93 -10.24 -14.48
N ILE A 44 16.75 -8.93 -14.66
CA ILE A 44 15.97 -8.42 -15.78
C ILE A 44 16.89 -7.78 -16.82
N ALA A 45 16.64 -8.09 -18.09
CA ALA A 45 17.45 -7.54 -19.18
C ALA A 45 16.66 -6.49 -19.96
N GLU A 46 16.89 -5.23 -19.65
CA GLU A 46 16.20 -4.13 -20.34
C GLU A 46 17.09 -3.53 -21.41
N THR A 47 16.50 -3.25 -22.57
CA THR A 47 17.26 -2.66 -23.67
C THR A 47 16.99 -1.16 -23.75
N GLU A 48 15.76 -0.80 -24.09
CA GLU A 48 15.39 0.62 -24.21
C GLU A 48 14.94 1.16 -22.86
N GLU A 49 15.37 0.49 -21.79
CA GLU A 49 15.01 0.92 -20.44
C GLU A 49 13.50 0.93 -20.26
N GLY A 50 12.78 0.52 -21.31
CA GLY A 50 11.33 0.48 -21.26
C GLY A 50 10.80 -0.81 -21.87
N GLU A 51 11.66 -1.82 -21.97
CA GLU A 51 11.27 -3.10 -22.54
C GLU A 51 11.89 -4.25 -21.74
N VAL A 52 11.16 -5.36 -21.66
CA VAL A 52 11.64 -6.52 -20.91
C VAL A 52 11.49 -7.78 -21.76
N VAL A 53 12.53 -8.09 -22.55
CA VAL A 53 12.51 -9.26 -23.40
C VAL A 53 12.11 -10.51 -22.62
N THR A 54 12.86 -10.79 -21.57
CA THR A 54 12.59 -11.97 -20.74
C THR A 54 12.94 -11.70 -19.28
N VAL A 55 12.44 -12.54 -18.39
CA VAL A 55 12.70 -12.39 -16.97
C VAL A 55 12.92 -13.76 -16.32
N LYS A 56 13.82 -13.80 -15.34
CA LYS A 56 14.11 -15.05 -14.63
C LYS A 56 14.10 -14.84 -13.12
N ALA A 57 13.17 -15.50 -12.45
CA ALA A 57 13.07 -15.38 -11.00
C ALA A 57 13.78 -16.55 -10.31
N GLU A 58 14.15 -16.35 -9.05
CA GLU A 58 14.82 -17.40 -8.29
C GLU A 58 13.81 -18.39 -7.72
N PHE A 59 14.04 -19.67 -7.99
CA PHE A 59 13.14 -20.71 -7.51
C PHE A 59 13.42 -21.01 -6.04
N ASP A 60 14.64 -20.74 -5.60
CA ASP A 60 15.02 -20.99 -4.21
C ASP A 60 14.27 -20.05 -3.28
N GLU A 61 14.54 -18.75 -3.41
CA GLU A 61 13.88 -17.76 -2.58
C GLU A 61 12.36 -17.92 -2.66
N CYS A 62 11.86 -18.23 -3.84
CA CYS A 62 10.43 -18.40 -4.04
C CYS A 62 9.95 -19.68 -3.37
N ARG A 63 10.87 -20.64 -3.20
CA ARG A 63 10.52 -21.90 -2.57
C ARG A 63 10.54 -21.78 -1.05
N GLU A 64 11.39 -20.89 -0.54
CA GLU A 64 11.49 -20.68 0.89
C GLU A 64 10.42 -19.71 1.37
N ILE A 65 10.14 -18.69 0.56
CA ILE A 65 9.13 -17.70 0.92
C ILE A 65 7.76 -18.34 1.00
N GLY A 66 7.58 -19.45 0.27
CA GLY A 66 6.30 -20.15 0.28
C GLY A 66 6.03 -20.78 1.63
N GLU A 67 7.09 -21.02 2.40
CA GLU A 67 6.95 -21.62 3.72
C GLU A 67 6.61 -20.56 4.75
N GLU A 68 7.09 -19.34 4.53
CA GLU A 68 6.82 -18.24 5.45
C GLU A 68 5.47 -17.60 5.14
N THR A 69 5.03 -17.74 3.90
CA THR A 69 3.75 -17.17 3.48
C THR A 69 2.66 -18.22 3.50
N GLY A 70 2.95 -19.38 2.92
CA GLY A 70 1.98 -20.47 2.87
C GLY A 70 1.33 -20.56 1.50
N ILE A 71 2.09 -20.21 0.47
CA ILE A 71 1.58 -20.25 -0.91
C ILE A 71 2.52 -21.10 -1.78
N PRO A 72 2.03 -22.11 -2.47
CA PRO A 72 2.89 -22.98 -3.33
C PRO A 72 3.92 -22.15 -4.10
N PRO A 73 5.02 -22.75 -4.51
CA PRO A 73 6.09 -22.04 -5.26
C PRO A 73 5.63 -21.61 -6.66
N ARG A 74 4.92 -22.50 -7.33
CA ARG A 74 4.42 -22.22 -8.68
C ARG A 74 3.64 -20.91 -8.69
N GLU A 75 2.60 -20.83 -7.85
CA GLU A 75 1.78 -19.64 -7.76
C GLU A 75 2.63 -18.43 -7.39
N VAL A 76 3.56 -18.63 -6.45
CA VAL A 76 4.43 -17.55 -6.01
C VAL A 76 5.27 -17.03 -7.17
N LYS A 77 6.04 -17.93 -7.79
CA LYS A 77 6.89 -17.55 -8.90
C LYS A 77 6.11 -16.68 -9.90
N ALA A 78 4.88 -17.06 -10.17
CA ALA A 78 4.04 -16.32 -11.09
C ALA A 78 3.73 -14.93 -10.53
N MET A 79 3.54 -14.87 -9.22
CA MET A 79 3.24 -13.60 -8.56
C MET A 79 4.47 -12.69 -8.55
N VAL A 80 5.60 -13.25 -8.14
CA VAL A 80 6.84 -12.49 -8.08
C VAL A 80 7.38 -12.22 -9.48
N GLU A 81 6.98 -13.06 -10.43
CA GLU A 81 7.43 -12.90 -11.82
C GLU A 81 6.71 -11.74 -12.49
N ALA A 82 5.38 -11.83 -12.56
CA ALA A 82 4.59 -10.77 -13.18
C ALA A 82 5.08 -9.40 -12.72
N ALA A 83 5.25 -9.26 -11.41
CA ALA A 83 5.72 -7.99 -10.85
C ALA A 83 6.99 -7.53 -11.54
N ALA A 84 8.05 -8.32 -11.42
CA ALA A 84 9.33 -7.99 -12.04
C ALA A 84 9.12 -7.49 -13.46
N ARG A 85 7.97 -7.83 -14.04
CA ARG A 85 7.65 -7.41 -15.41
C ARG A 85 7.15 -5.98 -15.43
N VAL A 86 6.39 -5.60 -14.40
CA VAL A 86 5.85 -4.25 -14.31
C VAL A 86 6.56 -3.45 -13.23
N GLY A 87 7.49 -4.09 -12.53
CA GLY A 87 8.24 -3.41 -11.47
C GLY A 87 8.77 -4.41 -10.44
N GLY A 88 8.02 -4.59 -9.35
CA GLY A 88 8.43 -5.52 -8.31
C GLY A 88 7.93 -5.06 -6.93
N TRP A 89 6.65 -5.27 -6.66
CA TRP A 89 6.07 -4.88 -5.38
C TRP A 89 4.79 -5.66 -5.14
N VAL A 90 4.61 -6.15 -3.91
CA VAL A 90 3.41 -6.92 -3.58
C VAL A 90 3.02 -6.73 -2.12
N ASP A 91 1.78 -7.12 -1.80
CA ASP A 91 1.28 -7.01 -0.45
C ASP A 91 0.39 -8.21 -0.14
N LEU A 92 0.84 -9.05 0.78
CA LEU A 92 0.08 -10.25 1.14
C LEU A 92 -1.13 -9.92 2.00
N LYS A 93 -0.89 -9.37 3.19
CA LYS A 93 -1.97 -9.02 4.10
C LYS A 93 -2.93 -8.01 3.46
N GLU A 94 -2.65 -7.63 2.22
CA GLU A 94 -3.50 -6.68 1.50
C GLU A 94 -3.84 -7.20 0.12
N ARG A 95 -3.20 -8.30 -0.27
CA ARG A 95 -3.44 -8.90 -1.59
C ARG A 95 -3.49 -7.82 -2.66
N GLU A 96 -2.35 -7.19 -2.93
CA GLU A 96 -2.27 -6.15 -3.94
C GLU A 96 -0.92 -6.19 -4.65
N ILE A 97 -0.95 -6.30 -5.97
CA ILE A 97 0.28 -6.34 -6.76
C ILE A 97 0.51 -5.01 -7.45
N LYS A 98 1.69 -4.43 -7.24
CA LYS A 98 2.02 -3.14 -7.86
C LYS A 98 3.52 -3.07 -8.15
N VAL A 99 3.99 -1.86 -8.46
CA VAL A 99 5.40 -1.65 -8.78
C VAL A 99 6.07 -0.84 -7.66
N GLN A 100 7.32 -1.17 -7.37
CA GLN A 100 8.06 -0.47 -6.33
C GLN A 100 8.32 0.98 -6.74
N VAL B 22 23.01 -2.23 -24.19
CA VAL B 22 22.17 -3.20 -23.50
C VAL B 22 22.60 -3.38 -22.05
N PRO B 23 22.24 -2.47 -21.18
CA PRO B 23 22.60 -2.52 -19.74
C PRO B 23 21.63 -3.40 -18.94
N SER B 24 22.17 -4.30 -18.14
CA SER B 24 21.35 -5.19 -17.32
C SER B 24 21.47 -4.81 -15.84
N ARG B 25 20.40 -5.08 -15.09
CA ARG B 25 20.38 -4.77 -13.67
C ARG B 25 19.40 -5.65 -12.93
N PHE B 26 19.70 -5.97 -11.67
CA PHE B 26 18.82 -6.82 -10.87
C PHE B 26 17.75 -5.98 -10.19
N GLU B 27 16.54 -6.52 -10.12
CA GLU B 27 15.42 -5.83 -9.49
C GLU B 27 15.03 -6.51 -8.19
N ASP B 28 14.76 -5.71 -7.17
CA ASP B 28 14.38 -6.25 -5.86
C ASP B 28 12.88 -6.14 -5.65
N VAL B 29 12.17 -7.27 -5.83
CA VAL B 29 10.73 -7.29 -5.66
C VAL B 29 10.37 -7.17 -4.19
N ARG B 30 9.75 -6.05 -3.81
CA ARG B 30 9.36 -5.83 -2.43
C ARG B 30 8.25 -6.80 -2.03
N VAL B 31 8.36 -7.34 -0.82
CA VAL B 31 7.37 -8.29 -0.32
C VAL B 31 7.10 -8.04 1.16
N VAL B 32 6.11 -7.21 1.46
CA VAL B 32 5.76 -6.89 2.84
C VAL B 32 4.40 -7.46 3.21
N GLN B 33 4.22 -7.77 4.49
CA GLN B 33 2.96 -8.32 4.96
C GLN B 33 2.57 -7.69 6.29
N VAL B 34 1.70 -6.69 6.24
CA VAL B 34 1.27 -6.00 7.46
C VAL B 34 -0.14 -5.43 7.29
N VAL B 35 -0.86 -5.29 8.40
CA VAL B 35 -2.20 -4.75 8.37
C VAL B 35 -2.45 -3.82 9.55
N ALA B 36 -3.18 -2.74 9.31
CA ALA B 36 -3.48 -1.78 10.37
C ALA B 36 -2.22 -0.98 10.73
N GLY B 37 -2.35 -0.10 11.73
CA GLY B 37 -1.24 0.72 12.16
C GLY B 37 -1.67 1.73 13.22
N TRP B 38 -2.56 2.64 12.81
CA TRP B 38 -3.06 3.66 13.73
C TRP B 38 -4.56 3.82 13.60
N ARG B 39 -5.11 4.86 14.22
CA ARG B 39 -6.54 5.11 14.16
C ARG B 39 -6.82 6.61 14.13
N VAL B 40 -7.57 7.03 13.11
CA VAL B 40 -7.92 8.45 12.95
C VAL B 40 -9.43 8.64 13.06
N SER B 41 -9.85 9.42 14.04
CA SER B 41 -11.28 9.68 14.24
C SER B 41 -11.76 10.78 13.30
N VAL B 42 -13.05 10.74 12.96
CA VAL B 42 -13.63 11.73 12.06
C VAL B 42 -14.99 12.16 12.57
N LYS B 43 -15.49 13.29 12.04
CA LYS B 43 -16.78 13.81 12.44
C LYS B 43 -17.59 14.23 11.22
N ILE B 44 -18.64 13.48 10.92
CA ILE B 44 -19.49 13.79 9.77
C ILE B 44 -20.97 13.60 10.13
N ALA B 45 -21.76 14.64 9.90
CA ALA B 45 -23.19 14.59 10.21
C ALA B 45 -23.99 14.30 8.93
N GLU B 46 -24.41 13.05 8.77
CA GLU B 46 -25.19 12.66 7.62
C GLU B 46 -26.69 12.79 7.89
N THR B 47 -27.45 13.16 6.88
CA THR B 47 -28.89 13.31 7.03
C THR B 47 -29.62 12.09 6.49
N GLU B 48 -30.77 12.32 5.86
CA GLU B 48 -31.55 11.22 5.29
C GLU B 48 -31.33 11.11 3.80
N GLU B 49 -31.60 12.19 3.08
CA GLU B 49 -31.42 12.19 1.63
C GLU B 49 -30.12 11.49 1.24
N GLY B 50 -29.19 11.41 2.19
CA GLY B 50 -27.91 10.76 1.94
C GLY B 50 -26.88 11.76 1.43
N GLU B 51 -26.65 12.81 2.21
CA GLU B 51 -25.69 13.84 1.83
C GLU B 51 -24.84 14.24 3.03
N VAL B 52 -23.69 14.86 2.76
CA VAL B 52 -22.79 15.29 3.82
C VAL B 52 -22.83 16.81 3.96
N VAL B 53 -23.68 17.30 4.86
CA VAL B 53 -23.80 18.73 5.09
C VAL B 53 -22.43 19.37 5.25
N THR B 54 -21.67 18.88 6.21
CA THR B 54 -20.34 19.40 6.46
C THR B 54 -19.43 18.33 7.05
N VAL B 55 -18.12 18.57 7.01
CA VAL B 55 -17.16 17.61 7.54
C VAL B 55 -16.04 18.33 8.28
N LYS B 56 -15.81 17.94 9.52
CA LYS B 56 -14.76 18.55 10.33
C LYS B 56 -13.91 17.48 11.02
N ALA B 57 -12.80 17.13 10.38
CA ALA B 57 -11.91 16.11 10.93
C ALA B 57 -11.07 16.71 12.06
N GLU B 58 -10.77 15.90 13.07
CA GLU B 58 -9.97 16.35 14.20
C GLU B 58 -8.64 16.96 13.71
N PHE B 59 -8.53 18.28 13.81
CA PHE B 59 -7.32 18.96 13.38
C PHE B 59 -6.16 18.63 14.31
N ASP B 60 -6.48 18.15 15.51
CA ASP B 60 -5.45 17.81 16.48
C ASP B 60 -4.69 16.56 16.05
N GLU B 61 -5.41 15.44 15.99
CA GLU B 61 -4.78 14.18 15.59
C GLU B 61 -4.15 14.30 14.22
N CYS B 62 -4.62 15.26 13.42
CA CYS B 62 -4.08 15.47 12.09
C CYS B 62 -2.76 16.22 12.17
N ARG B 63 -2.60 17.05 13.20
CA ARG B 63 -1.37 17.82 13.38
C ARG B 63 -0.29 16.95 14.02
N GLU B 64 -0.71 15.99 14.83
CA GLU B 64 0.24 15.11 15.50
C GLU B 64 0.69 13.99 14.56
N ILE B 65 -0.27 13.37 13.90
CA ILE B 65 0.04 12.28 12.97
C ILE B 65 1.03 12.75 11.90
N GLY B 66 1.11 14.06 11.73
CA GLY B 66 2.02 14.62 10.74
C GLY B 66 3.44 14.69 11.28
N GLU B 67 3.58 14.62 12.58
CA GLU B 67 4.90 14.67 13.23
C GLU B 67 5.52 13.28 13.26
N GLU B 68 4.70 12.26 13.13
CA GLU B 68 5.18 10.88 13.16
C GLU B 68 5.90 10.55 11.86
N THR B 69 5.34 10.99 10.74
CA THR B 69 5.95 10.72 9.44
C THR B 69 6.88 11.86 9.03
N GLY B 70 6.52 13.08 9.41
CA GLY B 70 7.33 14.24 9.07
C GLY B 70 6.73 15.00 7.88
N ILE B 71 5.41 14.98 7.78
CA ILE B 71 4.71 15.66 6.69
C ILE B 71 3.72 16.68 7.25
N PRO B 72 3.47 17.77 6.55
CA PRO B 72 2.53 18.82 7.04
C PRO B 72 1.12 18.26 7.24
N PRO B 73 0.29 18.98 7.95
CA PRO B 73 -1.12 18.55 8.23
C PRO B 73 -2.01 18.64 7.00
N ARG B 74 -1.95 19.79 6.32
CA ARG B 74 -2.76 20.00 5.12
C ARG B 74 -2.74 18.75 4.24
N GLU B 75 -1.65 17.99 4.32
CA GLU B 75 -1.51 16.78 3.51
C GLU B 75 -2.37 15.66 4.09
N VAL B 76 -2.51 15.63 5.41
CA VAL B 76 -3.31 14.60 6.08
C VAL B 76 -4.80 14.94 6.01
N LYS B 77 -5.16 16.10 6.54
CA LYS B 77 -6.55 16.53 6.54
C LYS B 77 -7.18 16.31 5.16
N ALA B 78 -6.43 16.63 4.11
CA ALA B 78 -6.93 16.47 2.75
C ALA B 78 -7.09 14.98 2.42
N MET B 79 -6.13 14.17 2.86
CA MET B 79 -6.17 12.73 2.61
C MET B 79 -7.24 12.06 3.46
N VAL B 80 -7.09 12.15 4.77
CA VAL B 80 -8.03 11.54 5.69
C VAL B 80 -9.47 11.75 5.22
N GLU B 81 -9.95 12.99 5.30
CA GLU B 81 -11.31 13.31 4.86
C GLU B 81 -11.62 12.61 3.53
N ALA B 82 -10.82 12.92 2.51
CA ALA B 82 -11.03 12.32 1.20
C ALA B 82 -11.30 10.83 1.33
N ALA B 83 -10.64 10.20 2.30
CA ALA B 83 -10.82 8.78 2.54
C ALA B 83 -12.21 8.49 3.10
N ALA B 84 -12.50 9.08 4.25
CA ALA B 84 -13.80 8.89 4.88
C ALA B 84 -14.92 8.98 3.85
N ARG B 85 -14.62 9.61 2.71
CA ARG B 85 -15.61 9.76 1.65
C ARG B 85 -15.71 8.48 0.83
N VAL B 86 -14.57 7.93 0.44
CA VAL B 86 -14.55 6.71 -0.36
C VAL B 86 -14.28 5.50 0.53
N GLY B 87 -14.14 5.73 1.83
CA GLY B 87 -13.90 4.65 2.77
C GLY B 87 -12.78 3.74 2.28
N GLY B 88 -11.57 3.95 2.81
CA GLY B 88 -10.42 3.15 2.41
C GLY B 88 -9.25 3.36 3.36
N TRP B 89 -8.17 2.62 3.15
CA TRP B 89 -6.99 2.74 3.99
C TRP B 89 -5.92 3.56 3.29
N VAL B 90 -4.96 4.05 4.06
CA VAL B 90 -3.87 4.87 3.50
C VAL B 90 -2.51 4.35 3.96
N ASP B 91 -1.59 4.23 3.01
CA ASP B 91 -0.25 3.76 3.32
C ASP B 91 0.72 4.93 3.39
N LEU B 92 1.24 5.21 4.58
CA LEU B 92 2.18 6.30 4.76
C LEU B 92 3.55 5.92 4.21
N LYS B 93 3.87 4.64 4.27
CA LYS B 93 5.14 4.15 3.77
C LYS B 93 5.24 4.32 2.26
N GLU B 94 4.19 4.86 1.66
CA GLU B 94 4.16 5.06 0.22
C GLU B 94 3.05 6.03 -0.17
N ARG B 95 2.47 6.70 0.83
CA ARG B 95 1.40 7.65 0.59
C ARG B 95 0.44 7.12 -0.47
N GLU B 96 0.04 5.85 -0.32
CA GLU B 96 -0.88 5.23 -1.27
C GLU B 96 -2.26 5.06 -0.64
N ILE B 97 -3.19 4.51 -1.43
CA ILE B 97 -4.54 4.30 -0.93
C ILE B 97 -5.18 3.10 -1.62
N LYS B 98 -6.19 2.52 -0.99
CA LYS B 98 -6.87 1.35 -1.54
C LYS B 98 -8.34 1.35 -1.14
N VAL B 99 -9.20 0.85 -2.03
CA VAL B 99 -10.63 0.78 -1.74
C VAL B 99 -10.97 -0.47 -0.96
N GLN B 100 -11.87 -0.33 0.01
CA GLN B 100 -12.27 -1.47 0.83
C GLN B 100 -13.54 -1.14 1.61
N VAL A 22 -31.60 9.86 6.67
CA VAL A 22 -30.19 10.05 6.27
C VAL A 22 -29.26 9.10 7.01
N PRO A 23 -28.92 7.96 6.44
CA PRO A 23 -28.02 6.98 7.09
C PRO A 23 -26.71 7.61 7.55
N SER A 24 -25.95 6.88 8.37
CA SER A 24 -24.68 7.38 8.87
C SER A 24 -23.73 6.23 9.17
N ARG A 25 -22.43 6.49 9.04
CA ARG A 25 -21.42 5.47 9.31
C ARG A 25 -20.11 6.11 9.74
N PHE A 26 -19.33 5.38 10.52
CA PHE A 26 -18.05 5.87 11.00
C PHE A 26 -16.90 5.24 10.21
N GLU A 27 -15.79 5.95 10.13
CA GLU A 27 -14.62 5.47 9.41
C GLU A 27 -13.37 5.52 10.28
N ASP A 28 -12.64 4.42 10.34
CA ASP A 28 -11.43 4.36 11.15
C ASP A 28 -10.19 4.48 10.27
N VAL A 29 -9.64 5.69 10.19
CA VAL A 29 -8.45 5.94 9.38
C VAL A 29 -7.21 5.37 10.08
N ARG A 30 -6.57 4.41 9.43
CA ARG A 30 -5.37 3.78 9.99
C ARG A 30 -4.12 4.41 9.39
N VAL A 31 -3.26 4.93 10.26
CA VAL A 31 -2.01 5.55 9.81
C VAL A 31 -0.82 4.65 10.14
N VAL A 32 -0.33 3.94 9.12
CA VAL A 32 0.80 3.04 9.32
C VAL A 32 2.12 3.76 9.04
N GLN A 33 2.91 3.95 10.10
CA GLN A 33 4.20 4.62 9.97
C GLN A 33 5.33 3.60 10.12
N VAL A 34 5.81 3.09 8.99
CA VAL A 34 6.90 2.11 9.02
C VAL A 34 7.68 2.15 7.72
N VAL A 35 8.95 1.75 7.78
CA VAL A 35 9.81 1.74 6.60
C VAL A 35 10.69 0.49 6.58
N ALA A 36 10.47 -0.35 5.57
CA ALA A 36 11.26 -1.57 5.44
C ALA A 36 10.58 -2.54 4.48
N GLY A 37 11.27 -3.63 4.15
CA GLY A 37 10.74 -4.63 3.24
C GLY A 37 11.81 -5.61 2.80
N TRP A 38 11.41 -6.61 2.01
CA TRP A 38 12.36 -7.61 1.52
C TRP A 38 12.81 -7.28 0.10
N ARG A 39 13.62 -8.15 -0.47
CA ARG A 39 14.11 -7.94 -1.83
C ARG A 39 14.24 -9.27 -2.57
N VAL A 40 13.48 -9.41 -3.66
CA VAL A 40 13.51 -10.63 -4.45
C VAL A 40 14.31 -10.43 -5.72
N SER A 41 14.97 -11.49 -6.18
CA SER A 41 15.78 -11.40 -7.40
C SER A 41 15.07 -12.10 -8.55
N VAL A 42 15.15 -11.50 -9.74
CA VAL A 42 14.52 -12.08 -10.93
C VAL A 42 15.39 -11.85 -12.17
N LYS A 43 15.37 -12.83 -13.07
CA LYS A 43 16.17 -12.73 -14.29
C LYS A 43 15.27 -12.47 -15.50
N ILE A 44 15.68 -11.53 -16.34
CA ILE A 44 14.91 -11.18 -17.53
C ILE A 44 15.83 -10.96 -18.73
N ALA A 45 15.46 -11.53 -19.86
CA ALA A 45 16.25 -11.40 -21.07
C ALA A 45 15.54 -10.53 -22.10
N GLU A 46 15.95 -9.26 -22.18
CA GLU A 46 15.34 -8.33 -23.12
C GLU A 46 16.27 -8.07 -24.29
N THR A 47 15.71 -8.00 -25.50
CA THR A 47 16.49 -7.75 -26.70
C THR A 47 16.37 -6.29 -27.11
N GLU A 48 15.49 -6.02 -28.08
CA GLU A 48 15.30 -4.67 -28.56
C GLU A 48 14.80 -3.76 -27.43
N GLU A 49 14.54 -4.36 -26.28
CA GLU A 49 14.05 -3.60 -25.13
C GLU A 49 12.56 -3.30 -25.27
N GLY A 50 12.01 -3.63 -26.43
CA GLY A 50 10.59 -3.39 -26.68
C GLY A 50 9.78 -4.66 -26.49
N GLU A 51 10.45 -5.80 -26.53
CA GLU A 51 9.78 -7.09 -26.36
C GLU A 51 10.62 -8.02 -25.50
N VAL A 52 9.94 -8.79 -24.64
CA VAL A 52 10.63 -9.72 -23.75
C VAL A 52 10.38 -11.16 -24.20
N VAL A 53 11.44 -11.82 -24.65
CA VAL A 53 11.33 -13.20 -25.11
C VAL A 53 10.65 -14.08 -24.06
N THR A 54 11.25 -14.14 -22.89
CA THR A 54 10.70 -14.94 -21.79
C THR A 54 11.08 -14.36 -20.44
N VAL A 55 10.38 -14.79 -19.40
CA VAL A 55 10.64 -14.30 -18.05
C VAL A 55 10.71 -15.46 -17.07
N LYS A 56 11.51 -15.30 -16.02
CA LYS A 56 11.67 -16.34 -15.01
C LYS A 56 11.54 -15.75 -13.61
N ALA A 57 11.55 -16.62 -12.60
CA ALA A 57 11.44 -16.17 -11.22
C ALA A 57 11.95 -17.24 -10.26
N GLU A 58 12.96 -16.90 -9.47
CA GLU A 58 13.53 -17.83 -8.52
C GLU A 58 12.44 -18.45 -7.64
N PHE A 59 12.28 -19.77 -7.74
CA PHE A 59 11.27 -20.47 -6.96
C PHE A 59 11.72 -20.62 -5.50
N ASP A 60 12.98 -20.29 -5.25
CA ASP A 60 13.52 -20.40 -3.89
C ASP A 60 12.97 -19.27 -3.01
N GLU A 61 13.33 -18.04 -3.35
CA GLU A 61 12.87 -16.89 -2.59
C GLU A 61 11.35 -16.84 -2.56
N CYS A 62 10.72 -17.16 -3.69
CA CYS A 62 9.28 -17.15 -3.79
C CYS A 62 8.66 -18.14 -2.79
N ARG A 63 9.37 -19.23 -2.55
CA ARG A 63 8.89 -20.25 -1.62
C ARG A 63 9.16 -19.82 -0.17
N GLU A 64 10.43 -19.55 0.11
CA GLU A 64 10.81 -19.13 1.47
C GLU A 64 10.00 -17.92 1.91
N ILE A 65 9.51 -17.16 0.93
CA ILE A 65 8.71 -15.98 1.23
C ILE A 65 7.30 -16.36 1.65
N GLY A 66 6.80 -17.43 1.05
CA GLY A 66 5.45 -17.91 1.37
C GLY A 66 5.26 -18.06 2.87
N GLU A 67 6.37 -18.30 3.59
CA GLU A 67 6.30 -18.45 5.03
C GLU A 67 6.11 -17.09 5.71
N GLU A 68 6.51 -16.03 5.01
CA GLU A 68 6.38 -14.69 5.56
C GLU A 68 5.00 -14.12 5.24
N THR A 69 4.44 -14.51 4.09
CA THR A 69 3.13 -14.03 3.69
C THR A 69 2.04 -14.94 4.25
N GLY A 70 2.20 -16.24 4.05
CA GLY A 70 1.22 -17.20 4.54
C GLY A 70 0.33 -17.69 3.41
N ILE A 71 0.34 -16.97 2.30
CA ILE A 71 -0.48 -17.34 1.14
C ILE A 71 0.30 -18.28 0.22
N PRO A 72 -0.38 -19.07 -0.57
CA PRO A 72 0.28 -20.01 -1.52
C PRO A 72 1.52 -19.41 -2.16
N PRO A 73 2.43 -20.23 -2.64
CA PRO A 73 3.69 -19.72 -3.29
C PRO A 73 3.42 -19.13 -4.67
N ARG A 74 2.68 -19.85 -5.49
CA ARG A 74 2.36 -19.39 -6.83
C ARG A 74 1.90 -17.93 -6.80
N GLU A 75 0.89 -17.66 -5.98
CA GLU A 75 0.38 -16.29 -5.86
C GLU A 75 1.52 -15.29 -5.74
N VAL A 76 2.58 -15.69 -5.06
CA VAL A 76 3.73 -14.81 -4.87
C VAL A 76 4.62 -14.82 -6.12
N LYS A 77 4.69 -15.97 -6.79
CA LYS A 77 5.50 -16.08 -7.99
C LYS A 77 4.86 -15.32 -9.15
N ALA A 78 3.56 -15.55 -9.35
CA ALA A 78 2.84 -14.87 -10.43
C ALA A 78 2.73 -13.38 -10.15
N MET A 79 2.71 -13.02 -8.87
CA MET A 79 2.60 -11.63 -8.48
C MET A 79 3.95 -10.91 -8.67
N VAL A 80 4.98 -11.42 -8.03
CA VAL A 80 6.31 -10.83 -8.15
C VAL A 80 6.79 -10.86 -9.60
N GLU A 81 6.13 -11.66 -10.42
CA GLU A 81 6.49 -11.77 -11.83
C GLU A 81 5.98 -10.56 -12.60
N ALA A 82 4.69 -10.30 -12.49
CA ALA A 82 4.08 -9.17 -13.19
C ALA A 82 4.89 -7.89 -12.93
N ALA A 83 5.40 -7.76 -11.71
CA ALA A 83 6.18 -6.59 -11.34
C ALA A 83 7.44 -6.51 -12.19
N ALA A 84 8.31 -7.51 -12.05
CA ALA A 84 9.56 -7.53 -12.81
C ALA A 84 9.30 -7.14 -14.26
N ARG A 85 8.05 -7.25 -14.70
CA ARG A 85 7.70 -6.90 -16.08
C ARG A 85 7.65 -5.39 -16.24
N VAL A 86 6.98 -4.72 -15.30
CA VAL A 86 6.86 -3.27 -15.35
C VAL A 86 7.79 -2.61 -14.34
N GLY A 87 8.57 -3.43 -13.64
CA GLY A 87 9.51 -2.92 -12.65
C GLY A 87 8.84 -1.88 -11.75
N GLY A 88 8.40 -2.33 -10.57
CA GLY A 88 7.75 -1.42 -9.63
C GLY A 88 7.80 -1.99 -8.20
N TRP A 89 6.72 -1.79 -7.47
CA TRP A 89 6.64 -2.28 -6.09
C TRP A 89 5.26 -2.86 -5.81
N VAL A 90 5.11 -3.46 -4.62
CA VAL A 90 3.83 -4.05 -4.24
C VAL A 90 3.64 -3.98 -2.73
N ASP A 91 2.38 -3.90 -2.31
CA ASP A 91 2.05 -3.83 -0.89
C ASP A 91 1.03 -4.91 -0.55
N LEU A 92 1.45 -5.89 0.26
CA LEU A 92 0.57 -6.98 0.65
C LEU A 92 -0.53 -6.47 1.57
N LYS A 93 -0.28 -5.31 2.20
CA LYS A 93 -1.25 -4.71 3.10
C LYS A 93 -2.67 -4.89 2.56
N GLU A 94 -2.82 -4.74 1.25
CA GLU A 94 -4.13 -4.87 0.63
C GLU A 94 -3.99 -5.34 -0.82
N ARG A 95 -2.81 -5.86 -1.15
CA ARG A 95 -2.56 -6.34 -2.50
C ARG A 95 -2.73 -5.21 -3.52
N GLU A 96 -1.66 -4.42 -3.68
CA GLU A 96 -1.70 -3.30 -4.62
C GLU A 96 -0.43 -3.27 -5.46
N ILE A 97 -0.60 -3.25 -6.78
CA ILE A 97 0.54 -3.22 -7.70
C ILE A 97 0.62 -1.87 -8.41
N LYS A 98 1.78 -1.23 -8.32
CA LYS A 98 1.97 0.07 -8.96
C LYS A 98 3.38 0.18 -9.53
N VAL A 99 3.72 1.35 -10.05
CA VAL A 99 5.04 1.58 -10.62
C VAL A 99 5.93 2.32 -9.64
N GLN A 100 5.36 3.33 -8.99
CA GLN A 100 6.11 4.14 -8.02
C GLN A 100 6.65 3.25 -6.90
N VAL B 22 21.99 -8.72 -27.44
CA VAL B 22 21.01 -9.31 -26.54
C VAL B 22 21.55 -9.36 -25.12
N PRO B 23 21.52 -8.24 -24.42
CA PRO B 23 22.02 -8.15 -23.02
C PRO B 23 20.97 -8.61 -22.01
N SER B 24 21.43 -8.92 -20.80
CA SER B 24 20.53 -9.38 -19.75
C SER B 24 20.82 -8.66 -18.44
N ARG B 25 19.79 -8.50 -17.61
CA ARG B 25 19.96 -7.82 -16.33
C ARG B 25 18.93 -8.32 -15.32
N PHE B 26 19.36 -8.53 -14.08
CA PHE B 26 18.47 -9.00 -13.04
C PHE B 26 17.63 -7.85 -12.49
N GLU B 27 16.39 -8.17 -12.10
CA GLU B 27 15.48 -7.16 -11.56
C GLU B 27 15.25 -7.39 -10.07
N ASP B 28 15.46 -6.34 -9.27
CA ASP B 28 15.27 -6.45 -7.83
C ASP B 28 13.90 -5.90 -7.43
N VAL B 29 12.95 -6.79 -7.19
CA VAL B 29 11.61 -6.39 -6.80
C VAL B 29 11.54 -6.17 -5.29
N ARG B 30 10.48 -5.51 -4.83
CA ARG B 30 10.30 -5.25 -3.42
C ARG B 30 8.86 -5.52 -2.99
N VAL B 31 8.71 -6.20 -1.85
CA VAL B 31 7.39 -6.54 -1.34
C VAL B 31 7.25 -6.08 0.11
N VAL B 32 6.63 -4.92 0.30
CA VAL B 32 6.44 -4.37 1.63
C VAL B 32 5.09 -4.79 2.21
N GLN B 33 5.02 -4.92 3.53
CA GLN B 33 3.79 -5.31 4.19
C GLN B 33 3.71 -4.68 5.58
N VAL B 34 3.05 -3.53 5.66
CA VAL B 34 2.90 -2.82 6.93
C VAL B 34 1.75 -3.41 7.74
N VAL B 35 1.82 -3.24 9.07
CA VAL B 35 0.78 -3.74 9.95
C VAL B 35 0.02 -2.60 10.61
N ALA B 36 -1.28 -2.79 10.81
CA ALA B 36 -2.10 -1.76 11.42
C ALA B 36 -1.37 -1.10 12.59
N GLY B 37 -1.72 0.14 12.87
CA GLY B 37 -1.09 0.88 13.97
C GLY B 37 -2.11 1.70 14.74
N TRP B 38 -2.03 3.02 14.58
CA TRP B 38 -2.95 3.91 15.28
C TRP B 38 -4.31 3.92 14.58
N ARG B 39 -5.31 4.47 15.25
CA ARG B 39 -6.66 4.55 14.68
C ARG B 39 -7.32 5.87 15.04
N VAL B 40 -8.02 6.47 14.07
CA VAL B 40 -8.70 7.74 14.29
C VAL B 40 -10.21 7.58 14.08
N SER B 41 -10.98 8.06 15.04
CA SER B 41 -12.43 7.97 14.95
C SER B 41 -13.00 9.12 14.13
N VAL B 42 -13.97 8.82 13.27
CA VAL B 42 -14.59 9.83 12.43
C VAL B 42 -16.09 9.60 12.32
N LYS B 43 -16.83 10.68 12.07
CA LYS B 43 -18.28 10.58 11.94
C LYS B 43 -18.77 11.36 10.72
N ILE B 44 -18.97 10.65 9.62
CA ILE B 44 -19.44 11.27 8.38
C ILE B 44 -20.89 10.89 8.10
N ALA B 45 -21.69 11.89 7.74
CA ALA B 45 -23.10 11.64 7.44
C ALA B 45 -23.31 11.44 5.94
N GLU B 46 -23.65 10.22 5.55
CA GLU B 46 -23.88 9.92 4.15
C GLU B 46 -25.37 9.88 3.84
N THR B 47 -25.76 10.49 2.72
CA THR B 47 -27.16 10.52 2.32
C THR B 47 -27.44 9.46 1.25
N GLU B 48 -27.03 9.75 0.03
CA GLU B 48 -27.25 8.82 -1.07
C GLU B 48 -26.29 7.64 -0.97
N GLU B 49 -25.75 7.42 0.22
CA GLU B 49 -24.82 6.32 0.44
C GLU B 49 -23.62 6.44 -0.48
N GLY B 50 -23.37 7.66 -0.98
CA GLY B 50 -22.25 7.89 -1.86
C GLY B 50 -21.62 9.25 -1.62
N GLU B 51 -22.47 10.25 -1.42
CA GLU B 51 -21.99 11.61 -1.16
C GLU B 51 -22.07 11.95 0.33
N VAL B 52 -21.09 12.69 0.82
CA VAL B 52 -21.04 13.07 2.22
C VAL B 52 -21.36 14.55 2.38
N VAL B 53 -22.50 14.84 3.00
CA VAL B 53 -22.92 16.22 3.22
C VAL B 53 -21.78 17.04 3.81
N THR B 54 -21.29 16.60 4.95
CA THR B 54 -20.19 17.29 5.62
C THR B 54 -19.36 16.32 6.44
N VAL B 55 -18.06 16.59 6.54
CA VAL B 55 -17.16 15.74 7.31
C VAL B 55 -16.83 16.37 8.65
N LYS B 56 -16.75 15.54 9.68
CA LYS B 56 -16.44 16.01 11.03
C LYS B 56 -15.37 15.15 11.68
N ALA B 57 -14.11 15.44 11.35
CA ALA B 57 -13.00 14.68 11.90
C ALA B 57 -12.70 15.13 13.32
N GLU B 58 -12.18 14.21 14.13
CA GLU B 58 -11.86 14.52 15.52
C GLU B 58 -10.53 15.27 15.62
N PHE B 59 -10.58 16.48 16.16
CA PHE B 59 -9.37 17.29 16.30
C PHE B 59 -8.54 16.81 17.49
N ASP B 60 -9.22 16.43 18.56
CA ASP B 60 -8.53 15.95 19.76
C ASP B 60 -7.43 14.97 19.39
N GLU B 61 -7.81 13.87 18.76
CA GLU B 61 -6.85 12.85 18.36
C GLU B 61 -5.84 13.43 17.37
N CYS B 62 -6.34 13.93 16.24
CA CYS B 62 -5.48 14.50 15.22
C CYS B 62 -4.50 15.49 15.84
N ARG B 63 -4.89 16.09 16.96
CA ARG B 63 -4.04 17.05 17.65
C ARG B 63 -3.00 16.35 18.51
N GLU B 64 -3.38 15.21 19.08
CA GLU B 64 -2.48 14.45 19.93
C GLU B 64 -1.56 13.56 19.10
N ILE B 65 -2.01 13.19 17.91
CA ILE B 65 -1.21 12.34 17.04
C ILE B 65 -0.13 13.14 16.33
N GLY B 66 -0.37 14.44 16.17
CA GLY B 66 0.60 15.30 15.49
C GLY B 66 1.88 15.43 16.33
N GLU B 67 1.79 15.10 17.60
CA GLU B 67 2.95 15.17 18.48
C GLU B 67 3.76 13.88 18.44
N GLU B 68 3.12 12.80 18.00
CA GLU B 68 3.78 11.50 17.93
C GLU B 68 4.32 11.26 16.52
N THR B 69 4.14 12.22 15.64
CA THR B 69 4.61 12.11 14.26
C THR B 69 5.36 13.37 13.83
N GLY B 70 5.03 14.48 14.48
CA GLY B 70 5.67 15.76 14.16
C GLY B 70 4.82 16.57 13.20
N ILE B 71 4.02 15.89 12.40
CA ILE B 71 3.14 16.56 11.44
C ILE B 71 2.17 17.48 12.18
N PRO B 72 1.99 18.72 11.75
CA PRO B 72 1.06 19.65 12.43
C PRO B 72 -0.41 19.24 12.27
N PRO B 73 -1.27 19.62 13.19
CA PRO B 73 -2.73 19.28 13.13
C PRO B 73 -3.33 19.43 11.74
N ARG B 74 -3.32 20.66 11.23
CA ARG B 74 -3.90 20.94 9.92
C ARG B 74 -3.52 19.88 8.89
N GLU B 75 -2.22 19.68 8.69
CA GLU B 75 -1.76 18.69 7.73
C GLU B 75 -2.42 17.34 7.95
N VAL B 76 -2.29 16.83 9.17
CA VAL B 76 -2.88 15.53 9.50
C VAL B 76 -4.38 15.56 9.28
N LYS B 77 -5.07 16.49 9.94
CA LYS B 77 -6.51 16.61 9.81
C LYS B 77 -6.93 16.53 8.35
N ALA B 78 -6.18 17.21 7.48
CA ALA B 78 -6.48 17.21 6.06
C ALA B 78 -6.33 15.80 5.47
N MET B 79 -5.12 15.24 5.59
CA MET B 79 -4.87 13.91 5.07
C MET B 79 -5.87 12.90 5.63
N VAL B 80 -6.12 12.99 6.93
CA VAL B 80 -7.06 12.08 7.58
C VAL B 80 -8.42 12.13 6.89
N GLU B 81 -9.10 13.27 7.02
CA GLU B 81 -10.41 13.44 6.39
C GLU B 81 -10.40 12.87 4.97
N ALA B 82 -9.39 13.24 4.20
CA ALA B 82 -9.26 12.77 2.83
C ALA B 82 -9.57 11.27 2.76
N ALA B 83 -9.09 10.54 3.77
CA ALA B 83 -9.32 9.10 3.82
C ALA B 83 -10.81 8.79 3.94
N ALA B 84 -11.43 9.35 4.98
CA ALA B 84 -12.85 9.14 5.21
C ALA B 84 -13.63 9.26 3.91
N ARG B 85 -13.02 9.93 2.93
CA ARG B 85 -13.67 10.11 1.63
C ARG B 85 -13.52 8.86 0.76
N VAL B 86 -12.29 8.34 0.70
CA VAL B 86 -12.03 7.15 -0.10
C VAL B 86 -11.95 5.91 0.78
N GLY B 87 -12.23 6.09 2.06
CA GLY B 87 -12.19 4.97 3.00
C GLY B 87 -11.00 4.05 2.71
N GLY B 88 -9.89 4.29 3.40
CA GLY B 88 -8.69 3.48 3.21
C GLY B 88 -7.64 3.81 4.26
N TRP B 89 -6.42 3.30 4.06
CA TRP B 89 -5.34 3.55 4.99
C TRP B 89 -4.35 4.54 4.39
N VAL B 90 -3.36 4.95 5.19
CA VAL B 90 -2.36 5.90 4.73
C VAL B 90 -0.99 5.61 5.34
N ASP B 91 0.03 5.64 4.50
CA ASP B 91 1.40 5.38 4.96
C ASP B 91 2.21 6.67 4.90
N LEU B 92 2.60 7.16 6.08
CA LEU B 92 3.37 8.39 6.17
C LEU B 92 4.83 8.15 5.79
N LYS B 93 5.39 7.06 6.29
CA LYS B 93 6.78 6.73 5.99
C LYS B 93 7.01 6.68 4.48
N GLU B 94 5.94 6.80 3.72
CA GLU B 94 6.04 6.77 2.27
C GLU B 94 5.10 7.82 1.66
N ARG B 95 4.20 8.36 2.47
CA ARG B 95 3.26 9.36 2.00
C ARG B 95 2.44 8.82 0.83
N GLU B 96 1.54 7.89 1.13
CA GLU B 96 0.69 7.30 0.10
C GLU B 96 -0.68 6.96 0.65
N ILE B 97 -1.69 6.99 -0.21
CA ILE B 97 -3.05 6.68 0.19
C ILE B 97 -3.68 5.66 -0.74
N LYS B 98 -4.18 4.56 -0.16
CA LYS B 98 -4.80 3.50 -0.95
C LYS B 98 -6.19 3.17 -0.41
N VAL B 99 -7.11 2.83 -1.32
CA VAL B 99 -8.47 2.50 -0.93
C VAL B 99 -8.50 1.19 -0.14
N GLN B 100 -9.70 0.74 0.21
CA GLN B 100 -9.85 -0.50 0.95
C GLN B 100 -11.04 -1.32 0.41
N VAL A 22 -30.84 17.67 14.11
CA VAL A 22 -29.73 17.28 13.24
C VAL A 22 -28.73 16.38 13.97
N PRO A 23 -28.82 15.08 13.80
CA PRO A 23 -27.90 14.13 14.48
C PRO A 23 -26.59 13.95 13.71
N SER A 24 -25.48 13.86 14.45
CA SER A 24 -24.18 13.69 13.83
C SER A 24 -23.71 12.24 13.96
N ARG A 25 -23.12 11.72 12.89
CA ARG A 25 -22.65 10.35 12.89
C ARG A 25 -21.12 10.32 12.91
N PHE A 26 -20.56 9.34 13.62
CA PHE A 26 -19.12 9.21 13.72
C PHE A 26 -18.62 8.07 12.83
N GLU A 27 -17.52 8.32 12.12
CA GLU A 27 -16.94 7.32 11.23
C GLU A 27 -15.54 6.94 11.68
N ASP A 28 -15.03 5.81 11.20
CA ASP A 28 -13.71 5.35 11.56
C ASP A 28 -12.91 4.98 10.31
N VAL A 29 -11.85 5.74 10.03
CA VAL A 29 -11.02 5.48 8.86
C VAL A 29 -9.75 4.75 9.26
N ARG A 30 -9.45 3.67 8.55
CA ARG A 30 -8.26 2.88 8.84
C ARG A 30 -7.09 3.34 7.98
N VAL A 31 -5.99 3.72 8.64
CA VAL A 31 -4.81 4.20 7.92
C VAL A 31 -3.59 3.36 8.30
N VAL A 32 -3.23 2.42 7.42
CA VAL A 32 -2.09 1.55 7.67
C VAL A 32 -0.79 2.27 7.31
N GLN A 33 0.25 2.02 8.09
CA GLN A 33 1.54 2.65 7.84
C GLN A 33 2.68 1.72 8.27
N VAL A 34 3.20 0.96 7.32
CA VAL A 34 4.29 0.03 7.61
C VAL A 34 5.16 -0.19 6.38
N VAL A 35 6.48 -0.18 6.58
CA VAL A 35 7.41 -0.39 5.48
C VAL A 35 8.59 -1.26 5.93
N ALA A 36 8.70 -2.44 5.35
CA ALA A 36 9.78 -3.35 5.70
C ALA A 36 9.49 -4.76 5.19
N GLY A 37 10.55 -5.52 4.94
CA GLY A 37 10.40 -6.89 4.44
C GLY A 37 11.73 -7.44 3.95
N TRP A 38 11.68 -8.54 3.21
CA TRP A 38 12.89 -9.17 2.68
C TRP A 38 13.21 -8.61 1.30
N ARG A 39 14.27 -9.13 0.69
CA ARG A 39 14.67 -8.68 -0.64
C ARG A 39 15.00 -9.88 -1.54
N VAL A 40 14.78 -9.71 -2.84
CA VAL A 40 15.06 -10.78 -3.80
C VAL A 40 15.96 -10.26 -4.92
N SER A 41 16.83 -11.14 -5.41
CA SER A 41 17.75 -10.77 -6.48
C SER A 41 17.25 -11.28 -7.82
N VAL A 42 16.80 -10.36 -8.67
CA VAL A 42 16.29 -10.73 -9.99
C VAL A 42 17.29 -10.36 -11.08
N LYS A 43 17.32 -11.15 -12.15
CA LYS A 43 18.23 -10.89 -13.26
C LYS A 43 17.50 -10.99 -14.59
N ILE A 44 17.35 -9.85 -15.27
CA ILE A 44 16.67 -9.81 -16.56
C ILE A 44 17.50 -9.06 -17.58
N ALA A 45 17.47 -9.53 -18.83
CA ALA A 45 18.23 -8.90 -19.90
C ALA A 45 17.29 -8.10 -20.81
N GLU A 46 17.77 -6.96 -21.27
CA GLU A 46 16.98 -6.10 -22.16
C GLU A 46 17.81 -5.63 -23.35
N THR A 47 17.17 -5.55 -24.51
CA THR A 47 17.86 -5.11 -25.71
C THR A 47 17.73 -3.60 -25.89
N GLU A 48 16.66 -3.18 -26.56
CA GLU A 48 16.42 -1.76 -26.79
C GLU A 48 15.63 -1.16 -25.64
N GLU A 49 15.65 -1.82 -24.50
CA GLU A 49 14.92 -1.34 -23.32
C GLU A 49 13.43 -1.30 -23.60
N GLY A 50 13.05 -1.70 -24.81
CA GLY A 50 11.63 -1.70 -25.19
C GLY A 50 11.08 -3.13 -25.21
N GLU A 51 11.99 -4.10 -25.28
CA GLU A 51 11.60 -5.50 -25.30
C GLU A 51 12.49 -6.32 -24.39
N VAL A 52 11.88 -7.22 -23.62
CA VAL A 52 12.64 -8.07 -22.69
C VAL A 52 12.69 -9.51 -23.20
N VAL A 53 13.89 -10.07 -23.23
CA VAL A 53 14.07 -11.44 -23.70
C VAL A 53 13.40 -12.41 -22.74
N THR A 54 14.18 -13.04 -21.87
CA THR A 54 13.66 -13.99 -20.91
C THR A 54 13.99 -13.56 -19.48
N VAL A 55 13.08 -13.81 -18.56
CA VAL A 55 13.29 -13.44 -17.17
C VAL A 55 13.73 -14.65 -16.35
N LYS A 56 14.73 -14.43 -15.48
CA LYS A 56 15.24 -15.50 -14.64
C LYS A 56 15.37 -15.03 -13.20
N ALA A 57 14.46 -15.51 -12.35
CA ALA A 57 14.48 -15.14 -10.94
C ALA A 57 15.17 -16.21 -10.10
N GLU A 58 15.99 -15.78 -9.15
CA GLU A 58 16.70 -16.72 -8.29
C GLU A 58 15.73 -17.74 -7.70
N PHE A 59 15.84 -18.98 -8.16
CA PHE A 59 14.97 -20.05 -7.68
C PHE A 59 15.43 -20.54 -6.31
N ASP A 60 16.68 -20.21 -5.96
CA ASP A 60 17.23 -20.62 -4.67
C ASP A 60 16.64 -19.79 -3.54
N GLU A 61 16.59 -18.48 -3.73
CA GLU A 61 16.05 -17.59 -2.71
C GLU A 61 14.53 -17.68 -2.67
N CYS A 62 13.93 -18.11 -3.78
CA CYS A 62 12.48 -18.25 -3.85
C CYS A 62 12.03 -19.56 -3.22
N ARG A 63 12.98 -20.49 -3.08
CA ARG A 63 12.67 -21.79 -2.50
C ARG A 63 12.62 -21.70 -0.97
N GLU A 64 13.44 -20.82 -0.42
CA GLU A 64 13.48 -20.63 1.03
C GLU A 64 12.36 -19.70 1.49
N ILE A 65 12.04 -18.72 0.66
CA ILE A 65 10.99 -17.76 0.98
C ILE A 65 9.63 -18.42 0.88
N GLY A 66 9.54 -19.47 0.08
CA GLY A 66 8.28 -20.19 -0.10
C GLY A 66 7.79 -20.77 1.22
N GLU A 67 8.73 -21.15 2.08
CA GLU A 67 8.39 -21.72 3.38
C GLU A 67 7.68 -20.67 4.24
N GLU A 68 7.98 -19.40 3.99
CA GLU A 68 7.36 -18.32 4.76
C GLU A 68 6.00 -17.98 4.18
N THR A 69 5.78 -18.34 2.91
CA THR A 69 4.51 -18.07 2.25
C THR A 69 3.56 -19.24 2.42
N GLY A 70 4.07 -20.45 2.23
CA GLY A 70 3.27 -21.65 2.37
C GLY A 70 2.75 -22.12 1.01
N ILE A 71 2.74 -21.21 0.04
CA ILE A 71 2.26 -21.55 -1.29
C ILE A 71 3.40 -22.15 -2.13
N PRO A 72 3.08 -22.93 -3.14
CA PRO A 72 4.11 -23.54 -4.02
C PRO A 72 5.26 -22.58 -4.31
N PRO A 73 6.42 -23.10 -4.69
CA PRO A 73 7.60 -22.25 -5.00
C PRO A 73 7.45 -21.52 -6.33
N ARG A 74 7.17 -22.27 -7.39
CA ARG A 74 7.00 -21.70 -8.71
C ARG A 74 6.11 -20.45 -8.65
N GLU A 75 4.99 -20.58 -7.95
CA GLU A 75 4.05 -19.47 -7.81
C GLU A 75 4.81 -18.18 -7.53
N VAL A 76 5.67 -18.20 -6.52
CA VAL A 76 6.44 -17.03 -6.14
C VAL A 76 7.26 -16.53 -7.34
N LYS A 77 8.00 -17.44 -7.96
CA LYS A 77 8.82 -17.08 -9.11
C LYS A 77 8.02 -16.22 -10.09
N ALA A 78 6.85 -16.72 -10.49
CA ALA A 78 6.00 -15.99 -11.42
C ALA A 78 5.48 -14.71 -10.78
N MET A 79 5.58 -14.64 -9.44
CA MET A 79 5.12 -13.48 -8.71
C MET A 79 6.17 -12.37 -8.74
N VAL A 80 7.40 -12.72 -8.37
CA VAL A 80 8.47 -11.74 -8.35
C VAL A 80 8.98 -11.45 -9.76
N GLU A 81 8.53 -12.27 -10.72
CA GLU A 81 8.94 -12.08 -12.11
C GLU A 81 8.12 -10.99 -12.77
N ALA A 82 6.80 -11.13 -12.72
CA ALA A 82 5.91 -10.14 -13.30
C ALA A 82 6.20 -8.75 -12.73
N ALA A 83 6.25 -8.67 -11.40
CA ALA A 83 6.52 -7.42 -10.72
C ALA A 83 7.75 -6.73 -11.32
N ALA A 84 8.88 -7.43 -11.25
CA ALA A 84 10.13 -6.89 -11.77
C ALA A 84 9.91 -6.24 -13.14
N ARG A 85 8.95 -6.77 -13.88
CA ARG A 85 8.64 -6.23 -15.21
C ARG A 85 7.98 -4.86 -15.09
N VAL A 86 7.21 -4.68 -14.03
CA VAL A 86 6.52 -3.41 -13.81
C VAL A 86 7.19 -2.62 -12.70
N GLY A 87 8.15 -3.25 -12.02
CA GLY A 87 8.86 -2.59 -10.94
C GLY A 87 7.88 -1.96 -9.95
N GLY A 88 7.44 -2.76 -8.97
CA GLY A 88 6.50 -2.25 -7.97
C GLY A 88 6.72 -2.94 -6.63
N TRP A 89 5.66 -3.09 -5.85
CA TRP A 89 5.75 -3.73 -4.55
C TRP A 89 4.64 -4.77 -4.38
N VAL A 90 4.88 -5.75 -3.52
CA VAL A 90 3.90 -6.81 -3.27
C VAL A 90 3.67 -6.99 -1.78
N ASP A 91 2.43 -7.35 -1.42
CA ASP A 91 2.08 -7.56 -0.02
C ASP A 91 1.35 -8.89 0.14
N LEU A 92 1.99 -9.82 0.83
CA LEU A 92 1.38 -11.13 1.05
C LEU A 92 0.17 -11.02 1.97
N LYS A 93 0.39 -10.50 3.18
CA LYS A 93 -0.69 -10.35 4.14
C LYS A 93 -1.58 -9.17 3.76
N GLU A 94 -1.97 -9.11 2.50
CA GLU A 94 -2.82 -8.02 2.02
C GLU A 94 -3.26 -8.30 0.58
N ARG A 95 -2.49 -9.11 -0.13
CA ARG A 95 -2.82 -9.43 -1.51
C ARG A 95 -2.95 -8.16 -2.35
N GLU A 96 -1.85 -7.45 -2.52
CA GLU A 96 -1.86 -6.22 -3.31
C GLU A 96 -0.63 -6.16 -4.22
N ILE A 97 -0.84 -5.72 -5.45
CA ILE A 97 0.25 -5.61 -6.41
C ILE A 97 0.19 -4.28 -7.16
N LYS A 98 0.95 -3.30 -6.68
CA LYS A 98 0.97 -1.99 -7.31
C LYS A 98 2.26 -1.81 -8.11
N VAL A 99 2.34 -0.68 -8.83
CA VAL A 99 3.53 -0.40 -9.64
C VAL A 99 4.41 0.63 -8.95
N GLN A 100 5.69 0.63 -9.30
CA GLN A 100 6.64 1.56 -8.70
C GLN A 100 6.75 1.34 -7.20
N VAL B 22 23.85 -6.77 -25.66
CA VAL B 22 22.65 -7.06 -24.88
C VAL B 22 22.84 -6.65 -23.42
N PRO B 23 22.72 -5.38 -23.12
CA PRO B 23 22.88 -4.86 -21.74
C PRO B 23 22.02 -5.63 -20.73
N SER B 24 22.60 -5.91 -19.57
CA SER B 24 21.88 -6.64 -18.53
C SER B 24 21.88 -5.84 -17.22
N ARG B 25 20.78 -5.92 -16.48
CA ARG B 25 20.68 -5.21 -15.22
C ARG B 25 19.87 -6.02 -14.21
N PHE B 26 20.22 -5.90 -12.94
CA PHE B 26 19.53 -6.63 -11.88
C PHE B 26 18.51 -5.73 -11.19
N GLU B 27 17.45 -6.32 -10.67
CA GLU B 27 16.42 -5.56 -9.97
C GLU B 27 16.44 -5.87 -8.48
N ASP B 28 15.61 -5.16 -7.73
CA ASP B 28 15.55 -5.36 -6.28
C ASP B 28 14.10 -5.23 -5.78
N VAL B 29 13.36 -6.33 -5.84
CA VAL B 29 11.97 -6.32 -5.40
C VAL B 29 11.89 -6.46 -3.88
N ARG B 30 10.73 -6.16 -3.32
CA ARG B 30 10.54 -6.26 -1.87
C ARG B 30 9.19 -6.88 -1.55
N VAL B 31 9.22 -7.98 -0.78
CA VAL B 31 7.99 -8.67 -0.40
C VAL B 31 7.71 -8.45 1.08
N VAL B 32 6.73 -7.62 1.37
CA VAL B 32 6.36 -7.33 2.77
C VAL B 32 5.15 -8.16 3.18
N GLN B 33 5.07 -8.48 4.47
CA GLN B 33 3.96 -9.26 4.99
C GLN B 33 3.61 -8.80 6.41
N VAL B 34 2.62 -7.91 6.52
CA VAL B 34 2.21 -7.41 7.82
C VAL B 34 0.76 -6.94 7.78
N VAL B 35 0.10 -6.97 8.94
CA VAL B 35 -1.30 -6.54 9.03
C VAL B 35 -1.53 -5.75 10.30
N ALA B 36 -1.71 -4.43 10.16
CA ALA B 36 -1.95 -3.58 11.32
C ALA B 36 -2.18 -2.14 10.88
N GLY B 37 -2.62 -1.30 11.81
CA GLY B 37 -2.87 0.10 11.50
C GLY B 37 -3.64 0.78 12.62
N TRP B 38 -3.68 2.11 12.60
CA TRP B 38 -4.39 2.86 13.63
C TRP B 38 -5.79 3.23 13.15
N ARG B 39 -6.46 4.10 13.91
CA ARG B 39 -7.81 4.53 13.54
C ARG B 39 -8.05 5.96 14.02
N VAL B 40 -8.97 6.65 13.35
CA VAL B 40 -9.30 8.03 13.71
C VAL B 40 -10.81 8.21 13.79
N SER B 41 -11.24 9.20 14.56
CA SER B 41 -12.67 9.48 14.71
C SER B 41 -13.05 10.74 13.94
N VAL B 42 -13.90 10.57 12.93
CA VAL B 42 -14.34 11.70 12.12
C VAL B 42 -15.77 12.08 12.47
N LYS B 43 -16.06 13.38 12.44
CA LYS B 43 -17.40 13.86 12.75
C LYS B 43 -18.09 14.39 11.49
N ILE B 44 -19.29 13.90 11.23
CA ILE B 44 -20.06 14.33 10.05
C ILE B 44 -21.50 14.65 10.44
N ALA B 45 -21.93 15.86 10.12
CA ALA B 45 -23.29 16.29 10.44
C ALA B 45 -24.18 16.23 9.21
N GLU B 46 -25.38 15.67 9.36
CA GLU B 46 -26.31 15.55 8.26
C GLU B 46 -27.70 16.00 8.69
N THR B 47 -28.28 16.94 7.94
CA THR B 47 -29.60 17.45 8.26
C THR B 47 -30.68 16.45 7.83
N GLU B 48 -31.94 16.81 8.05
CA GLU B 48 -33.05 15.93 7.69
C GLU B 48 -33.48 16.18 6.25
N GLU B 49 -32.59 16.78 5.46
CA GLU B 49 -32.87 17.07 4.06
C GLU B 49 -31.93 16.30 3.14
N GLY B 50 -31.44 15.16 3.62
CA GLY B 50 -30.53 14.34 2.83
C GLY B 50 -29.33 15.15 2.36
N GLU B 51 -29.16 16.34 2.91
CA GLU B 51 -28.05 17.21 2.54
C GLU B 51 -26.93 17.10 3.57
N VAL B 52 -25.69 17.21 3.11
CA VAL B 52 -24.53 17.13 3.99
C VAL B 52 -23.89 18.50 4.16
N VAL B 53 -23.83 18.98 5.40
CA VAL B 53 -23.25 20.28 5.69
C VAL B 53 -21.76 20.29 5.28
N THR B 54 -20.88 20.05 6.24
CA THR B 54 -19.45 20.04 5.96
C THR B 54 -18.73 19.02 6.83
N VAL B 55 -17.82 18.26 6.23
CA VAL B 55 -17.07 17.26 6.97
C VAL B 55 -15.94 17.90 7.76
N LYS B 56 -15.85 17.55 9.04
CA LYS B 56 -14.81 18.10 9.91
C LYS B 56 -14.13 17.00 10.70
N ALA B 57 -12.97 16.56 10.22
CA ALA B 57 -12.22 15.50 10.90
C ALA B 57 -11.52 16.05 12.13
N GLU B 58 -11.58 15.30 13.23
CA GLU B 58 -10.95 15.72 14.48
C GLU B 58 -9.57 16.32 14.18
N PHE B 59 -9.39 17.58 14.57
CA PHE B 59 -8.13 18.27 14.35
C PHE B 59 -7.09 17.80 15.36
N ASP B 60 -7.53 17.05 16.36
CA ASP B 60 -6.63 16.54 17.39
C ASP B 60 -5.80 15.38 16.86
N GLU B 61 -6.47 14.28 16.52
CA GLU B 61 -5.79 13.11 16.00
C GLU B 61 -5.08 13.44 14.69
N CYS B 62 -5.79 14.13 13.80
CA CYS B 62 -5.21 14.51 12.50
C CYS B 62 -3.90 15.26 12.71
N ARG B 63 -3.84 16.08 13.76
CA ARG B 63 -2.64 16.85 14.04
C ARG B 63 -1.61 15.98 14.76
N GLU B 64 -2.03 15.30 15.82
CA GLU B 64 -1.15 14.44 16.57
C GLU B 64 -0.51 13.40 15.67
N ILE B 65 -1.20 13.07 14.58
CA ILE B 65 -0.71 12.07 13.64
C ILE B 65 0.44 12.65 12.81
N GLY B 66 0.26 13.89 12.34
CA GLY B 66 1.28 14.54 11.54
C GLY B 66 2.62 14.56 12.27
N GLU B 67 2.57 14.45 13.59
CA GLU B 67 3.78 14.47 14.40
C GLU B 67 4.49 13.12 14.32
N GLU B 68 3.70 12.05 14.22
CA GLU B 68 4.27 10.70 14.14
C GLU B 68 4.66 10.38 12.70
N THR B 69 4.01 11.03 11.75
CA THR B 69 4.30 10.80 10.34
C THR B 69 5.20 11.90 9.79
N GLY B 70 4.97 13.13 10.25
CA GLY B 70 5.78 14.26 9.79
C GLY B 70 5.02 15.09 8.77
N ILE B 71 4.10 14.45 8.06
CA ILE B 71 3.31 15.15 7.05
C ILE B 71 2.50 16.28 7.69
N PRO B 72 2.51 17.48 7.13
CA PRO B 72 1.75 18.62 7.71
C PRO B 72 0.37 18.18 8.23
N PRO B 73 -0.21 18.93 9.14
CA PRO B 73 -1.55 18.58 9.72
C PRO B 73 -2.67 18.80 8.70
N ARG B 74 -2.78 20.03 8.19
CA ARG B 74 -3.82 20.36 7.23
C ARG B 74 -3.91 19.28 6.15
N GLU B 75 -2.79 19.02 5.49
CA GLU B 75 -2.75 18.02 4.43
C GLU B 75 -3.43 16.73 4.90
N VAL B 76 -2.91 16.15 5.98
CA VAL B 76 -3.48 14.92 6.53
C VAL B 76 -4.99 15.02 6.65
N LYS B 77 -5.46 16.11 7.27
CA LYS B 77 -6.88 16.33 7.45
C LYS B 77 -7.62 16.17 6.12
N ALA B 78 -6.95 16.49 5.02
CA ALA B 78 -7.55 16.38 3.71
C ALA B 78 -7.43 14.96 3.19
N MET B 79 -6.46 14.22 3.70
CA MET B 79 -6.25 12.84 3.29
C MET B 79 -7.32 11.93 3.90
N VAL B 80 -7.41 11.95 5.23
CA VAL B 80 -8.38 11.13 5.93
C VAL B 80 -9.81 11.55 5.58
N GLU B 81 -9.99 12.86 5.37
CA GLU B 81 -11.31 13.38 5.03
C GLU B 81 -11.83 12.70 3.76
N ALA B 82 -11.09 12.87 2.67
CA ALA B 82 -11.49 12.28 1.39
C ALA B 82 -11.83 10.81 1.58
N ALA B 83 -11.15 10.17 2.54
CA ALA B 83 -11.40 8.76 2.82
C ALA B 83 -12.76 8.57 3.47
N ALA B 84 -13.23 9.62 4.15
CA ALA B 84 -14.52 9.56 4.82
C ALA B 84 -15.65 9.67 3.80
N ARG B 85 -15.33 10.22 2.63
CA ARG B 85 -16.33 10.38 1.58
C ARG B 85 -16.54 9.07 0.83
N VAL B 86 -15.45 8.33 0.62
CA VAL B 86 -15.53 7.05 -0.09
C VAL B 86 -15.51 5.89 0.90
N GLY B 87 -14.90 6.12 2.06
CA GLY B 87 -14.82 5.07 3.08
C GLY B 87 -13.93 3.92 2.61
N GLY B 88 -12.70 3.89 3.12
CA GLY B 88 -11.77 2.84 2.74
C GLY B 88 -10.48 2.93 3.57
N TRP B 89 -9.43 2.29 3.09
CA TRP B 89 -8.14 2.31 3.78
C TRP B 89 -7.14 3.16 3.02
N VAL B 90 -6.06 3.55 3.68
CA VAL B 90 -5.03 4.36 3.06
C VAL B 90 -3.65 3.98 3.58
N ASP B 91 -2.70 3.83 2.65
CA ASP B 91 -1.33 3.48 3.02
C ASP B 91 -0.42 4.69 2.86
N LEU B 92 0.09 5.20 3.99
CA LEU B 92 0.97 6.36 3.96
C LEU B 92 2.33 5.99 3.37
N LYS B 93 2.84 4.83 3.77
CA LYS B 93 4.13 4.36 3.26
C LYS B 93 4.03 3.93 1.80
N GLU B 94 3.15 4.59 1.06
CA GLU B 94 2.97 4.27 -0.35
C GLU B 94 2.03 5.28 -1.01
N ARG B 95 1.27 5.99 -0.18
CA ARG B 95 0.33 6.98 -0.69
C ARG B 95 -0.74 6.33 -1.55
N GLU B 96 -1.32 5.24 -1.04
CA GLU B 96 -2.35 4.52 -1.77
C GLU B 96 -3.74 4.83 -1.18
N ILE B 97 -4.78 4.48 -1.92
CA ILE B 97 -6.15 4.72 -1.46
C ILE B 97 -7.07 3.59 -1.91
N LYS B 98 -7.39 2.70 -0.97
CA LYS B 98 -8.27 1.57 -1.28
C LYS B 98 -9.69 1.87 -0.82
N VAL B 99 -10.65 1.08 -1.30
CA VAL B 99 -12.05 1.27 -0.94
C VAL B 99 -12.46 0.23 0.11
N GLN B 100 -13.75 -0.10 0.13
CA GLN B 100 -14.27 -1.08 1.07
C GLN B 100 -14.55 -2.40 0.38
N VAL A 22 -31.71 13.16 12.91
CA VAL A 22 -30.29 13.44 12.78
C VAL A 22 -29.47 12.41 13.53
N PRO A 23 -29.28 11.24 12.96
CA PRO A 23 -28.50 10.15 13.59
C PRO A 23 -27.00 10.30 13.35
N SER A 24 -26.31 10.91 14.31
CA SER A 24 -24.87 11.11 14.18
C SER A 24 -24.11 9.95 14.82
N ARG A 25 -22.88 9.74 14.37
CA ARG A 25 -22.07 8.66 14.90
C ARG A 25 -20.60 8.82 14.47
N PHE A 26 -19.68 8.40 15.33
CA PHE A 26 -18.26 8.52 15.04
C PHE A 26 -17.78 7.29 14.26
N GLU A 27 -16.72 7.47 13.47
CA GLU A 27 -16.17 6.39 12.68
C GLU A 27 -14.68 6.22 12.99
N ASP A 28 -14.19 4.98 12.85
CA ASP A 28 -12.79 4.69 13.11
C ASP A 28 -12.07 4.29 11.84
N VAL A 29 -11.11 5.12 11.41
CA VAL A 29 -10.36 4.84 10.20
C VAL A 29 -9.11 4.01 10.52
N ARG A 30 -8.48 3.47 9.49
CA ARG A 30 -7.28 2.66 9.66
C ARG A 30 -6.15 3.15 8.74
N VAL A 31 -4.99 3.39 9.33
CA VAL A 31 -3.83 3.86 8.57
C VAL A 31 -2.65 2.92 8.77
N VAL A 32 -1.93 2.64 7.68
CA VAL A 32 -0.77 1.75 7.73
C VAL A 32 0.48 2.49 7.30
N GLN A 33 1.23 3.00 8.29
CA GLN A 33 2.47 3.72 8.01
C GLN A 33 3.68 2.89 8.45
N VAL A 34 4.26 2.16 7.50
CA VAL A 34 5.42 1.34 7.81
C VAL A 34 6.27 1.12 6.56
N VAL A 35 7.56 0.89 6.75
CA VAL A 35 8.47 0.67 5.63
C VAL A 35 9.47 -0.44 5.96
N ALA A 36 9.34 -1.57 5.29
CA ALA A 36 10.25 -2.69 5.52
C ALA A 36 9.74 -3.95 4.82
N GLY A 37 10.64 -4.87 4.52
CA GLY A 37 10.27 -6.11 3.86
C GLY A 37 11.50 -6.92 3.49
N TRP A 38 11.29 -8.13 2.98
CA TRP A 38 12.39 -9.01 2.60
C TRP A 38 12.98 -8.56 1.27
N ARG A 39 13.83 -9.41 0.69
CA ARG A 39 14.45 -9.09 -0.59
C ARG A 39 14.41 -10.30 -1.52
N VAL A 40 14.28 -10.03 -2.82
CA VAL A 40 14.23 -11.11 -3.81
C VAL A 40 15.15 -10.79 -4.99
N SER A 41 15.79 -11.81 -5.53
CA SER A 41 16.70 -11.64 -6.66
C SER A 41 16.01 -12.04 -7.96
N VAL A 42 16.31 -11.30 -9.02
CA VAL A 42 15.71 -11.59 -10.33
C VAL A 42 16.72 -11.35 -11.44
N LYS A 43 16.74 -12.25 -12.41
CA LYS A 43 17.67 -12.13 -13.54
C LYS A 43 16.92 -11.74 -14.81
N ILE A 44 17.27 -10.58 -15.35
CA ILE A 44 16.62 -10.08 -16.57
C ILE A 44 17.63 -10.01 -17.72
N ALA A 45 17.34 -10.72 -18.80
CA ALA A 45 18.24 -10.72 -19.95
C ALA A 45 17.67 -9.84 -21.06
N GLU A 46 18.44 -8.83 -21.46
CA GLU A 46 18.02 -7.92 -22.52
C GLU A 46 18.90 -8.09 -23.75
N THR A 47 18.48 -7.48 -24.87
CA THR A 47 19.24 -7.57 -26.10
C THR A 47 19.32 -6.21 -26.78
N GLU A 48 18.31 -5.89 -27.60
CA GLU A 48 18.28 -4.61 -28.29
C GLU A 48 17.90 -3.48 -27.33
N GLU A 49 18.17 -3.69 -26.05
CA GLU A 49 17.85 -2.68 -25.04
C GLU A 49 16.41 -2.22 -25.18
N GLY A 50 15.62 -2.99 -25.94
CA GLY A 50 14.22 -2.65 -26.15
C GLY A 50 13.36 -3.90 -26.25
N GLU A 51 13.99 -5.06 -26.06
CA GLU A 51 13.27 -6.32 -26.13
C GLU A 51 13.73 -7.26 -25.01
N VAL A 52 12.76 -7.92 -24.37
CA VAL A 52 13.06 -8.84 -23.29
C VAL A 52 12.86 -10.28 -23.74
N VAL A 53 13.93 -10.91 -24.20
CA VAL A 53 13.86 -12.29 -24.65
C VAL A 53 13.22 -13.19 -23.60
N THR A 54 13.84 -13.24 -22.43
CA THR A 54 13.32 -14.06 -21.34
C THR A 54 13.70 -13.46 -19.98
N VAL A 55 13.02 -13.91 -18.94
CA VAL A 55 13.29 -13.40 -17.60
C VAL A 55 13.13 -14.52 -16.56
N LYS A 56 14.21 -14.84 -15.86
CA LYS A 56 14.18 -15.89 -14.85
C LYS A 56 14.01 -15.29 -13.46
N ALA A 57 13.47 -16.08 -12.54
CA ALA A 57 13.26 -15.61 -11.17
C ALA A 57 13.65 -16.70 -10.17
N GLU A 58 14.15 -16.28 -9.01
CA GLU A 58 14.55 -17.22 -7.98
C GLU A 58 13.39 -18.13 -7.59
N PHE A 59 13.54 -19.43 -7.85
CA PHE A 59 12.49 -20.39 -7.52
C PHE A 59 12.55 -20.76 -6.04
N ASP A 60 13.69 -20.48 -5.41
CA ASP A 60 13.86 -20.79 -4.00
C ASP A 60 13.15 -19.76 -3.13
N GLU A 61 13.61 -18.51 -3.20
CA GLU A 61 13.01 -17.44 -2.41
C GLU A 61 11.53 -17.31 -2.74
N CYS A 62 11.16 -17.60 -3.98
CA CYS A 62 9.78 -17.50 -4.41
C CYS A 62 8.92 -18.54 -3.68
N ARG A 63 9.41 -19.77 -3.61
CA ARG A 63 8.68 -20.84 -2.95
C ARG A 63 8.82 -20.73 -1.44
N GLU A 64 10.05 -20.59 -0.97
CA GLU A 64 10.31 -20.49 0.47
C GLU A 64 9.30 -19.55 1.12
N ILE A 65 8.88 -18.53 0.38
CA ILE A 65 7.91 -17.56 0.90
C ILE A 65 6.49 -18.08 0.70
N GLY A 66 6.28 -18.85 -0.36
CA GLY A 66 4.96 -19.40 -0.65
C GLY A 66 4.34 -20.00 0.60
N GLU A 67 5.17 -20.48 1.51
CA GLU A 67 4.69 -21.08 2.74
C GLU A 67 4.17 -20.01 3.70
N GLU A 68 4.78 -18.83 3.62
CA GLU A 68 4.36 -17.71 4.49
C GLU A 68 3.14 -17.00 3.90
N THR A 69 2.89 -17.25 2.62
CA THR A 69 1.74 -16.63 1.96
C THR A 69 0.52 -17.55 2.01
N GLY A 70 0.72 -18.80 1.63
CA GLY A 70 -0.38 -19.78 1.65
C GLY A 70 -1.16 -19.76 0.35
N ILE A 71 -0.54 -19.20 -0.70
CA ILE A 71 -1.18 -19.14 -2.02
C ILE A 71 -0.29 -19.76 -3.08
N PRO A 72 -0.85 -20.23 -4.17
CA PRO A 72 -0.10 -20.86 -5.28
C PRO A 72 1.29 -20.23 -5.47
N PRO A 73 2.33 -20.84 -4.96
CA PRO A 73 3.72 -20.28 -5.10
C PRO A 73 4.05 -19.93 -6.55
N ARG A 74 3.24 -20.43 -7.47
CA ARG A 74 3.45 -20.16 -8.89
C ARG A 74 3.21 -18.68 -9.19
N GLU A 75 2.02 -18.20 -8.86
CA GLU A 75 1.67 -16.80 -9.09
C GLU A 75 2.81 -15.88 -8.65
N VAL A 76 3.22 -16.03 -7.39
CA VAL A 76 4.31 -15.21 -6.86
C VAL A 76 5.44 -15.09 -7.88
N LYS A 77 5.95 -16.24 -8.32
CA LYS A 77 7.03 -16.25 -9.30
C LYS A 77 6.71 -15.32 -10.46
N ALA A 78 5.46 -15.33 -10.91
CA ALA A 78 5.05 -14.48 -12.02
C ALA A 78 4.77 -13.06 -11.52
N MET A 79 4.42 -12.95 -10.25
CA MET A 79 4.13 -11.65 -9.65
C MET A 79 5.40 -10.85 -9.47
N VAL A 80 6.36 -11.42 -8.74
CA VAL A 80 7.63 -10.74 -8.49
C VAL A 80 8.25 -10.27 -9.80
N GLU A 81 8.41 -11.19 -10.75
CA GLU A 81 8.99 -10.83 -12.04
C GLU A 81 8.39 -9.53 -12.54
N ALA A 82 7.06 -9.44 -12.51
CA ALA A 82 6.37 -8.23 -12.95
C ALA A 82 6.98 -7.00 -12.29
N ALA A 83 7.16 -7.07 -10.98
CA ALA A 83 7.74 -5.96 -10.23
C ALA A 83 8.94 -5.38 -10.99
N ALA A 84 9.97 -6.20 -11.16
CA ALA A 84 11.17 -5.77 -11.86
C ALA A 84 10.81 -5.17 -13.22
N ARG A 85 9.62 -5.52 -13.72
CA ARG A 85 9.16 -5.00 -15.01
C ARG A 85 8.51 -3.64 -14.85
N VAL A 86 7.95 -3.37 -13.68
CA VAL A 86 7.28 -2.09 -13.42
C VAL A 86 7.92 -1.39 -12.23
N GLY A 87 9.11 -1.86 -11.82
CA GLY A 87 9.81 -1.27 -10.69
C GLY A 87 10.33 -2.34 -9.74
N GLY A 88 9.71 -2.46 -8.57
CA GLY A 88 10.13 -3.46 -7.59
C GLY A 88 9.48 -3.27 -6.23
N TRP A 89 8.17 -3.49 -6.15
CA TRP A 89 7.46 -3.36 -4.88
C TRP A 89 6.12 -4.10 -4.97
N VAL A 90 5.80 -4.86 -3.94
CA VAL A 90 4.55 -5.61 -3.90
C VAL A 90 3.97 -5.62 -2.49
N ASP A 91 2.66 -5.40 -2.39
CA ASP A 91 1.98 -5.39 -1.10
C ASP A 91 0.89 -6.46 -1.07
N LEU A 92 1.08 -7.46 -0.22
CA LEU A 92 0.11 -8.54 -0.11
C LEU A 92 -1.03 -8.14 0.82
N LYS A 93 -0.69 -7.71 2.03
CA LYS A 93 -1.69 -7.31 3.01
C LYS A 93 -2.35 -5.99 2.59
N GLU A 94 -2.05 -5.54 1.37
CA GLU A 94 -2.63 -4.29 0.88
C GLU A 94 -2.94 -4.41 -0.61
N ARG A 95 -2.48 -5.49 -1.24
CA ARG A 95 -2.72 -5.72 -2.65
C ARG A 95 -2.36 -4.47 -3.46
N GLU A 96 -1.10 -4.06 -3.37
CA GLU A 96 -0.64 -2.89 -4.10
C GLU A 96 0.74 -3.14 -4.71
N ILE A 97 1.06 -2.39 -5.75
CA ILE A 97 2.35 -2.54 -6.42
C ILE A 97 3.01 -1.19 -6.62
N LYS A 98 4.29 -1.10 -6.26
CA LYS A 98 5.03 0.16 -6.41
C LYS A 98 6.44 -0.10 -6.93
N VAL A 99 7.22 0.96 -7.05
CA VAL A 99 8.58 0.85 -7.55
C VAL A 99 9.59 1.12 -6.43
N GLN A 100 9.85 2.39 -6.17
CA GLN A 100 10.80 2.77 -5.13
C GLN A 100 10.44 4.13 -4.54
N VAL B 22 24.54 -10.70 -25.48
CA VAL B 22 23.25 -10.65 -24.80
C VAL B 22 23.42 -10.09 -23.38
N PRO B 23 23.53 -8.79 -23.25
CA PRO B 23 23.70 -8.12 -21.93
C PRO B 23 22.62 -8.55 -20.94
N SER B 24 22.83 -8.21 -19.67
CA SER B 24 21.88 -8.57 -18.62
C SER B 24 22.19 -7.82 -17.34
N ARG B 25 21.17 -7.62 -16.52
CA ARG B 25 21.34 -6.90 -15.25
C ARG B 25 20.39 -7.45 -14.19
N PHE B 26 20.92 -7.66 -12.98
CA PHE B 26 20.10 -8.17 -11.89
C PHE B 26 19.22 -7.06 -11.31
N GLU B 27 18.02 -7.44 -10.88
CA GLU B 27 17.09 -6.48 -10.30
C GLU B 27 16.46 -7.04 -9.04
N ASP B 28 16.45 -6.24 -7.98
CA ASP B 28 15.87 -6.66 -6.71
C ASP B 28 14.43 -6.16 -6.58
N VAL B 29 13.64 -6.85 -5.75
CA VAL B 29 12.25 -6.47 -5.54
C VAL B 29 11.94 -6.39 -4.05
N ARG B 30 11.07 -5.46 -3.69
CA ARG B 30 10.69 -5.28 -2.29
C ARG B 30 9.36 -5.94 -1.99
N VAL B 31 9.34 -6.85 -1.03
CA VAL B 31 8.12 -7.56 -0.66
C VAL B 31 7.70 -7.18 0.76
N VAL B 32 6.54 -6.52 0.87
CA VAL B 32 6.02 -6.11 2.17
C VAL B 32 4.63 -6.69 2.41
N GLN B 33 4.41 -7.19 3.61
CA GLN B 33 3.11 -7.78 3.96
C GLN B 33 2.74 -7.42 5.40
N VAL B 34 1.91 -6.40 5.54
CA VAL B 34 1.49 -5.96 6.88
C VAL B 34 0.14 -5.27 6.80
N VAL B 35 -0.59 -5.28 7.92
CA VAL B 35 -1.90 -4.64 7.98
C VAL B 35 -2.07 -3.87 9.29
N ALA B 36 -2.77 -2.75 9.21
CA ALA B 36 -3.00 -1.92 10.40
C ALA B 36 -1.74 -1.13 10.76
N GLY B 37 -1.93 -0.06 11.52
CA GLY B 37 -0.81 0.78 11.93
C GLY B 37 -1.20 1.72 13.05
N TRP B 38 -2.16 2.61 12.77
CA TRP B 38 -2.62 3.56 13.77
C TRP B 38 -4.15 3.62 13.79
N ARG B 39 -4.69 4.57 14.54
CA ARG B 39 -6.14 4.73 14.63
C ARG B 39 -6.52 6.21 14.68
N VAL B 40 -7.58 6.57 13.97
CA VAL B 40 -8.04 7.95 13.95
C VAL B 40 -9.56 8.01 14.07
N SER B 41 -10.04 9.01 14.82
CA SER B 41 -11.49 9.17 15.01
C SER B 41 -12.03 10.22 14.06
N VAL B 42 -13.32 10.09 13.71
CA VAL B 42 -13.95 11.03 12.80
C VAL B 42 -15.34 11.42 13.32
N LYS B 43 -15.89 12.50 12.75
CA LYS B 43 -17.21 12.98 13.16
C LYS B 43 -18.06 13.28 11.93
N ILE B 44 -19.19 12.60 11.82
CA ILE B 44 -20.09 12.81 10.70
C ILE B 44 -21.53 12.96 11.18
N ALA B 45 -22.33 13.71 10.42
CA ALA B 45 -23.72 13.93 10.78
C ALA B 45 -24.63 13.79 9.56
N GLU B 46 -25.38 12.69 9.52
CA GLU B 46 -26.28 12.44 8.39
C GLU B 46 -27.61 13.15 8.62
N THR B 47 -28.38 13.32 7.54
CA THR B 47 -29.67 13.98 7.63
C THR B 47 -30.72 13.24 6.80
N GLU B 48 -30.48 13.15 5.50
CA GLU B 48 -31.40 12.46 4.60
C GLU B 48 -31.15 10.96 4.64
N GLU B 49 -30.18 10.54 5.44
CA GLU B 49 -29.84 9.13 5.54
C GLU B 49 -29.04 8.67 4.33
N GLY B 50 -28.46 9.63 3.62
CA GLY B 50 -27.67 9.32 2.44
C GLY B 50 -26.65 10.41 2.15
N GLU B 51 -27.06 11.67 2.36
CA GLU B 51 -26.16 12.80 2.14
C GLU B 51 -25.58 13.29 3.45
N VAL B 52 -24.37 13.83 3.39
CA VAL B 52 -23.70 14.34 4.58
C VAL B 52 -23.67 15.87 4.56
N VAL B 53 -24.41 16.49 5.47
CA VAL B 53 -24.47 17.94 5.54
C VAL B 53 -23.06 18.53 5.63
N THR B 54 -22.34 18.15 6.67
CA THR B 54 -20.99 18.66 6.87
C THR B 54 -20.14 17.64 7.63
N VAL B 55 -18.82 17.82 7.57
CA VAL B 55 -17.91 16.91 8.26
C VAL B 55 -16.81 17.69 8.98
N LYS B 56 -16.54 17.30 10.22
CA LYS B 56 -15.51 17.97 11.01
C LYS B 56 -14.59 16.94 11.67
N ALA B 57 -13.55 16.54 10.95
CA ALA B 57 -12.61 15.56 11.47
C ALA B 57 -11.80 16.15 12.63
N GLU B 58 -11.43 15.31 13.58
CA GLU B 58 -10.66 15.76 14.73
C GLU B 58 -9.43 16.53 14.28
N PHE B 59 -9.46 17.85 14.45
CA PHE B 59 -8.34 18.69 14.05
C PHE B 59 -7.16 18.49 14.99
N ASP B 60 -7.43 17.91 16.16
CA ASP B 60 -6.37 17.67 17.14
C ASP B 60 -5.49 16.50 16.70
N GLU B 61 -6.09 15.31 16.63
CA GLU B 61 -5.35 14.12 16.23
C GLU B 61 -4.67 14.34 14.88
N CYS B 62 -5.25 15.23 14.07
CA CYS B 62 -4.68 15.53 12.76
C CYS B 62 -3.44 16.40 12.89
N ARG B 63 -3.53 17.41 13.76
CA ARG B 63 -2.41 18.32 13.98
C ARG B 63 -1.24 17.58 14.62
N GLU B 64 -1.53 16.78 15.63
CA GLU B 64 -0.50 16.03 16.33
C GLU B 64 0.09 14.96 15.41
N ILE B 65 -0.75 14.34 14.60
CA ILE B 65 -0.29 13.31 13.67
C ILE B 65 0.69 13.89 12.66
N GLY B 66 0.27 14.93 11.96
CA GLY B 66 1.12 15.57 10.97
C GLY B 66 2.50 15.84 11.54
N GLU B 67 2.61 15.83 12.86
CA GLU B 67 3.90 16.06 13.52
C GLU B 67 4.74 14.79 13.53
N GLU B 68 4.09 13.67 13.81
CA GLU B 68 4.78 12.38 13.87
C GLU B 68 4.93 11.81 12.47
N THR B 69 4.51 12.56 11.46
CA THR B 69 4.60 12.12 10.07
C THR B 69 5.23 13.19 9.20
N GLY B 70 4.86 14.45 9.46
CA GLY B 70 5.41 15.57 8.69
C GLY B 70 4.40 16.06 7.66
N ILE B 71 3.50 15.18 7.24
CA ILE B 71 2.49 15.55 6.25
C ILE B 71 1.70 16.77 6.74
N PRO B 72 1.56 17.81 5.94
CA PRO B 72 0.80 19.03 6.35
C PRO B 72 -0.49 18.65 7.09
N PRO B 73 -1.03 19.54 7.89
CA PRO B 73 -2.29 19.28 8.65
C PRO B 73 -3.51 19.25 7.74
N ARG B 74 -3.70 20.32 6.96
CA ARG B 74 -4.84 20.39 6.05
C ARG B 74 -4.92 19.14 5.19
N GLU B 75 -3.83 18.83 4.49
CA GLU B 75 -3.78 17.66 3.63
C GLU B 75 -4.24 16.42 4.38
N VAL B 76 -3.81 16.29 5.62
CA VAL B 76 -4.18 15.14 6.45
C VAL B 76 -5.67 15.20 6.78
N LYS B 77 -6.13 16.36 7.23
CA LYS B 77 -7.53 16.53 7.58
C LYS B 77 -8.43 15.97 6.49
N ALA B 78 -8.10 16.27 5.24
CA ALA B 78 -8.88 15.79 4.11
C ALA B 78 -8.67 14.30 3.91
N MET B 79 -7.41 13.91 3.68
CA MET B 79 -7.09 12.50 3.48
C MET B 79 -7.82 11.63 4.49
N VAL B 80 -8.02 12.16 5.69
CA VAL B 80 -8.70 11.42 6.74
C VAL B 80 -10.21 11.51 6.58
N GLU B 81 -10.73 12.74 6.44
CA GLU B 81 -12.16 12.93 6.27
C GLU B 81 -12.67 12.16 5.07
N ALA B 82 -11.93 12.23 3.97
CA ALA B 82 -12.32 11.52 2.75
C ALA B 82 -12.35 10.02 3.00
N ALA B 83 -11.36 9.52 3.73
CA ALA B 83 -11.28 8.09 4.03
C ALA B 83 -12.63 7.57 4.51
N ALA B 84 -13.09 8.08 5.65
CA ALA B 84 -14.36 7.64 6.21
C ALA B 84 -15.49 7.80 5.18
N ARG B 85 -15.31 8.74 4.25
CA ARG B 85 -16.32 8.97 3.23
C ARG B 85 -16.47 7.73 2.33
N VAL B 86 -15.39 6.97 2.19
CA VAL B 86 -15.41 5.77 1.36
C VAL B 86 -14.97 4.56 2.16
N GLY B 87 -14.61 4.77 3.42
CA GLY B 87 -14.18 3.69 4.29
C GLY B 87 -13.07 2.87 3.62
N GLY B 88 -11.83 3.19 3.94
CA GLY B 88 -10.70 2.47 3.36
C GLY B 88 -9.43 2.69 4.19
N TRP B 89 -8.30 2.21 3.68
CA TRP B 89 -7.04 2.36 4.38
C TRP B 89 -6.15 3.40 3.68
N VAL B 90 -5.09 3.82 4.36
CA VAL B 90 -4.18 4.81 3.80
C VAL B 90 -2.74 4.50 4.19
N ASP B 91 -1.83 4.53 3.21
CA ASP B 91 -0.43 4.26 3.47
C ASP B 91 0.40 5.54 3.34
N LEU B 92 0.94 5.99 4.47
CA LEU B 92 1.76 7.20 4.47
C LEU B 92 3.16 6.92 3.97
N LYS B 93 3.83 5.94 4.58
CA LYS B 93 5.18 5.59 4.18
C LYS B 93 5.22 5.17 2.72
N GLU B 94 4.05 5.15 2.08
CA GLU B 94 3.97 4.77 0.67
C GLU B 94 3.03 5.71 -0.07
N ARG B 95 2.32 6.54 0.67
CA ARG B 95 1.39 7.49 0.07
C ARG B 95 0.43 6.76 -0.87
N GLU B 96 -0.59 6.13 -0.30
CA GLU B 96 -1.58 5.41 -1.09
C GLU B 96 -2.95 5.47 -0.42
N ILE B 97 -4.00 5.52 -1.23
CA ILE B 97 -5.36 5.57 -0.71
C ILE B 97 -6.28 4.68 -1.53
N LYS B 98 -6.82 3.65 -0.89
CA LYS B 98 -7.73 2.74 -1.56
C LYS B 98 -8.92 2.39 -0.67
N VAL B 99 -9.97 1.84 -1.28
CA VAL B 99 -11.17 1.48 -0.53
C VAL B 99 -10.98 0.12 0.13
N GLN B 100 -12.01 -0.33 0.83
CA GLN B 100 -11.96 -1.62 1.52
C GLN B 100 -12.71 -2.68 0.72
N VAL A 22 -31.92 11.22 11.98
CA VAL A 22 -30.55 11.61 11.66
C VAL A 22 -29.57 10.86 12.55
N PRO A 23 -29.28 9.62 12.25
CA PRO A 23 -28.34 8.79 13.05
C PRO A 23 -26.88 9.04 12.66
N SER A 24 -26.20 9.88 13.44
CA SER A 24 -24.81 10.20 13.16
C SER A 24 -23.94 8.95 13.28
N ARG A 25 -22.66 9.09 12.97
CA ARG A 25 -21.73 7.97 13.04
C ARG A 25 -20.29 8.46 12.94
N PHE A 26 -19.40 7.80 13.67
CA PHE A 26 -17.99 8.17 13.66
C PHE A 26 -17.20 7.24 12.74
N GLU A 27 -16.09 7.76 12.21
CA GLU A 27 -15.25 6.97 11.31
C GLU A 27 -13.80 6.99 11.80
N ASP A 28 -13.22 5.80 11.95
CA ASP A 28 -11.84 5.68 12.39
C ASP A 28 -10.90 5.38 11.23
N VAL A 29 -10.30 6.42 10.67
CA VAL A 29 -9.39 6.24 9.55
C VAL A 29 -8.07 5.63 10.01
N ARG A 30 -7.69 4.51 9.40
CA ARG A 30 -6.46 3.84 9.77
C ARG A 30 -5.33 4.23 8.81
N VAL A 31 -4.25 4.76 9.37
CA VAL A 31 -3.09 5.16 8.56
C VAL A 31 -1.92 4.22 8.80
N VAL A 32 -1.63 3.37 7.82
CA VAL A 32 -0.53 2.43 7.94
C VAL A 32 0.72 2.96 7.25
N GLN A 33 1.68 3.43 8.05
CA GLN A 33 2.93 3.96 7.51
C GLN A 33 4.10 3.07 7.91
N VAL A 34 4.47 2.15 7.03
CA VAL A 34 5.58 1.23 7.31
C VAL A 34 6.24 0.76 6.01
N VAL A 35 7.53 0.44 6.11
CA VAL A 35 8.26 -0.03 4.94
C VAL A 35 9.21 -1.16 5.33
N ALA A 36 8.98 -2.35 4.76
CA ALA A 36 9.82 -3.49 5.06
C ALA A 36 9.25 -4.76 4.43
N GLY A 37 10.10 -5.76 4.23
CA GLY A 37 9.66 -7.01 3.63
C GLY A 37 10.86 -7.85 3.20
N TRP A 38 10.59 -8.91 2.45
CA TRP A 38 11.65 -9.79 1.97
C TRP A 38 12.27 -9.23 0.69
N ARG A 39 13.20 -9.99 0.11
CA ARG A 39 13.86 -9.56 -1.12
C ARG A 39 14.17 -10.76 -2.00
N VAL A 40 13.50 -10.84 -3.15
CA VAL A 40 13.72 -11.94 -4.08
C VAL A 40 14.70 -11.54 -5.16
N SER A 41 15.58 -12.46 -5.53
CA SER A 41 16.57 -12.19 -6.57
C SER A 41 16.00 -12.46 -7.95
N VAL A 42 16.19 -11.52 -8.87
CA VAL A 42 15.68 -11.68 -10.23
C VAL A 42 16.68 -11.10 -11.23
N LYS A 43 17.05 -11.91 -12.21
CA LYS A 43 18.00 -11.47 -13.24
C LYS A 43 17.26 -11.12 -14.53
N ILE A 44 17.41 -9.88 -14.97
CA ILE A 44 16.75 -9.42 -16.20
C ILE A 44 17.78 -8.85 -17.17
N ALA A 45 17.80 -9.37 -18.39
CA ALA A 45 18.75 -8.90 -19.38
C ALA A 45 18.09 -7.90 -20.32
N GLU A 46 18.52 -6.64 -20.24
CA GLU A 46 17.95 -5.59 -21.08
C GLU A 46 18.94 -5.20 -22.18
N THR A 47 18.41 -4.85 -23.34
CA THR A 47 19.25 -4.45 -24.47
C THR A 47 19.21 -2.94 -24.68
N GLU A 48 19.76 -2.49 -25.79
CA GLU A 48 19.79 -1.06 -26.09
C GLU A 48 18.70 -0.71 -27.11
N GLU A 49 17.82 -1.68 -27.40
CA GLU A 49 16.74 -1.45 -28.35
C GLU A 49 15.46 -1.07 -27.64
N GLY A 50 15.32 -1.53 -26.39
CA GLY A 50 14.13 -1.23 -25.60
C GLY A 50 13.22 -2.45 -25.50
N GLU A 51 13.82 -3.62 -25.37
CA GLU A 51 13.05 -4.85 -25.27
C GLU A 51 13.66 -5.79 -24.21
N VAL A 52 12.83 -6.63 -23.62
CA VAL A 52 13.30 -7.57 -22.60
C VAL A 52 13.32 -8.99 -23.16
N VAL A 53 14.45 -9.66 -23.02
CA VAL A 53 14.59 -11.03 -23.50
C VAL A 53 13.70 -11.98 -22.70
N THR A 54 14.27 -12.61 -21.68
CA THR A 54 13.50 -13.54 -20.85
C THR A 54 13.86 -13.36 -19.38
N VAL A 55 12.85 -13.05 -18.56
CA VAL A 55 13.07 -12.86 -17.14
C VAL A 55 13.29 -14.19 -16.44
N LYS A 56 14.12 -14.19 -15.40
CA LYS A 56 14.42 -15.41 -14.66
C LYS A 56 14.31 -15.15 -13.16
N ALA A 57 13.52 -15.98 -12.47
CA ALA A 57 13.33 -15.84 -11.03
C ALA A 57 13.60 -17.16 -10.32
N GLU A 58 14.18 -17.07 -9.13
CA GLU A 58 14.48 -18.28 -8.36
C GLU A 58 13.20 -19.00 -7.94
N PHE A 59 13.07 -20.26 -8.36
CA PHE A 59 11.89 -21.04 -8.02
C PHE A 59 11.91 -21.46 -6.56
N ASP A 60 13.07 -21.31 -5.93
CA ASP A 60 13.22 -21.68 -4.52
C ASP A 60 12.59 -20.62 -3.62
N GLU A 61 13.15 -19.41 -3.65
CA GLU A 61 12.64 -18.33 -2.84
C GLU A 61 11.16 -18.13 -3.08
N CYS A 62 10.72 -18.41 -4.31
CA CYS A 62 9.30 -18.27 -4.66
C CYS A 62 8.46 -19.29 -3.90
N ARG A 63 8.86 -20.55 -3.96
CA ARG A 63 8.12 -21.61 -3.28
C ARG A 63 8.32 -21.50 -1.77
N GLU A 64 9.57 -21.39 -1.34
CA GLU A 64 9.88 -21.29 0.07
C GLU A 64 9.06 -20.17 0.72
N ILE A 65 8.76 -19.14 -0.06
CA ILE A 65 7.97 -18.02 0.44
C ILE A 65 6.51 -18.42 0.59
N GLY A 66 6.01 -19.17 -0.39
CA GLY A 66 4.61 -19.61 -0.34
C GLY A 66 4.30 -20.30 0.97
N GLU A 67 5.30 -20.96 1.54
CA GLU A 67 5.11 -21.66 2.81
C GLU A 67 4.94 -20.66 3.96
N GLU A 68 5.39 -19.43 3.73
CA GLU A 68 5.28 -18.40 4.75
C GLU A 68 3.93 -17.69 4.65
N THR A 69 3.44 -17.52 3.42
CA THR A 69 2.16 -16.86 3.21
C THR A 69 1.02 -17.87 3.26
N GLY A 70 1.16 -18.96 2.51
CA GLY A 70 0.14 -19.99 2.48
C GLY A 70 -0.80 -19.84 1.30
N ILE A 71 -0.26 -19.35 0.18
CA ILE A 71 -1.07 -19.16 -1.03
C ILE A 71 -0.45 -19.91 -2.21
N PRO A 72 -1.24 -20.25 -3.20
CA PRO A 72 -0.76 -20.98 -4.40
C PRO A 72 0.65 -20.56 -4.81
N PRO A 73 1.67 -21.32 -4.47
CA PRO A 73 3.07 -20.98 -4.83
C PRO A 73 3.24 -20.69 -6.32
N ARG A 74 2.31 -21.21 -7.12
CA ARG A 74 2.36 -20.99 -8.56
C ARG A 74 2.12 -19.52 -8.90
N GLU A 75 1.03 -18.97 -8.38
CA GLU A 75 0.70 -17.57 -8.62
C GLU A 75 1.83 -16.66 -8.14
N VAL A 76 2.47 -17.05 -7.05
CA VAL A 76 3.57 -16.26 -6.49
C VAL A 76 4.61 -15.96 -7.55
N LYS A 77 5.14 -17.02 -8.17
CA LYS A 77 6.15 -16.85 -9.21
C LYS A 77 5.68 -15.84 -10.26
N ALA A 78 4.51 -16.09 -10.83
CA ALA A 78 3.96 -15.21 -11.85
C ALA A 78 3.77 -13.80 -11.29
N MET A 79 3.32 -13.73 -10.04
CA MET A 79 3.10 -12.44 -9.39
C MET A 79 4.43 -11.69 -9.23
N VAL A 80 5.46 -12.41 -8.80
CA VAL A 80 6.78 -11.80 -8.60
C VAL A 80 7.31 -11.25 -9.93
N GLU A 81 7.55 -12.15 -10.88
CA GLU A 81 8.06 -11.73 -12.18
C GLU A 81 7.34 -10.49 -12.68
N ALA A 82 6.01 -10.58 -12.78
CA ALA A 82 5.22 -9.44 -13.23
C ALA A 82 5.69 -8.15 -12.57
N ALA A 83 6.13 -8.27 -11.32
CA ALA A 83 6.62 -7.11 -10.58
C ALA A 83 7.93 -6.59 -11.17
N ALA A 84 8.93 -7.45 -11.22
CA ALA A 84 10.23 -7.07 -11.77
C ALA A 84 10.07 -6.40 -13.12
N ARG A 85 8.93 -6.62 -13.77
CA ARG A 85 8.67 -6.03 -15.07
C ARG A 85 8.25 -4.57 -14.94
N VAL A 86 7.39 -4.30 -13.95
CA VAL A 86 6.91 -2.94 -13.74
C VAL A 86 7.67 -2.27 -12.59
N GLY A 87 8.52 -3.04 -11.91
CA GLY A 87 9.29 -2.50 -10.80
C GLY A 87 9.71 -3.62 -9.85
N GLY A 88 8.92 -3.82 -8.80
CA GLY A 88 9.21 -4.87 -7.82
C GLY A 88 8.69 -4.53 -6.43
N TRP A 89 7.37 -4.59 -6.27
CA TRP A 89 6.76 -4.30 -4.97
C TRP A 89 5.36 -4.90 -4.90
N VAL A 90 5.03 -5.54 -3.79
CA VAL A 90 3.72 -6.15 -3.63
C VAL A 90 3.25 -6.12 -2.19
N ASP A 91 1.95 -5.97 -2.00
CA ASP A 91 1.37 -5.92 -0.67
C ASP A 91 0.29 -7.01 -0.55
N LEU A 92 0.57 -8.01 0.28
CA LEU A 92 -0.38 -9.10 0.49
C LEU A 92 -1.52 -8.67 1.40
N LYS A 93 -1.27 -7.65 2.21
CA LYS A 93 -2.29 -7.15 3.12
C LYS A 93 -3.62 -6.96 2.40
N GLU A 94 -3.57 -7.00 1.07
CA GLU A 94 -4.77 -6.84 0.27
C GLU A 94 -4.47 -7.07 -1.21
N ARG A 95 -3.31 -7.66 -1.48
CA ARG A 95 -2.91 -7.93 -2.86
C ARG A 95 -2.89 -6.65 -3.69
N GLU A 96 -1.71 -6.07 -3.83
CA GLU A 96 -1.57 -4.84 -4.60
C GLU A 96 -0.22 -4.81 -5.32
N ILE A 97 -0.27 -4.78 -6.65
CA ILE A 97 0.95 -4.76 -7.45
C ILE A 97 1.46 -3.32 -7.59
N LYS A 98 2.52 -3.00 -6.85
CA LYS A 98 3.09 -1.66 -6.88
C LYS A 98 4.51 -1.70 -7.48
N VAL A 99 5.00 -0.52 -7.85
CA VAL A 99 6.33 -0.40 -8.43
C VAL A 99 7.25 0.39 -7.50
N GLN A 100 8.51 0.00 -7.44
CA GLN A 100 9.47 0.68 -6.58
C GLN A 100 10.82 0.79 -7.29
N VAL B 22 25.27 -4.43 -23.86
CA VAL B 22 24.22 -5.22 -23.22
C VAL B 22 24.50 -5.44 -21.74
N PRO B 23 24.23 -4.46 -20.92
CA PRO B 23 24.46 -4.55 -19.45
C PRO B 23 23.31 -5.24 -18.73
N SER B 24 23.65 -6.11 -17.78
CA SER B 24 22.64 -6.83 -17.02
C SER B 24 22.37 -6.14 -15.69
N ARG B 25 21.13 -6.22 -15.22
CA ARG B 25 20.75 -5.60 -13.96
C ARG B 25 19.82 -6.50 -13.16
N PHE B 26 20.04 -6.56 -11.85
CA PHE B 26 19.21 -7.40 -10.99
C PHE B 26 18.16 -6.55 -10.27
N GLU B 27 16.99 -7.14 -10.05
CA GLU B 27 15.91 -6.44 -9.38
C GLU B 27 15.53 -7.14 -8.08
N ASP B 28 15.49 -6.39 -6.99
CA ASP B 28 15.15 -6.96 -5.69
C ASP B 28 13.69 -6.68 -5.34
N VAL B 29 12.81 -7.58 -5.77
CA VAL B 29 11.38 -7.41 -5.49
C VAL B 29 11.11 -7.48 -4.00
N ARG B 30 10.43 -6.46 -3.47
CA ARG B 30 10.11 -6.40 -2.06
C ARG B 30 8.66 -6.81 -1.82
N VAL B 31 8.48 -7.83 -0.98
CA VAL B 31 7.13 -8.31 -0.65
C VAL B 31 6.79 -8.01 0.81
N VAL B 32 5.92 -7.02 1.02
CA VAL B 32 5.52 -6.65 2.36
C VAL B 32 4.13 -7.20 2.68
N GLN B 33 3.94 -7.63 3.92
CA GLN B 33 2.66 -8.17 4.35
C GLN B 33 2.38 -7.81 5.80
N VAL B 34 1.65 -6.71 6.01
CA VAL B 34 1.33 -6.27 7.36
C VAL B 34 0.04 -5.44 7.36
N VAL B 35 -0.65 -5.46 8.49
CA VAL B 35 -1.90 -4.71 8.62
C VAL B 35 -1.99 -4.06 10.00
N ALA B 36 -1.81 -2.74 10.04
CA ALA B 36 -1.87 -2.01 11.30
C ALA B 36 -1.38 -0.58 11.12
N GLY B 37 -1.95 0.34 11.90
CA GLY B 37 -1.56 1.75 11.82
C GLY B 37 -2.24 2.55 12.92
N TRP B 38 -2.19 3.88 12.78
CA TRP B 38 -2.80 4.76 13.77
C TRP B 38 -4.31 4.81 13.58
N ARG B 39 -4.98 5.62 14.40
CA ARG B 39 -6.42 5.76 14.32
C ARG B 39 -6.87 7.14 14.76
N VAL B 40 -7.51 7.88 13.87
CA VAL B 40 -8.00 9.22 14.18
C VAL B 40 -9.50 9.21 14.40
N SER B 41 -9.98 10.17 15.20
CA SER B 41 -11.41 10.27 15.49
C SER B 41 -12.04 11.38 14.66
N VAL B 42 -13.10 11.04 13.92
CA VAL B 42 -13.79 12.03 13.10
C VAL B 42 -15.30 11.91 13.28
N LYS B 43 -15.99 13.04 13.28
CA LYS B 43 -17.44 13.04 13.45
C LYS B 43 -18.12 13.27 12.11
N ILE B 44 -19.09 12.41 11.78
CA ILE B 44 -19.81 12.52 10.52
C ILE B 44 -21.31 12.34 10.75
N ALA B 45 -22.10 13.29 10.26
CA ALA B 45 -23.54 13.23 10.42
C ALA B 45 -24.20 12.74 9.14
N GLU B 46 -24.64 11.48 9.12
CA GLU B 46 -25.28 10.91 7.95
C GLU B 46 -26.80 10.89 8.13
N THR B 47 -27.52 11.42 7.15
CA THR B 47 -28.97 11.47 7.20
C THR B 47 -29.57 10.18 6.62
N GLU B 48 -30.88 10.20 6.42
CA GLU B 48 -31.56 9.03 5.86
C GLU B 48 -31.39 8.98 4.34
N GLU B 49 -30.31 9.57 3.86
CA GLU B 49 -30.03 9.61 2.43
C GLU B 49 -28.66 9.02 2.13
N GLY B 50 -28.09 8.32 3.12
CA GLY B 50 -26.77 7.72 2.95
C GLY B 50 -25.78 8.74 2.43
N GLU B 51 -26.12 10.02 2.54
CA GLU B 51 -25.25 11.09 2.08
C GLU B 51 -24.53 11.74 3.25
N VAL B 52 -23.42 12.42 2.96
CA VAL B 52 -22.64 13.09 4.00
C VAL B 52 -22.82 14.60 3.89
N VAL B 53 -23.73 15.14 4.70
CA VAL B 53 -23.99 16.59 4.68
C VAL B 53 -22.69 17.37 4.86
N THR B 54 -22.01 17.12 5.97
CA THR B 54 -20.75 17.82 6.25
C THR B 54 -19.85 16.94 7.12
N VAL B 55 -18.57 17.30 7.16
CA VAL B 55 -17.60 16.55 7.96
C VAL B 55 -16.69 17.50 8.73
N LYS B 56 -16.35 17.13 9.95
CA LYS B 56 -15.49 17.97 10.79
C LYS B 56 -14.38 17.12 11.41
N ALA B 57 -13.20 17.17 10.78
CA ALA B 57 -12.05 16.41 11.29
C ALA B 57 -11.43 17.10 12.49
N GLU B 58 -10.70 16.35 13.30
CA GLU B 58 -10.06 16.90 14.48
C GLU B 58 -8.72 17.55 14.10
N PHE B 59 -8.58 18.83 14.41
CA PHE B 59 -7.35 19.55 14.10
C PHE B 59 -6.26 19.21 15.12
N ASP B 60 -6.64 18.52 16.18
CA ASP B 60 -5.69 18.14 17.22
C ASP B 60 -4.85 16.95 16.76
N GLU B 61 -5.51 15.81 16.56
CA GLU B 61 -4.81 14.60 16.12
C GLU B 61 -4.08 14.86 14.81
N CYS B 62 -4.68 15.68 13.95
CA CYS B 62 -4.07 16.00 12.65
C CYS B 62 -2.72 16.67 12.85
N ARG B 63 -2.68 17.65 13.76
CA ARG B 63 -1.44 18.37 14.04
C ARG B 63 -0.46 17.49 14.80
N GLU B 64 -1.00 16.63 15.65
CA GLU B 64 -0.16 15.73 16.44
C GLU B 64 0.59 14.76 15.54
N ILE B 65 -0.16 14.05 14.69
CA ILE B 65 0.45 13.09 13.78
C ILE B 65 1.26 13.81 12.71
N GLY B 66 0.86 15.04 12.38
CA GLY B 66 1.55 15.83 11.38
C GLY B 66 3.06 15.78 11.60
N GLU B 67 3.47 15.41 12.81
CA GLU B 67 4.89 15.33 13.13
C GLU B 67 5.50 14.06 12.55
N GLU B 68 4.78 12.95 12.67
CA GLU B 68 5.26 11.67 12.15
C GLU B 68 5.34 11.71 10.63
N THR B 69 4.58 12.61 10.02
CA THR B 69 4.57 12.74 8.57
C THR B 69 5.71 13.65 8.11
N GLY B 70 5.82 14.81 8.72
CA GLY B 70 6.87 15.76 8.36
C GLY B 70 6.37 16.79 7.36
N ILE B 71 5.17 16.56 6.83
CA ILE B 71 4.59 17.47 5.86
C ILE B 71 3.56 18.38 6.54
N PRO B 72 3.29 19.53 5.97
CA PRO B 72 2.31 20.50 6.55
C PRO B 72 1.08 19.78 7.13
N PRO B 73 0.37 20.41 8.03
CA PRO B 73 -0.84 19.79 8.65
C PRO B 73 -2.02 19.72 7.67
N ARG B 74 -2.30 20.84 7.01
CA ARG B 74 -3.40 20.88 6.05
C ARG B 74 -3.34 19.69 5.10
N GLU B 75 -2.19 19.51 4.45
CA GLU B 75 -2.03 18.40 3.52
C GLU B 75 -2.58 17.11 4.11
N VAL B 76 -2.37 16.93 5.41
CA VAL B 76 -2.86 15.74 6.09
C VAL B 76 -4.37 15.82 6.33
N LYS B 77 -4.80 16.90 6.96
CA LYS B 77 -6.22 17.09 7.24
C LYS B 77 -7.05 16.78 6.01
N ALA B 78 -6.57 17.22 4.86
CA ALA B 78 -7.29 16.99 3.60
C ALA B 78 -7.34 15.51 3.28
N MET B 79 -6.22 14.83 3.47
CA MET B 79 -6.14 13.40 3.19
C MET B 79 -6.96 12.61 4.20
N VAL B 80 -6.88 13.00 5.46
CA VAL B 80 -7.62 12.31 6.52
C VAL B 80 -9.10 12.66 6.44
N GLU B 81 -9.40 13.87 5.98
CA GLU B 81 -10.78 14.31 5.86
C GLU B 81 -11.51 13.52 4.77
N ALA B 82 -10.98 13.58 3.56
CA ALA B 82 -11.58 12.88 2.43
C ALA B 82 -11.79 11.41 2.78
N ALA B 83 -10.85 10.84 3.52
CA ALA B 83 -10.94 9.43 3.92
C ALA B 83 -12.25 9.17 4.64
N ALA B 84 -12.44 9.82 5.78
CA ALA B 84 -13.66 9.64 6.56
C ALA B 84 -14.88 9.64 5.65
N ARG B 85 -14.82 10.43 4.58
CA ARG B 85 -15.93 10.53 3.63
C ARG B 85 -16.21 9.16 3.02
N VAL B 86 -15.15 8.46 2.62
CA VAL B 86 -15.29 7.15 2.01
C VAL B 86 -14.95 6.05 3.02
N GLY B 87 -14.55 6.45 4.22
CA GLY B 87 -14.18 5.51 5.26
C GLY B 87 -13.28 4.42 4.70
N GLY B 88 -11.97 4.59 4.88
CA GLY B 88 -11.00 3.61 4.40
C GLY B 88 -9.64 3.82 5.05
N TRP B 89 -8.64 3.05 4.61
CA TRP B 89 -7.30 3.17 5.16
C TRP B 89 -6.38 3.91 4.20
N VAL B 90 -5.28 4.43 4.72
CA VAL B 90 -4.33 5.15 3.89
C VAL B 90 -2.89 4.76 4.24
N ASP B 91 -2.01 4.81 3.25
CA ASP B 91 -0.61 4.47 3.46
C ASP B 91 0.28 5.65 3.15
N LEU B 92 0.93 6.19 4.19
CA LEU B 92 1.81 7.33 4.02
C LEU B 92 3.05 6.95 3.21
N LYS B 93 3.82 6.01 3.74
CA LYS B 93 5.03 5.56 3.07
C LYS B 93 4.68 4.65 1.89
N GLU B 94 3.75 5.11 1.06
CA GLU B 94 3.33 4.34 -0.11
C GLU B 94 2.29 5.11 -0.92
N ARG B 95 1.60 6.03 -0.25
CA ARG B 95 0.58 6.84 -0.93
C ARG B 95 -0.48 5.95 -1.57
N GLU B 96 -1.36 5.39 -0.74
CA GLU B 96 -2.41 4.52 -1.23
C GLU B 96 -3.73 4.83 -0.52
N ILE B 97 -4.84 4.43 -1.15
CA ILE B 97 -6.15 4.68 -0.56
C ILE B 97 -7.05 3.46 -0.74
N LYS B 98 -7.24 2.70 0.34
CA LYS B 98 -8.08 1.51 0.29
C LYS B 98 -9.47 1.82 0.82
N VAL B 99 -10.44 0.99 0.45
CA VAL B 99 -11.81 1.19 0.88
C VAL B 99 -12.15 0.24 2.03
N GLN B 100 -12.91 0.73 3.00
CA GLN B 100 -13.30 -0.09 4.14
C GLN B 100 -13.69 -1.49 3.70
N VAL A 22 -32.16 13.02 10.53
CA VAL A 22 -30.73 13.32 10.37
C VAL A 22 -29.87 12.26 11.06
N PRO A 23 -29.69 11.12 10.45
CA PRO A 23 -28.86 10.02 11.02
C PRO A 23 -27.37 10.21 10.74
N SER A 24 -26.62 10.55 11.78
CA SER A 24 -25.19 10.76 11.64
C SER A 24 -24.46 9.43 11.50
N ARG A 25 -23.32 9.45 10.84
CA ARG A 25 -22.54 8.23 10.64
C ARG A 25 -21.04 8.50 10.84
N PHE A 26 -20.44 7.79 11.79
CA PHE A 26 -19.03 7.97 12.09
C PHE A 26 -18.18 7.09 11.18
N GLU A 27 -17.09 7.65 10.66
CA GLU A 27 -16.20 6.91 9.77
C GLU A 27 -14.87 6.64 10.46
N ASP A 28 -14.45 5.38 10.45
CA ASP A 28 -13.19 5.00 11.08
C ASP A 28 -12.09 4.83 10.03
N VAL A 29 -11.25 5.85 9.89
CA VAL A 29 -10.16 5.80 8.93
C VAL A 29 -8.99 5.00 9.47
N ARG A 30 -8.12 4.54 8.57
CA ARG A 30 -6.96 3.75 8.98
C ARG A 30 -5.70 4.24 8.26
N VAL A 31 -4.69 4.62 9.04
CA VAL A 31 -3.44 5.11 8.47
C VAL A 31 -2.31 4.12 8.76
N VAL A 32 -1.82 3.46 7.72
CA VAL A 32 -0.74 2.50 7.87
C VAL A 32 0.60 3.10 7.46
N GLN A 33 1.67 2.64 8.10
CA GLN A 33 3.01 3.15 7.80
C GLN A 33 4.04 2.04 7.98
N VAL A 34 4.39 1.37 6.87
CA VAL A 34 5.37 0.29 6.92
C VAL A 34 6.56 0.63 6.03
N VAL A 35 7.74 0.13 6.43
CA VAL A 35 8.96 0.38 5.67
C VAL A 35 9.42 -0.90 4.98
N ALA A 36 9.98 -0.76 3.78
CA ALA A 36 10.46 -1.91 3.03
C ALA A 36 11.17 -2.90 3.94
N GLY A 37 11.27 -4.14 3.49
CA GLY A 37 11.92 -5.19 4.28
C GLY A 37 12.85 -6.03 3.42
N TRP A 38 12.31 -7.13 2.89
CA TRP A 38 13.09 -8.02 2.04
C TRP A 38 13.39 -7.36 0.69
N ARG A 39 14.28 -7.97 -0.07
CA ARG A 39 14.65 -7.43 -1.38
C ARG A 39 15.05 -8.56 -2.33
N VAL A 40 14.27 -8.74 -3.39
CA VAL A 40 14.55 -9.79 -4.36
C VAL A 40 15.35 -9.22 -5.53
N SER A 41 16.04 -10.10 -6.25
CA SER A 41 16.84 -9.69 -7.40
C SER A 41 16.49 -10.51 -8.62
N VAL A 42 16.06 -9.82 -9.69
CA VAL A 42 15.68 -10.50 -10.92
C VAL A 42 16.69 -10.18 -12.03
N LYS A 43 16.76 -11.06 -13.03
CA LYS A 43 17.68 -10.88 -14.14
C LYS A 43 16.97 -11.07 -15.47
N ILE A 44 16.80 -9.99 -16.21
CA ILE A 44 16.14 -10.05 -17.51
C ILE A 44 17.16 -10.10 -18.65
N ALA A 45 16.86 -10.89 -19.67
CA ALA A 45 17.77 -11.01 -20.81
C ALA A 45 17.26 -10.18 -21.98
N GLU A 46 17.87 -9.02 -22.18
CA GLU A 46 17.47 -8.15 -23.28
C GLU A 46 18.35 -8.38 -24.50
N THR A 47 17.74 -8.48 -25.68
CA THR A 47 18.48 -8.71 -26.91
C THR A 47 18.63 -7.40 -27.67
N GLU A 48 17.52 -6.81 -28.08
CA GLU A 48 17.55 -5.57 -28.83
C GLU A 48 17.37 -4.38 -27.89
N GLU A 49 17.61 -4.61 -26.60
CA GLU A 49 17.48 -3.54 -25.61
C GLU A 49 16.09 -2.91 -25.69
N GLY A 50 15.17 -3.57 -26.37
CA GLY A 50 13.81 -3.06 -26.53
C GLY A 50 12.79 -4.13 -26.17
N GLU A 51 13.01 -5.34 -26.66
CA GLU A 51 12.10 -6.46 -26.39
C GLU A 51 12.71 -7.42 -25.39
N VAL A 52 11.85 -8.06 -24.60
CA VAL A 52 12.32 -9.03 -23.60
C VAL A 52 11.98 -10.44 -24.03
N VAL A 53 12.96 -11.13 -24.62
CA VAL A 53 12.75 -12.49 -25.08
C VAL A 53 12.12 -13.35 -23.99
N THR A 54 12.77 -13.41 -22.84
CA THR A 54 12.27 -14.18 -21.72
C THR A 54 12.71 -13.59 -20.39
N VAL A 55 11.99 -13.89 -19.33
CA VAL A 55 12.32 -13.38 -18.00
C VAL A 55 12.77 -14.53 -17.09
N LYS A 56 13.67 -14.22 -16.17
CA LYS A 56 14.17 -15.22 -15.24
C LYS A 56 14.15 -14.70 -13.80
N ALA A 57 13.33 -15.31 -12.96
CA ALA A 57 13.23 -14.90 -11.57
C ALA A 57 14.10 -15.77 -10.68
N GLU A 58 14.60 -15.20 -9.59
CA GLU A 58 15.45 -15.93 -8.67
C GLU A 58 14.67 -17.06 -8.00
N PHE A 59 14.84 -18.28 -8.51
CA PHE A 59 14.15 -19.43 -7.96
C PHE A 59 14.49 -19.61 -6.47
N ASP A 60 15.76 -19.41 -6.14
CA ASP A 60 16.20 -19.55 -4.76
C ASP A 60 15.26 -18.82 -3.81
N GLU A 61 15.06 -17.53 -4.05
CA GLU A 61 14.18 -16.73 -3.21
C GLU A 61 12.79 -17.33 -3.18
N CYS A 62 12.18 -17.42 -4.35
CA CYS A 62 10.83 -17.96 -4.47
C CYS A 62 10.66 -19.17 -3.56
N ARG A 63 11.70 -20.00 -3.47
CA ARG A 63 11.64 -21.19 -2.64
C ARG A 63 11.89 -20.84 -1.18
N GLU A 64 12.81 -19.91 -0.94
CA GLU A 64 13.13 -19.50 0.42
C GLU A 64 11.95 -18.77 1.05
N ILE A 65 11.55 -17.66 0.44
CA ILE A 65 10.42 -16.89 0.96
C ILE A 65 9.22 -17.80 1.22
N GLY A 66 9.10 -18.84 0.41
CA GLY A 66 7.99 -19.78 0.57
C GLY A 66 7.95 -20.34 1.99
N GLU A 67 9.07 -20.24 2.70
CA GLU A 67 9.14 -20.75 4.06
C GLU A 67 8.60 -19.71 5.05
N GLU A 68 8.90 -18.45 4.79
CA GLU A 68 8.43 -17.37 5.66
C GLU A 68 6.94 -17.13 5.45
N THR A 69 6.44 -17.48 4.27
CA THR A 69 5.04 -17.29 3.96
C THR A 69 4.22 -18.47 4.47
N GLY A 70 4.66 -19.68 4.14
CA GLY A 70 3.97 -20.88 4.57
C GLY A 70 3.02 -21.38 3.49
N ILE A 71 3.19 -20.89 2.27
CA ILE A 71 2.35 -21.29 1.15
C ILE A 71 3.21 -21.80 0.00
N PRO A 72 2.66 -22.61 -0.88
CA PRO A 72 3.40 -23.17 -2.04
C PRO A 72 4.34 -22.13 -2.67
N PRO A 73 5.49 -22.52 -3.16
CA PRO A 73 6.45 -21.56 -3.80
C PRO A 73 6.03 -21.16 -5.21
N ARG A 74 4.96 -21.78 -5.71
CA ARG A 74 4.48 -21.49 -7.05
C ARG A 74 3.84 -20.10 -7.11
N GLU A 75 2.83 -19.87 -6.28
CA GLU A 75 2.15 -18.58 -6.26
C GLU A 75 3.13 -17.45 -6.04
N VAL A 76 4.27 -17.78 -5.44
CA VAL A 76 5.29 -16.78 -5.16
C VAL A 76 6.16 -16.54 -6.39
N LYS A 77 6.68 -17.63 -6.94
CA LYS A 77 7.54 -17.55 -8.12
C LYS A 77 6.92 -16.62 -9.16
N ALA A 78 5.66 -16.87 -9.49
CA ALA A 78 4.96 -16.05 -10.47
C ALA A 78 4.72 -14.65 -9.93
N MET A 79 4.07 -14.56 -8.79
CA MET A 79 3.77 -13.26 -8.18
C MET A 79 4.98 -12.33 -8.30
N VAL A 80 6.14 -12.81 -7.87
CA VAL A 80 7.35 -12.01 -7.94
C VAL A 80 7.71 -11.66 -9.38
N GLU A 81 7.77 -12.69 -10.23
CA GLU A 81 8.10 -12.48 -11.64
C GLU A 81 7.18 -11.42 -12.25
N ALA A 82 5.88 -11.59 -12.03
CA ALA A 82 4.91 -10.64 -12.56
C ALA A 82 5.33 -9.21 -12.25
N ALA A 83 5.89 -9.02 -11.07
CA ALA A 83 6.35 -7.69 -10.66
C ALA A 83 7.39 -7.15 -11.63
N ALA A 84 8.53 -7.83 -11.70
CA ALA A 84 9.60 -7.42 -12.60
C ALA A 84 9.04 -7.03 -13.96
N ARG A 85 7.84 -7.52 -14.26
CA ARG A 85 7.21 -7.23 -15.54
C ARG A 85 6.69 -5.79 -15.56
N VAL A 86 6.00 -5.39 -14.50
CA VAL A 86 5.46 -4.03 -14.41
C VAL A 86 6.26 -3.20 -13.42
N GLY A 87 7.31 -3.78 -12.86
CA GLY A 87 8.15 -3.09 -11.89
C GLY A 87 7.30 -2.35 -10.87
N GLY A 88 7.11 -2.97 -9.70
CA GLY A 88 6.32 -2.35 -8.64
C GLY A 88 6.67 -2.96 -7.29
N TRP A 89 5.67 -3.02 -6.40
CA TRP A 89 5.88 -3.57 -5.06
C TRP A 89 4.75 -4.53 -4.71
N VAL A 90 4.99 -5.38 -3.72
CA VAL A 90 3.98 -6.35 -3.29
C VAL A 90 3.85 -6.36 -1.77
N ASP A 91 2.67 -6.75 -1.30
CA ASP A 91 2.41 -6.81 0.13
C ASP A 91 1.33 -7.85 0.43
N LEU A 92 1.73 -8.93 1.09
CA LEU A 92 0.79 -9.99 1.43
C LEU A 92 -0.11 -9.55 2.58
N LYS A 93 0.10 -8.31 3.03
CA LYS A 93 -0.68 -7.75 4.12
C LYS A 93 -2.14 -8.14 3.96
N GLU A 94 -2.56 -8.38 2.73
CA GLU A 94 -3.94 -8.76 2.44
C GLU A 94 -4.09 -9.14 0.97
N ARG A 95 -3.01 -9.66 0.39
CA ARG A 95 -3.03 -10.07 -1.01
C ARG A 95 -3.33 -8.87 -1.92
N GLU A 96 -2.30 -8.06 -2.16
CA GLU A 96 -2.47 -6.88 -3.02
C GLU A 96 -1.16 -6.54 -3.71
N ILE A 97 -1.26 -5.96 -4.90
CA ILE A 97 -0.08 -5.59 -5.67
C ILE A 97 -0.26 -4.21 -6.29
N LYS A 98 0.63 -3.28 -5.96
CA LYS A 98 0.56 -1.93 -6.49
C LYS A 98 1.48 -1.78 -7.71
N VAL A 99 0.94 -1.20 -8.77
CA VAL A 99 1.72 -1.01 -9.99
C VAL A 99 2.45 0.34 -9.95
N GLN A 100 2.92 0.78 -11.11
CA GLN A 100 3.64 2.04 -11.20
C GLN A 100 3.22 2.82 -12.45
N VAL B 22 24.44 -9.62 -25.81
CA VAL B 22 23.14 -9.85 -25.20
C VAL B 22 23.01 -9.11 -23.86
N PRO B 23 22.76 -7.83 -23.90
CA PRO B 23 22.61 -6.99 -22.67
C PRO B 23 21.63 -7.60 -21.69
N SER B 24 21.91 -7.42 -20.40
CA SER B 24 21.04 -7.96 -19.34
C SER B 24 20.77 -6.89 -18.29
N ARG B 25 19.50 -6.65 -18.01
CA ARG B 25 19.11 -5.65 -17.02
C ARG B 25 18.64 -6.33 -15.74
N PHE B 26 19.03 -5.76 -14.60
CA PHE B 26 18.64 -6.32 -13.30
C PHE B 26 17.44 -5.56 -12.73
N GLU B 27 16.48 -6.30 -12.18
CA GLU B 27 15.29 -5.70 -11.61
C GLU B 27 15.23 -5.98 -10.11
N ASP B 28 14.35 -5.27 -9.41
CA ASP B 28 14.20 -5.45 -7.97
C ASP B 28 12.72 -5.43 -7.58
N VAL B 29 12.37 -6.26 -6.60
CA VAL B 29 11.00 -6.34 -6.13
C VAL B 29 10.95 -6.34 -4.61
N ARG B 30 10.31 -5.32 -4.04
CA ARG B 30 10.20 -5.20 -2.60
C ARG B 30 8.94 -5.90 -2.09
N VAL B 31 9.02 -6.48 -0.90
CA VAL B 31 7.89 -7.18 -0.31
C VAL B 31 7.73 -6.80 1.16
N VAL B 32 6.52 -6.43 1.54
CA VAL B 32 6.23 -6.05 2.92
C VAL B 32 4.96 -6.71 3.43
N GLN B 33 5.12 -7.82 4.15
CA GLN B 33 3.99 -8.54 4.70
C GLN B 33 3.86 -8.29 6.20
N VAL B 34 3.04 -7.31 6.56
CA VAL B 34 2.84 -6.98 7.97
C VAL B 34 1.46 -6.39 8.19
N VAL B 35 0.94 -6.57 9.40
CA VAL B 35 -0.38 -6.05 9.74
C VAL B 35 -0.30 -5.09 10.94
N ALA B 36 -0.68 -3.84 10.72
CA ALA B 36 -0.64 -2.84 11.77
C ALA B 36 -1.19 -1.51 11.29
N GLY B 37 -1.32 -0.56 12.20
CA GLY B 37 -1.85 0.75 11.84
C GLY B 37 -2.77 1.29 12.94
N TRP B 38 -2.96 2.60 12.96
CA TRP B 38 -3.82 3.23 13.96
C TRP B 38 -5.22 3.48 13.38
N ARG B 39 -6.01 4.25 14.11
CA ARG B 39 -7.37 4.58 13.67
C ARG B 39 -7.76 5.98 14.09
N VAL B 40 -8.67 6.59 13.34
CA VAL B 40 -9.13 7.94 13.65
C VAL B 40 -10.65 8.02 13.58
N SER B 41 -11.23 8.88 14.41
CA SER B 41 -12.68 9.04 14.44
C SER B 41 -13.09 10.31 13.68
N VAL B 42 -14.20 10.22 12.95
CA VAL B 42 -14.70 11.36 12.20
C VAL B 42 -16.22 11.44 12.29
N LYS B 43 -16.71 12.61 12.70
CA LYS B 43 -18.15 12.80 12.83
C LYS B 43 -18.71 13.58 11.64
N ILE B 44 -19.50 12.90 10.82
CA ILE B 44 -20.09 13.53 9.64
C ILE B 44 -21.61 13.52 9.73
N ALA B 45 -22.23 14.63 9.36
CA ALA B 45 -23.69 14.73 9.41
C ALA B 45 -24.28 14.51 8.03
N GLU B 46 -25.09 13.45 7.90
CA GLU B 46 -25.71 13.13 6.63
C GLU B 46 -27.21 13.46 6.68
N THR B 47 -27.74 13.97 5.57
CA THR B 47 -29.16 14.32 5.49
C THR B 47 -29.95 13.18 4.85
N GLU B 48 -31.18 13.48 4.46
CA GLU B 48 -32.04 12.48 3.83
C GLU B 48 -31.82 12.46 2.32
N GLU B 49 -31.84 13.64 1.71
CA GLU B 49 -31.64 13.75 0.26
C GLU B 49 -30.42 12.95 -0.16
N GLY B 50 -29.50 12.72 0.76
CA GLY B 50 -28.29 11.97 0.47
C GLY B 50 -27.10 12.90 0.25
N GLU B 51 -27.23 14.13 0.74
CA GLU B 51 -26.17 15.12 0.58
C GLU B 51 -25.37 15.24 1.88
N VAL B 52 -24.12 15.70 1.76
CA VAL B 52 -23.25 15.85 2.92
C VAL B 52 -23.07 17.33 3.24
N VAL B 53 -23.32 17.69 4.50
CA VAL B 53 -23.17 19.07 4.92
C VAL B 53 -21.69 19.43 5.09
N THR B 54 -21.20 19.36 6.32
CA THR B 54 -19.80 19.68 6.59
C THR B 54 -19.19 18.63 7.51
N VAL B 55 -17.92 18.31 7.28
CA VAL B 55 -17.22 17.33 8.08
C VAL B 55 -16.36 18.01 9.15
N LYS B 56 -16.41 17.48 10.37
CA LYS B 56 -15.63 18.05 11.47
C LYS B 56 -14.89 16.95 12.23
N ALA B 57 -13.62 16.74 11.87
CA ALA B 57 -12.81 15.72 12.52
C ALA B 57 -12.34 16.20 13.90
N GLU B 58 -12.30 15.29 14.86
CA GLU B 58 -11.86 15.63 16.21
C GLU B 58 -10.42 16.12 16.20
N PHE B 59 -10.25 17.43 16.38
CA PHE B 59 -8.92 18.02 16.38
C PHE B 59 -8.10 17.50 17.57
N ASP B 60 -8.75 16.70 18.41
CA ASP B 60 -8.08 16.15 19.58
C ASP B 60 -7.17 14.98 19.18
N GLU B 61 -7.79 13.92 18.67
CA GLU B 61 -7.01 12.75 18.25
C GLU B 61 -6.08 13.10 17.09
N CYS B 62 -6.44 14.14 16.35
CA CYS B 62 -5.62 14.56 15.21
C CYS B 62 -4.31 15.17 15.70
N ARG B 63 -4.38 15.95 16.77
CA ARG B 63 -3.19 16.59 17.33
C ARG B 63 -2.24 15.53 17.89
N GLU B 64 -2.74 14.71 18.81
CA GLU B 64 -1.93 13.67 19.41
C GLU B 64 -1.30 12.79 18.34
N ILE B 65 -1.95 12.73 17.18
CA ILE B 65 -1.44 11.92 16.09
C ILE B 65 -0.27 12.62 15.40
N GLY B 66 -0.23 13.94 15.52
CA GLY B 66 0.84 14.72 14.91
C GLY B 66 2.20 14.31 15.47
N GLU B 67 2.20 13.74 16.67
CA GLU B 67 3.44 13.31 17.30
C GLU B 67 3.88 11.97 16.73
N GLU B 68 2.95 11.24 16.12
CA GLU B 68 3.26 9.94 15.53
C GLU B 68 3.75 10.11 14.10
N THR B 69 3.18 11.08 13.38
CA THR B 69 3.57 11.33 12.01
C THR B 69 4.79 12.25 11.95
N GLY B 70 4.74 13.32 12.72
CA GLY B 70 5.85 14.28 12.76
C GLY B 70 5.54 15.53 11.94
N ILE B 71 4.60 15.40 11.02
CA ILE B 71 4.21 16.53 10.18
C ILE B 71 3.17 17.39 10.89
N PRO B 72 3.05 18.64 10.53
CA PRO B 72 2.07 19.57 11.16
C PRO B 72 0.74 18.87 11.45
N PRO B 73 -0.04 19.39 12.37
CA PRO B 73 -1.36 18.79 12.73
C PRO B 73 -2.40 18.99 11.63
N ARG B 74 -2.62 20.25 11.27
CA ARG B 74 -3.60 20.58 10.23
C ARG B 74 -3.46 19.62 9.04
N GLU B 75 -2.24 19.48 8.53
CA GLU B 75 -1.99 18.61 7.40
C GLU B 75 -2.65 17.25 7.63
N VAL B 76 -2.53 16.73 8.84
CA VAL B 76 -3.12 15.43 9.18
C VAL B 76 -4.64 15.50 9.11
N LYS B 77 -5.20 16.58 9.64
CA LYS B 77 -6.65 16.75 9.63
C LYS B 77 -7.20 16.75 8.21
N ALA B 78 -6.46 17.41 7.31
CA ALA B 78 -6.88 17.47 5.91
C ALA B 78 -6.78 16.10 5.26
N MET B 79 -5.57 15.54 5.23
CA MET B 79 -5.35 14.24 4.63
C MET B 79 -6.33 13.22 5.20
N VAL B 80 -6.52 13.25 6.51
CA VAL B 80 -7.44 12.32 7.16
C VAL B 80 -8.89 12.67 6.85
N GLU B 81 -9.19 13.97 6.83
CA GLU B 81 -10.54 14.43 6.55
C GLU B 81 -11.00 13.95 5.18
N ALA B 82 -10.20 14.26 4.16
CA ALA B 82 -10.53 13.85 2.80
C ALA B 82 -10.85 12.35 2.75
N ALA B 83 -9.94 11.56 3.31
CA ALA B 83 -10.12 10.11 3.33
C ALA B 83 -11.56 9.75 3.70
N ALA B 84 -12.01 10.25 4.84
CA ALA B 84 -13.37 9.98 5.30
C ALA B 84 -14.38 10.29 4.20
N ARG B 85 -14.05 11.26 3.35
CA ARG B 85 -14.95 11.64 2.27
C ARG B 85 -14.97 10.57 1.18
N VAL B 86 -13.85 9.88 1.00
CA VAL B 86 -13.75 8.83 -0.01
C VAL B 86 -13.81 7.45 0.63
N GLY B 87 -13.74 7.42 1.96
CA GLY B 87 -13.79 6.15 2.69
C GLY B 87 -12.73 5.18 2.18
N GLY B 88 -11.50 5.35 2.65
CA GLY B 88 -10.40 4.49 2.23
C GLY B 88 -9.24 4.57 3.21
N TRP B 89 -8.14 3.90 2.88
CA TRP B 89 -6.97 3.90 3.74
C TRP B 89 -5.87 4.78 3.14
N VAL B 90 -4.82 5.02 3.92
CA VAL B 90 -3.72 5.85 3.46
C VAL B 90 -2.39 5.27 3.92
N ASP B 91 -1.39 5.33 3.04
CA ASP B 91 -0.05 4.82 3.36
C ASP B 91 0.95 5.97 3.49
N LEU B 92 1.44 6.19 4.69
CA LEU B 92 2.41 7.26 4.93
C LEU B 92 3.76 6.90 4.33
N LYS B 93 4.26 5.72 4.66
CA LYS B 93 5.54 5.27 4.15
C LYS B 93 5.43 4.87 2.68
N GLU B 94 4.58 5.58 1.95
CA GLU B 94 4.38 5.29 0.54
C GLU B 94 3.55 6.37 -0.12
N ARG B 95 2.97 7.25 0.69
CA ARG B 95 2.15 8.34 0.18
C ARG B 95 1.13 7.81 -0.84
N GLU B 96 0.05 7.24 -0.34
CA GLU B 96 -0.99 6.70 -1.22
C GLU B 96 -2.37 6.88 -0.60
N ILE B 97 -3.41 6.80 -1.43
CA ILE B 97 -4.77 6.96 -0.96
C ILE B 97 -5.67 5.85 -1.50
N LYS B 98 -5.56 4.67 -0.92
CA LYS B 98 -6.36 3.53 -1.35
C LYS B 98 -7.83 3.89 -1.38
N VAL B 99 -8.41 3.93 -2.57
CA VAL B 99 -9.82 4.27 -2.72
C VAL B 99 -10.66 3.00 -2.92
N GLN B 100 -11.86 3.00 -2.33
CA GLN B 100 -12.74 1.84 -2.44
C GLN B 100 -12.26 0.71 -1.55
#